data_5SC8
#
_entry.id   5SC8
#
_cell.length_a   207.979
_cell.length_b   112.463
_cell.length_c   188.706
_cell.angle_alpha   90.000
_cell.angle_beta   91.310
_cell.angle_gamma   90.000
#
_symmetry.space_group_name_H-M   'C 1 2 1'
#
loop_
_entity.id
_entity.type
_entity.pdbx_description
1 polymer 'Pyruvate kinase'
2 non-polymer 1,6-di-O-phosphono-beta-D-fructofuranose
3 non-polymer 'OXALATE ION'
4 non-polymer '5-[(3,4-dihydroxy-9,10-dioxo-9,10-dihydroanthracene-2-sulfonyl)amino]pentanoic acid'
5 non-polymer 'MAGNESIUM ION'
6 non-polymer 'POTASSIUM ION'
7 water water
#
_entity_poly.entity_id   1
_entity_poly.type   'polypeptide(L)'
_entity_poly.pdbx_seq_one_letter_code
;GSMEGPAGYLRRADVAQLTQELGTAFFQQQQLPAAMADTFLEHLCLLDIDSEPVAARSTSIIATIGPASRSVERLKEMIK
AGMNIARLNFSHGSHEYHAESIANVREAVESFAGSPLSYRPVAIALDTKGPGSGPGLSEQDVRDLRFGVEHGVDIVFASF
VRKASDVAAVRAALGPEGHGIKIISKIENHEGVKRFDEILEVSDGIMVARGDLGIEIPAEKVFLAQKMMIGRCNLAGKPV
VCATQMLESMITKPRPTRAETSDVANAVLDGADCIMLSGETAKGNFPVEAVKMQHAIAREAEAAVYHRQLFEELRRAAPL
SRDPTEVTAIGAVEAAFKCCAAAIIVLTTTGRSAQLLSRYRPRAAVIAVTRSAQAARQVHLCRGVFPLLYREPPEAIWAD
DVDRRVQFGIESGKLRGFLRVGDLVIVVTGWRPGSGYTNIMRVLSIS
;
_entity_poly.pdbx_strand_id   A,B,C,D,E,F,G,H
#
loop_
_chem_comp.id
_chem_comp.type
_chem_comp.name
_chem_comp.formula
E6K non-polymer '5-[(3,4-dihydroxy-9,10-dioxo-9,10-dihydroanthracene-2-sulfonyl)amino]pentanoic acid' 'C19 H17 N O8 S'
FBP D-saccharide, beta linking 1,6-di-O-phosphono-beta-D-fructofuranose 'C6 H14 O12 P2'
K non-polymer 'POTASSIUM ION' 'K 1'
MG non-polymer 'MAGNESIUM ION' 'Mg 2'
OXL non-polymer 'OXALATE ION' 'C2 O4 -2'
#
# COMPACT_ATOMS: atom_id res chain seq x y z
N GLN A 28 -15.10 -27.79 -6.70
CA GLN A 28 -15.68 -29.12 -6.67
C GLN A 28 -16.92 -29.20 -5.75
N GLN A 29 -17.77 -30.18 -6.06
CA GLN A 29 -19.00 -30.62 -5.41
C GLN A 29 -18.68 -31.41 -4.11
N GLN A 30 -19.75 -31.82 -3.40
CA GLN A 30 -19.75 -32.62 -2.16
C GLN A 30 -18.67 -32.21 -1.14
N GLN A 31 -18.48 -30.90 -1.00
CA GLN A 31 -17.50 -30.32 -0.07
C GLN A 31 -16.10 -30.89 -0.23
N LEU A 32 -15.72 -31.28 -1.46
CA LEU A 32 -14.38 -31.82 -1.71
C LEU A 32 -13.26 -30.81 -1.42
N PRO A 33 -13.37 -29.49 -1.68
CA PRO A 33 -12.31 -28.56 -1.25
C PRO A 33 -12.11 -28.61 0.29
N ALA A 34 -13.20 -28.69 1.09
CA ALA A 34 -13.10 -28.81 2.55
C ALA A 34 -12.55 -30.17 2.97
N ALA A 35 -12.82 -31.22 2.18
CA ALA A 35 -12.35 -32.57 2.44
C ALA A 35 -10.82 -32.67 2.35
N MET A 36 -10.21 -31.87 1.47
CA MET A 36 -8.76 -31.91 1.28
C MET A 36 -7.95 -31.10 2.31
N ALA A 37 -8.63 -30.36 3.20
CA ALA A 37 -7.94 -29.52 4.18
C ALA A 37 -7.04 -30.29 5.11
N ASP A 38 -5.96 -29.66 5.55
CA ASP A 38 -4.96 -30.28 6.42
C ASP A 38 -5.29 -30.21 7.90
N THR A 39 -6.24 -29.37 8.31
CA THR A 39 -6.68 -29.31 9.70
C THR A 39 -8.21 -29.24 9.74
N PHE A 40 -8.81 -29.60 10.88
CA PHE A 40 -10.26 -29.51 11.07
C PHE A 40 -10.71 -28.04 10.96
N LEU A 41 -9.92 -27.11 11.50
CA LEU A 41 -10.21 -25.68 11.43
C LEU A 41 -10.27 -25.21 9.96
N GLU A 42 -9.27 -25.60 9.14
CA GLU A 42 -9.23 -25.24 7.70
CA GLU A 42 -9.26 -25.20 7.73
C GLU A 42 -10.40 -25.88 6.95
N HIS A 43 -10.79 -27.09 7.37
CA HIS A 43 -11.91 -27.81 6.79
C HIS A 43 -13.20 -26.99 7.00
N LEU A 44 -13.40 -26.45 8.22
CA LEU A 44 -14.58 -25.63 8.50
C LEU A 44 -14.57 -24.37 7.65
N CYS A 45 -13.39 -23.70 7.54
CA CYS A 45 -13.21 -22.50 6.75
C CYS A 45 -13.53 -22.72 5.27
N LEU A 46 -13.37 -23.94 4.77
CA LEU A 46 -13.60 -24.25 3.35
C LEU A 46 -14.99 -24.78 3.03
N LEU A 47 -15.89 -24.90 4.02
CA LEU A 47 -17.26 -25.36 3.77
C LEU A 47 -17.95 -24.31 2.90
N ASP A 48 -18.63 -24.78 1.85
CA ASP A 48 -19.20 -23.92 0.84
C ASP A 48 -20.67 -24.23 0.60
N ILE A 49 -21.53 -23.23 0.82
CA ILE A 49 -22.97 -23.39 0.60
C ILE A 49 -23.31 -23.65 -0.88
N ASP A 50 -22.41 -23.30 -1.82
CA ASP A 50 -22.61 -23.55 -3.25
C ASP A 50 -22.05 -24.91 -3.69
N SER A 51 -21.41 -25.67 -2.80
CA SER A 51 -20.87 -26.99 -3.14
C SER A 51 -22.00 -27.99 -2.92
N GLU A 52 -22.64 -28.44 -4.01
CA GLU A 52 -23.80 -29.30 -3.92
C GLU A 52 -23.50 -30.77 -3.57
N PRO A 53 -24.34 -31.37 -2.71
CA PRO A 53 -24.13 -32.78 -2.39
C PRO A 53 -24.42 -33.66 -3.62
N VAL A 54 -23.60 -34.70 -3.83
CA VAL A 54 -23.81 -35.59 -4.97
C VAL A 54 -24.11 -37.01 -4.51
N ALA A 55 -23.43 -37.46 -3.44
CA ALA A 55 -23.63 -38.78 -2.87
C ALA A 55 -25.05 -38.99 -2.40
N ALA A 56 -25.51 -40.25 -2.39
CA ALA A 56 -26.83 -40.58 -1.89
C ALA A 56 -26.85 -40.37 -0.38
N ARG A 57 -28.00 -39.98 0.17
CA ARG A 57 -28.13 -39.72 1.60
C ARG A 57 -27.92 -41.00 2.39
N SER A 58 -26.88 -41.00 3.24
CA SER A 58 -26.40 -42.10 4.07
C SER A 58 -27.09 -42.34 5.41
N THR A 59 -27.55 -41.28 6.09
CA THR A 59 -28.12 -41.43 7.44
C THR A 59 -29.58 -41.81 7.27
N SER A 60 -30.00 -42.97 7.82
CA SER A 60 -31.39 -43.40 7.67
C SER A 60 -32.34 -42.57 8.49
N ILE A 61 -33.57 -42.45 7.99
CA ILE A 61 -34.60 -41.70 8.68
C ILE A 61 -35.62 -42.68 9.24
N ILE A 62 -35.88 -42.58 10.53
CA ILE A 62 -36.89 -43.37 11.20
C ILE A 62 -38.10 -42.44 11.38
N ALA A 63 -39.27 -42.81 10.85
CA ALA A 63 -40.47 -42.00 11.01
C ALA A 63 -41.46 -42.77 11.85
N THR A 64 -42.02 -42.12 12.86
CA THR A 64 -43.02 -42.76 13.72
C THR A 64 -44.37 -42.72 12.99
N ILE A 65 -44.99 -43.88 12.84
CA ILE A 65 -46.27 -43.98 12.14
C ILE A 65 -47.42 -43.82 13.13
N GLY A 66 -48.31 -42.90 12.83
CA GLY A 66 -49.48 -42.64 13.66
C GLY A 66 -50.63 -42.09 12.85
N PRO A 67 -51.57 -41.40 13.53
CA PRO A 67 -52.74 -40.85 12.83
C PRO A 67 -52.46 -40.04 11.57
N ALA A 68 -51.39 -39.22 11.59
CA ALA A 68 -51.06 -38.35 10.46
C ALA A 68 -50.34 -39.02 9.31
N SER A 69 -49.83 -40.23 9.51
CA SER A 69 -49.01 -40.88 8.51
C SER A 69 -49.39 -42.33 8.24
N ARG A 70 -50.65 -42.71 8.53
CA ARG A 70 -51.12 -44.09 8.41
C ARG A 70 -51.63 -44.55 7.07
N SER A 71 -52.22 -43.66 6.29
CA SER A 71 -52.82 -44.06 5.02
C SER A 71 -51.76 -44.58 4.05
N VAL A 72 -52.15 -45.53 3.20
CA VAL A 72 -51.27 -46.14 2.21
C VAL A 72 -50.73 -45.06 1.26
N GLU A 73 -51.59 -44.10 0.88
CA GLU A 73 -51.22 -43.00 -0.01
C GLU A 73 -50.16 -42.10 0.63
N ARG A 74 -50.33 -41.78 1.93
CA ARG A 74 -49.40 -40.93 2.67
C ARG A 74 -48.07 -41.66 2.85
N LEU A 75 -48.12 -42.97 3.15
CA LEU A 75 -46.94 -43.81 3.32
C LEU A 75 -46.13 -43.92 2.03
N LYS A 76 -46.79 -43.92 0.88
CA LYS A 76 -46.08 -43.95 -0.41
C LYS A 76 -45.26 -42.65 -0.57
N GLU A 77 -45.85 -41.50 -0.17
CA GLU A 77 -45.18 -40.20 -0.22
CA GLU A 77 -45.14 -40.23 -0.26
C GLU A 77 -43.99 -40.18 0.76
N MET A 78 -44.16 -40.79 1.94
CA MET A 78 -43.10 -40.84 2.95
CA MET A 78 -43.10 -40.83 2.95
C MET A 78 -41.94 -41.72 2.51
N ILE A 79 -42.21 -42.81 1.79
CA ILE A 79 -41.18 -43.69 1.27
C ILE A 79 -40.40 -42.94 0.21
N LYS A 80 -41.09 -42.24 -0.70
CA LYS A 80 -40.44 -41.45 -1.75
C LYS A 80 -39.64 -40.27 -1.17
N ALA A 81 -40.11 -39.70 -0.05
CA ALA A 81 -39.44 -38.59 0.63
C ALA A 81 -38.15 -39.05 1.35
N GLY A 82 -38.03 -40.34 1.65
CA GLY A 82 -36.82 -40.87 2.28
C GLY A 82 -36.96 -41.72 3.54
N MET A 83 -38.20 -42.03 3.99
CA MET A 83 -38.38 -42.86 5.18
C MET A 83 -37.78 -44.27 4.94
N ASN A 84 -36.88 -44.69 5.84
CA ASN A 84 -36.23 -46.02 5.70
C ASN A 84 -36.73 -47.01 6.75
N ILE A 85 -37.16 -46.52 7.92
CA ILE A 85 -37.61 -47.32 9.03
C ILE A 85 -38.91 -46.72 9.56
N ALA A 86 -39.96 -47.55 9.68
CA ALA A 86 -41.24 -47.11 10.22
C ALA A 86 -41.26 -47.54 11.68
N ARG A 87 -41.47 -46.60 12.60
CA ARG A 87 -41.48 -46.90 14.04
C ARG A 87 -42.93 -46.93 14.55
N LEU A 88 -43.27 -47.94 15.37
CA LEU A 88 -44.59 -47.99 15.98
C LEU A 88 -44.38 -47.91 17.46
N ASN A 89 -44.93 -46.87 18.07
CA ASN A 89 -44.73 -46.63 19.49
C ASN A 89 -45.79 -47.36 20.29
N PHE A 90 -45.41 -48.47 20.94
CA PHE A 90 -46.36 -49.25 21.73
C PHE A 90 -46.70 -48.59 23.09
N SER A 91 -46.24 -47.34 23.32
CA SER A 91 -46.70 -46.58 24.48
C SER A 91 -48.13 -46.05 24.20
N HIS A 92 -48.53 -45.96 22.91
CA HIS A 92 -49.81 -45.45 22.44
C HIS A 92 -50.51 -46.47 21.53
N GLY A 93 -51.76 -46.20 21.18
CA GLY A 93 -52.54 -47.08 20.32
C GLY A 93 -52.85 -48.42 20.94
N SER A 94 -52.97 -49.44 20.11
CA SER A 94 -53.27 -50.80 20.53
C SER A 94 -52.66 -51.82 19.53
N HIS A 95 -52.78 -53.13 19.82
CA HIS A 95 -52.27 -54.15 18.91
C HIS A 95 -53.00 -54.07 17.57
N GLU A 96 -54.32 -53.88 17.59
CA GLU A 96 -55.11 -53.78 16.37
C GLU A 96 -54.73 -52.54 15.55
N TYR A 97 -54.53 -51.41 16.23
CA TYR A 97 -54.17 -50.17 15.57
C TYR A 97 -52.79 -50.30 14.90
N HIS A 98 -51.80 -50.78 15.64
CA HIS A 98 -50.44 -50.93 15.11
C HIS A 98 -50.36 -51.99 14.02
N ALA A 99 -51.17 -53.08 14.10
CA ALA A 99 -51.19 -54.09 13.04
C ALA A 99 -51.69 -53.48 11.73
N GLU A 100 -52.68 -52.58 11.82
CA GLU A 100 -53.21 -51.92 10.63
C GLU A 100 -52.17 -50.97 10.04
N SER A 101 -51.43 -50.24 10.89
CA SER A 101 -50.37 -49.35 10.40
C SER A 101 -49.28 -50.17 9.69
N ILE A 102 -48.89 -51.32 10.28
CA ILE A 102 -47.90 -52.25 9.70
C ILE A 102 -48.35 -52.77 8.33
N ALA A 103 -49.63 -53.18 8.23
CA ALA A 103 -50.15 -53.67 6.96
C ALA A 103 -50.13 -52.57 5.90
N ASN A 104 -50.46 -51.32 6.31
CA ASN A 104 -50.44 -50.18 5.39
C ASN A 104 -49.03 -49.84 4.94
N VAL A 105 -48.03 -49.96 5.84
CA VAL A 105 -46.63 -49.72 5.49
C VAL A 105 -46.21 -50.76 4.46
N ARG A 106 -46.48 -52.05 4.74
CA ARG A 106 -46.14 -53.13 3.81
C ARG A 106 -46.82 -52.98 2.46
N GLU A 107 -48.09 -52.54 2.42
CA GLU A 107 -48.78 -52.34 1.15
C GLU A 107 -48.10 -51.22 0.35
N ALA A 108 -47.78 -50.11 1.03
CA ALA A 108 -47.11 -49.00 0.37
C ALA A 108 -45.72 -49.39 -0.13
N VAL A 109 -44.95 -50.15 0.66
CA VAL A 109 -43.60 -50.60 0.27
C VAL A 109 -43.67 -51.53 -0.94
N GLU A 110 -44.59 -52.50 -0.90
CA GLU A 110 -44.70 -53.46 -1.98
C GLU A 110 -45.31 -52.89 -3.26
N SER A 111 -45.92 -51.70 -3.19
CA SER A 111 -46.44 -51.06 -4.41
C SER A 111 -45.32 -50.66 -5.40
N PHE A 112 -44.05 -50.64 -4.94
CA PHE A 112 -42.88 -50.31 -5.76
C PHE A 112 -42.06 -51.56 -6.19
N ALA A 113 -42.47 -52.77 -5.75
CA ALA A 113 -41.76 -54.02 -6.05
C ALA A 113 -41.74 -54.43 -7.55
N GLY A 114 -42.64 -53.84 -8.34
CA GLY A 114 -42.70 -54.11 -9.78
C GLY A 114 -41.50 -53.62 -10.55
N SER A 115 -40.68 -52.75 -9.94
CA SER A 115 -39.44 -52.27 -10.54
C SER A 115 -38.31 -52.71 -9.61
N PRO A 116 -37.77 -53.93 -9.80
CA PRO A 116 -36.75 -54.44 -8.87
C PRO A 116 -35.44 -53.67 -8.81
N LEU A 117 -35.06 -52.95 -9.88
CA LEU A 117 -33.83 -52.16 -9.86
C LEU A 117 -33.95 -50.88 -9.02
N SER A 118 -35.18 -50.45 -8.65
CA SER A 118 -35.36 -49.24 -7.85
C SER A 118 -36.10 -49.49 -6.51
N TYR A 119 -36.58 -50.74 -6.26
CA TYR A 119 -37.32 -51.07 -5.04
C TYR A 119 -36.54 -50.71 -3.76
N ARG A 120 -37.22 -50.03 -2.84
CA ARG A 120 -36.60 -49.65 -1.57
C ARG A 120 -37.19 -50.39 -0.38
N PRO A 121 -36.38 -51.26 0.26
CA PRO A 121 -36.86 -51.92 1.48
C PRO A 121 -37.10 -50.90 2.60
N VAL A 122 -38.07 -51.16 3.49
CA VAL A 122 -38.37 -50.30 4.63
C VAL A 122 -38.53 -51.20 5.86
N ALA A 123 -37.76 -50.96 6.92
CA ALA A 123 -37.82 -51.74 8.14
C ALA A 123 -39.01 -51.38 9.00
N ILE A 124 -39.43 -52.31 9.87
CA ILE A 124 -40.51 -52.09 10.80
C ILE A 124 -39.96 -52.25 12.20
N ALA A 125 -40.04 -51.18 13.00
CA ALA A 125 -39.47 -51.19 14.34
C ALA A 125 -40.55 -51.02 15.39
N LEU A 126 -40.48 -51.83 16.45
CA LEU A 126 -41.44 -51.76 17.53
C LEU A 126 -40.76 -51.06 18.70
N ASP A 127 -41.34 -49.96 19.18
CA ASP A 127 -40.78 -49.23 20.31
C ASP A 127 -41.61 -49.59 21.54
N THR A 128 -41.00 -50.21 22.55
CA THR A 128 -41.73 -50.66 23.72
C THR A 128 -42.18 -49.56 24.69
N LYS A 129 -43.24 -49.86 25.47
CA LYS A 129 -43.77 -48.95 26.47
C LYS A 129 -42.75 -48.75 27.59
N GLY A 130 -42.11 -49.82 28.01
CA GLY A 130 -41.08 -49.74 29.03
C GLY A 130 -41.47 -50.33 30.36
N PRO A 131 -40.53 -50.34 31.31
CA PRO A 131 -40.79 -50.98 32.60
C PRO A 131 -41.60 -50.17 33.59
N GLY A 132 -41.60 -48.84 33.46
CA GLY A 132 -42.28 -47.99 34.41
C GLY A 132 -41.65 -48.07 35.79
N SER A 133 -42.47 -48.25 36.83
CA SER A 133 -42.00 -48.38 38.20
C SER A 133 -41.47 -49.79 38.54
N GLY A 134 -40.65 -49.89 39.58
CA GLY A 134 -40.08 -51.17 39.99
C GLY A 134 -38.57 -51.20 39.97
N GLY A 136 -38.43 -54.89 36.48
CA GLY A 136 -37.99 -55.68 35.34
C GLY A 136 -38.89 -55.57 34.11
N LEU A 137 -38.89 -56.61 33.27
CA LEU A 137 -39.72 -56.62 32.05
C LEU A 137 -41.19 -56.64 32.40
N SER A 138 -41.91 -55.60 32.01
CA SER A 138 -43.33 -55.47 32.30
C SER A 138 -44.18 -56.50 31.53
N GLU A 139 -45.40 -56.77 32.02
CA GLU A 139 -46.30 -57.72 31.37
C GLU A 139 -46.79 -57.20 30.02
N GLN A 140 -46.96 -55.87 29.88
CA GLN A 140 -47.36 -55.29 28.62
C GLN A 140 -46.23 -55.46 27.61
N ASP A 141 -44.96 -55.27 28.03
CA ASP A 141 -43.83 -55.46 27.14
C ASP A 141 -43.73 -56.90 26.68
N VAL A 142 -44.00 -57.89 27.55
CA VAL A 142 -43.97 -59.30 27.14
C VAL A 142 -45.00 -59.56 26.01
N ARG A 143 -46.20 -59.01 26.16
CA ARG A 143 -47.25 -59.16 25.15
C ARG A 143 -46.94 -58.41 23.86
N ASP A 144 -46.39 -57.19 23.96
CA ASP A 144 -46.05 -56.39 22.79
C ASP A 144 -44.87 -56.99 22.03
N LEU A 145 -43.90 -57.55 22.75
CA LEU A 145 -42.75 -58.20 22.11
C LEU A 145 -43.19 -59.47 21.37
N ARG A 146 -44.17 -60.20 21.94
CA ARG A 146 -44.75 -61.37 21.29
C ARG A 146 -45.49 -60.95 20.03
N PHE A 147 -46.23 -59.82 20.08
CA PHE A 147 -46.92 -59.24 18.93
C PHE A 147 -45.89 -58.93 17.83
N GLY A 148 -44.74 -58.36 18.22
CA GLY A 148 -43.67 -58.03 17.29
C GLY A 148 -43.15 -59.23 16.53
N VAL A 149 -42.90 -60.33 17.25
CA VAL A 149 -42.44 -61.57 16.63
C VAL A 149 -43.50 -62.12 15.67
N GLU A 150 -44.76 -62.15 16.11
CA GLU A 150 -45.86 -62.64 15.29
C GLU A 150 -46.11 -61.80 14.04
N HIS A 151 -45.81 -60.49 14.12
CA HIS A 151 -45.99 -59.62 12.97
C HIS A 151 -44.71 -59.37 12.15
N GLY A 152 -43.65 -60.13 12.44
CA GLY A 152 -42.39 -60.09 11.70
C GLY A 152 -41.64 -58.77 11.74
N VAL A 153 -41.64 -58.09 12.91
CA VAL A 153 -40.91 -56.82 13.02
C VAL A 153 -39.41 -57.06 12.91
N ASP A 154 -38.69 -56.09 12.37
CA ASP A 154 -37.25 -56.23 12.15
C ASP A 154 -36.43 -55.77 13.33
N ILE A 155 -36.90 -54.75 14.05
CA ILE A 155 -36.15 -54.12 15.13
C ILE A 155 -37.03 -53.85 16.33
N VAL A 156 -36.43 -53.89 17.52
CA VAL A 156 -37.09 -53.50 18.74
C VAL A 156 -36.29 -52.33 19.32
N PHE A 157 -36.96 -51.20 19.60
CA PHE A 157 -36.34 -50.09 20.30
C PHE A 157 -36.81 -50.32 21.74
N ALA A 158 -35.94 -50.87 22.58
CA ALA A 158 -36.31 -51.20 23.96
C ALA A 158 -36.21 -50.00 24.89
N SER A 159 -37.34 -49.54 25.40
CA SER A 159 -37.40 -48.38 26.29
C SER A 159 -36.75 -48.60 27.65
N PHE A 160 -36.15 -47.54 28.18
CA PHE A 160 -35.53 -47.48 29.51
C PHE A 160 -34.59 -48.65 29.83
N VAL A 161 -33.62 -48.92 28.95
CA VAL A 161 -32.65 -49.96 29.23
C VAL A 161 -31.65 -49.37 30.22
N ARG A 162 -31.47 -49.98 31.39
CA ARG A 162 -30.53 -49.43 32.38
C ARG A 162 -29.42 -50.38 32.79
N LYS A 163 -29.39 -51.59 32.23
CA LYS A 163 -28.34 -52.57 32.52
C LYS A 163 -28.43 -53.74 31.52
N ALA A 164 -27.36 -54.55 31.43
CA ALA A 164 -27.31 -55.71 30.53
C ALA A 164 -28.45 -56.70 30.71
N SER A 165 -28.90 -56.93 31.96
CA SER A 165 -29.99 -57.89 32.22
C SER A 165 -31.33 -57.43 31.64
N ASP A 166 -31.51 -56.11 31.42
CA ASP A 166 -32.72 -55.61 30.76
C ASP A 166 -32.74 -56.08 29.31
N VAL A 167 -31.57 -56.08 28.65
CA VAL A 167 -31.46 -56.51 27.26
C VAL A 167 -31.72 -58.02 27.16
N ALA A 168 -31.16 -58.80 28.11
CA ALA A 168 -31.36 -60.26 28.14
C ALA A 168 -32.84 -60.60 28.29
N ALA A 169 -33.58 -59.83 29.10
CA ALA A 169 -35.01 -60.06 29.30
C ALA A 169 -35.79 -59.79 28.01
N VAL A 170 -35.43 -58.72 27.27
CA VAL A 170 -36.09 -58.40 26.00
C VAL A 170 -35.81 -59.53 24.99
N ARG A 171 -34.56 -59.99 24.94
CA ARG A 171 -34.13 -61.07 24.06
C ARG A 171 -34.92 -62.37 24.38
N ALA A 172 -35.09 -62.69 25.67
CA ALA A 172 -35.83 -63.89 26.07
C ALA A 172 -37.32 -63.78 25.71
N ALA A 173 -37.92 -62.58 25.83
CA ALA A 173 -39.32 -62.37 25.46
C ALA A 173 -39.58 -62.47 23.96
N LEU A 174 -38.54 -62.29 23.14
CA LEU A 174 -38.68 -62.46 21.68
C LEU A 174 -38.72 -63.96 21.30
N GLY A 175 -38.23 -64.81 22.19
CA GLY A 175 -38.26 -66.26 22.05
C GLY A 175 -37.40 -66.85 20.95
N PRO A 176 -37.63 -68.14 20.66
CA PRO A 176 -36.85 -68.83 19.63
C PRO A 176 -37.08 -68.30 18.22
N GLU A 177 -38.28 -67.77 17.93
CA GLU A 177 -38.59 -67.26 16.59
C GLU A 177 -38.11 -65.82 16.34
N GLY A 178 -37.70 -65.12 17.41
CA GLY A 178 -37.24 -63.74 17.32
C GLY A 178 -35.74 -63.59 17.50
N HIS A 179 -34.96 -64.66 17.22
CA HIS A 179 -33.50 -64.63 17.34
C HIS A 179 -32.85 -63.59 16.38
N GLY A 180 -33.50 -63.35 15.24
CA GLY A 180 -33.03 -62.43 14.22
C GLY A 180 -33.46 -60.98 14.35
N ILE A 181 -34.34 -60.65 15.30
CA ILE A 181 -34.77 -59.26 15.51
C ILE A 181 -33.64 -58.45 16.19
N LYS A 182 -33.31 -57.26 15.63
CA LYS A 182 -32.26 -56.42 16.21
C LYS A 182 -32.78 -55.71 17.45
N ILE A 183 -32.00 -55.68 18.52
CA ILE A 183 -32.40 -54.97 19.73
C ILE A 183 -31.56 -53.69 19.86
N ILE A 184 -32.23 -52.55 19.75
CA ILE A 184 -31.62 -51.23 19.90
C ILE A 184 -32.04 -50.73 21.26
N SER A 185 -31.10 -50.67 22.20
CA SER A 185 -31.42 -50.22 23.55
C SER A 185 -31.54 -48.70 23.64
N LYS A 186 -32.65 -48.22 24.20
CA LYS A 186 -32.87 -46.80 24.39
C LYS A 186 -32.28 -46.37 25.72
N ILE A 187 -31.35 -45.39 25.69
CA ILE A 187 -30.72 -44.85 26.90
C ILE A 187 -31.51 -43.60 27.26
N GLU A 188 -32.23 -43.65 28.40
CA GLU A 188 -33.17 -42.61 28.77
C GLU A 188 -32.98 -42.02 30.14
N ASN A 189 -31.99 -42.49 30.91
CA ASN A 189 -31.79 -42.00 32.28
C ASN A 189 -30.33 -42.06 32.71
N HIS A 190 -30.03 -41.57 33.93
CA HIS A 190 -28.67 -41.56 34.42
C HIS A 190 -28.03 -42.94 34.47
N GLU A 191 -28.79 -43.96 34.93
CA GLU A 191 -28.24 -45.30 35.06
C GLU A 191 -27.83 -45.90 33.72
N GLY A 192 -28.64 -45.67 32.69
CA GLY A 192 -28.36 -46.13 31.34
C GLY A 192 -27.07 -45.53 30.82
N VAL A 193 -26.83 -44.24 31.12
CA VAL A 193 -25.60 -43.56 30.70
C VAL A 193 -24.40 -44.14 31.44
N LYS A 194 -24.52 -44.31 32.76
CA LYS A 194 -23.42 -44.84 33.57
C LYS A 194 -23.10 -46.31 33.27
N ARG A 195 -24.11 -47.11 32.94
CA ARG A 195 -23.89 -48.50 32.59
C ARG A 195 -23.87 -48.72 31.07
N PHE A 196 -23.60 -47.65 30.30
CA PHE A 196 -23.57 -47.68 28.85
C PHE A 196 -22.75 -48.82 28.27
N ASP A 197 -21.49 -48.97 28.70
CA ASP A 197 -20.61 -50.00 28.15
C ASP A 197 -21.16 -51.42 28.24
N GLU A 198 -21.72 -51.80 29.38
CA GLU A 198 -22.30 -53.12 29.55
C GLU A 198 -23.57 -53.31 28.72
N ILE A 199 -24.34 -52.22 28.50
CA ILE A 199 -25.54 -52.27 27.71
C ILE A 199 -25.18 -52.44 26.23
N LEU A 200 -24.23 -51.63 25.73
CA LEU A 200 -23.82 -51.70 24.32
C LEU A 200 -23.25 -53.07 23.97
N GLU A 201 -22.48 -53.65 24.90
CA GLU A 201 -21.86 -54.97 24.73
CA GLU A 201 -21.86 -54.97 24.70
C GLU A 201 -22.86 -56.05 24.30
N VAL A 202 -24.05 -56.06 24.94
CA VAL A 202 -25.08 -57.06 24.64
C VAL A 202 -26.19 -56.58 23.70
N SER A 203 -26.15 -55.30 23.25
CA SER A 203 -27.19 -54.80 22.36
C SER A 203 -26.69 -54.79 20.92
N ASP A 204 -27.62 -54.74 19.96
CA ASP A 204 -27.24 -54.57 18.55
C ASP A 204 -26.88 -53.11 18.22
N GLY A 205 -27.40 -52.18 19.01
CA GLY A 205 -27.21 -50.75 18.85
C GLY A 205 -27.88 -49.96 19.95
N ILE A 206 -27.85 -48.64 19.82
CA ILE A 206 -28.36 -47.74 20.86
C ILE A 206 -29.23 -46.63 20.27
N MET A 207 -30.19 -46.14 21.05
CA MET A 207 -30.94 -44.95 20.70
C MET A 207 -30.69 -43.95 21.83
N VAL A 208 -30.29 -42.72 21.48
CA VAL A 208 -30.12 -41.63 22.44
C VAL A 208 -31.53 -41.03 22.53
N ALA A 209 -32.31 -41.49 23.49
CA ALA A 209 -33.72 -41.12 23.66
C ALA A 209 -33.77 -39.84 24.50
N ARG A 210 -33.60 -38.71 23.81
CA ARG A 210 -33.42 -37.41 24.45
C ARG A 210 -34.62 -36.84 25.21
N GLY A 211 -35.84 -37.26 24.90
CA GLY A 211 -37.03 -36.79 25.61
C GLY A 211 -36.96 -37.10 27.09
N ASP A 212 -36.91 -38.39 27.44
CA ASP A 212 -36.78 -38.80 28.84
C ASP A 212 -35.43 -38.43 29.38
N LEU A 213 -34.34 -38.59 28.58
CA LEU A 213 -32.99 -38.26 29.06
C LEU A 213 -32.90 -36.79 29.53
N GLY A 214 -33.57 -35.89 28.82
CA GLY A 214 -33.60 -34.45 29.13
C GLY A 214 -34.40 -34.06 30.36
N ILE A 215 -35.19 -35.00 30.92
CA ILE A 215 -35.97 -34.84 32.15
C ILE A 215 -35.27 -35.61 33.30
N GLU A 216 -34.61 -36.75 32.99
CA GLU A 216 -33.90 -37.59 33.95
C GLU A 216 -32.57 -37.00 34.39
N ILE A 217 -31.89 -36.31 33.48
CA ILE A 217 -30.64 -35.64 33.80
C ILE A 217 -30.82 -34.14 33.46
N PRO A 218 -29.96 -33.23 33.96
CA PRO A 218 -30.10 -31.80 33.57
C PRO A 218 -30.10 -31.62 32.04
N ALA A 219 -31.05 -30.80 31.54
CA ALA A 219 -31.22 -30.55 30.11
C ALA A 219 -29.92 -30.12 29.43
N GLU A 220 -29.10 -29.32 30.12
CA GLU A 220 -27.83 -28.80 29.61
C GLU A 220 -26.73 -29.86 29.51
N LYS A 221 -26.98 -31.10 29.97
CA LYS A 221 -26.00 -32.18 29.90
C LYS A 221 -26.32 -33.20 28.81
N VAL A 222 -27.54 -33.16 28.21
CA VAL A 222 -27.93 -34.14 27.20
C VAL A 222 -26.94 -34.21 26.03
N PHE A 223 -26.44 -33.05 25.53
CA PHE A 223 -25.49 -33.05 24.42
C PHE A 223 -24.20 -33.85 24.73
N LEU A 224 -23.77 -33.85 26.01
CA LEU A 224 -22.58 -34.60 26.39
C LEU A 224 -22.87 -36.11 26.30
N ALA A 225 -24.06 -36.53 26.79
CA ALA A 225 -24.44 -37.94 26.75
C ALA A 225 -24.61 -38.38 25.29
N GLN A 226 -25.23 -37.53 24.46
CA GLN A 226 -25.41 -37.83 23.04
C GLN A 226 -24.07 -38.01 22.32
N LYS A 227 -23.15 -37.05 22.50
CA LYS A 227 -21.87 -37.11 21.81
C LYS A 227 -21.01 -38.28 22.29
N MET A 228 -21.03 -38.57 23.60
CA MET A 228 -20.31 -39.71 24.17
C MET A 228 -20.86 -41.04 23.61
N MET A 229 -22.20 -41.22 23.64
CA MET A 229 -22.80 -42.47 23.18
C MET A 229 -22.59 -42.69 21.71
N ILE A 230 -22.70 -41.63 20.91
CA ILE A 230 -22.45 -41.75 19.47
C ILE A 230 -20.99 -42.13 19.21
N GLY A 231 -20.06 -41.46 19.89
CA GLY A 231 -18.64 -41.78 19.77
C GLY A 231 -18.33 -43.22 20.15
N ARG A 232 -18.90 -43.69 21.27
CA ARG A 232 -18.66 -45.08 21.71
C ARG A 232 -19.28 -46.11 20.74
N CYS A 233 -20.45 -45.81 20.17
CA CYS A 233 -21.07 -46.70 19.20
C CYS A 233 -20.25 -46.72 17.92
N ASN A 234 -19.71 -45.57 17.49
CA ASN A 234 -18.87 -45.50 16.30
C ASN A 234 -17.61 -46.36 16.52
N LEU A 235 -17.02 -46.27 17.72
CA LEU A 235 -15.84 -47.05 18.10
CA LEU A 235 -15.84 -47.05 18.11
C LEU A 235 -16.16 -48.55 18.07
N ALA A 236 -17.33 -48.94 18.58
CA ALA A 236 -17.77 -50.34 18.60
C ALA A 236 -18.26 -50.88 17.24
N GLY A 237 -18.53 -49.99 16.30
CA GLY A 237 -19.05 -50.38 15.00
C GLY A 237 -20.49 -50.84 15.10
N LYS A 238 -21.27 -50.24 16.02
CA LYS A 238 -22.68 -50.60 16.20
C LYS A 238 -23.58 -49.39 15.94
N PRO A 239 -24.77 -49.62 15.36
CA PRO A 239 -25.66 -48.49 15.05
C PRO A 239 -26.11 -47.64 16.22
N VAL A 240 -26.18 -46.32 15.99
CA VAL A 240 -26.66 -45.39 17.02
C VAL A 240 -27.69 -44.45 16.40
N VAL A 241 -28.80 -44.25 17.08
CA VAL A 241 -29.88 -43.40 16.60
C VAL A 241 -29.96 -42.15 17.45
N CYS A 242 -30.11 -40.97 16.80
CA CYS A 242 -30.38 -39.76 17.55
C CYS A 242 -31.89 -39.54 17.47
N ALA A 243 -32.54 -39.30 18.61
CA ALA A 243 -34.00 -39.18 18.62
C ALA A 243 -34.53 -38.03 19.45
N THR A 244 -35.77 -37.60 19.13
CA THR A 244 -36.70 -36.73 19.86
C THR A 244 -36.45 -35.23 19.72
N GLN A 245 -37.51 -34.56 19.27
CA GLN A 245 -37.61 -33.10 19.12
C GLN A 245 -36.63 -32.51 18.13
N MET A 246 -36.15 -33.32 17.17
CA MET A 246 -35.20 -32.86 16.16
C MET A 246 -35.82 -31.78 15.27
N LEU A 247 -37.10 -31.94 14.87
CA LEU A 247 -37.80 -30.94 14.06
C LEU A 247 -39.16 -30.62 14.71
N GLU A 248 -39.20 -30.57 16.04
CA GLU A 248 -40.40 -30.40 16.86
C GLU A 248 -41.42 -29.36 16.35
N SER A 249 -40.97 -28.14 16.04
CA SER A 249 -41.88 -27.09 15.57
C SER A 249 -42.64 -27.47 14.29
N MET A 250 -42.11 -28.44 13.50
CA MET A 250 -42.78 -28.87 12.27
C MET A 250 -44.07 -29.68 12.53
N ILE A 251 -44.41 -29.94 13.82
CA ILE A 251 -45.68 -30.58 14.15
C ILE A 251 -46.82 -29.62 13.73
N THR A 252 -46.64 -28.29 13.90
CA THR A 252 -47.63 -27.31 13.50
C THR A 252 -47.17 -26.34 12.39
N LYS A 253 -45.85 -26.21 12.16
CA LYS A 253 -45.35 -25.27 11.16
C LYS A 253 -44.74 -25.94 9.94
N PRO A 254 -44.87 -25.34 8.74
CA PRO A 254 -44.31 -25.97 7.54
C PRO A 254 -42.78 -25.96 7.42
N ARG A 255 -42.12 -25.10 8.20
CA ARG A 255 -40.67 -24.97 8.16
C ARG A 255 -40.12 -25.07 9.59
N PRO A 256 -38.93 -25.67 9.74
CA PRO A 256 -38.36 -25.81 11.10
C PRO A 256 -37.65 -24.54 11.58
N THR A 257 -37.25 -24.52 12.87
CA THR A 257 -36.47 -23.42 13.40
C THR A 257 -34.99 -23.58 13.01
N ARG A 258 -34.17 -22.53 13.24
CA ARG A 258 -32.74 -22.59 12.96
C ARG A 258 -32.04 -23.58 13.91
N ALA A 259 -32.54 -23.74 15.14
CA ALA A 259 -31.97 -24.70 16.09
C ALA A 259 -32.25 -26.12 15.64
N GLU A 260 -33.44 -26.38 15.07
CA GLU A 260 -33.81 -27.69 14.60
C GLU A 260 -32.99 -28.18 13.41
N THR A 261 -32.75 -27.34 12.40
CA THR A 261 -31.91 -27.76 11.27
C THR A 261 -30.48 -28.01 11.74
N SER A 262 -29.99 -27.16 12.66
CA SER A 262 -28.66 -27.29 13.27
C SER A 262 -28.58 -28.64 14.02
N ASP A 263 -29.61 -28.99 14.80
CA ASP A 263 -29.63 -30.22 15.57
C ASP A 263 -29.52 -31.45 14.67
N VAL A 264 -30.26 -31.47 13.55
CA VAL A 264 -30.20 -32.58 12.61
C VAL A 264 -28.80 -32.69 12.01
N ALA A 265 -28.25 -31.56 11.54
CA ALA A 265 -26.92 -31.55 10.95
C ALA A 265 -25.87 -32.01 11.95
N ASN A 266 -25.96 -31.55 13.19
CA ASN A 266 -24.98 -31.89 14.22
C ASN A 266 -25.10 -33.34 14.66
N ALA A 267 -26.30 -33.95 14.60
CA ALA A 267 -26.42 -35.38 14.94
C ALA A 267 -25.64 -36.20 13.88
N VAL A 268 -25.73 -35.82 12.60
CA VAL A 268 -25.01 -36.48 11.53
C VAL A 268 -23.49 -36.26 11.70
N LEU A 269 -23.09 -35.01 11.97
CA LEU A 269 -21.66 -34.69 12.18
C LEU A 269 -21.09 -35.38 13.42
N ASP A 270 -21.94 -35.63 14.43
CA ASP A 270 -21.55 -36.37 15.64
C ASP A 270 -21.18 -37.82 15.32
N GLY A 271 -21.83 -38.40 14.30
CA GLY A 271 -21.61 -39.76 13.85
C GLY A 271 -22.84 -40.66 13.89
N ALA A 272 -24.05 -40.08 14.07
CA ALA A 272 -25.27 -40.90 14.19
C ALA A 272 -25.53 -41.68 12.91
N ASP A 273 -25.90 -42.94 13.07
CA ASP A 273 -26.26 -43.78 11.91
C ASP A 273 -27.65 -43.46 11.43
N CYS A 274 -28.57 -43.16 12.37
CA CYS A 274 -29.98 -42.85 12.05
C CYS A 274 -30.42 -41.60 12.80
N ILE A 275 -31.41 -40.91 12.24
CA ILE A 275 -32.08 -39.77 12.85
C ILE A 275 -33.58 -40.12 12.87
N MET A 276 -34.30 -39.57 13.84
CA MET A 276 -35.69 -39.95 14.05
C MET A 276 -36.66 -38.78 14.11
N LEU A 277 -37.91 -39.08 13.75
CA LEU A 277 -39.06 -38.18 13.82
C LEU A 277 -40.13 -38.90 14.65
N SER A 278 -40.71 -38.20 15.62
CA SER A 278 -41.74 -38.77 16.48
C SER A 278 -43.07 -38.05 16.18
N GLY A 279 -43.49 -37.08 16.98
CA GLY A 279 -44.73 -36.33 16.75
C GLY A 279 -44.77 -35.67 15.38
N GLU A 280 -43.59 -35.30 14.85
CA GLU A 280 -43.45 -34.68 13.53
C GLU A 280 -44.10 -35.52 12.44
N THR A 281 -44.00 -36.87 12.53
CA THR A 281 -44.62 -37.75 11.53
C THR A 281 -45.86 -38.47 12.06
N ALA A 282 -45.92 -38.73 13.37
CA ALA A 282 -47.04 -39.46 13.96
C ALA A 282 -48.34 -38.65 14.04
N LYS A 283 -48.27 -37.38 14.41
CA LYS A 283 -49.48 -36.57 14.57
C LYS A 283 -49.44 -35.19 13.93
N GLY A 284 -48.29 -34.77 13.41
CA GLY A 284 -48.14 -33.43 12.89
C GLY A 284 -48.86 -33.15 11.60
N ASN A 285 -48.94 -31.87 11.26
CA ASN A 285 -49.57 -31.42 10.04
C ASN A 285 -48.69 -31.53 8.82
N PHE A 286 -47.37 -31.77 8.98
CA PHE A 286 -46.46 -31.86 7.84
C PHE A 286 -45.55 -33.09 7.89
N PRO A 287 -46.11 -34.33 7.96
CA PRO A 287 -45.24 -35.52 8.06
C PRO A 287 -44.27 -35.71 6.90
N VAL A 288 -44.75 -35.50 5.65
CA VAL A 288 -43.89 -35.68 4.48
C VAL A 288 -42.80 -34.61 4.42
N GLU A 289 -43.16 -33.38 4.76
CA GLU A 289 -42.22 -32.27 4.76
C GLU A 289 -41.12 -32.46 5.82
N ALA A 290 -41.46 -33.06 6.97
CA ALA A 290 -40.50 -33.36 8.03
C ALA A 290 -39.48 -34.39 7.54
N VAL A 291 -39.94 -35.42 6.82
CA VAL A 291 -39.05 -36.42 6.25
C VAL A 291 -38.15 -35.78 5.20
N LYS A 292 -38.74 -34.94 4.32
CA LYS A 292 -37.98 -34.25 3.28
C LYS A 292 -36.91 -33.35 3.88
N MET A 293 -37.22 -32.68 4.99
CA MET A 293 -36.29 -31.78 5.65
C MET A 293 -35.12 -32.56 6.24
N GLN A 294 -35.37 -33.70 6.93
CA GLN A 294 -34.29 -34.53 7.47
C GLN A 294 -33.41 -35.06 6.35
N HIS A 295 -34.02 -35.47 5.22
CA HIS A 295 -33.25 -35.96 4.08
C HIS A 295 -32.32 -34.86 3.54
N ALA A 296 -32.88 -33.64 3.33
CA ALA A 296 -32.11 -32.52 2.78
C ALA A 296 -30.96 -32.13 3.71
N ILE A 297 -31.20 -32.06 5.01
CA ILE A 297 -30.13 -31.69 5.96
C ILE A 297 -29.06 -32.78 6.03
N ALA A 298 -29.46 -34.05 6.21
CA ALA A 298 -28.52 -35.15 6.34
C ALA A 298 -27.56 -35.24 5.16
N ARG A 299 -28.08 -35.04 3.95
CA ARG A 299 -27.25 -35.08 2.75
C ARG A 299 -26.19 -33.97 2.78
N GLU A 300 -26.57 -32.76 3.19
CA GLU A 300 -25.63 -31.65 3.29
C GLU A 300 -24.58 -31.93 4.37
N ALA A 301 -25.03 -32.45 5.53
CA ALA A 301 -24.14 -32.72 6.66
C ALA A 301 -23.17 -33.85 6.39
N GLU A 302 -23.60 -34.89 5.63
CA GLU A 302 -22.71 -36.00 5.30
C GLU A 302 -21.55 -35.56 4.44
N ALA A 303 -21.79 -34.65 3.50
CA ALA A 303 -20.71 -34.13 2.66
C ALA A 303 -19.73 -33.27 3.47
N ALA A 304 -20.22 -32.61 4.55
CA ALA A 304 -19.42 -31.76 5.45
C ALA A 304 -18.61 -32.55 6.49
N VAL A 305 -18.74 -33.89 6.54
CA VAL A 305 -17.95 -34.72 7.45
C VAL A 305 -16.46 -34.62 7.02
N TYR A 306 -15.56 -34.42 7.97
CA TYR A 306 -14.13 -34.32 7.68
C TYR A 306 -13.57 -35.75 7.67
N HIS A 307 -13.78 -36.49 6.55
CA HIS A 307 -13.36 -37.88 6.41
C HIS A 307 -11.88 -38.11 6.67
N ARG A 308 -11.03 -37.14 6.33
CA ARG A 308 -9.57 -37.31 6.54
C ARG A 308 -9.24 -37.64 8.00
N GLN A 309 -9.84 -36.88 8.93
CA GLN A 309 -9.61 -37.14 10.36
C GLN A 309 -10.45 -38.33 10.85
N LEU A 310 -11.73 -38.38 10.43
CA LEU A 310 -12.62 -39.45 10.88
C LEU A 310 -12.08 -40.84 10.50
N PHE A 311 -11.68 -41.04 9.24
CA PHE A 311 -11.16 -42.33 8.79
C PHE A 311 -9.90 -42.67 9.54
N GLU A 312 -8.98 -41.70 9.68
CA GLU A 312 -7.73 -41.92 10.40
CA GLU A 312 -7.75 -41.95 10.40
C GLU A 312 -7.98 -42.38 11.83
N GLU A 313 -8.91 -41.70 12.53
CA GLU A 313 -9.21 -42.05 13.92
C GLU A 313 -9.95 -43.37 14.06
N LEU A 314 -10.90 -43.66 13.17
CA LEU A 314 -11.63 -44.92 13.22
C LEU A 314 -10.69 -46.08 12.91
N ARG A 315 -9.83 -45.91 11.89
CA ARG A 315 -8.84 -46.92 11.52
C ARG A 315 -7.82 -47.17 12.66
N ARG A 316 -7.32 -46.12 13.34
CA ARG A 316 -6.36 -46.26 14.45
C ARG A 316 -7.03 -47.00 15.62
N ALA A 317 -8.29 -46.67 15.93
CA ALA A 317 -9.04 -47.24 17.05
C ALA A 317 -9.55 -48.65 16.81
N ALA A 318 -9.95 -48.99 15.57
CA ALA A 318 -10.44 -50.34 15.25
C ALA A 318 -9.34 -51.36 15.54
N PRO A 319 -9.60 -52.29 16.46
CA PRO A 319 -8.53 -53.18 16.89
C PRO A 319 -8.02 -54.06 15.79
N LEU A 320 -6.78 -54.56 15.96
CA LEU A 320 -6.21 -55.52 15.01
C LEU A 320 -7.08 -56.78 15.02
N SER A 321 -7.20 -57.44 13.87
CA SER A 321 -8.13 -58.56 13.76
C SER A 321 -7.67 -59.59 12.84
N ARG A 322 -7.99 -60.84 13.16
CA ARG A 322 -7.69 -61.98 12.29
CA ARG A 322 -7.69 -61.96 12.26
C ARG A 322 -8.96 -62.50 11.57
N ASP A 323 -10.09 -61.80 11.72
CA ASP A 323 -11.35 -62.15 11.06
C ASP A 323 -11.25 -61.63 9.62
N PRO A 324 -11.34 -62.53 8.62
CA PRO A 324 -11.15 -62.08 7.23
C PRO A 324 -12.19 -61.06 6.75
N THR A 325 -13.42 -61.06 7.29
CA THR A 325 -14.43 -60.07 6.89
C THR A 325 -13.97 -58.67 7.39
N GLU A 326 -13.44 -58.61 8.64
CA GLU A 326 -12.88 -57.41 9.26
C GLU A 326 -11.69 -56.87 8.46
N VAL A 327 -10.79 -57.75 8.03
CA VAL A 327 -9.61 -57.40 7.28
C VAL A 327 -9.98 -56.92 5.87
N THR A 328 -10.94 -57.61 5.23
CA THR A 328 -11.36 -57.23 3.88
C THR A 328 -12.05 -55.87 3.92
N ALA A 329 -12.88 -55.62 4.94
CA ALA A 329 -13.60 -54.34 5.04
C ALA A 329 -12.69 -53.11 5.09
N ILE A 330 -11.62 -53.16 5.92
CA ILE A 330 -10.73 -52.01 6.01
C ILE A 330 -9.93 -51.84 4.72
N GLY A 331 -9.53 -52.94 4.09
CA GLY A 331 -8.84 -52.90 2.80
C GLY A 331 -9.71 -52.28 1.72
N ALA A 332 -11.00 -52.64 1.70
CA ALA A 332 -11.96 -52.13 0.72
C ALA A 332 -12.24 -50.65 0.93
N VAL A 333 -12.37 -50.20 2.19
CA VAL A 333 -12.64 -48.79 2.46
C VAL A 333 -11.41 -47.93 2.10
N GLU A 334 -10.21 -48.45 2.36
CA GLU A 334 -8.97 -47.76 2.02
C GLU A 334 -8.89 -47.63 0.48
N ALA A 335 -9.18 -48.72 -0.24
CA ALA A 335 -9.18 -48.76 -1.71
C ALA A 335 -10.21 -47.79 -2.29
N ALA A 336 -11.40 -47.72 -1.69
CA ALA A 336 -12.45 -46.81 -2.15
C ALA A 336 -12.00 -45.34 -2.04
N PHE A 337 -11.37 -44.97 -0.90
CA PHE A 337 -10.88 -43.60 -0.73
C PHE A 337 -9.76 -43.28 -1.72
N LYS A 338 -8.89 -44.25 -2.01
CA LYS A 338 -7.77 -44.04 -2.93
C LYS A 338 -8.20 -43.65 -4.33
N CYS A 339 -9.31 -44.22 -4.83
CA CYS A 339 -9.75 -43.95 -6.20
C CYS A 339 -11.01 -43.14 -6.28
N CYS A 340 -11.55 -42.60 -5.16
CA CYS A 340 -12.82 -41.86 -5.15
C CYS A 340 -13.91 -42.77 -5.70
N ALA A 341 -13.93 -44.04 -5.24
CA ALA A 341 -14.90 -45.01 -5.73
C ALA A 341 -16.31 -44.52 -5.56
N ALA A 342 -17.14 -44.72 -6.60
CA ALA A 342 -18.52 -44.31 -6.53
C ALA A 342 -19.29 -45.18 -5.52
N ALA A 343 -18.89 -46.45 -5.37
CA ALA A 343 -19.59 -47.36 -4.47
C ALA A 343 -18.71 -48.55 -4.08
N ILE A 344 -19.08 -49.22 -3.00
CA ILE A 344 -18.52 -50.48 -2.57
C ILE A 344 -19.73 -51.43 -2.66
N ILE A 345 -19.71 -52.39 -3.60
CA ILE A 345 -20.81 -53.36 -3.72
C ILE A 345 -20.43 -54.58 -2.91
N VAL A 346 -21.27 -54.96 -1.96
CA VAL A 346 -20.98 -56.09 -1.08
C VAL A 346 -22.11 -57.08 -1.10
N LEU A 347 -21.77 -58.39 -1.16
CA LEU A 347 -22.79 -59.45 -1.06
C LEU A 347 -22.85 -59.81 0.39
N THR A 348 -24.07 -59.90 0.95
CA THR A 348 -24.23 -60.22 2.36
C THR A 348 -25.50 -61.03 2.63
N THR A 349 -25.40 -61.98 3.55
CA THR A 349 -26.54 -62.80 3.93
C THR A 349 -27.25 -62.17 5.11
N THR A 350 -26.48 -61.82 6.16
CA THR A 350 -27.01 -61.27 7.41
C THR A 350 -26.92 -59.73 7.53
N GLY A 351 -26.13 -59.11 6.67
CA GLY A 351 -25.86 -57.67 6.73
C GLY A 351 -24.48 -57.38 7.33
N ARG A 352 -23.86 -58.37 8.03
CA ARG A 352 -22.60 -58.18 8.73
C ARG A 352 -21.44 -57.63 7.87
N SER A 353 -21.24 -58.14 6.64
CA SER A 353 -20.15 -57.63 5.79
C SER A 353 -20.36 -56.15 5.44
N ALA A 354 -21.63 -55.73 5.27
CA ALA A 354 -21.96 -54.34 4.98
C ALA A 354 -21.75 -53.48 6.25
N GLN A 355 -22.09 -54.01 7.42
CA GLN A 355 -21.91 -53.32 8.68
C GLN A 355 -20.41 -53.05 8.96
N LEU A 356 -19.54 -54.03 8.66
CA LEU A 356 -18.12 -53.86 8.87
C LEU A 356 -17.49 -52.83 7.91
N LEU A 357 -18.11 -52.63 6.73
CA LEU A 357 -17.66 -51.60 5.81
C LEU A 357 -18.13 -50.23 6.35
N SER A 358 -19.39 -50.15 6.78
CA SER A 358 -20.02 -48.94 7.32
CA SER A 358 -19.99 -48.92 7.30
C SER A 358 -19.28 -48.35 8.54
N ARG A 359 -18.72 -49.21 9.38
CA ARG A 359 -18.01 -48.75 10.58
C ARG A 359 -16.80 -47.87 10.26
N TYR A 360 -16.23 -48.00 9.05
CA TYR A 360 -15.10 -47.15 8.64
C TYR A 360 -15.54 -45.84 7.96
N ARG A 361 -16.85 -45.59 7.88
CA ARG A 361 -17.45 -44.40 7.31
C ARG A 361 -16.91 -44.01 5.95
N PRO A 362 -16.97 -44.93 4.94
CA PRO A 362 -16.51 -44.53 3.61
C PRO A 362 -17.39 -43.42 3.03
N ARG A 363 -16.83 -42.58 2.17
CA ARG A 363 -17.62 -41.60 1.42
C ARG A 363 -18.39 -42.39 0.31
N ALA A 364 -17.80 -43.48 -0.22
CA ALA A 364 -18.45 -44.35 -1.21
C ALA A 364 -19.65 -45.03 -0.60
N ALA A 365 -20.76 -45.06 -1.32
CA ALA A 365 -21.98 -45.72 -0.87
C ALA A 365 -21.70 -47.23 -0.74
N VAL A 366 -22.24 -47.88 0.28
CA VAL A 366 -22.08 -49.33 0.42
C VAL A 366 -23.37 -49.95 -0.12
N ILE A 367 -23.33 -50.51 -1.32
CA ILE A 367 -24.51 -51.11 -1.93
C ILE A 367 -24.53 -52.58 -1.52
N ALA A 368 -25.45 -52.95 -0.63
CA ALA A 368 -25.50 -54.30 -0.12
C ALA A 368 -26.54 -55.14 -0.89
N VAL A 369 -26.07 -56.13 -1.67
CA VAL A 369 -26.94 -57.05 -2.42
C VAL A 369 -27.22 -58.28 -1.56
N THR A 370 -28.49 -58.49 -1.17
CA THR A 370 -28.86 -59.62 -0.33
C THR A 370 -30.15 -60.25 -0.83
N ARG A 371 -30.31 -61.54 -0.57
CA ARG A 371 -31.55 -62.28 -0.87
C ARG A 371 -32.49 -62.21 0.36
N SER A 372 -31.94 -61.93 1.57
CA SER A 372 -32.72 -61.86 2.78
C SER A 372 -33.51 -60.54 2.84
N ALA A 373 -34.85 -60.62 2.75
CA ALA A 373 -35.70 -59.44 2.85
C ALA A 373 -35.54 -58.79 4.24
N GLN A 374 -35.38 -59.59 5.30
CA GLN A 374 -35.20 -59.06 6.63
C GLN A 374 -33.83 -58.33 6.77
N ALA A 375 -32.74 -58.92 6.24
CA ALA A 375 -31.43 -58.28 6.31
C ALA A 375 -31.45 -56.98 5.50
N ALA A 376 -32.17 -56.95 4.38
CA ALA A 376 -32.27 -55.75 3.55
C ALA A 376 -32.93 -54.61 4.35
N ARG A 377 -33.95 -54.93 5.15
CA ARG A 377 -34.62 -53.94 5.97
C ARG A 377 -33.74 -53.52 7.15
N GLN A 378 -33.11 -54.48 7.83
CA GLN A 378 -32.32 -54.18 9.03
C GLN A 378 -31.05 -53.40 8.78
N VAL A 379 -30.44 -53.59 7.63
CA VAL A 379 -29.18 -52.93 7.30
C VAL A 379 -29.32 -51.38 7.18
N HIS A 380 -30.58 -50.85 7.16
CA HIS A 380 -30.84 -49.41 7.21
C HIS A 380 -30.31 -48.80 8.53
N LEU A 381 -30.09 -49.62 9.56
CA LEU A 381 -29.56 -49.15 10.83
C LEU A 381 -28.09 -48.66 10.70
N CYS A 382 -27.36 -49.13 9.68
CA CYS A 382 -25.94 -48.81 9.47
C CYS A 382 -25.77 -47.71 8.47
N ARG A 383 -25.13 -46.60 8.86
CA ARG A 383 -24.96 -45.48 7.93
C ARG A 383 -24.28 -45.85 6.63
N GLY A 384 -24.82 -45.35 5.53
CA GLY A 384 -24.21 -45.53 4.23
C GLY A 384 -24.41 -46.88 3.57
N VAL A 385 -25.29 -47.71 4.12
CA VAL A 385 -25.61 -49.00 3.51
C VAL A 385 -26.94 -48.86 2.78
N PHE A 386 -26.92 -49.14 1.46
CA PHE A 386 -28.06 -49.05 0.56
C PHE A 386 -28.46 -50.48 0.18
N PRO A 387 -29.51 -51.00 0.82
CA PRO A 387 -29.90 -52.38 0.56
C PRO A 387 -30.63 -52.62 -0.77
N LEU A 388 -30.23 -53.68 -1.47
CA LEU A 388 -30.86 -54.09 -2.71
C LEU A 388 -31.32 -55.52 -2.51
N LEU A 389 -32.63 -55.75 -2.63
CA LEU A 389 -33.18 -57.09 -2.47
C LEU A 389 -33.12 -57.86 -3.79
N TYR A 390 -32.30 -58.94 -3.85
CA TYR A 390 -32.07 -59.73 -5.07
C TYR A 390 -33.20 -60.70 -5.38
N ARG A 391 -33.92 -60.47 -6.49
CA ARG A 391 -35.02 -61.36 -6.87
C ARG A 391 -34.88 -61.91 -8.31
N GLU A 392 -33.64 -62.09 -8.77
CA GLU A 392 -33.40 -62.62 -10.10
CA GLU A 392 -33.38 -62.62 -10.10
C GLU A 392 -33.21 -64.14 -10.04
N PRO A 393 -33.45 -64.86 -11.16
CA PRO A 393 -33.31 -66.32 -11.13
C PRO A 393 -31.89 -66.75 -10.78
N PRO A 394 -31.76 -67.84 -10.03
CA PRO A 394 -30.42 -68.28 -9.64
C PRO A 394 -29.56 -68.85 -10.76
N GLU A 395 -28.24 -68.72 -10.63
CA GLU A 395 -27.34 -69.30 -11.62
C GLU A 395 -26.95 -70.72 -11.14
N ALA A 396 -26.74 -71.63 -12.09
CA ALA A 396 -26.38 -73.01 -11.78
C ALA A 396 -25.00 -73.09 -11.10
N ILE A 397 -24.05 -72.31 -11.59
CA ILE A 397 -22.71 -72.29 -11.03
C ILE A 397 -22.62 -71.14 -10.00
N TRP A 398 -22.29 -71.46 -8.73
CA TRP A 398 -22.15 -70.46 -7.65
C TRP A 398 -21.30 -69.23 -8.06
N ALA A 399 -20.16 -69.44 -8.75
CA ALA A 399 -19.33 -68.32 -9.21
C ALA A 399 -20.11 -67.37 -10.18
N ASP A 400 -20.93 -67.95 -11.10
CA ASP A 400 -21.76 -67.14 -12.00
C ASP A 400 -22.88 -66.42 -11.25
N ASP A 401 -23.41 -67.04 -10.19
CA ASP A 401 -24.48 -66.47 -9.38
C ASP A 401 -23.96 -65.20 -8.65
N VAL A 402 -22.69 -65.27 -8.17
CA VAL A 402 -22.01 -64.17 -7.49
C VAL A 402 -21.86 -63.05 -8.49
N ASP A 403 -21.33 -63.34 -9.69
CA ASP A 403 -21.13 -62.34 -10.76
CA ASP A 403 -21.13 -62.34 -10.76
C ASP A 403 -22.42 -61.64 -11.15
N ARG A 404 -23.55 -62.39 -11.23
CA ARG A 404 -24.80 -61.74 -11.60
C ARG A 404 -25.37 -60.91 -10.44
N ARG A 405 -25.10 -61.28 -9.18
CA ARG A 405 -25.52 -60.44 -8.05
C ARG A 405 -24.72 -59.10 -8.08
N VAL A 406 -23.46 -59.14 -8.51
CA VAL A 406 -22.63 -57.94 -8.64
C VAL A 406 -23.10 -57.07 -9.82
N GLN A 407 -23.47 -57.69 -10.95
CA GLN A 407 -24.01 -56.96 -12.08
C GLN A 407 -25.38 -56.34 -11.72
N PHE A 408 -26.15 -56.97 -10.83
CA PHE A 408 -27.41 -56.45 -10.37
C PHE A 408 -27.16 -55.15 -9.56
N GLY A 409 -26.12 -55.15 -8.71
CA GLY A 409 -25.73 -53.97 -7.95
C GLY A 409 -25.34 -52.84 -8.87
N ILE A 410 -24.61 -53.19 -9.93
CA ILE A 410 -24.20 -52.21 -10.94
C ILE A 410 -25.39 -51.61 -11.69
N GLU A 411 -26.32 -52.45 -12.18
CA GLU A 411 -27.49 -51.97 -12.90
C GLU A 411 -28.42 -51.14 -12.00
N SER A 412 -28.66 -51.58 -10.75
CA SER A 412 -29.46 -50.78 -9.82
C SER A 412 -28.73 -49.45 -9.51
N GLY A 413 -27.41 -49.51 -9.36
CA GLY A 413 -26.58 -48.35 -9.10
C GLY A 413 -26.67 -47.32 -10.21
N LYS A 414 -26.68 -47.79 -11.45
CA LYS A 414 -26.77 -46.89 -12.60
C LYS A 414 -28.15 -46.27 -12.66
N LEU A 415 -29.19 -47.06 -12.45
CA LEU A 415 -30.56 -46.56 -12.51
C LEU A 415 -30.84 -45.52 -11.44
N ARG A 416 -30.31 -45.74 -10.22
CA ARG A 416 -30.55 -44.82 -9.12
C ARG A 416 -29.63 -43.61 -9.06
N GLY A 417 -28.62 -43.56 -9.92
CA GLY A 417 -27.70 -42.42 -9.95
C GLY A 417 -26.45 -42.58 -9.12
N PHE A 418 -26.26 -43.73 -8.47
CA PHE A 418 -25.05 -44.00 -7.69
C PHE A 418 -23.85 -44.17 -8.62
N LEU A 419 -24.05 -44.79 -9.80
CA LEU A 419 -22.97 -45.15 -10.70
C LEU A 419 -23.18 -44.68 -12.11
N ARG A 420 -22.09 -44.42 -12.79
CA ARG A 420 -22.06 -44.05 -14.19
C ARG A 420 -20.93 -44.81 -14.88
N VAL A 421 -21.00 -44.92 -16.21
CA VAL A 421 -19.94 -45.57 -17.00
C VAL A 421 -18.63 -44.82 -16.79
N GLY A 422 -17.56 -45.56 -16.52
CA GLY A 422 -16.27 -44.94 -16.27
C GLY A 422 -15.93 -44.84 -14.79
N ASP A 423 -16.94 -44.99 -13.91
CA ASP A 423 -16.69 -44.97 -12.47
C ASP A 423 -15.89 -46.21 -12.04
N LEU A 424 -15.21 -46.11 -10.91
CA LEU A 424 -14.55 -47.27 -10.31
C LEU A 424 -15.41 -47.70 -9.11
N VAL A 425 -15.55 -48.99 -8.91
CA VAL A 425 -16.25 -49.55 -7.76
C VAL A 425 -15.37 -50.59 -7.09
N ILE A 426 -15.60 -50.80 -5.80
CA ILE A 426 -14.92 -51.83 -5.06
C ILE A 426 -15.97 -52.91 -4.82
N VAL A 427 -15.64 -54.18 -5.11
CA VAL A 427 -16.60 -55.27 -4.96
C VAL A 427 -16.11 -56.22 -3.88
N VAL A 428 -16.94 -56.46 -2.88
CA VAL A 428 -16.60 -57.30 -1.74
C VAL A 428 -17.44 -58.57 -1.74
N THR A 429 -16.78 -59.71 -1.88
CA THR A 429 -17.44 -61.03 -1.91
C THR A 429 -16.67 -62.05 -0.99
N GLY A 430 -17.08 -63.32 -0.99
CA GLY A 430 -16.50 -64.41 -0.21
C GLY A 430 -16.03 -65.59 -1.06
N TRP A 431 -15.33 -66.54 -0.42
CA TRP A 431 -14.76 -67.68 -1.14
C TRP A 431 -15.67 -68.90 -1.23
N ARG A 432 -16.71 -68.95 -0.42
CA ARG A 432 -17.67 -70.03 -0.43
C ARG A 432 -19.07 -69.52 -0.01
N PRO A 433 -20.17 -70.25 -0.35
CA PRO A 433 -21.51 -69.78 0.05
C PRO A 433 -21.72 -69.79 1.57
N GLY A 434 -22.75 -69.09 2.02
CA GLY A 434 -23.05 -69.02 3.45
C GLY A 434 -22.40 -67.81 4.10
N SER A 435 -22.97 -67.36 5.21
CA SER A 435 -22.50 -66.22 5.97
CA SER A 435 -22.48 -66.20 5.96
C SER A 435 -21.15 -66.49 6.65
N GLY A 436 -20.32 -65.46 6.80
CA GLY A 436 -19.04 -65.56 7.49
C GLY A 436 -17.79 -65.79 6.69
N TYR A 437 -17.88 -65.84 5.35
CA TYR A 437 -16.73 -66.15 4.52
C TYR A 437 -16.29 -65.04 3.58
N THR A 438 -16.68 -63.78 3.86
CA THR A 438 -16.22 -62.64 3.03
C THR A 438 -14.69 -62.53 3.18
N ASN A 439 -13.97 -62.47 2.06
CA ASN A 439 -12.51 -62.41 2.10
C ASN A 439 -11.90 -61.83 0.83
N ILE A 440 -12.73 -61.29 -0.09
CA ILE A 440 -12.23 -60.81 -1.36
C ILE A 440 -12.67 -59.39 -1.65
N MET A 441 -11.72 -58.59 -2.15
CA MET A 441 -12.00 -57.23 -2.59
CA MET A 441 -11.94 -57.20 -2.56
C MET A 441 -11.46 -57.07 -3.99
N ARG A 442 -12.30 -56.55 -4.91
CA ARG A 442 -11.90 -56.36 -6.31
C ARG A 442 -12.14 -54.93 -6.76
N VAL A 443 -11.29 -54.40 -7.63
CA VAL A 443 -11.45 -53.06 -8.19
C VAL A 443 -12.02 -53.23 -9.60
N LEU A 444 -13.20 -52.68 -9.84
CA LEU A 444 -13.89 -52.83 -11.12
C LEU A 444 -14.27 -51.49 -11.78
N SER A 445 -14.06 -51.38 -13.08
CA SER A 445 -14.43 -50.18 -13.84
CA SER A 445 -14.41 -50.20 -13.86
C SER A 445 -15.81 -50.41 -14.44
N ILE A 446 -16.71 -49.45 -14.25
CA ILE A 446 -18.08 -49.57 -14.73
C ILE A 446 -18.22 -49.41 -16.24
N SER A 447 -18.93 -50.40 -16.81
CA SER A 447 -19.37 -50.64 -18.18
C SER A 447 -18.22 -50.83 -19.16
N ARG B 12 -4.06 -49.99 24.44
CA ARG B 12 -4.18 -51.41 24.74
C ARG B 12 -5.40 -52.04 24.03
N ALA B 13 -6.55 -51.39 24.04
CA ALA B 13 -7.79 -51.90 23.45
C ALA B 13 -7.69 -52.18 21.93
N ASP B 14 -6.80 -51.48 21.24
CA ASP B 14 -6.59 -51.69 19.80
C ASP B 14 -5.77 -52.97 19.50
N VAL B 15 -5.08 -53.53 20.50
CA VAL B 15 -4.31 -54.75 20.32
C VAL B 15 -4.69 -55.85 21.34
N ALA B 16 -5.66 -55.62 22.24
CA ALA B 16 -6.01 -56.57 23.29
C ALA B 16 -6.43 -57.97 22.81
N GLN B 17 -7.37 -58.04 21.84
CA GLN B 17 -7.82 -59.33 21.33
C GLN B 17 -6.73 -60.04 20.57
N LEU B 18 -5.97 -59.36 19.71
CA LEU B 18 -4.87 -59.99 18.99
C LEU B 18 -3.74 -60.39 19.91
N THR B 19 -3.53 -59.67 21.03
CA THR B 19 -2.52 -60.05 22.01
C THR B 19 -2.96 -61.34 22.70
N GLN B 20 -4.25 -61.50 23.01
CA GLN B 20 -4.74 -62.73 23.61
C GLN B 20 -4.59 -63.90 22.63
N GLU B 21 -4.87 -63.69 21.35
CA GLU B 21 -4.76 -64.73 20.33
C GLU B 21 -3.33 -65.12 19.95
N LEU B 22 -2.51 -64.13 19.62
CA LEU B 22 -1.13 -64.38 19.18
C LEU B 22 -0.14 -64.51 20.35
N GLY B 23 -0.51 -63.97 21.51
CA GLY B 23 0.30 -64.06 22.72
C GLY B 23 1.16 -62.86 22.98
N THR B 24 1.56 -62.66 24.24
CA THR B 24 2.41 -61.55 24.59
C THR B 24 3.78 -61.69 24.00
N ALA B 25 4.30 -62.91 23.80
CA ALA B 25 5.63 -63.09 23.22
C ALA B 25 5.71 -62.55 21.80
N PHE B 26 4.64 -62.74 21.01
CA PHE B 26 4.58 -62.25 19.63
C PHE B 26 4.71 -60.72 19.61
N PHE B 27 3.97 -60.04 20.48
CA PHE B 27 3.97 -58.59 20.57
C PHE B 27 5.21 -57.99 21.26
N GLN B 28 6.15 -58.82 21.72
CA GLN B 28 7.41 -58.32 22.27
C GLN B 28 8.53 -58.36 21.21
N GLN B 29 8.38 -59.18 20.17
CA GLN B 29 9.36 -59.31 19.09
C GLN B 29 9.20 -58.22 18.02
N GLN B 30 10.16 -58.15 17.08
CA GLN B 30 10.25 -57.26 15.91
C GLN B 30 9.87 -55.82 16.21
N GLN B 31 10.29 -55.30 17.37
CA GLN B 31 10.02 -53.94 17.82
C GLN B 31 8.55 -53.57 17.78
N LEU B 32 7.66 -54.55 17.99
CA LEU B 32 6.21 -54.30 18.01
C LEU B 32 5.79 -53.36 19.13
N PRO B 33 6.38 -53.35 20.36
CA PRO B 33 5.97 -52.33 21.34
C PRO B 33 6.28 -50.92 20.81
N ALA B 34 7.43 -50.72 20.13
CA ALA B 34 7.78 -49.42 19.55
C ALA B 34 6.88 -49.09 18.36
N ALA B 35 6.43 -50.10 17.62
CA ALA B 35 5.53 -49.93 16.47
C ALA B 35 4.18 -49.37 16.86
N MET B 36 3.69 -49.74 18.04
CA MET B 36 2.37 -49.30 18.51
C MET B 36 2.36 -47.90 19.16
N ALA B 37 3.54 -47.26 19.30
CA ALA B 37 3.63 -45.96 19.95
C ALA B 37 2.86 -44.88 19.23
N ASP B 38 2.34 -43.93 19.99
CA ASP B 38 1.52 -42.85 19.44
C ASP B 38 2.31 -41.68 18.89
N THR B 39 3.60 -41.57 19.23
CA THR B 39 4.46 -40.50 18.69
C THR B 39 5.82 -41.09 18.28
N PHE B 40 6.55 -40.40 17.41
CA PHE B 40 7.89 -40.84 16.99
C PHE B 40 8.84 -40.86 18.19
N LEU B 41 8.71 -39.86 19.10
CA LEU B 41 9.53 -39.81 20.30
C LEU B 41 9.29 -41.04 21.17
N GLU B 42 8.01 -41.41 21.41
CA GLU B 42 7.67 -42.60 22.21
CA GLU B 42 7.71 -42.59 22.23
C GLU B 42 8.16 -43.88 21.52
N HIS B 43 8.11 -43.90 20.17
CA HIS B 43 8.57 -45.03 19.37
C HIS B 43 10.07 -45.25 19.65
N LEU B 44 10.87 -44.17 19.65
CA LEU B 44 12.31 -44.27 19.94
C LEU B 44 12.52 -44.79 21.34
N CYS B 45 11.79 -44.23 22.33
CA CYS B 45 11.88 -44.63 23.75
C CYS B 45 11.58 -46.10 23.95
N LEU B 46 10.76 -46.71 23.08
CA LEU B 46 10.37 -48.10 23.22
C LEU B 46 11.23 -49.07 22.44
N LEU B 47 12.23 -48.62 21.67
CA LEU B 47 13.13 -49.54 20.93
C LEU B 47 13.87 -50.38 21.97
N ASP B 48 13.93 -51.67 21.73
CA ASP B 48 14.42 -52.63 22.72
C ASP B 48 15.42 -53.56 22.12
N ILE B 49 16.66 -53.59 22.67
CA ILE B 49 17.70 -54.48 22.16
C ILE B 49 17.35 -55.97 22.40
N ASP B 50 16.41 -56.27 23.32
CA ASP B 50 15.97 -57.64 23.56
C ASP B 50 14.77 -58.05 22.66
N SER B 51 14.27 -57.13 21.83
CA SER B 51 13.17 -57.43 20.91
C SER B 51 13.78 -57.96 19.63
N GLU B 52 13.76 -59.27 19.44
CA GLU B 52 14.41 -59.90 18.30
C GLU B 52 13.67 -59.78 16.98
N PRO B 53 14.39 -59.54 15.88
CA PRO B 53 13.73 -59.48 14.56
C PRO B 53 13.21 -60.87 14.17
N VAL B 54 12.05 -60.92 13.53
CA VAL B 54 11.45 -62.19 13.11
C VAL B 54 11.33 -62.22 11.58
N ALA B 55 10.92 -61.10 10.98
CA ALA B 55 10.70 -61.00 9.55
C ALA B 55 11.96 -61.24 8.75
N ALA B 56 11.78 -61.72 7.50
CA ALA B 56 12.89 -61.91 6.58
C ALA B 56 13.46 -60.51 6.23
N ARG B 57 14.75 -60.43 6.01
CA ARG B 57 15.42 -59.17 5.70
C ARG B 57 14.95 -58.64 4.36
N SER B 58 14.42 -57.43 4.37
CA SER B 58 13.81 -56.85 3.20
C SER B 58 14.66 -55.87 2.36
N THR B 59 15.73 -55.26 2.92
CA THR B 59 16.57 -54.33 2.16
C THR B 59 17.59 -55.18 1.43
N SER B 60 17.63 -55.10 0.10
CA SER B 60 18.57 -55.92 -0.66
C SER B 60 20.00 -55.48 -0.50
N ILE B 61 20.90 -56.43 -0.58
CA ILE B 61 22.32 -56.18 -0.48
C ILE B 61 22.94 -56.33 -1.84
N ILE B 62 23.63 -55.27 -2.28
CA ILE B 62 24.37 -55.27 -3.52
C ILE B 62 25.83 -55.49 -3.14
N ALA B 63 26.47 -56.55 -3.65
CA ALA B 63 27.88 -56.81 -3.35
C ALA B 63 28.67 -56.65 -4.62
N THR B 64 29.75 -55.87 -4.58
CA THR B 64 30.61 -55.69 -5.74
C THR B 64 31.50 -56.92 -5.87
N ILE B 65 31.49 -57.55 -7.05
CA ILE B 65 32.26 -58.77 -7.26
C ILE B 65 33.63 -58.40 -7.81
N GLY B 66 34.66 -58.90 -7.16
CA GLY B 66 36.04 -58.65 -7.57
C GLY B 66 36.97 -59.78 -7.17
N PRO B 67 38.27 -59.48 -7.08
CA PRO B 67 39.24 -60.51 -6.69
C PRO B 67 38.92 -61.33 -5.44
N ALA B 68 38.37 -60.67 -4.40
CA ALA B 68 38.08 -61.35 -3.15
C ALA B 68 36.79 -62.16 -3.12
N SER B 69 35.94 -62.00 -4.12
CA SER B 69 34.63 -62.63 -4.11
C SER B 69 34.24 -63.31 -5.42
N ARG B 70 35.23 -63.70 -6.21
CA ARG B 70 35.04 -64.26 -7.55
C ARG B 70 34.81 -65.74 -7.69
N SER B 71 35.42 -66.55 -6.82
CA SER B 71 35.31 -67.99 -6.95
C SER B 71 33.86 -68.46 -6.75
N VAL B 72 33.49 -69.54 -7.43
CA VAL B 72 32.16 -70.11 -7.36
C VAL B 72 31.83 -70.53 -5.91
N GLU B 73 32.82 -71.08 -5.20
CA GLU B 73 32.69 -71.51 -3.81
C GLU B 73 32.41 -70.32 -2.89
N ARG B 74 33.14 -69.21 -3.09
CA ARG B 74 32.99 -67.97 -2.31
C ARG B 74 31.61 -67.34 -2.60
N LEU B 75 31.21 -67.35 -3.87
CA LEU B 75 29.92 -66.81 -4.30
C LEU B 75 28.75 -67.59 -3.72
N LYS B 76 28.90 -68.91 -3.52
CA LYS B 76 27.85 -69.71 -2.89
C LYS B 76 27.68 -69.25 -1.43
N GLU B 77 28.80 -68.95 -0.74
CA GLU B 77 28.78 -68.46 0.65
CA GLU B 77 28.72 -68.48 0.64
C GLU B 77 28.14 -67.07 0.71
N MET B 78 28.41 -66.21 -0.30
CA MET B 78 27.86 -64.86 -0.35
CA MET B 78 27.87 -64.86 -0.34
C MET B 78 26.36 -64.88 -0.60
N ILE B 79 25.87 -65.84 -1.42
CA ILE B 79 24.44 -65.97 -1.69
C ILE B 79 23.75 -66.42 -0.40
N LYS B 80 24.34 -67.40 0.30
CA LYS B 80 23.79 -67.89 1.57
C LYS B 80 23.83 -66.81 2.67
N ALA B 81 24.84 -65.92 2.64
CA ALA B 81 24.97 -64.81 3.60
C ALA B 81 23.96 -63.69 3.34
N GLY B 82 23.41 -63.60 2.12
CA GLY B 82 22.38 -62.62 1.80
C GLY B 82 22.56 -61.75 0.57
N MET B 83 23.60 -61.97 -0.24
CA MET B 83 23.78 -61.15 -1.45
C MET B 83 22.60 -61.35 -2.42
N ASN B 84 21.98 -60.25 -2.85
CA ASN B 84 20.83 -60.32 -3.77
C ASN B 84 21.18 -59.81 -5.16
N ILE B 85 22.12 -58.87 -5.25
CA ILE B 85 22.56 -58.24 -6.50
C ILE B 85 24.08 -58.24 -6.56
N ALA B 86 24.65 -58.76 -7.65
CA ALA B 86 26.10 -58.77 -7.86
C ALA B 86 26.42 -57.57 -8.74
N ARG B 87 27.31 -56.69 -8.29
CA ARG B 87 27.67 -55.48 -9.05
C ARG B 87 29.04 -55.67 -9.70
N LEU B 88 29.17 -55.27 -10.97
CA LEU B 88 30.45 -55.35 -11.67
C LEU B 88 30.82 -53.95 -12.08
N ASN B 89 31.88 -53.45 -11.47
CA ASN B 89 32.30 -52.09 -11.69
C ASN B 89 33.17 -51.99 -12.91
N PHE B 90 32.61 -51.46 -14.00
CA PHE B 90 33.35 -51.32 -15.26
C PHE B 90 34.37 -50.16 -15.24
N SER B 91 34.59 -49.53 -14.07
CA SER B 91 35.70 -48.58 -13.92
C SER B 91 37.03 -49.37 -13.76
N HIS B 92 36.96 -50.66 -13.38
CA HIS B 92 38.07 -51.57 -13.16
C HIS B 92 37.91 -52.86 -13.99
N GLY B 93 38.96 -53.70 -14.01
CA GLY B 93 38.95 -54.95 -14.75
C GLY B 93 38.85 -54.77 -16.26
N SER B 94 38.24 -55.74 -16.90
CA SER B 94 38.05 -55.74 -18.35
C SER B 94 36.77 -56.54 -18.72
N HIS B 95 36.41 -56.57 -20.01
CA HIS B 95 35.25 -57.33 -20.46
C HIS B 95 35.44 -58.82 -20.15
N GLU B 96 36.66 -59.35 -20.39
CA GLU B 96 36.96 -60.75 -20.13
C GLU B 96 36.88 -61.06 -18.64
N TYR B 97 37.43 -60.18 -17.81
CA TYR B 97 37.42 -60.37 -16.36
C TYR B 97 35.97 -60.38 -15.82
N HIS B 98 35.18 -59.37 -16.20
CA HIS B 98 33.80 -59.26 -15.74
C HIS B 98 32.92 -60.38 -16.29
N ALA B 99 33.17 -60.87 -17.53
CA ALA B 99 32.40 -62.00 -18.09
C ALA B 99 32.65 -63.27 -17.25
N GLU B 100 33.90 -63.46 -16.79
CA GLU B 100 34.22 -64.62 -15.98
C GLU B 100 33.54 -64.52 -14.61
N SER B 101 33.51 -63.31 -14.03
CA SER B 101 32.85 -63.09 -12.74
C SER B 101 31.35 -63.38 -12.89
N ILE B 102 30.72 -62.89 -13.98
CA ILE B 102 29.31 -63.13 -14.27
C ILE B 102 29.01 -64.62 -14.42
N ALA B 103 29.87 -65.37 -15.14
CA ALA B 103 29.69 -66.82 -15.31
C ALA B 103 29.79 -67.53 -13.96
N ASN B 104 30.72 -67.09 -13.10
CA ASN B 104 30.88 -67.68 -11.77
C ASN B 104 29.68 -67.39 -10.87
N VAL B 105 29.09 -66.18 -10.99
CA VAL B 105 27.89 -65.82 -10.22
C VAL B 105 26.75 -66.73 -10.67
N ARG B 106 26.54 -66.82 -11.98
CA ARG B 106 25.50 -67.68 -12.54
C ARG B 106 25.65 -69.15 -12.16
N GLU B 107 26.89 -69.67 -12.13
CA GLU B 107 27.12 -71.06 -11.74
C GLU B 107 26.75 -71.25 -10.26
N ALA B 108 27.18 -70.31 -9.40
CA ALA B 108 26.85 -70.39 -7.97
C ALA B 108 25.33 -70.29 -7.74
N VAL B 109 24.65 -69.38 -8.47
CA VAL B 109 23.19 -69.19 -8.32
C VAL B 109 22.44 -70.45 -8.76
N GLU B 110 22.82 -71.00 -9.92
CA GLU B 110 22.17 -72.17 -10.46
C GLU B 110 22.47 -73.46 -9.70
N SER B 111 23.50 -73.46 -8.84
CA SER B 111 23.78 -74.64 -8.00
C SER B 111 22.65 -74.92 -6.98
N PHE B 112 21.75 -73.95 -6.75
CA PHE B 112 20.61 -74.09 -5.84
C PHE B 112 19.26 -74.33 -6.58
N ALA B 113 19.26 -74.32 -7.95
CA ALA B 113 18.05 -74.50 -8.78
C ALA B 113 17.36 -75.84 -8.70
N GLY B 114 18.08 -76.84 -8.18
CA GLY B 114 17.55 -78.19 -8.00
C GLY B 114 16.39 -78.28 -7.03
N SER B 115 16.27 -77.26 -6.17
CA SER B 115 15.16 -77.19 -5.22
C SER B 115 14.41 -75.90 -5.52
N PRO B 116 13.41 -75.98 -6.40
CA PRO B 116 12.65 -74.78 -6.79
C PRO B 116 11.92 -74.05 -5.66
N LEU B 117 11.57 -74.77 -4.60
CA LEU B 117 10.87 -74.16 -3.46
C LEU B 117 11.82 -73.38 -2.52
N SER B 118 13.13 -73.40 -2.76
CA SER B 118 14.09 -72.63 -1.95
C SER B 118 15.08 -71.78 -2.79
N TYR B 119 15.04 -71.92 -4.14
CA TYR B 119 15.93 -71.20 -5.05
C TYR B 119 15.90 -69.69 -4.87
N ARG B 120 17.09 -69.09 -4.80
CA ARG B 120 17.23 -67.65 -4.66
C ARG B 120 17.77 -66.96 -5.91
N PRO B 121 16.94 -66.18 -6.63
CA PRO B 121 17.47 -65.41 -7.76
C PRO B 121 18.47 -64.34 -7.31
N VAL B 122 19.47 -64.04 -8.16
CA VAL B 122 20.47 -63.01 -7.88
C VAL B 122 20.62 -62.15 -9.14
N ALA B 123 20.42 -60.84 -9.04
CA ALA B 123 20.53 -59.93 -10.17
C ALA B 123 21.98 -59.63 -10.51
N ILE B 124 22.22 -59.23 -11.77
CA ILE B 124 23.55 -58.86 -12.22
C ILE B 124 23.49 -57.43 -12.68
N ALA B 125 24.27 -56.55 -12.04
CA ALA B 125 24.24 -55.12 -12.33
C ALA B 125 25.57 -54.65 -12.87
N LEU B 126 25.53 -53.82 -13.92
CA LEU B 126 26.72 -53.28 -14.54
C LEU B 126 26.84 -51.83 -14.12
N ASP B 127 27.96 -51.47 -13.48
CA ASP B 127 28.18 -50.09 -13.06
C ASP B 127 29.14 -49.44 -14.06
N THR B 128 28.72 -48.39 -14.75
CA THR B 128 29.53 -47.77 -15.79
C THR B 128 30.70 -46.93 -15.28
N LYS B 129 31.73 -46.77 -16.14
CA LYS B 129 32.89 -45.96 -15.82
C LYS B 129 32.50 -44.48 -15.70
N GLY B 130 31.65 -44.02 -16.61
CA GLY B 130 31.17 -42.65 -16.58
C GLY B 130 31.70 -41.76 -17.68
N PRO B 131 31.22 -40.51 -17.73
CA PRO B 131 31.63 -39.60 -18.80
C PRO B 131 33.01 -38.97 -18.67
N GLY B 132 33.55 -38.94 -17.45
CA GLY B 132 34.84 -38.30 -17.22
C GLY B 132 34.74 -36.81 -17.42
N SER B 133 35.70 -36.22 -18.15
CA SER B 133 35.67 -34.79 -18.44
C SER B 133 34.74 -34.41 -19.62
N GLY B 134 34.27 -35.40 -20.38
CA GLY B 134 33.38 -35.19 -21.51
C GLY B 134 31.97 -34.79 -21.13
N PRO B 135 31.22 -34.20 -22.06
CA PRO B 135 29.86 -33.75 -21.73
C PRO B 135 28.77 -34.81 -21.81
N GLY B 136 28.99 -35.84 -22.64
CA GLY B 136 28.00 -36.88 -22.85
C GLY B 136 28.49 -38.31 -22.70
N LEU B 137 27.77 -39.24 -23.34
CA LEU B 137 28.08 -40.66 -23.25
C LEU B 137 29.44 -41.00 -23.85
N SER B 138 30.35 -41.49 -23.02
CA SER B 138 31.70 -41.83 -23.45
C SER B 138 31.71 -43.07 -24.37
N GLU B 139 32.78 -43.23 -25.17
CA GLU B 139 32.92 -44.37 -26.06
C GLU B 139 33.08 -45.66 -25.29
N GLN B 140 33.78 -45.62 -24.12
CA GLN B 140 33.93 -46.82 -23.30
C GLN B 140 32.57 -47.25 -22.75
N ASP B 141 31.74 -46.29 -22.33
CA ASP B 141 30.40 -46.60 -21.84
C ASP B 141 29.54 -47.22 -22.92
N VAL B 142 29.64 -46.75 -24.18
CA VAL B 142 28.88 -47.36 -25.29
C VAL B 142 29.26 -48.85 -25.45
N ARG B 143 30.56 -49.17 -25.39
CA ARG B 143 31.03 -50.55 -25.52
C ARG B 143 30.65 -51.40 -24.31
N ASP B 144 30.74 -50.84 -23.09
CA ASP B 144 30.40 -51.58 -21.87
C ASP B 144 28.90 -51.83 -21.77
N LEU B 145 28.09 -50.87 -22.22
CA LEU B 145 26.63 -51.03 -22.22
C LEU B 145 26.22 -52.11 -23.24
N ARG B 146 26.93 -52.18 -24.39
CA ARG B 146 26.67 -53.21 -25.39
C ARG B 146 27.05 -54.58 -24.82
N PHE B 147 28.18 -54.65 -24.05
CA PHE B 147 28.62 -55.88 -23.37
C PHE B 147 27.52 -56.33 -22.40
N GLY B 148 26.93 -55.38 -21.67
CA GLY B 148 25.86 -55.64 -20.71
C GLY B 148 24.66 -56.30 -21.35
N VAL B 149 24.21 -55.77 -22.48
CA VAL B 149 23.08 -56.33 -23.23
C VAL B 149 23.41 -57.73 -23.72
N GLU B 150 24.61 -57.92 -24.29
CA GLU B 150 25.05 -59.23 -24.79
C GLU B 150 25.20 -60.26 -23.70
N HIS B 151 25.54 -59.84 -22.48
CA HIS B 151 25.67 -60.77 -21.37
C HIS B 151 24.43 -60.87 -20.47
N GLY B 152 23.31 -60.28 -20.90
CA GLY B 152 22.04 -60.36 -20.20
C GLY B 152 21.99 -59.76 -18.82
N VAL B 153 22.66 -58.61 -18.61
CA VAL B 153 22.62 -57.95 -17.30
C VAL B 153 21.20 -57.44 -17.00
N ASP B 154 20.83 -57.41 -15.73
CA ASP B 154 19.49 -56.99 -15.34
C ASP B 154 19.38 -55.50 -15.08
N ILE B 155 20.47 -54.89 -14.59
CA ILE B 155 20.47 -53.50 -14.16
C ILE B 155 21.72 -52.78 -14.61
N VAL B 156 21.59 -51.48 -14.87
CA VAL B 156 22.73 -50.62 -15.15
C VAL B 156 22.75 -49.54 -14.06
N PHE B 157 23.89 -49.37 -13.38
CA PHE B 157 24.08 -48.27 -12.44
C PHE B 157 24.86 -47.27 -13.28
N ALA B 158 24.18 -46.24 -13.80
CA ALA B 158 24.80 -45.26 -14.68
C ALA B 158 25.53 -44.17 -13.92
N SER B 159 26.85 -44.12 -14.04
CA SER B 159 27.69 -43.14 -13.35
C SER B 159 27.50 -41.71 -13.83
N PHE B 160 27.62 -40.77 -12.89
CA PHE B 160 27.56 -39.33 -13.09
C PHE B 160 26.39 -38.85 -13.95
N VAL B 161 25.15 -39.24 -13.58
CA VAL B 161 23.98 -38.74 -14.28
C VAL B 161 23.73 -37.31 -13.80
N ARG B 162 23.71 -36.34 -14.72
CA ARG B 162 23.55 -34.93 -14.40
C ARG B 162 22.26 -34.28 -14.89
N LYS B 163 21.55 -34.95 -15.80
CA LYS B 163 20.33 -34.43 -16.40
C LYS B 163 19.59 -35.55 -17.13
N ALA B 164 18.32 -35.32 -17.50
CA ALA B 164 17.49 -36.30 -18.18
C ALA B 164 18.10 -36.86 -19.48
N SER B 165 18.79 -36.01 -20.26
CA SER B 165 19.40 -36.45 -21.52
C SER B 165 20.52 -37.48 -21.31
N ASP B 166 21.15 -37.50 -20.12
CA ASP B 166 22.17 -38.49 -19.83
C ASP B 166 21.54 -39.87 -19.76
N VAL B 167 20.33 -39.97 -19.17
CA VAL B 167 19.68 -41.28 -19.04
C VAL B 167 19.14 -41.70 -20.44
N ALA B 168 18.66 -40.75 -21.27
CA ALA B 168 18.21 -41.08 -22.62
C ALA B 168 19.36 -41.66 -23.45
N ALA B 169 20.58 -41.13 -23.27
CA ALA B 169 21.76 -41.64 -23.97
C ALA B 169 22.09 -43.07 -23.53
N VAL B 170 22.00 -43.35 -22.23
CA VAL B 170 22.24 -44.71 -21.71
C VAL B 170 21.20 -45.68 -22.29
N ARG B 171 19.93 -45.25 -22.30
CA ARG B 171 18.81 -46.02 -22.83
CA ARG B 171 18.82 -46.05 -22.84
C ARG B 171 19.04 -46.35 -24.32
N ALA B 172 19.49 -45.35 -25.10
CA ALA B 172 19.76 -45.54 -26.53
C ALA B 172 20.93 -46.52 -26.76
N ALA B 173 21.97 -46.43 -25.92
CA ALA B 173 23.12 -47.34 -26.03
C ALA B 173 22.80 -48.79 -25.68
N LEU B 174 21.71 -49.02 -24.93
CA LEU B 174 21.28 -50.39 -24.62
C LEU B 174 20.58 -51.06 -25.86
N GLY B 175 20.19 -50.27 -26.84
CA GLY B 175 19.58 -50.75 -28.07
C GLY B 175 18.20 -51.35 -27.94
N PRO B 176 17.71 -51.98 -29.03
CA PRO B 176 16.38 -52.58 -28.99
C PRO B 176 16.29 -53.82 -28.11
N GLU B 177 17.41 -54.55 -27.94
CA GLU B 177 17.43 -55.76 -27.12
C GLU B 177 17.58 -55.52 -25.61
N GLY B 178 17.85 -54.29 -25.20
CA GLY B 178 18.03 -53.96 -23.79
C GLY B 178 16.94 -53.12 -23.17
N HIS B 179 15.75 -53.11 -23.78
CA HIS B 179 14.62 -52.31 -23.29
C HIS B 179 14.16 -52.72 -21.89
N GLY B 180 14.35 -53.98 -21.52
CA GLY B 180 13.95 -54.52 -20.23
C GLY B 180 14.94 -54.29 -19.10
N ILE B 181 16.15 -53.79 -19.40
CA ILE B 181 17.17 -53.53 -18.39
C ILE B 181 16.80 -52.29 -17.57
N LYS B 182 16.90 -52.39 -16.23
CA LYS B 182 16.58 -51.25 -15.37
C LYS B 182 17.74 -50.27 -15.33
N ILE B 183 17.44 -48.97 -15.45
CA ILE B 183 18.48 -47.95 -15.37
C ILE B 183 18.37 -47.24 -14.03
N ILE B 184 19.39 -47.39 -13.18
CA ILE B 184 19.48 -46.74 -11.89
C ILE B 184 20.50 -45.62 -12.05
N SER B 185 20.05 -44.37 -12.03
CA SER B 185 20.95 -43.24 -12.19
C SER B 185 21.73 -42.93 -10.92
N LYS B 186 23.06 -42.83 -11.04
CA LYS B 186 23.91 -42.50 -9.90
C LYS B 186 24.03 -40.98 -9.79
N ILE B 187 23.64 -40.42 -8.63
CA ILE B 187 23.75 -38.97 -8.38
C ILE B 187 25.06 -38.77 -7.64
N GLU B 188 26.01 -38.10 -8.30
CA GLU B 188 27.38 -37.99 -7.79
C GLU B 188 27.92 -36.58 -7.69
N ASN B 189 27.15 -35.57 -8.08
CA ASN B 189 27.63 -34.19 -8.05
C ASN B 189 26.51 -33.18 -7.79
N HIS B 190 26.86 -31.88 -7.68
CA HIS B 190 25.90 -30.84 -7.42
C HIS B 190 24.79 -30.75 -8.47
N GLU B 191 25.16 -30.88 -9.75
CA GLU B 191 24.17 -30.78 -10.82
C GLU B 191 23.13 -31.89 -10.75
N GLY B 192 23.56 -33.11 -10.47
CA GLY B 192 22.67 -34.25 -10.31
C GLY B 192 21.67 -34.03 -9.19
N VAL B 193 22.11 -33.43 -8.08
CA VAL B 193 21.23 -33.12 -6.95
C VAL B 193 20.22 -32.04 -7.33
N LYS B 194 20.69 -30.98 -7.97
CA LYS B 194 19.81 -29.88 -8.39
C LYS B 194 18.81 -30.26 -9.48
N ARG B 195 19.22 -31.14 -10.40
CA ARG B 195 18.32 -31.62 -11.45
C ARG B 195 17.72 -32.98 -11.11
N PHE B 196 17.66 -33.34 -9.81
CA PHE B 196 17.16 -34.63 -9.34
C PHE B 196 15.78 -34.99 -9.90
N ASP B 197 14.81 -34.09 -9.80
CA ASP B 197 13.44 -34.37 -10.23
C ASP B 197 13.34 -34.80 -11.69
N GLU B 198 14.05 -34.12 -12.59
CA GLU B 198 14.03 -34.47 -14.01
C GLU B 198 14.74 -35.80 -14.27
N ILE B 199 15.77 -36.12 -13.49
CA ILE B 199 16.50 -37.37 -13.63
C ILE B 199 15.65 -38.54 -13.13
N LEU B 200 15.01 -38.40 -11.96
CA LEU B 200 14.18 -39.46 -11.41
C LEU B 200 13.01 -39.79 -12.32
N GLU B 201 12.42 -38.76 -12.93
CA GLU B 201 11.28 -38.92 -13.83
C GLU B 201 11.54 -39.91 -14.96
N VAL B 202 12.73 -39.87 -15.55
CA VAL B 202 13.09 -40.76 -16.66
C VAL B 202 13.90 -42.00 -16.25
N SER B 203 14.26 -42.14 -14.98
CA SER B 203 15.05 -43.29 -14.54
C SER B 203 14.16 -44.34 -13.88
N ASP B 204 14.64 -45.59 -13.78
CA ASP B 204 13.93 -46.61 -13.02
C ASP B 204 14.16 -46.46 -11.49
N GLY B 205 15.26 -45.83 -11.12
CA GLY B 205 15.64 -45.63 -9.73
C GLY B 205 16.90 -44.79 -9.63
N ILE B 206 17.40 -44.64 -8.39
CA ILE B 206 18.55 -43.79 -8.12
C ILE B 206 19.56 -44.47 -7.20
N MET B 207 20.82 -44.11 -7.34
CA MET B 207 21.85 -44.52 -6.39
C MET B 207 22.43 -43.23 -5.81
N VAL B 208 22.49 -43.15 -4.47
CA VAL B 208 23.14 -42.02 -3.79
C VAL B 208 24.61 -42.45 -3.73
N ALA B 209 25.40 -42.03 -4.72
CA ALA B 209 26.79 -42.43 -4.88
C ALA B 209 27.66 -41.49 -4.05
N ARG B 210 27.77 -41.80 -2.75
CA ARG B 210 28.38 -40.92 -1.77
C ARG B 210 29.89 -40.67 -1.90
N GLY B 211 30.62 -41.56 -2.55
CA GLY B 211 32.07 -41.36 -2.73
C GLY B 211 32.37 -40.09 -3.50
N ASP B 212 31.88 -40.00 -4.75
CA ASP B 212 32.06 -38.80 -5.56
C ASP B 212 31.25 -37.66 -5.01
N LEU B 213 30.02 -37.91 -4.54
CA LEU B 213 29.18 -36.84 -3.99
C LEU B 213 29.88 -36.09 -2.83
N GLY B 214 30.60 -36.84 -1.99
CA GLY B 214 31.36 -36.30 -0.86
C GLY B 214 32.61 -35.51 -1.19
N ILE B 215 33.03 -35.53 -2.46
CA ILE B 215 34.16 -34.74 -2.99
C ILE B 215 33.61 -33.58 -3.84
N GLU B 216 32.48 -33.80 -4.53
CA GLU B 216 31.85 -32.80 -5.40
C GLU B 216 31.12 -31.71 -4.61
N ILE B 217 30.53 -32.09 -3.47
CA ILE B 217 29.87 -31.12 -2.59
C ILE B 217 30.55 -31.23 -1.20
N PRO B 218 30.38 -30.24 -0.31
CA PRO B 218 30.98 -30.35 1.05
C PRO B 218 30.58 -31.66 1.74
N ALA B 219 31.54 -32.36 2.33
CA ALA B 219 31.34 -33.64 2.98
C ALA B 219 30.21 -33.60 4.04
N GLU B 220 30.09 -32.47 4.76
CA GLU B 220 29.08 -32.28 5.79
C GLU B 220 27.65 -32.10 5.23
N LYS B 221 27.49 -32.03 3.89
CA LYS B 221 26.17 -31.86 3.26
C LYS B 221 25.65 -33.15 2.63
N VAL B 222 26.49 -34.19 2.48
CA VAL B 222 26.05 -35.44 1.85
C VAL B 222 24.81 -36.05 2.51
N PHE B 223 24.72 -36.03 3.85
CA PHE B 223 23.54 -36.60 4.52
C PHE B 223 22.25 -35.91 4.11
N LEU B 224 22.30 -34.61 3.80
CA LEU B 224 21.10 -33.87 3.37
C LEU B 224 20.66 -34.37 2.00
N ALA B 225 21.62 -34.56 1.09
CA ALA B 225 21.35 -35.05 -0.27
C ALA B 225 20.83 -36.47 -0.20
N GLN B 226 21.44 -37.32 0.65
CA GLN B 226 21.00 -38.70 0.82
C GLN B 226 19.55 -38.77 1.33
N LYS B 227 19.25 -38.05 2.41
CA LYS B 227 17.92 -38.08 2.98
C LYS B 227 16.85 -37.52 2.04
N MET B 228 17.18 -36.43 1.33
CA MET B 228 16.27 -35.82 0.34
C MET B 228 15.99 -36.80 -0.82
N MET B 229 17.04 -37.42 -1.39
CA MET B 229 16.85 -38.30 -2.53
C MET B 229 16.11 -39.56 -2.16
N ILE B 230 16.37 -40.12 -0.96
CA ILE B 230 15.65 -41.29 -0.51
C ILE B 230 14.17 -40.93 -0.31
N GLY B 231 13.90 -39.80 0.34
CA GLY B 231 12.53 -39.34 0.55
C GLY B 231 11.78 -39.13 -0.76
N ARG B 232 12.43 -38.49 -1.75
CA ARG B 232 11.79 -38.27 -3.05
C ARG B 232 11.55 -39.57 -3.81
N CYS B 233 12.48 -40.53 -3.72
CA CYS B 233 12.30 -41.83 -4.36
C CYS B 233 11.16 -42.59 -3.69
N ASN B 234 11.06 -42.52 -2.35
CA ASN B 234 9.99 -43.17 -1.60
C ASN B 234 8.64 -42.58 -2.03
N LEU B 235 8.57 -41.26 -2.18
CA LEU B 235 7.37 -40.59 -2.61
C LEU B 235 6.99 -41.01 -4.05
N ALA B 236 7.98 -41.15 -4.94
CA ALA B 236 7.76 -41.58 -6.32
C ALA B 236 7.51 -43.07 -6.48
N GLY B 237 7.80 -43.86 -5.46
CA GLY B 237 7.65 -45.30 -5.51
C GLY B 237 8.71 -45.94 -6.40
N LYS B 238 9.93 -45.35 -6.46
CA LYS B 238 11.01 -45.88 -7.28
C LYS B 238 12.21 -46.29 -6.41
N PRO B 239 12.91 -47.39 -6.76
CA PRO B 239 14.02 -47.83 -5.92
C PRO B 239 15.15 -46.84 -5.71
N VAL B 240 15.70 -46.83 -4.51
CA VAL B 240 16.84 -45.97 -4.19
C VAL B 240 17.89 -46.80 -3.46
N VAL B 241 19.14 -46.66 -3.86
CA VAL B 241 20.27 -47.39 -3.29
C VAL B 241 21.14 -46.44 -2.48
N CYS B 242 21.57 -46.87 -1.29
CA CYS B 242 22.56 -46.09 -0.55
C CYS B 242 23.89 -46.79 -0.78
N ALA B 243 24.92 -46.04 -1.18
CA ALA B 243 26.20 -46.66 -1.51
C ALA B 243 27.41 -45.94 -0.94
N THR B 244 28.53 -46.69 -0.81
CA THR B 244 29.92 -46.28 -0.59
C THR B 244 30.31 -46.01 0.88
N GLN B 245 31.34 -46.74 1.31
CA GLN B 245 31.99 -46.65 2.61
C GLN B 245 31.07 -47.00 3.77
N MET B 246 30.01 -47.78 3.52
CA MET B 246 29.07 -48.17 4.57
C MET B 246 29.74 -49.01 5.64
N LEU B 247 30.61 -49.96 5.23
CA LEU B 247 31.33 -50.80 6.18
C LEU B 247 32.83 -50.78 5.83
N GLU B 248 33.35 -49.63 5.39
CA GLU B 248 34.71 -49.42 4.89
C GLU B 248 35.81 -50.13 5.67
N SER B 249 35.85 -49.99 7.00
CA SER B 249 36.89 -50.61 7.82
C SER B 249 36.92 -52.15 7.73
N MET B 250 35.80 -52.79 7.30
CA MET B 250 35.75 -54.23 7.14
C MET B 250 36.56 -54.75 5.93
N ILE B 251 37.17 -53.84 5.14
CA ILE B 251 38.08 -54.24 4.09
C ILE B 251 39.30 -54.96 4.75
N THR B 252 39.74 -54.50 5.94
CA THR B 252 40.86 -55.13 6.64
C THR B 252 40.47 -55.72 8.00
N LYS B 253 39.37 -55.26 8.60
CA LYS B 253 39.00 -55.74 9.93
C LYS B 253 37.78 -56.65 9.95
N PRO B 254 37.72 -57.66 10.86
CA PRO B 254 36.56 -58.56 10.89
C PRO B 254 35.27 -57.94 11.43
N ARG B 255 35.39 -56.81 12.16
CA ARG B 255 34.24 -56.11 12.75
C ARG B 255 34.25 -54.65 12.29
N PRO B 256 33.06 -54.07 12.05
CA PRO B 256 33.00 -52.67 11.61
C PRO B 256 33.11 -51.66 12.77
N THR B 257 33.20 -50.37 12.45
CA THR B 257 33.22 -49.34 13.48
C THR B 257 31.77 -49.03 13.94
N ARG B 258 31.64 -48.27 15.04
CA ARG B 258 30.31 -47.87 15.52
C ARG B 258 29.61 -46.94 14.53
N ALA B 259 30.38 -46.12 13.79
CA ALA B 259 29.80 -45.22 12.80
C ALA B 259 29.28 -45.98 11.60
N GLU B 260 29.96 -47.07 11.21
CA GLU B 260 29.56 -47.91 10.09
C GLU B 260 28.28 -48.67 10.34
N THR B 261 28.10 -49.29 11.52
CA THR B 261 26.83 -49.98 11.80
C THR B 261 25.69 -48.97 11.85
N SER B 262 25.95 -47.80 12.45
CA SER B 262 24.99 -46.72 12.52
C SER B 262 24.59 -46.26 11.09
N ASP B 263 25.57 -46.10 10.21
CA ASP B 263 25.32 -45.66 8.83
C ASP B 263 24.39 -46.64 8.10
N VAL B 264 24.64 -47.95 8.23
CA VAL B 264 23.80 -48.96 7.59
C VAL B 264 22.39 -48.91 8.15
N ALA B 265 22.26 -48.85 9.48
CA ALA B 265 20.93 -48.79 10.09
C ALA B 265 20.16 -47.55 9.67
N ASN B 266 20.85 -46.40 9.62
CA ASN B 266 20.23 -45.14 9.25
C ASN B 266 19.87 -45.07 7.78
N ALA B 267 20.59 -45.76 6.88
CA ALA B 267 20.22 -45.80 5.46
C ALA B 267 18.87 -46.52 5.33
N VAL B 268 18.68 -47.62 6.07
CA VAL B 268 17.42 -48.38 6.07
C VAL B 268 16.30 -47.51 6.68
N LEU B 269 16.57 -46.86 7.84
CA LEU B 269 15.57 -46.00 8.47
C LEU B 269 15.22 -44.78 7.60
N ASP B 270 16.16 -44.31 6.78
CA ASP B 270 15.91 -43.21 5.84
C ASP B 270 14.90 -43.63 4.78
N GLY B 271 14.89 -44.92 4.41
CA GLY B 271 13.97 -45.48 3.41
C GLY B 271 14.63 -46.13 2.22
N ALA B 272 15.94 -46.42 2.31
CA ALA B 272 16.65 -47.02 1.18
C ALA B 272 16.10 -48.40 0.84
N ASP B 273 15.92 -48.67 -0.45
CA ASP B 273 15.49 -50.00 -0.90
C ASP B 273 16.66 -50.98 -0.87
N CYS B 274 17.85 -50.52 -1.23
CA CYS B 274 19.07 -51.33 -1.26
C CYS B 274 20.21 -50.64 -0.55
N ILE B 275 21.14 -51.46 -0.02
CA ILE B 275 22.40 -51.01 0.56
C ILE B 275 23.51 -51.71 -0.22
N MET B 276 24.68 -51.07 -0.29
CA MET B 276 25.74 -51.59 -1.13
C MET B 276 27.08 -51.75 -0.41
N LEU B 277 27.87 -52.70 -0.92
CA LEU B 277 29.24 -52.98 -0.49
C LEU B 277 30.09 -52.86 -1.74
N SER B 278 31.22 -52.15 -1.62
CA SER B 278 32.14 -51.95 -2.73
CA SER B 278 32.14 -51.96 -2.74
C SER B 278 33.45 -52.71 -2.41
N GLY B 279 34.52 -52.02 -1.95
CA GLY B 279 35.78 -52.67 -1.58
C GLY B 279 35.61 -53.75 -0.54
N GLU B 280 34.58 -53.60 0.33
CA GLU B 280 34.28 -54.57 1.39
C GLU B 280 34.09 -55.99 0.82
N THR B 281 33.51 -56.11 -0.37
CA THR B 281 33.32 -57.44 -0.98
C THR B 281 34.23 -57.68 -2.17
N ALA B 282 34.59 -56.61 -2.90
CA ALA B 282 35.42 -56.72 -4.08
C ALA B 282 36.88 -57.10 -3.79
N LYS B 283 37.50 -56.47 -2.77
CA LYS B 283 38.92 -56.69 -2.50
C LYS B 283 39.28 -57.00 -1.06
N GLY B 284 38.32 -56.84 -0.15
CA GLY B 284 38.60 -56.99 1.26
C GLY B 284 38.86 -58.39 1.75
N ASN B 285 39.32 -58.48 2.97
CA ASN B 285 39.63 -59.76 3.59
C ASN B 285 38.43 -60.46 4.18
N PHE B 286 37.28 -59.77 4.31
CA PHE B 286 36.10 -60.38 4.91
C PHE B 286 34.83 -60.16 4.05
N PRO B 287 34.82 -60.58 2.76
CA PRO B 287 33.62 -60.34 1.94
C PRO B 287 32.33 -60.96 2.48
N VAL B 288 32.39 -62.22 2.94
CA VAL B 288 31.20 -62.90 3.45
C VAL B 288 30.73 -62.25 4.75
N GLU B 289 31.68 -61.89 5.63
CA GLU B 289 31.36 -61.24 6.90
C GLU B 289 30.74 -59.85 6.70
N ALA B 290 31.14 -59.11 5.66
CA ALA B 290 30.58 -57.80 5.33
C ALA B 290 29.12 -57.96 4.91
N VAL B 291 28.81 -59.00 4.09
CA VAL B 291 27.44 -59.29 3.67
C VAL B 291 26.63 -59.68 4.89
N LYS B 292 27.18 -60.54 5.76
CA LYS B 292 26.49 -60.98 6.97
C LYS B 292 26.19 -59.79 7.90
N MET B 293 27.11 -58.83 7.99
CA MET B 293 26.94 -57.66 8.84
C MET B 293 25.85 -56.76 8.32
N GLN B 294 25.82 -56.48 7.01
CA GLN B 294 24.73 -55.69 6.41
C GLN B 294 23.38 -56.38 6.60
N HIS B 295 23.34 -57.72 6.45
CA HIS B 295 22.10 -58.49 6.63
C HIS B 295 21.60 -58.33 8.07
N ALA B 296 22.51 -58.52 9.06
CA ALA B 296 22.17 -58.43 10.47
C ALA B 296 21.67 -57.03 10.85
N ILE B 297 22.32 -55.98 10.36
CA ILE B 297 21.91 -54.61 10.69
C ILE B 297 20.59 -54.26 10.01
N ALA B 298 20.45 -54.56 8.72
CA ALA B 298 19.22 -54.27 7.98
C ALA B 298 18.00 -54.90 8.62
N ARG B 299 18.06 -56.17 9.11
CA ARG B 299 16.91 -56.80 9.78
C ARG B 299 16.54 -56.07 11.04
N GLU B 300 17.55 -55.63 11.83
CA GLU B 300 17.26 -54.89 13.05
C GLU B 300 16.62 -53.55 12.71
N ALA B 301 17.15 -52.85 11.70
CA ALA B 301 16.66 -51.52 11.31
C ALA B 301 15.29 -51.54 10.70
N GLU B 302 14.98 -52.58 9.92
CA GLU B 302 13.66 -52.70 9.31
C GLU B 302 12.56 -52.84 10.35
N ALA B 303 12.83 -53.60 11.42
CA ALA B 303 11.87 -53.75 12.50
C ALA B 303 11.69 -52.42 13.27
N ALA B 304 12.74 -51.57 13.32
CA ALA B 304 12.73 -50.28 14.01
C ALA B 304 12.06 -49.16 13.20
N VAL B 305 11.66 -49.41 11.94
CA VAL B 305 10.95 -48.41 11.15
C VAL B 305 9.60 -48.10 11.85
N TYR B 306 9.22 -46.82 11.94
CA TYR B 306 7.98 -46.42 12.57
C TYR B 306 6.89 -46.45 11.49
N HIS B 307 6.40 -47.65 11.15
CA HIS B 307 5.40 -47.87 10.11
C HIS B 307 4.15 -47.05 10.27
N ARG B 308 3.72 -46.78 11.51
CA ARG B 308 2.50 -46.01 11.76
C ARG B 308 2.56 -44.64 11.11
N GLN B 309 3.69 -43.92 11.26
CA GLN B 309 3.83 -42.62 10.64
C GLN B 309 4.17 -42.75 9.17
N LEU B 310 5.06 -43.68 8.82
CA LEU B 310 5.45 -43.87 7.42
C LEU B 310 4.23 -44.18 6.52
N PHE B 311 3.40 -45.12 6.92
CA PHE B 311 2.22 -45.50 6.13
C PHE B 311 1.23 -44.34 6.01
N GLU B 312 0.97 -43.64 7.11
CA GLU B 312 0.10 -42.46 7.17
C GLU B 312 0.62 -41.36 6.20
N GLU B 313 1.94 -41.08 6.23
CA GLU B 313 2.53 -40.07 5.37
C GLU B 313 2.59 -40.47 3.92
N LEU B 314 2.87 -41.75 3.61
CA LEU B 314 2.87 -42.23 2.22
C LEU B 314 1.44 -42.11 1.64
N ARG B 315 0.39 -42.34 2.46
CA ARG B 315 -1.02 -42.18 2.01
C ARG B 315 -1.38 -40.74 1.78
N ARG B 316 -1.02 -39.86 2.73
CA ARG B 316 -1.32 -38.43 2.63
C ARG B 316 -0.62 -37.77 1.43
N ALA B 317 0.65 -38.13 1.18
CA ALA B 317 1.41 -37.51 0.10
C ALA B 317 1.12 -38.10 -1.27
N ALA B 318 0.70 -39.37 -1.33
CA ALA B 318 0.42 -40.00 -2.61
C ALA B 318 -0.89 -39.47 -3.13
N PRO B 319 -0.93 -39.11 -4.42
CA PRO B 319 -2.17 -38.60 -4.98
C PRO B 319 -3.21 -39.71 -5.16
N LEU B 320 -4.49 -39.32 -5.32
CA LEU B 320 -5.55 -40.27 -5.62
C LEU B 320 -5.21 -40.99 -6.94
N SER B 321 -5.63 -42.25 -7.08
CA SER B 321 -5.28 -43.00 -8.27
C SER B 321 -6.43 -43.76 -8.82
N ARG B 322 -6.53 -43.78 -10.14
CA ARG B 322 -7.57 -44.60 -10.79
C ARG B 322 -6.96 -45.87 -11.40
N ASP B 323 -5.67 -46.16 -11.14
CA ASP B 323 -5.01 -47.36 -11.64
C ASP B 323 -5.39 -48.49 -10.68
N PRO B 324 -6.07 -49.54 -11.17
CA PRO B 324 -6.48 -50.62 -10.27
C PRO B 324 -5.34 -51.36 -9.58
N THR B 325 -4.14 -51.43 -10.18
CA THR B 325 -3.00 -52.09 -9.53
C THR B 325 -2.61 -51.28 -8.27
N GLU B 326 -2.57 -49.95 -8.40
CA GLU B 326 -2.26 -49.03 -7.32
C GLU B 326 -3.32 -49.08 -6.22
N VAL B 327 -4.60 -49.12 -6.62
CA VAL B 327 -5.71 -49.17 -5.67
C VAL B 327 -5.69 -50.49 -4.90
N THR B 328 -5.42 -51.61 -5.61
CA THR B 328 -5.36 -52.92 -4.97
C THR B 328 -4.17 -52.98 -4.01
N ALA B 329 -3.02 -52.41 -4.40
CA ALA B 329 -1.82 -52.43 -3.58
C ALA B 329 -2.03 -51.76 -2.22
N ILE B 330 -2.66 -50.58 -2.19
CA ILE B 330 -2.88 -49.88 -0.93
C ILE B 330 -3.88 -50.65 -0.06
N GLY B 331 -4.89 -51.23 -0.68
CA GLY B 331 -5.87 -52.03 0.06
C GLY B 331 -5.23 -53.28 0.65
N ALA B 332 -4.31 -53.92 -0.11
CA ALA B 332 -3.64 -55.12 0.37
C ALA B 332 -2.68 -54.79 1.52
N VAL B 333 -1.97 -53.67 1.44
CA VAL B 333 -1.04 -53.27 2.50
C VAL B 333 -1.82 -52.90 3.77
N GLU B 334 -2.97 -52.23 3.61
CA GLU B 334 -3.83 -51.88 4.74
CA GLU B 334 -3.83 -51.88 4.74
C GLU B 334 -4.33 -53.17 5.41
N ALA B 335 -4.78 -54.14 4.61
CA ALA B 335 -5.28 -55.42 5.09
C ALA B 335 -4.16 -56.21 5.84
N ALA B 336 -2.94 -56.21 5.28
CA ALA B 336 -1.82 -56.88 5.91
C ALA B 336 -1.52 -56.30 7.31
N PHE B 337 -1.55 -54.96 7.45
CA PHE B 337 -1.30 -54.31 8.74
C PHE B 337 -2.41 -54.65 9.73
N LYS B 338 -3.68 -54.73 9.26
CA LYS B 338 -4.83 -55.01 10.13
C LYS B 338 -4.72 -56.36 10.85
N CYS B 339 -4.19 -57.38 10.17
CA CYS B 339 -4.11 -58.73 10.73
C CYS B 339 -2.72 -59.19 11.05
N CYS B 340 -1.68 -58.31 10.95
CA CYS B 340 -0.27 -58.70 11.17
C CYS B 340 0.06 -59.85 10.22
N ALA B 341 -0.36 -59.73 8.94
CA ALA B 341 -0.17 -60.77 7.93
C ALA B 341 1.27 -61.17 7.82
N ALA B 342 1.49 -62.47 7.71
CA ALA B 342 2.84 -62.98 7.59
C ALA B 342 3.45 -62.60 6.23
N ALA B 343 2.62 -62.52 5.18
CA ALA B 343 3.08 -62.21 3.83
C ALA B 343 1.95 -61.70 2.94
N ILE B 344 2.33 -61.04 1.84
CA ILE B 344 1.44 -60.63 0.78
C ILE B 344 1.98 -61.41 -0.43
N ILE B 345 1.22 -62.35 -0.98
CA ILE B 345 1.66 -63.12 -2.15
C ILE B 345 1.09 -62.46 -3.38
N VAL B 346 1.93 -62.05 -4.33
CA VAL B 346 1.49 -61.35 -5.51
C VAL B 346 1.97 -62.06 -6.78
N LEU B 347 1.09 -62.18 -7.79
CA LEU B 347 1.48 -62.73 -9.08
C LEU B 347 1.90 -61.52 -9.92
N THR B 348 3.04 -61.62 -10.61
CA THR B 348 3.52 -60.50 -11.41
C THR B 348 4.32 -60.96 -12.62
N THR B 349 4.16 -60.27 -13.75
CA THR B 349 4.87 -60.61 -14.96
C THR B 349 6.16 -59.78 -15.05
N THR B 350 6.02 -58.46 -14.84
CA THR B 350 7.13 -57.50 -14.95
C THR B 350 7.75 -57.09 -13.59
N GLY B 351 7.08 -57.39 -12.50
CA GLY B 351 7.49 -56.95 -11.17
C GLY B 351 6.69 -55.76 -10.66
N ARG B 352 5.97 -55.06 -11.56
CA ARG B 352 5.21 -53.84 -11.24
C ARG B 352 4.20 -53.98 -10.08
N SER B 353 3.40 -55.05 -10.04
CA SER B 353 2.43 -55.21 -8.95
C SER B 353 3.15 -55.34 -7.59
N ALA B 354 4.33 -55.99 -7.57
CA ALA B 354 5.13 -56.15 -6.36
C ALA B 354 5.75 -54.79 -5.97
N GLN B 355 6.19 -54.01 -6.96
CA GLN B 355 6.75 -52.68 -6.73
C GLN B 355 5.73 -51.74 -6.11
N LEU B 356 4.47 -51.80 -6.57
CA LEU B 356 3.42 -50.94 -6.02
C LEU B 356 3.04 -51.34 -4.58
N LEU B 357 3.23 -52.61 -4.21
CA LEU B 357 3.00 -53.03 -2.84
C LEU B 357 4.17 -52.51 -1.97
N SER B 358 5.40 -52.69 -2.46
CA SER B 358 6.64 -52.26 -1.81
C SER B 358 6.65 -50.75 -1.49
N ARG B 359 6.10 -49.88 -2.37
CA ARG B 359 6.08 -48.43 -2.15
C ARG B 359 5.32 -48.02 -0.87
N TYR B 360 4.38 -48.84 -0.39
CA TYR B 360 3.65 -48.56 0.86
C TYR B 360 4.33 -49.09 2.10
N ARG B 361 5.51 -49.72 1.94
CA ARG B 361 6.36 -50.26 2.98
C ARG B 361 5.62 -51.15 3.97
N PRO B 362 5.00 -52.25 3.51
CA PRO B 362 4.35 -53.17 4.46
C PRO B 362 5.40 -53.86 5.31
N ARG B 363 5.01 -54.21 6.54
CA ARG B 363 5.86 -55.01 7.40
C ARG B 363 5.84 -56.48 6.87
N ALA B 364 4.71 -56.92 6.29
CA ALA B 364 4.55 -58.25 5.70
C ALA B 364 5.45 -58.37 4.49
N ALA B 365 6.14 -59.53 4.37
CA ALA B 365 6.99 -59.84 3.23
C ALA B 365 6.13 -59.89 1.95
N VAL B 366 6.62 -59.34 0.84
CA VAL B 366 5.90 -59.39 -0.42
C VAL B 366 6.52 -60.56 -1.20
N ILE B 367 5.83 -61.69 -1.28
CA ILE B 367 6.33 -62.87 -2.00
C ILE B 367 5.83 -62.76 -3.43
N ALA B 368 6.74 -62.47 -4.37
CA ALA B 368 6.35 -62.26 -5.75
C ALA B 368 6.56 -63.52 -6.60
N VAL B 369 5.47 -64.10 -7.11
CA VAL B 369 5.54 -65.30 -7.95
C VAL B 369 5.53 -64.87 -9.40
N THR B 370 6.59 -65.23 -10.12
CA THR B 370 6.72 -64.86 -11.51
C THR B 370 7.35 -65.98 -12.34
N ARG B 371 7.00 -66.02 -13.63
CA ARG B 371 7.62 -66.93 -14.60
C ARG B 371 8.86 -66.25 -15.24
N SER B 372 8.95 -64.91 -15.16
CA SER B 372 10.07 -64.18 -15.74
C SER B 372 11.31 -64.26 -14.84
N ALA B 373 12.36 -64.96 -15.30
CA ALA B 373 13.62 -65.06 -14.56
C ALA B 373 14.26 -63.68 -14.39
N GLN B 374 14.13 -62.81 -15.40
CA GLN B 374 14.67 -61.45 -15.30
C GLN B 374 13.89 -60.61 -14.30
N ALA B 375 12.55 -60.68 -14.29
CA ALA B 375 11.76 -59.91 -13.33
C ALA B 375 12.05 -60.41 -11.91
N ALA B 376 12.29 -61.73 -11.74
CA ALA B 376 12.61 -62.29 -10.43
C ALA B 376 13.94 -61.68 -9.90
N ARG B 377 14.92 -61.47 -10.78
CA ARG B 377 16.18 -60.86 -10.38
C ARG B 377 16.00 -59.35 -10.14
N GLN B 378 15.29 -58.65 -11.03
CA GLN B 378 15.13 -57.20 -10.92
C GLN B 378 14.30 -56.72 -9.72
N VAL B 379 13.32 -57.52 -9.25
CA VAL B 379 12.49 -57.06 -8.12
C VAL B 379 13.27 -56.94 -6.82
N HIS B 380 14.53 -57.44 -6.78
CA HIS B 380 15.40 -57.24 -5.61
C HIS B 380 15.65 -55.73 -5.38
N LEU B 381 15.46 -54.87 -6.40
CA LEU B 381 15.62 -53.43 -6.26
C LEU B 381 14.56 -52.81 -5.32
N CYS B 382 13.40 -53.47 -5.12
CA CYS B 382 12.28 -52.98 -4.33
C CYS B 382 12.29 -53.61 -2.97
N ARG B 383 12.34 -52.76 -1.92
CA ARG B 383 12.37 -53.29 -0.57
C ARG B 383 11.23 -54.24 -0.23
N GLY B 384 11.57 -55.37 0.39
CA GLY B 384 10.59 -56.31 0.90
C GLY B 384 9.99 -57.25 -0.11
N VAL B 385 10.56 -57.29 -1.33
CA VAL B 385 10.05 -58.20 -2.35
C VAL B 385 10.95 -59.44 -2.40
N PHE B 386 10.36 -60.63 -2.18
CA PHE B 386 11.03 -61.93 -2.17
C PHE B 386 10.58 -62.69 -3.44
N PRO B 387 11.46 -62.71 -4.45
CA PRO B 387 11.09 -63.34 -5.72
C PRO B 387 11.10 -64.88 -5.73
N LEU B 388 10.05 -65.47 -6.29
CA LEU B 388 9.94 -66.91 -6.45
C LEU B 388 9.76 -67.18 -7.92
N LEU B 389 10.73 -67.89 -8.51
CA LEU B 389 10.66 -68.21 -9.93
C LEU B 389 9.83 -69.48 -10.12
N TYR B 390 8.67 -69.36 -10.81
CA TYR B 390 7.78 -70.47 -11.09
C TYR B 390 8.20 -71.09 -12.42
N ARG B 391 8.49 -72.40 -12.42
CA ARG B 391 9.02 -73.05 -13.62
C ARG B 391 8.00 -73.98 -14.35
N GLU B 392 6.81 -74.21 -13.79
CA GLU B 392 5.82 -75.10 -14.41
C GLU B 392 5.15 -74.52 -15.66
N PRO B 393 4.84 -75.39 -16.64
CA PRO B 393 4.13 -74.91 -17.84
C PRO B 393 2.68 -74.53 -17.53
N PRO B 394 2.09 -73.61 -18.32
CA PRO B 394 0.71 -73.18 -18.06
C PRO B 394 -0.35 -74.28 -18.09
N GLU B 395 -1.29 -74.22 -17.14
CA GLU B 395 -2.45 -75.10 -17.07
C GLU B 395 -3.39 -74.75 -18.23
N ALA B 396 -4.25 -75.69 -18.65
CA ALA B 396 -5.19 -75.44 -19.73
C ALA B 396 -6.17 -74.34 -19.34
N ILE B 397 -6.66 -74.37 -18.08
CA ILE B 397 -7.59 -73.36 -17.61
C ILE B 397 -6.80 -72.29 -16.85
N TRP B 398 -6.86 -71.04 -17.32
CA TRP B 398 -6.13 -69.93 -16.71
C TRP B 398 -6.38 -69.76 -15.21
N ALA B 399 -7.63 -69.87 -14.74
CA ALA B 399 -7.93 -69.75 -13.31
C ALA B 399 -7.21 -70.81 -12.48
N ASP B 400 -7.03 -72.02 -13.05
CA ASP B 400 -6.30 -73.11 -12.37
C ASP B 400 -4.81 -72.80 -12.31
N ASP B 401 -4.27 -72.20 -13.39
CA ASP B 401 -2.88 -71.82 -13.48
C ASP B 401 -2.56 -70.78 -12.38
N VAL B 402 -3.45 -69.79 -12.21
CA VAL B 402 -3.34 -68.72 -11.21
C VAL B 402 -3.33 -69.35 -9.83
N ASP B 403 -4.29 -70.25 -9.57
CA ASP B 403 -4.38 -70.96 -8.30
C ASP B 403 -3.13 -71.75 -7.98
N ARG B 404 -2.55 -72.43 -8.97
CA ARG B 404 -1.32 -73.21 -8.76
C ARG B 404 -0.16 -72.32 -8.37
N ARG B 405 -0.07 -71.13 -8.97
CA ARG B 405 1.01 -70.19 -8.66
C ARG B 405 0.86 -69.63 -7.26
N VAL B 406 -0.38 -69.41 -6.79
CA VAL B 406 -0.63 -68.92 -5.44
C VAL B 406 -0.23 -70.02 -4.43
N GLN B 407 -0.61 -71.28 -4.73
CA GLN B 407 -0.27 -72.43 -3.89
C GLN B 407 1.24 -72.65 -3.84
N PHE B 408 1.94 -72.41 -4.95
CA PHE B 408 3.41 -72.48 -4.99
C PHE B 408 4.01 -71.46 -4.03
N GLY B 409 3.42 -70.26 -3.97
CA GLY B 409 3.85 -69.21 -3.06
C GLY B 409 3.63 -69.61 -1.62
N ILE B 410 2.47 -70.24 -1.32
CA ILE B 410 2.14 -70.71 0.03
C ILE B 410 3.06 -71.83 0.49
N GLU B 411 3.29 -72.82 -0.39
CA GLU B 411 4.16 -73.94 -0.09
C GLU B 411 5.60 -73.51 0.05
N SER B 412 6.08 -72.60 -0.82
CA SER B 412 7.44 -72.08 -0.68
C SER B 412 7.57 -71.27 0.62
N GLY B 413 6.52 -70.53 0.96
CA GLY B 413 6.45 -69.71 2.15
C GLY B 413 6.54 -70.53 3.42
N LYS B 414 5.87 -71.69 3.43
CA LYS B 414 5.90 -72.60 4.57
C LYS B 414 7.26 -73.24 4.70
N LEU B 415 7.82 -73.69 3.57
CA LEU B 415 9.12 -74.35 3.53
C LEU B 415 10.21 -73.41 3.97
N ARG B 416 10.17 -72.14 3.57
CA ARG B 416 11.21 -71.18 3.94
C ARG B 416 11.06 -70.52 5.31
N GLY B 417 9.94 -70.75 5.97
CA GLY B 417 9.71 -70.17 7.30
C GLY B 417 8.96 -68.86 7.30
N PHE B 418 8.56 -68.34 6.11
CA PHE B 418 7.78 -67.11 6.02
C PHE B 418 6.37 -67.34 6.56
N LEU B 419 5.81 -68.53 6.33
CA LEU B 419 4.44 -68.84 6.71
C LEU B 419 4.30 -70.07 7.59
N ARG B 420 3.37 -70.00 8.52
CA ARG B 420 3.04 -71.08 9.45
C ARG B 420 1.55 -71.35 9.40
N VAL B 421 1.12 -72.56 9.79
CA VAL B 421 -0.29 -72.90 9.85
C VAL B 421 -1.00 -71.96 10.86
N GLY B 422 -2.11 -71.38 10.46
CA GLY B 422 -2.81 -70.42 11.28
C GLY B 422 -2.55 -68.97 10.89
N ASP B 423 -1.47 -68.73 10.11
CA ASP B 423 -1.15 -67.39 9.66
C ASP B 423 -2.19 -66.90 8.66
N LEU B 424 -2.31 -65.59 8.54
CA LEU B 424 -3.13 -64.98 7.52
C LEU B 424 -2.16 -64.42 6.47
N VAL B 425 -2.53 -64.58 5.21
CA VAL B 425 -1.78 -64.04 4.08
C VAL B 425 -2.74 -63.24 3.19
N ILE B 426 -2.20 -62.24 2.52
CA ILE B 426 -2.97 -61.43 1.59
C ILE B 426 -2.52 -61.86 0.23
N VAL B 427 -3.45 -62.19 -0.69
CA VAL B 427 -3.10 -62.66 -2.02
C VAL B 427 -3.55 -61.65 -3.06
N VAL B 428 -2.63 -61.20 -3.90
CA VAL B 428 -2.90 -60.20 -4.91
C VAL B 428 -2.78 -60.79 -6.32
N THR B 429 -3.89 -60.78 -7.07
CA THR B 429 -3.95 -61.34 -8.44
C THR B 429 -4.73 -60.34 -9.38
N GLY B 430 -4.92 -60.72 -10.64
CA GLY B 430 -5.65 -59.93 -11.63
C GLY B 430 -6.81 -60.68 -12.26
N TRP B 431 -7.62 -59.98 -13.05
CA TRP B 431 -8.83 -60.55 -13.63
C TRP B 431 -8.64 -61.21 -15.02
N ARG B 432 -7.50 -60.96 -15.67
CA ARG B 432 -7.20 -61.55 -16.98
C ARG B 432 -5.68 -61.71 -17.15
N PRO B 433 -5.22 -62.59 -18.06
CA PRO B 433 -3.77 -62.77 -18.23
C PRO B 433 -3.09 -61.52 -18.79
N GLY B 434 -1.78 -61.49 -18.67
CA GLY B 434 -0.99 -60.36 -19.17
C GLY B 434 -0.76 -59.33 -18.08
N SER B 435 0.30 -58.56 -18.24
CA SER B 435 0.68 -57.48 -17.33
C SER B 435 -0.33 -56.32 -17.31
N GLY B 436 -0.53 -55.69 -16.15
CA GLY B 436 -1.38 -54.51 -16.02
C GLY B 436 -2.81 -54.70 -15.57
N TYR B 437 -3.20 -55.93 -15.19
CA TYR B 437 -4.59 -56.18 -14.82
C TYR B 437 -4.79 -56.63 -13.39
N THR B 438 -3.83 -56.35 -12.50
CA THR B 438 -4.00 -56.69 -11.08
C THR B 438 -5.15 -55.87 -10.52
N ASN B 439 -6.10 -56.51 -9.85
CA ASN B 439 -7.27 -55.80 -9.30
C ASN B 439 -7.94 -56.56 -8.16
N ILE B 440 -7.33 -57.65 -7.68
CA ILE B 440 -7.95 -58.48 -6.66
C ILE B 440 -7.05 -58.68 -5.45
N MET B 441 -7.65 -58.57 -4.28
CA MET B 441 -6.98 -58.86 -3.03
CA MET B 441 -7.01 -58.80 -3.00
C MET B 441 -7.85 -59.84 -2.24
N ARG B 442 -7.23 -60.93 -1.77
CA ARG B 442 -7.94 -61.97 -1.00
C ARG B 442 -7.25 -62.20 0.34
N VAL B 443 -8.02 -62.49 1.39
CA VAL B 443 -7.47 -62.81 2.69
C VAL B 443 -7.57 -64.32 2.87
N LEU B 444 -6.43 -65.01 3.00
CA LEU B 444 -6.41 -66.47 3.15
CA LEU B 444 -6.39 -66.47 3.14
C LEU B 444 -5.75 -66.94 4.46
N SER B 445 -6.36 -67.96 5.10
CA SER B 445 -5.87 -68.60 6.32
C SER B 445 -5.00 -69.76 5.90
N ILE B 446 -3.78 -69.85 6.42
CA ILE B 446 -2.88 -70.94 6.08
C ILE B 446 -3.25 -72.23 6.82
N SER B 447 -3.48 -73.31 6.08
CA SER B 447 -3.83 -74.59 6.68
C SER B 447 -2.70 -75.60 6.48
N GLU C 21 -0.70 -30.73 46.62
CA GLU C 21 -0.70 -30.80 45.16
C GLU C 21 -2.10 -30.40 44.60
N LEU C 22 -2.66 -31.03 43.54
CA LEU C 22 -3.97 -30.65 43.03
C LEU C 22 -5.05 -31.64 43.47
N GLY C 23 -4.71 -32.92 43.50
CA GLY C 23 -5.64 -33.97 43.87
C GLY C 23 -6.30 -34.67 42.70
N THR C 24 -6.80 -35.89 42.96
CA THR C 24 -7.48 -36.68 41.94
C THR C 24 -8.83 -36.06 41.56
N ALA C 25 -9.50 -35.39 42.51
CA ALA C 25 -10.79 -34.76 42.27
C ALA C 25 -10.69 -33.65 41.23
N PHE C 26 -9.57 -32.90 41.25
CA PHE C 26 -9.32 -31.82 40.30
C PHE C 26 -9.34 -32.36 38.86
N PHE C 27 -8.66 -33.50 38.64
CA PHE C 27 -8.55 -34.10 37.32
C PHE C 27 -9.81 -34.83 36.84
N GLN C 28 -10.85 -34.91 37.67
CA GLN C 28 -12.11 -35.52 37.25
C GLN C 28 -13.16 -34.46 36.82
N GLN C 29 -12.98 -33.20 37.24
CA GLN C 29 -13.87 -32.10 36.90
C GLN C 29 -13.55 -31.48 35.53
N GLN C 30 -14.40 -30.54 35.08
CA GLN C 30 -14.30 -29.75 33.83
C GLN C 30 -13.86 -30.57 32.61
N GLN C 31 -14.37 -31.81 32.49
CA GLN C 31 -14.06 -32.72 31.39
C GLN C 31 -12.56 -32.91 31.17
N LEU C 32 -11.75 -32.85 32.25
CA LEU C 32 -10.31 -33.04 32.14
C LEU C 32 -9.94 -34.44 31.63
N PRO C 33 -10.63 -35.56 31.99
CA PRO C 33 -10.30 -36.85 31.35
C PRO C 33 -10.46 -36.80 29.82
N ALA C 34 -11.53 -36.15 29.31
CA ALA C 34 -11.74 -35.99 27.86
C ALA C 34 -10.72 -35.03 27.24
N ALA C 35 -10.25 -34.04 28.03
CA ALA C 35 -9.24 -33.08 27.57
C ALA C 35 -7.91 -33.74 27.27
N MET C 36 -7.55 -34.79 28.02
CA MET C 36 -6.27 -35.47 27.84
C MET C 36 -6.25 -36.49 26.71
N ALA C 37 -7.39 -36.76 26.06
CA ALA C 37 -7.47 -37.77 25.01
C ALA C 37 -6.55 -37.47 23.84
N ASP C 38 -6.06 -38.54 23.20
CA ASP C 38 -5.13 -38.42 22.08
C ASP C 38 -5.80 -38.22 20.73
N THR C 39 -7.11 -38.48 20.63
CA THR C 39 -7.85 -38.26 19.39
C THR C 39 -9.18 -37.56 19.72
N PHE C 40 -9.79 -36.92 18.73
CA PHE C 40 -11.08 -36.29 18.90
C PHE C 40 -12.16 -37.35 19.20
N LEU C 41 -12.07 -38.52 18.55
CA LEU C 41 -13.00 -39.62 18.80
C LEU C 41 -12.92 -40.09 20.27
N GLU C 42 -11.69 -40.30 20.79
CA GLU C 42 -11.49 -40.70 22.19
CA GLU C 42 -11.53 -40.71 22.19
C GLU C 42 -12.00 -39.61 23.14
N HIS C 43 -11.80 -38.33 22.75
CA HIS C 43 -12.26 -37.17 23.54
C HIS C 43 -13.79 -37.25 23.70
N LEU C 44 -14.52 -37.53 22.59
CA LEU C 44 -15.96 -37.66 22.66
C LEU C 44 -16.38 -38.82 23.58
N CYS C 45 -15.73 -39.98 23.43
CA CYS C 45 -15.97 -41.18 24.22
C CYS C 45 -15.76 -40.94 25.73
N LEU C 46 -14.90 -39.98 26.10
CA LEU C 46 -14.60 -39.68 27.49
C LEU C 46 -15.43 -38.55 28.11
N LEU C 47 -16.35 -37.94 27.35
CA LEU C 47 -17.21 -36.87 27.90
C LEU C 47 -18.11 -37.50 28.96
N ASP C 48 -18.23 -36.84 30.10
CA ASP C 48 -18.89 -37.39 31.26
C ASP C 48 -19.90 -36.41 31.84
N ILE C 49 -21.17 -36.82 31.90
CA ILE C 49 -22.24 -36.01 32.49
C ILE C 49 -22.01 -35.73 33.99
N ASP C 50 -21.18 -36.54 34.67
CA ASP C 50 -20.87 -36.32 36.09
C ASP C 50 -19.64 -35.45 36.30
N SER C 51 -18.93 -35.04 35.23
CA SER C 51 -17.77 -34.19 35.36
C SER C 51 -18.28 -32.73 35.35
N GLU C 52 -18.31 -32.11 36.54
CA GLU C 52 -18.89 -30.78 36.69
C GLU C 52 -18.01 -29.64 36.21
N PRO C 53 -18.63 -28.65 35.54
CA PRO C 53 -17.85 -27.48 35.09
C PRO C 53 -17.38 -26.65 36.29
N VAL C 54 -16.15 -26.15 36.25
CA VAL C 54 -15.62 -25.37 37.37
C VAL C 54 -15.32 -23.95 36.93
N ALA C 55 -14.78 -23.79 35.71
CA ALA C 55 -14.42 -22.49 35.19
C ALA C 55 -15.65 -21.59 35.01
N ALA C 56 -15.41 -20.28 35.07
CA ALA C 56 -16.49 -19.31 34.84
C ALA C 56 -16.93 -19.43 33.37
N ARG C 57 -18.21 -19.17 33.10
CA ARG C 57 -18.78 -19.24 31.76
C ARG C 57 -18.15 -18.17 30.87
N SER C 58 -17.52 -18.59 29.79
CA SER C 58 -16.72 -17.73 28.95
C SER C 58 -17.42 -17.20 27.70
N THR C 59 -18.52 -17.81 27.26
CA THR C 59 -19.27 -17.36 26.07
C THR C 59 -20.25 -16.28 26.48
N SER C 60 -20.10 -15.07 25.95
CA SER C 60 -21.03 -14.01 26.34
C SER C 60 -22.43 -14.21 25.82
N ILE C 61 -23.40 -13.77 26.62
CA ILE C 61 -24.80 -13.87 26.25
C ILE C 61 -25.30 -12.47 25.87
N ILE C 62 -25.88 -12.34 24.67
CA ILE C 62 -26.48 -11.13 24.22
C ILE C 62 -27.99 -11.34 24.38
N ALA C 63 -28.66 -10.43 25.10
CA ALA C 63 -30.11 -10.54 25.26
C ALA C 63 -30.76 -9.31 24.63
N THR C 64 -31.77 -9.52 23.81
CA THR C 64 -32.48 -8.43 23.17
C THR C 64 -33.45 -7.81 24.17
N ILE C 65 -33.35 -6.50 24.38
CA ILE C 65 -34.23 -5.82 25.31
C ILE C 65 -35.47 -5.28 24.62
N GLY C 66 -36.63 -5.71 25.13
CA GLY C 66 -37.92 -5.32 24.57
C GLY C 66 -38.99 -5.26 25.64
N PRO C 67 -40.26 -5.34 25.22
CA PRO C 67 -41.37 -5.27 26.17
C PRO C 67 -41.27 -6.19 27.39
N ALA C 68 -40.80 -7.44 27.20
CA ALA C 68 -40.73 -8.43 28.27
C ALA C 68 -39.52 -8.31 29.18
N SER C 69 -38.55 -7.48 28.83
CA SER C 69 -37.30 -7.41 29.58
C SER C 69 -36.81 -5.99 29.86
N ARG C 70 -37.70 -5.01 29.80
CA ARG C 70 -37.39 -3.58 29.94
C ARG C 70 -37.28 -2.99 31.31
N SER C 71 -38.04 -3.50 32.27
CA SER C 71 -38.05 -2.93 33.61
C SER C 71 -36.71 -3.07 34.28
N VAL C 72 -36.36 -2.09 35.13
CA VAL C 72 -35.11 -2.09 35.88
C VAL C 72 -35.01 -3.35 36.74
N GLU C 73 -36.13 -3.77 37.35
CA GLU C 73 -36.16 -4.97 38.19
C GLU C 73 -35.90 -6.24 37.39
N ARG C 74 -36.50 -6.36 36.20
CA ARG C 74 -36.31 -7.51 35.33
C ARG C 74 -34.85 -7.52 34.83
N LEU C 75 -34.31 -6.35 34.46
CA LEU C 75 -32.93 -6.21 34.00
C LEU C 75 -31.91 -6.60 35.07
N LYS C 76 -32.22 -6.34 36.35
CA LYS C 76 -31.33 -6.77 37.44
C LYS C 76 -31.26 -8.30 37.49
N GLU C 77 -32.40 -8.98 37.29
CA GLU C 77 -32.45 -10.43 37.28
C GLU C 77 -31.73 -10.99 36.04
N MET C 78 -31.81 -10.29 34.90
CA MET C 78 -31.13 -10.72 33.69
CA MET C 78 -31.13 -10.72 33.69
C MET C 78 -29.62 -10.58 33.81
N ILE C 79 -29.15 -9.54 34.52
CA ILE C 79 -27.72 -9.34 34.74
C ILE C 79 -27.22 -10.47 35.65
N LYS C 80 -27.99 -10.79 36.73
CA LYS C 80 -27.61 -11.87 37.65
C LYS C 80 -27.65 -13.24 36.97
N ALA C 81 -28.57 -13.41 36.02
CA ALA C 81 -28.67 -14.66 35.27
C ALA C 81 -27.50 -14.85 34.26
N GLY C 82 -26.83 -13.77 33.87
CA GLY C 82 -25.68 -13.87 32.98
C GLY C 82 -25.63 -12.99 31.74
N MET C 83 -26.61 -12.10 31.55
CA MET C 83 -26.59 -11.20 30.39
C MET C 83 -25.35 -10.30 30.42
N ASN C 84 -24.55 -10.32 29.33
CA ASN C 84 -23.34 -9.50 29.24
C ASN C 84 -23.49 -8.31 28.28
N ILE C 85 -24.38 -8.47 27.26
CA ILE C 85 -24.63 -7.48 26.23
C ILE C 85 -26.12 -7.32 26.04
N ALA C 86 -26.60 -6.06 26.09
CA ALA C 86 -28.01 -5.76 25.87
C ALA C 86 -28.15 -5.30 24.43
N ARG C 87 -29.00 -5.97 23.66
CA ARG C 87 -29.19 -5.61 22.25
C ARG C 87 -30.48 -4.82 22.07
N LEU C 88 -30.38 -3.65 21.37
CA LEU C 88 -31.57 -2.84 21.09
C LEU C 88 -31.80 -2.95 19.60
N ASN C 89 -32.91 -3.58 19.22
CA ASN C 89 -33.21 -3.79 17.81
C ASN C 89 -33.95 -2.59 17.21
N PHE C 90 -33.23 -1.79 16.41
CA PHE C 90 -33.82 -0.62 15.80
C PHE C 90 -34.71 -0.93 14.58
N SER C 91 -34.98 -2.23 14.30
CA SER C 91 -36.03 -2.58 13.32
C SER C 91 -37.41 -2.32 13.93
N HIS C 92 -37.49 -2.19 15.25
CA HIS C 92 -38.72 -2.01 16.00
C HIS C 92 -38.53 -0.83 16.95
N GLY C 93 -39.61 -0.45 17.63
CA GLY C 93 -39.58 0.62 18.61
C GLY C 93 -39.32 1.97 18.01
N SER C 94 -38.65 2.81 18.79
CA SER C 94 -38.35 4.17 18.38
C SER C 94 -37.11 4.66 19.15
N HIS C 95 -36.64 5.89 18.88
CA HIS C 95 -35.50 6.44 19.58
C HIS C 95 -35.85 6.63 21.05
N GLU C 96 -37.06 7.17 21.33
CA GLU C 96 -37.52 7.40 22.69
C GLU C 96 -37.66 6.09 23.46
N TYR C 97 -38.23 5.06 22.83
CA TYR C 97 -38.44 3.76 23.45
C TYR C 97 -37.07 3.11 23.77
N HIS C 98 -36.16 3.03 22.79
CA HIS C 98 -34.84 2.42 23.01
C HIS C 98 -33.96 3.26 23.96
N ALA C 99 -34.11 4.60 24.01
CA ALA C 99 -33.34 5.41 24.98
C ALA C 99 -33.78 5.05 26.38
N GLU C 100 -35.11 4.82 26.58
CA GLU C 100 -35.66 4.41 27.87
CA GLU C 100 -35.59 4.43 27.89
C GLU C 100 -35.08 3.04 28.26
N SER C 101 -35.04 2.09 27.30
CA SER C 101 -34.50 0.76 27.57
C SER C 101 -33.02 0.85 27.95
N ILE C 102 -32.23 1.67 27.25
CA ILE C 102 -30.81 1.88 27.53
C ILE C 102 -30.61 2.50 28.92
N ALA C 103 -31.43 3.52 29.29
CA ALA C 103 -31.34 4.13 30.61
C ALA C 103 -31.67 3.08 31.71
N ASN C 104 -32.67 2.22 31.46
CA ASN C 104 -33.05 1.16 32.40
C ASN C 104 -31.94 0.12 32.55
N VAL C 105 -31.24 -0.22 31.44
CA VAL C 105 -30.11 -1.15 31.50
C VAL C 105 -29.00 -0.52 32.35
N ARG C 106 -28.66 0.75 32.07
CA ARG C 106 -27.62 1.44 32.83
C ARG C 106 -27.97 1.59 34.32
N GLU C 107 -29.25 1.82 34.64
CA GLU C 107 -29.67 1.93 36.05
C GLU C 107 -29.50 0.57 36.72
N ALA C 108 -29.94 -0.52 36.05
CA ALA C 108 -29.80 -1.86 36.59
C ALA C 108 -28.34 -2.24 36.77
N VAL C 109 -27.46 -1.90 35.82
CA VAL C 109 -26.03 -2.21 35.90
C VAL C 109 -25.39 -1.46 37.05
N GLU C 110 -25.67 -0.14 37.16
CA GLU C 110 -25.07 0.67 38.20
C GLU C 110 -25.62 0.39 39.61
N SER C 111 -26.75 -0.32 39.72
CA SER C 111 -27.28 -0.71 41.03
C SER C 111 -26.37 -1.70 41.76
N PHE C 112 -25.40 -2.32 41.06
CA PHE C 112 -24.44 -3.27 41.63
C PHE C 112 -23.08 -2.64 41.92
N ALA C 113 -22.93 -1.31 41.81
CA ALA C 113 -21.64 -0.69 42.13
C ALA C 113 -21.24 -0.79 43.64
N GLY C 114 -22.24 -1.03 44.51
CA GLY C 114 -22.02 -1.19 45.95
C GLY C 114 -21.44 -2.52 46.39
N SER C 115 -21.25 -3.46 45.44
CA SER C 115 -20.66 -4.76 45.76
C SER C 115 -19.76 -5.26 44.62
N PRO C 116 -18.44 -5.29 44.85
CA PRO C 116 -17.52 -5.78 43.81
C PRO C 116 -17.79 -7.22 43.33
N LEU C 117 -18.43 -8.02 44.20
CA LEU C 117 -18.79 -9.43 43.92
C LEU C 117 -19.91 -9.54 42.88
N SER C 118 -20.77 -8.50 42.75
CA SER C 118 -21.85 -8.56 41.76
CA SER C 118 -21.88 -8.53 41.80
C SER C 118 -21.76 -7.49 40.67
N TYR C 119 -20.91 -6.43 40.85
CA TYR C 119 -20.81 -5.41 39.77
C TYR C 119 -20.17 -6.01 38.50
N ARG C 120 -20.88 -5.89 37.38
CA ARG C 120 -20.36 -6.39 36.11
C ARG C 120 -20.68 -5.44 34.96
N PRO C 121 -19.69 -5.07 34.14
CA PRO C 121 -19.99 -4.25 32.96
C PRO C 121 -20.97 -4.96 32.02
N VAL C 122 -21.90 -4.20 31.42
CA VAL C 122 -22.87 -4.70 30.44
C VAL C 122 -22.80 -3.82 29.19
N ALA C 123 -22.40 -4.41 28.05
CA ALA C 123 -22.31 -3.64 26.80
C ALA C 123 -23.68 -3.30 26.27
N ILE C 124 -23.76 -2.21 25.48
CA ILE C 124 -24.98 -1.82 24.83
C ILE C 124 -24.77 -1.88 23.33
N ALA C 125 -25.57 -2.69 22.65
CA ALA C 125 -25.40 -2.91 21.23
C ALA C 125 -26.64 -2.45 20.46
N LEU C 126 -26.42 -1.70 19.37
CA LEU C 126 -27.52 -1.20 18.56
C LEU C 126 -27.58 -2.08 17.30
N ASP C 127 -28.73 -2.68 17.01
CA ASP C 127 -28.89 -3.53 15.83
C ASP C 127 -29.72 -2.74 14.82
N THR C 128 -29.12 -2.43 13.66
CA THR C 128 -29.75 -1.57 12.67
C THR C 128 -30.90 -2.21 11.89
N LYS C 129 -31.80 -1.37 11.36
CA LYS C 129 -32.92 -1.82 10.55
C LYS C 129 -32.44 -2.45 9.25
N GLY C 130 -31.46 -1.81 8.62
CA GLY C 130 -30.89 -2.36 7.40
C GLY C 130 -31.23 -1.57 6.15
N PRO C 131 -30.62 -1.95 5.02
CA PRO C 131 -30.81 -1.18 3.77
C PRO C 131 -32.15 -1.44 3.08
N PRO C 135 -30.04 0.51 -2.17
CA PRO C 135 -28.93 1.11 -2.93
C PRO C 135 -27.68 1.35 -2.10
N GLY C 136 -27.87 1.67 -0.82
CA GLY C 136 -26.79 1.91 0.12
C GLY C 136 -27.28 2.02 1.56
N LEU C 137 -26.61 2.87 2.37
CA LEU C 137 -27.03 3.09 3.76
C LEU C 137 -28.39 3.84 3.82
N SER C 138 -29.43 3.23 4.42
CA SER C 138 -30.75 3.89 4.50
C SER C 138 -30.71 5.17 5.37
N GLU C 139 -31.67 6.09 5.13
CA GLU C 139 -31.76 7.33 5.93
C GLU C 139 -32.00 6.96 7.40
N GLN C 140 -32.87 5.97 7.64
CA GLN C 140 -33.16 5.55 9.01
C GLN C 140 -31.89 5.03 9.70
N ASP C 141 -31.04 4.27 8.98
CA ASP C 141 -29.79 3.79 9.56
C ASP C 141 -28.87 4.92 9.90
N VAL C 142 -28.77 5.97 9.03
CA VAL C 142 -27.91 7.13 9.36
C VAL C 142 -28.37 7.78 10.69
N ARG C 143 -29.69 7.94 10.86
CA ARG C 143 -30.23 8.55 12.06
C ARG C 143 -30.09 7.65 13.28
N ASP C 144 -30.29 6.33 13.12
CA ASP C 144 -30.17 5.39 14.24
C ASP C 144 -28.70 5.23 14.67
N LEU C 145 -27.76 5.26 13.72
CA LEU C 145 -26.32 5.20 14.02
C LEU C 145 -25.90 6.45 14.77
N ARG C 146 -26.45 7.64 14.38
CA ARG C 146 -26.19 8.90 15.07
C ARG C 146 -26.73 8.83 16.49
N PHE C 147 -27.93 8.26 16.68
CA PHE C 147 -28.51 8.04 18.00
C PHE C 147 -27.54 7.19 18.85
N GLY C 148 -26.98 6.14 18.25
CA GLY C 148 -26.02 5.26 18.91
C GLY C 148 -24.80 5.99 19.44
N VAL C 149 -24.21 6.86 18.62
CA VAL C 149 -23.05 7.67 19.01
C VAL C 149 -23.45 8.62 20.16
N GLU C 150 -24.59 9.29 20.02
CA GLU C 150 -25.06 10.24 21.03
C GLU C 150 -25.39 9.56 22.35
N HIS C 151 -25.81 8.30 22.31
CA HIS C 151 -26.13 7.57 23.52
C HIS C 151 -24.99 6.67 24.03
N GLY C 152 -23.80 6.79 23.46
CA GLY C 152 -22.61 6.07 23.88
C GLY C 152 -22.65 4.55 23.76
N VAL C 153 -23.30 4.02 22.69
CA VAL C 153 -23.37 2.58 22.52
C VAL C 153 -21.95 2.02 22.27
N ASP C 154 -21.76 0.76 22.65
CA ASP C 154 -20.46 0.11 22.50
C ASP C 154 -20.29 -0.60 21.17
N ILE C 155 -21.39 -1.13 20.64
CA ILE C 155 -21.35 -2.02 19.48
C ILE C 155 -22.49 -1.72 18.55
N VAL C 156 -22.27 -1.93 17.26
CA VAL C 156 -23.31 -1.87 16.26
C VAL C 156 -23.38 -3.24 15.60
N PHE C 157 -24.57 -3.84 15.55
CA PHE C 157 -24.78 -5.06 14.79
C PHE C 157 -25.41 -4.53 13.50
N ALA C 158 -24.61 -4.44 12.44
CA ALA C 158 -25.07 -3.87 11.16
C ALA C 158 -25.81 -4.90 10.31
N SER C 159 -27.10 -4.68 10.10
CA SER C 159 -27.92 -5.59 9.33
C SER C 159 -27.62 -5.64 7.85
N PHE C 160 -27.76 -6.83 7.27
CA PHE C 160 -27.60 -7.11 5.83
C PHE C 160 -26.32 -6.56 5.23
N VAL C 161 -25.16 -6.86 5.84
CA VAL C 161 -23.89 -6.45 5.27
C VAL C 161 -23.58 -7.41 4.14
N ARG C 162 -23.37 -6.88 2.93
CA ARG C 162 -23.18 -7.71 1.76
C ARG C 162 -21.83 -7.60 1.12
N LYS C 163 -21.08 -6.54 1.45
CA LYS C 163 -19.78 -6.23 0.86
C LYS C 163 -19.03 -5.24 1.73
N ALA C 164 -17.70 -5.09 1.51
CA ALA C 164 -16.86 -4.18 2.28
C ALA C 164 -17.35 -2.73 2.30
N SER C 165 -17.93 -2.23 1.19
CA SER C 165 -18.42 -0.85 1.14
C SER C 165 -19.61 -0.61 2.07
N ASP C 166 -20.37 -1.66 2.40
CA ASP C 166 -21.46 -1.53 3.37
C ASP C 166 -20.86 -1.22 4.75
N VAL C 167 -19.75 -1.85 5.09
CA VAL C 167 -19.07 -1.59 6.38
C VAL C 167 -18.52 -0.19 6.41
N ALA C 168 -17.87 0.26 5.30
CA ALA C 168 -17.32 1.62 5.21
C ALA C 168 -18.42 2.68 5.40
N ALA C 169 -19.64 2.43 4.88
CA ALA C 169 -20.73 3.36 5.04
C ALA C 169 -21.19 3.43 6.50
N VAL C 170 -21.24 2.28 7.20
CA VAL C 170 -21.60 2.25 8.62
C VAL C 170 -20.52 2.98 9.43
N ARG C 171 -19.26 2.73 9.13
CA ARG C 171 -18.11 3.34 9.80
C ARG C 171 -18.14 4.88 9.62
N ALA C 172 -18.47 5.36 8.40
CA ALA C 172 -18.58 6.80 8.14
C ALA C 172 -19.73 7.42 8.93
N ALA C 173 -20.87 6.71 9.03
CA ALA C 173 -22.04 7.20 9.80
C ALA C 173 -21.78 7.27 11.33
N LEU C 174 -20.72 6.58 11.81
CA LEU C 174 -20.35 6.62 13.23
CA LEU C 174 -20.39 6.64 13.24
C LEU C 174 -19.62 7.92 13.59
N GLY C 175 -19.22 8.68 12.56
CA GLY C 175 -18.70 10.02 12.61
C GLY C 175 -17.55 10.36 13.46
N PRO C 176 -17.44 11.65 13.83
CA PRO C 176 -16.22 12.07 14.51
C PRO C 176 -16.11 11.54 15.92
N GLU C 177 -17.23 11.30 16.59
CA GLU C 177 -17.20 10.86 17.98
C GLU C 177 -17.26 9.35 18.19
N GLY C 178 -17.66 8.57 17.18
CA GLY C 178 -17.90 7.14 17.37
C GLY C 178 -16.97 6.16 16.72
N HIS C 179 -15.73 6.58 16.43
CA HIS C 179 -14.77 5.67 15.81
C HIS C 179 -14.34 4.48 16.70
N GLY C 180 -14.59 4.56 17.99
CA GLY C 180 -14.28 3.45 18.90
C GLY C 180 -15.37 2.40 19.04
N ILE C 181 -16.53 2.62 18.42
CA ILE C 181 -17.63 1.68 18.45
C ILE C 181 -17.29 0.46 17.57
N LYS C 182 -17.52 -0.76 18.09
CA LYS C 182 -17.21 -1.97 17.34
C LYS C 182 -18.33 -2.23 16.32
N ILE C 183 -17.95 -2.58 15.10
CA ILE C 183 -18.92 -2.92 14.07
C ILE C 183 -18.90 -4.41 13.85
N ILE C 184 -20.00 -5.07 14.19
CA ILE C 184 -20.18 -6.49 14.01
C ILE C 184 -21.12 -6.62 12.80
N SER C 185 -20.59 -7.09 11.69
CA SER C 185 -21.39 -7.22 10.46
C SER C 185 -22.27 -8.44 10.51
N LYS C 186 -23.58 -8.25 10.25
CA LYS C 186 -24.52 -9.35 10.22
C LYS C 186 -24.55 -9.94 8.82
N ILE C 187 -24.26 -11.25 8.71
CA ILE C 187 -24.30 -11.94 7.41
C ILE C 187 -25.65 -12.60 7.34
N GLU C 188 -26.50 -12.12 6.40
CA GLU C 188 -27.89 -12.52 6.33
C GLU C 188 -28.35 -13.04 4.99
N ASN C 189 -27.49 -13.08 3.99
CA ASN C 189 -27.92 -13.52 2.66
C ASN C 189 -26.75 -14.18 1.89
N HIS C 190 -27.02 -14.66 0.66
CA HIS C 190 -26.04 -15.34 -0.15
C HIS C 190 -24.85 -14.47 -0.44
N GLU C 191 -25.08 -13.20 -0.79
CA GLU C 191 -23.97 -12.31 -1.14
C GLU C 191 -23.01 -12.06 0.03
N GLY C 192 -23.55 -11.89 1.23
CA GLY C 192 -22.71 -11.71 2.42
C GLY C 192 -21.84 -12.92 2.68
N VAL C 193 -22.37 -14.15 2.45
CA VAL C 193 -21.61 -15.37 2.62
C VAL C 193 -20.50 -15.45 1.56
N LYS C 194 -20.84 -15.17 0.29
CA LYS C 194 -19.85 -15.22 -0.80
C LYS C 194 -18.78 -14.15 -0.70
N ARG C 195 -19.13 -12.96 -0.19
CA ARG C 195 -18.15 -11.89 0.02
C ARG C 195 -17.66 -11.82 1.47
N PHE C 196 -17.76 -12.92 2.22
CA PHE C 196 -17.38 -12.99 3.62
C PHE C 196 -15.98 -12.48 3.92
N ASP C 197 -14.97 -12.96 3.18
CA ASP C 197 -13.59 -12.56 3.47
C ASP C 197 -13.36 -11.05 3.41
N GLU C 198 -13.92 -10.39 2.37
CA GLU C 198 -13.76 -8.94 2.27
C GLU C 198 -14.53 -8.20 3.37
N ILE C 199 -15.66 -8.76 3.82
CA ILE C 199 -16.44 -8.14 4.89
C ILE C 199 -15.70 -8.27 6.22
N LEU C 200 -15.20 -9.46 6.53
CA LEU C 200 -14.49 -9.70 7.79
C LEU C 200 -13.26 -8.84 7.92
N GLU C 201 -12.52 -8.68 6.80
CA GLU C 201 -11.31 -7.88 6.78
C GLU C 201 -11.51 -6.46 7.33
N VAL C 202 -12.64 -5.81 7.00
CA VAL C 202 -12.90 -4.44 7.45
C VAL C 202 -13.84 -4.37 8.66
N SER C 203 -14.37 -5.50 9.15
CA SER C 203 -15.28 -5.48 10.29
C SER C 203 -14.55 -5.82 11.58
N ASP C 204 -15.14 -5.46 12.73
CA ASP C 204 -14.57 -5.89 14.01
C ASP C 204 -14.93 -7.34 14.34
N GLY C 205 -16.02 -7.82 13.77
CA GLY C 205 -16.51 -9.16 13.99
C GLY C 205 -17.74 -9.43 13.14
N ILE C 206 -18.35 -10.59 13.38
CA ILE C 206 -19.46 -11.05 12.55
C ILE C 206 -20.60 -11.60 13.40
N MET C 207 -21.84 -11.47 12.90
CA MET C 207 -22.96 -12.14 13.50
C MET C 207 -23.52 -13.07 12.40
N VAL C 208 -23.72 -14.36 12.73
CA VAL C 208 -24.35 -15.31 11.84
C VAL C 208 -25.84 -15.12 12.10
N ALA C 209 -26.47 -14.26 11.30
CA ALA C 209 -27.88 -13.88 11.49
C ALA C 209 -28.75 -14.90 10.80
N ARG C 210 -29.03 -15.99 11.51
CA ARG C 210 -29.67 -17.18 10.94
C ARG C 210 -31.13 -17.00 10.52
N GLY C 211 -31.85 -16.05 11.07
CA GLY C 211 -33.24 -15.81 10.69
C GLY C 211 -33.38 -15.48 9.22
N ASP C 212 -32.79 -14.37 8.79
CA ASP C 212 -32.81 -13.99 7.38
C ASP C 212 -31.98 -14.95 6.54
N LEU C 213 -30.82 -15.40 7.05
CA LEU C 213 -29.99 -16.34 6.30
C LEU C 213 -30.77 -17.62 5.90
N GLY C 214 -31.60 -18.12 6.80
CA GLY C 214 -32.43 -19.31 6.61
C GLY C 214 -33.59 -19.15 5.65
N ILE C 215 -33.88 -17.91 5.23
CA ILE C 215 -34.91 -17.59 4.22
C ILE C 215 -34.22 -17.22 2.88
N GLU C 216 -33.03 -16.60 2.95
CA GLU C 216 -32.27 -16.16 1.80
C GLU C 216 -31.54 -17.31 1.09
N ILE C 217 -31.11 -18.30 1.86
CA ILE C 217 -30.47 -19.50 1.31
C ILE C 217 -31.27 -20.71 1.81
N PRO C 218 -31.13 -21.90 1.19
CA PRO C 218 -31.89 -23.07 1.68
C PRO C 218 -31.63 -23.33 3.17
N ALA C 219 -32.69 -23.61 3.92
CA ALA C 219 -32.62 -23.81 5.36
C ALA C 219 -31.61 -24.89 5.75
N GLU C 220 -31.48 -25.94 4.93
CA GLU C 220 -30.56 -27.06 5.17
C GLU C 220 -29.08 -26.69 4.95
N LYS C 221 -28.79 -25.47 4.48
CA LYS C 221 -27.42 -25.03 4.24
C LYS C 221 -26.92 -24.05 5.34
N VAL C 222 -27.81 -23.52 6.19
CA VAL C 222 -27.41 -22.55 7.21
C VAL C 222 -26.29 -23.06 8.11
N PHE C 223 -26.33 -24.34 8.54
CA PHE C 223 -25.26 -24.88 9.39
C PHE C 223 -23.88 -24.80 8.74
N LEU C 224 -23.81 -24.92 7.39
CA LEU C 224 -22.53 -24.84 6.68
C LEU C 224 -22.01 -23.43 6.75
N ALA C 225 -22.89 -22.42 6.52
CA ALA C 225 -22.50 -21.02 6.56
C ALA C 225 -22.08 -20.66 8.00
N GLN C 226 -22.82 -21.15 8.99
CA GLN C 226 -22.48 -20.88 10.40
C GLN C 226 -21.09 -21.44 10.75
N LYS C 227 -20.86 -22.72 10.44
CA LYS C 227 -19.60 -23.35 10.79
C LYS C 227 -18.43 -22.73 10.05
N MET C 228 -18.63 -22.37 8.77
CA MET C 228 -17.58 -21.74 7.97
C MET C 228 -17.23 -20.35 8.55
N MET C 229 -18.24 -19.51 8.83
CA MET C 229 -17.99 -18.16 9.33
C MET C 229 -17.37 -18.17 10.70
N ILE C 230 -17.80 -19.09 11.59
CA ILE C 230 -17.19 -19.21 12.90
C ILE C 230 -15.73 -19.64 12.77
N GLY C 231 -15.45 -20.63 11.93
CA GLY C 231 -14.09 -21.09 11.70
C GLY C 231 -13.19 -19.98 11.16
N ARG C 232 -13.69 -19.21 10.17
CA ARG C 232 -12.90 -18.11 9.61
C ARG C 232 -12.67 -16.98 10.61
N CYS C 233 -13.67 -16.67 11.46
CA CYS C 233 -13.50 -15.66 12.50
C CYS C 233 -12.51 -16.12 13.53
N ASN C 234 -12.54 -17.42 13.91
CA ASN C 234 -11.58 -17.98 14.87
C ASN C 234 -10.17 -17.87 14.31
N LEU C 235 -10.01 -18.15 13.02
CA LEU C 235 -8.71 -18.05 12.36
C LEU C 235 -8.22 -16.60 12.32
N ALA C 236 -9.11 -15.66 12.07
CA ALA C 236 -8.79 -14.22 12.04
C ALA C 236 -8.63 -13.58 13.44
N GLY C 237 -9.07 -14.26 14.47
CA GLY C 237 -9.02 -13.74 15.84
C GLY C 237 -10.02 -12.63 16.05
N LYS C 238 -11.19 -12.71 15.38
CA LYS C 238 -12.21 -11.70 15.51
C LYS C 238 -13.50 -12.30 16.08
N PRO C 239 -14.24 -11.54 16.91
CA PRO C 239 -15.45 -12.10 17.53
C PRO C 239 -16.54 -12.53 16.56
N VAL C 240 -17.21 -13.63 16.88
CA VAL C 240 -18.30 -14.14 16.05
C VAL C 240 -19.46 -14.46 16.96
N VAL C 241 -20.67 -14.05 16.55
CA VAL C 241 -21.87 -14.27 17.32
C VAL C 241 -22.74 -15.27 16.60
N CYS C 242 -23.32 -16.24 17.34
CA CYS C 242 -24.32 -17.09 16.77
C CYS C 242 -25.67 -16.54 17.20
N ALA C 243 -26.61 -16.36 16.25
CA ALA C 243 -27.88 -15.74 16.60
C ALA C 243 -29.09 -16.42 16.00
N THR C 244 -30.27 -16.20 16.64
CA THR C 244 -31.64 -16.43 16.19
C THR C 244 -32.16 -17.85 16.35
N GLN C 245 -33.29 -17.95 17.08
CA GLN C 245 -34.06 -19.16 17.33
C GLN C 245 -33.30 -20.21 18.12
N MET C 246 -32.25 -19.81 18.87
CA MET C 246 -31.46 -20.76 19.67
C MET C 246 -32.32 -21.46 20.73
N LEU C 247 -33.21 -20.72 21.40
CA LEU C 247 -34.12 -21.27 22.42
C LEU C 247 -35.55 -20.82 22.10
N GLU C 248 -35.92 -20.76 20.82
CA GLU C 248 -37.20 -20.25 20.31
C GLU C 248 -38.43 -20.68 21.09
N SER C 249 -38.60 -21.97 21.37
CA SER C 249 -39.77 -22.46 22.10
C SER C 249 -39.93 -21.83 23.48
N MET C 250 -38.84 -21.31 24.08
CA MET C 250 -38.91 -20.66 25.39
C MET C 250 -39.64 -19.29 25.37
N ILE C 251 -40.09 -18.83 24.18
CA ILE C 251 -40.91 -17.62 24.10
C ILE C 251 -42.27 -17.92 24.82
N THR C 252 -42.79 -19.17 24.69
CA THR C 252 -44.03 -19.54 25.36
C THR C 252 -43.86 -20.65 26.39
N LYS C 253 -42.77 -21.44 26.33
CA LYS C 253 -42.58 -22.58 27.26
C LYS C 253 -41.47 -22.37 28.27
N PRO C 254 -41.61 -22.89 29.49
CA PRO C 254 -40.57 -22.69 30.52
C PRO C 254 -39.27 -23.46 30.30
N ARG C 255 -39.30 -24.51 29.45
CA ARG C 255 -38.14 -25.34 29.17
C ARG C 255 -37.95 -25.45 27.66
N PRO C 256 -36.69 -25.52 27.20
CA PRO C 256 -36.46 -25.62 25.76
C PRO C 256 -36.58 -27.02 25.19
N THR C 257 -36.57 -27.16 23.87
CA THR C 257 -36.59 -28.47 23.22
C THR C 257 -35.17 -29.09 23.26
N ARG C 258 -35.06 -30.39 22.92
CA ARG C 258 -33.78 -31.06 22.86
C ARG C 258 -32.93 -30.50 21.72
N ALA C 259 -33.55 -30.04 20.63
CA ALA C 259 -32.82 -29.44 19.51
C ALA C 259 -32.23 -28.09 19.90
N GLU C 260 -32.94 -27.32 20.74
CA GLU C 260 -32.51 -26.02 21.19
C GLU C 260 -31.30 -26.08 22.12
N THR C 261 -31.30 -26.99 23.11
CA THR C 261 -30.12 -27.10 23.99
C THR C 261 -28.91 -27.58 23.19
N SER C 262 -29.15 -28.51 22.24
CA SER C 262 -28.07 -29.00 21.39
C SER C 262 -27.52 -27.84 20.52
N ASP C 263 -28.40 -27.00 19.97
CA ASP C 263 -27.98 -25.87 19.14
C ASP C 263 -27.06 -24.90 19.91
N VAL C 264 -27.42 -24.60 21.17
CA VAL C 264 -26.60 -23.73 21.99
C VAL C 264 -25.22 -24.35 22.24
N ALA C 265 -25.20 -25.62 22.67
CA ALA C 265 -23.94 -26.34 22.92
C ALA C 265 -23.06 -26.41 21.68
N ASN C 266 -23.67 -26.70 20.53
CA ASN C 266 -22.93 -26.81 19.28
C ASN C 266 -22.42 -25.48 18.77
N ALA C 267 -23.11 -24.34 19.07
CA ALA C 267 -22.57 -23.03 18.67
C ALA C 267 -21.27 -22.76 19.45
N VAL C 268 -21.24 -23.14 20.73
CA VAL C 268 -20.03 -22.98 21.57
C VAL C 268 -18.93 -23.92 21.06
N LEU C 269 -19.27 -25.19 20.80
CA LEU C 269 -18.27 -26.15 20.26
C LEU C 269 -17.76 -25.75 18.87
N ASP C 270 -18.61 -25.07 18.07
CA ASP C 270 -18.20 -24.56 16.75
C ASP C 270 -17.10 -23.51 16.88
N GLY C 271 -17.13 -22.72 17.97
CA GLY C 271 -16.16 -21.67 18.26
C GLY C 271 -16.75 -20.29 18.44
N ALA C 272 -18.09 -20.20 18.61
CA ALA C 272 -18.72 -18.86 18.78
C ALA C 272 -18.23 -18.13 20.03
N ASP C 273 -17.93 -16.85 19.90
CA ASP C 273 -17.55 -16.02 21.02
C ASP C 273 -18.77 -15.61 21.84
N CYS C 274 -19.90 -15.38 21.16
CA CYS C 274 -21.16 -14.96 21.80
C CYS C 274 -22.30 -15.78 21.27
N ILE C 275 -23.33 -15.94 22.09
CA ILE C 275 -24.61 -16.54 21.72
C ILE C 275 -25.69 -15.48 22.01
N MET C 276 -26.80 -15.55 21.29
CA MET C 276 -27.82 -14.52 21.38
C MET C 276 -29.22 -15.02 21.61
N LEU C 277 -30.04 -14.16 22.23
CA LEU C 277 -31.47 -14.38 22.46
C LEU C 277 -32.18 -13.17 21.86
N SER C 278 -33.27 -13.42 21.11
CA SER C 278 -34.02 -12.36 20.47
C SER C 278 -35.42 -12.29 21.10
N GLY C 279 -36.45 -12.84 20.44
CA GLY C 279 -37.82 -12.90 20.94
C GLY C 279 -37.90 -13.55 22.30
N GLU C 280 -36.96 -14.50 22.60
CA GLU C 280 -36.85 -15.17 23.90
C GLU C 280 -36.79 -14.19 25.05
N THR C 281 -36.06 -13.09 24.86
CA THR C 281 -35.91 -12.09 25.92
C THR C 281 -36.69 -10.79 25.63
N ALA C 282 -36.97 -10.51 24.34
CA ALA C 282 -37.65 -9.28 23.97
C ALA C 282 -39.16 -9.33 24.22
N LYS C 283 -39.81 -10.44 23.89
CA LYS C 283 -41.28 -10.54 24.05
C LYS C 283 -41.78 -11.80 24.76
N GLY C 284 -40.89 -12.74 25.05
CA GLY C 284 -41.30 -14.01 25.62
C GLY C 284 -41.73 -13.98 27.07
N ASN C 285 -42.35 -15.07 27.51
CA ASN C 285 -42.84 -15.21 28.88
C ASN C 285 -41.77 -15.60 29.88
N PHE C 286 -40.58 -16.05 29.40
CA PHE C 286 -39.52 -16.51 30.32
C PHE C 286 -38.14 -15.90 29.98
N PRO C 287 -37.99 -14.56 29.93
CA PRO C 287 -36.70 -13.97 29.55
C PRO C 287 -35.54 -14.35 30.46
N VAL C 288 -35.74 -14.35 31.79
CA VAL C 288 -34.68 -14.68 32.73
C VAL C 288 -34.28 -16.16 32.62
N GLU C 289 -35.27 -17.03 32.45
CA GLU C 289 -35.03 -18.47 32.31
C GLU C 289 -34.26 -18.79 31.02
N ALA C 290 -34.50 -18.02 29.95
CA ALA C 290 -33.79 -18.21 28.68
C ALA C 290 -32.30 -17.85 28.86
N VAL C 291 -32.02 -16.77 29.61
CA VAL C 291 -30.64 -16.38 29.89
C VAL C 291 -29.97 -17.46 30.76
N LYS C 292 -30.68 -17.95 31.78
CA LYS C 292 -30.16 -18.98 32.68
C LYS C 292 -29.84 -20.26 31.92
N MET C 293 -30.70 -20.62 30.96
CA MET C 293 -30.49 -21.81 30.15
C MET C 293 -29.25 -21.69 29.26
N GLN C 294 -29.06 -20.52 28.60
CA GLN C 294 -27.86 -20.33 27.78
C GLN C 294 -26.60 -20.37 28.64
N HIS C 295 -26.66 -19.77 29.85
CA HIS C 295 -25.50 -19.78 30.76
C HIS C 295 -25.13 -21.24 31.13
N ALA C 296 -26.15 -22.02 31.51
CA ALA C 296 -25.96 -23.41 31.94
C ALA C 296 -25.38 -24.28 30.82
N ILE C 297 -25.93 -24.15 29.60
CA ILE C 297 -25.43 -24.93 28.47
C ILE C 297 -24.00 -24.50 28.07
N ALA C 298 -23.75 -23.18 27.93
CA ALA C 298 -22.43 -22.69 27.52
C ALA C 298 -21.33 -23.16 28.44
N ARG C 299 -21.58 -23.17 29.74
CA ARG C 299 -20.58 -23.61 30.70
C ARG C 299 -20.23 -25.10 30.50
N GLU C 300 -21.22 -25.94 30.26
CA GLU C 300 -21.00 -27.36 30.00
C GLU C 300 -20.24 -27.56 28.69
N ALA C 301 -20.64 -26.81 27.64
CA ALA C 301 -20.02 -26.92 26.31
C ALA C 301 -18.58 -26.44 26.27
N GLU C 302 -18.28 -25.39 27.03
CA GLU C 302 -16.91 -24.87 27.08
C GLU C 302 -15.93 -25.88 27.66
N ALA C 303 -16.35 -26.61 28.70
CA ALA C 303 -15.51 -27.64 29.30
C ALA C 303 -15.28 -28.81 28.33
N ALA C 304 -16.26 -29.08 27.45
CA ALA C 304 -16.21 -30.14 26.43
C ALA C 304 -15.38 -29.78 25.19
N VAL C 305 -14.88 -28.55 25.07
CA VAL C 305 -14.04 -28.15 23.93
C VAL C 305 -12.74 -28.99 23.96
N TYR C 306 -12.29 -29.52 22.82
CA TYR C 306 -11.08 -30.32 22.74
C TYR C 306 -9.90 -29.38 22.49
N HIS C 307 -9.44 -28.70 23.55
CA HIS C 307 -8.37 -27.73 23.50
C HIS C 307 -7.09 -28.24 22.88
N ARG C 308 -6.77 -29.53 23.08
CA ARG C 308 -5.53 -30.08 22.53
C ARG C 308 -5.44 -29.91 21.02
N GLN C 309 -6.54 -30.20 20.30
CA GLN C 309 -6.54 -30.05 18.85
C GLN C 309 -6.75 -28.59 18.48
N LEU C 310 -7.67 -27.89 19.15
CA LEU C 310 -7.95 -26.50 18.87
C LEU C 310 -6.70 -25.61 18.95
N PHE C 311 -5.95 -25.72 20.06
CA PHE C 311 -4.74 -24.93 20.24
C PHE C 311 -3.69 -25.24 19.19
N GLU C 312 -3.49 -26.53 18.90
CA GLU C 312 -2.53 -27.01 17.90
C GLU C 312 -2.89 -26.43 16.52
N GLU C 313 -4.17 -26.48 16.14
CA GLU C 313 -4.60 -25.97 14.86
C GLU C 313 -4.58 -24.46 14.76
N LEU C 314 -4.96 -23.74 15.83
CA LEU C 314 -4.92 -22.27 15.83
C LEU C 314 -3.45 -21.82 15.70
N ARG C 315 -2.52 -22.52 16.37
CA ARG C 315 -1.10 -22.20 16.27
C ARG C 315 -0.56 -22.48 14.86
N ARG C 316 -0.85 -23.65 14.29
CA ARG C 316 -0.39 -24.03 12.94
C ARG C 316 -0.93 -23.09 11.85
N ALA C 317 -2.19 -22.68 11.96
CA ALA C 317 -2.81 -21.83 10.94
C ALA C 317 -2.46 -20.36 11.08
N ALA C 318 -2.14 -19.91 12.32
CA ALA C 318 -1.80 -18.51 12.53
C ALA C 318 -0.40 -18.29 11.98
N PRO C 319 -0.21 -17.21 11.22
CA PRO C 319 1.12 -16.96 10.66
C PRO C 319 2.11 -16.50 11.73
N LEU C 320 3.41 -16.57 11.41
CA LEU C 320 4.46 -16.05 12.29
C LEU C 320 4.22 -14.54 12.48
N SER C 321 4.60 -14.02 13.63
CA SER C 321 4.35 -12.61 13.91
C SER C 321 5.50 -11.98 14.62
N ARG C 322 5.82 -10.75 14.28
CA ARG C 322 6.82 -9.99 15.00
C ARG C 322 6.16 -8.91 15.90
N ASP C 323 4.83 -8.96 16.10
CA ASP C 323 4.12 -8.06 16.97
C ASP C 323 4.30 -8.63 18.39
N PRO C 324 4.91 -7.87 19.30
CA PRO C 324 5.15 -8.42 20.65
C PRO C 324 3.88 -8.76 21.43
N THR C 325 2.74 -8.09 21.17
CA THR C 325 1.50 -8.44 21.88
C THR C 325 1.05 -9.85 21.48
N GLU C 326 1.15 -10.15 20.16
CA GLU C 326 0.78 -11.46 19.62
CA GLU C 326 0.78 -11.46 19.61
C GLU C 326 1.74 -12.54 20.11
N VAL C 327 3.04 -12.25 20.14
CA VAL C 327 4.04 -13.20 20.59
C VAL C 327 3.85 -13.50 22.09
N THR C 328 3.58 -12.45 22.88
CA THR C 328 3.37 -12.61 24.32
C THR C 328 2.12 -13.42 24.58
N ALA C 329 1.05 -13.16 23.80
CA ALA C 329 -0.21 -13.86 23.99
C ALA C 329 -0.10 -15.36 23.80
N ILE C 330 0.60 -15.81 22.74
CA ILE C 330 0.74 -17.25 22.51
C ILE C 330 1.61 -17.89 23.59
N GLY C 331 2.66 -17.21 24.03
CA GLY C 331 3.50 -17.68 25.12
C GLY C 331 2.72 -17.82 26.40
N ALA C 332 1.87 -16.82 26.73
CA ALA C 332 1.05 -16.84 27.94
C ALA C 332 0.02 -17.95 27.91
N VAL C 333 -0.60 -18.18 26.75
CA VAL C 333 -1.62 -19.24 26.63
C VAL C 333 -0.95 -20.63 26.76
N GLU C 334 0.25 -20.78 26.19
CA GLU C 334 1.01 -22.02 26.31
CA GLU C 334 1.01 -22.02 26.31
C GLU C 334 1.37 -22.26 27.78
N ALA C 335 1.83 -21.22 28.48
CA ALA C 335 2.20 -21.29 29.89
C ALA C 335 0.98 -21.63 30.76
N ALA C 336 -0.18 -21.02 30.46
CA ALA C 336 -1.40 -21.32 31.21
C ALA C 336 -1.80 -22.81 31.08
N PHE C 337 -1.71 -23.37 29.86
CA PHE C 337 -2.01 -24.79 29.66
C PHE C 337 -1.01 -25.69 30.41
N LYS C 338 0.27 -25.33 30.44
CA LYS C 338 1.30 -26.12 31.11
C LYS C 338 1.04 -26.31 32.61
N CYS C 339 0.53 -25.28 33.29
CA CYS C 339 0.29 -25.35 34.72
C CYS C 339 -1.16 -25.40 35.13
N CYS C 340 -2.11 -25.55 34.18
CA CYS C 340 -3.55 -25.52 34.48
C CYS C 340 -3.89 -24.21 35.21
N ALA C 341 -3.33 -23.09 34.74
CA ALA C 341 -3.47 -21.78 35.43
C ALA C 341 -4.90 -21.45 35.67
N ALA C 342 -5.15 -20.91 36.86
CA ALA C 342 -6.50 -20.55 37.24
C ALA C 342 -7.00 -19.36 36.38
N ALA C 343 -6.09 -18.47 35.96
CA ALA C 343 -6.43 -17.29 35.15
C ALA C 343 -5.18 -16.72 34.48
N ILE C 344 -5.40 -15.90 33.43
CA ILE C 344 -4.41 -15.07 32.80
C ILE C 344 -4.89 -13.65 33.09
N ILE C 345 -4.13 -12.86 33.86
CA ILE C 345 -4.50 -11.50 34.18
C ILE C 345 -3.77 -10.59 33.22
N VAL C 346 -4.51 -9.78 32.46
CA VAL C 346 -3.91 -8.92 31.46
C VAL C 346 -4.30 -7.47 31.70
N LEU C 347 -3.32 -6.59 31.57
CA LEU C 347 -3.58 -5.14 31.64
C LEU C 347 -3.84 -4.68 30.21
N THR C 348 -4.98 -4.03 29.98
CA THR C 348 -5.33 -3.54 28.64
C THR C 348 -6.10 -2.22 28.69
N THR C 349 -5.83 -1.31 27.74
CA THR C 349 -6.56 -0.04 27.67
C THR C 349 -7.60 -0.10 26.56
N THR C 350 -7.25 -0.68 25.42
CA THR C 350 -8.19 -0.82 24.30
C THR C 350 -8.94 -2.14 24.31
N GLY C 351 -8.40 -3.14 25.01
CA GLY C 351 -8.95 -4.49 24.99
C GLY C 351 -8.14 -5.42 24.10
N ARG C 352 -7.31 -4.89 23.21
CA ARG C 352 -6.54 -5.66 22.23
C ARG C 352 -5.67 -6.78 22.82
N SER C 353 -4.95 -6.52 23.90
CA SER C 353 -4.11 -7.56 24.51
C SER C 353 -4.98 -8.75 25.00
N ALA C 354 -6.19 -8.47 25.50
CA ALA C 354 -7.10 -9.53 25.96
C ALA C 354 -7.66 -10.28 24.75
N GLN C 355 -7.96 -9.56 23.67
CA GLN C 355 -8.48 -10.19 22.45
C GLN C 355 -7.44 -11.17 21.84
N LEU C 356 -6.15 -10.79 21.86
CA LEU C 356 -5.10 -11.66 21.31
C LEU C 356 -4.87 -12.90 22.19
N LEU C 357 -5.19 -12.83 23.49
CA LEU C 357 -5.12 -14.01 24.35
C LEU C 357 -6.33 -14.92 24.01
N SER C 358 -7.51 -14.31 23.90
CA SER C 358 -8.76 -14.99 23.62
C SER C 358 -8.71 -15.80 22.29
N ARG C 359 -8.02 -15.28 21.27
CA ARG C 359 -7.94 -15.95 19.97
C ARG C 359 -7.30 -17.34 20.03
N TYR C 360 -6.44 -17.59 21.06
CA TYR C 360 -5.83 -18.91 21.25
C TYR C 360 -6.63 -19.85 22.10
N ARG C 361 -7.82 -19.42 22.53
CA ARG C 361 -8.78 -20.20 23.28
C ARG C 361 -8.20 -20.90 24.49
N PRO C 362 -7.62 -20.14 25.45
CA PRO C 362 -7.13 -20.79 26.67
C PRO C 362 -8.29 -21.32 27.50
N ARG C 363 -8.04 -22.38 28.26
CA ARG C 363 -9.03 -22.85 29.22
C ARG C 363 -9.05 -21.86 30.41
N ALA C 364 -7.88 -21.25 30.74
CA ALA C 364 -7.79 -20.28 31.83
C ALA C 364 -8.61 -19.04 31.50
N ALA C 365 -9.36 -18.52 32.48
CA ALA C 365 -10.10 -17.27 32.32
C ALA C 365 -9.14 -16.13 32.03
N VAL C 366 -9.48 -15.23 31.12
CA VAL C 366 -8.64 -14.06 30.83
C VAL C 366 -9.27 -12.89 31.61
N ILE C 367 -8.63 -12.48 32.71
CA ILE C 367 -9.15 -11.40 33.54
C ILE C 367 -8.51 -10.12 33.02
N ALA C 368 -9.33 -9.26 32.40
CA ALA C 368 -8.80 -8.03 31.79
C ALA C 368 -9.02 -6.83 32.67
N VAL C 369 -7.94 -6.22 33.15
CA VAL C 369 -8.02 -5.05 34.00
C VAL C 369 -7.83 -3.81 33.13
N THR C 370 -8.82 -2.91 33.16
CA THR C 370 -8.77 -1.72 32.33
C THR C 370 -9.32 -0.51 33.02
N ARG C 371 -8.82 0.68 32.67
CA ARG C 371 -9.41 1.93 33.16
C ARG C 371 -10.51 2.41 32.20
N SER C 372 -10.57 1.87 30.98
CA SER C 372 -11.59 2.27 30.01
C SER C 372 -12.90 1.52 30.24
N ALA C 373 -13.96 2.22 30.61
CA ALA C 373 -15.28 1.60 30.82
C ALA C 373 -15.82 1.05 29.47
N GLN C 374 -15.49 1.73 28.36
CA GLN C 374 -15.92 1.29 27.05
C GLN C 374 -15.21 -0.03 26.71
N ALA C 375 -13.86 -0.10 26.92
CA ALA C 375 -13.15 -1.34 26.60
C ALA C 375 -13.63 -2.48 27.50
N ALA C 376 -13.97 -2.19 28.76
CA ALA C 376 -14.50 -3.19 29.69
C ALA C 376 -15.82 -3.79 29.17
N ARG C 377 -16.70 -2.93 28.62
CA ARG C 377 -17.96 -3.41 28.08
C ARG C 377 -17.70 -4.17 26.74
N GLN C 378 -16.85 -3.62 25.85
CA GLN C 378 -16.61 -4.21 24.53
C GLN C 378 -15.89 -5.56 24.53
N VAL C 379 -15.03 -5.83 25.53
CA VAL C 379 -14.31 -7.11 25.56
C VAL C 379 -15.21 -8.30 25.83
N HIS C 380 -16.50 -8.09 26.20
CA HIS C 380 -17.46 -9.15 26.31
C HIS C 380 -17.64 -9.86 24.92
N LEU C 381 -17.28 -9.20 23.81
CA LEU C 381 -17.36 -9.81 22.48
C LEU C 381 -16.36 -10.97 22.32
N CYS C 382 -15.29 -11.02 23.13
CA CYS C 382 -14.23 -12.03 23.01
C CYS C 382 -14.40 -13.11 24.03
N ARG C 383 -14.50 -14.37 23.57
CA ARG C 383 -14.70 -15.48 24.49
C ARG C 383 -13.64 -15.55 25.59
N GLY C 384 -14.09 -15.77 26.80
CA GLY C 384 -13.21 -16.00 27.93
C GLY C 384 -12.57 -14.77 28.53
N VAL C 385 -13.04 -13.58 28.14
CA VAL C 385 -12.49 -12.34 28.72
C VAL C 385 -13.45 -11.82 29.77
N PHE C 386 -12.96 -11.66 31.00
CA PHE C 386 -13.74 -11.21 32.15
C PHE C 386 -13.25 -9.80 32.51
N PRO C 387 -14.02 -8.78 32.12
CA PRO C 387 -13.56 -7.41 32.35
C PRO C 387 -13.70 -6.90 33.78
N LEU C 388 -12.65 -6.24 34.26
CA LEU C 388 -12.66 -5.58 35.57
C LEU C 388 -12.34 -4.11 35.33
N LEU C 389 -13.31 -3.23 35.58
CA LEU C 389 -13.09 -1.79 35.41
C LEU C 389 -12.33 -1.24 36.64
N TYR C 390 -11.16 -0.65 36.43
CA TYR C 390 -10.29 -0.11 37.46
C TYR C 390 -10.48 1.42 37.54
N ARG C 391 -10.74 1.96 38.72
CA ARG C 391 -11.05 3.37 38.88
C ARG C 391 -10.14 4.11 39.87
N GLU C 392 -9.07 3.47 40.35
CA GLU C 392 -8.17 4.12 41.30
C GLU C 392 -7.39 5.19 40.61
N PRO C 393 -7.03 6.28 41.31
CA PRO C 393 -6.24 7.33 40.65
C PRO C 393 -4.83 6.81 40.31
N PRO C 394 -4.27 7.28 39.19
CA PRO C 394 -2.94 6.80 38.76
C PRO C 394 -1.84 7.09 39.74
N GLU C 395 -0.97 6.11 40.00
CA GLU C 395 0.19 6.26 40.86
C GLU C 395 1.25 7.07 40.10
N ALA C 396 2.07 7.82 40.84
CA ALA C 396 3.16 8.61 40.28
C ALA C 396 4.24 7.67 39.73
N ILE C 397 4.51 6.55 40.41
CA ILE C 397 5.48 5.58 39.94
C ILE C 397 4.71 4.54 39.11
N TRP C 398 5.01 4.47 37.82
CA TRP C 398 4.26 3.63 36.90
C TRP C 398 4.30 2.14 37.29
N ALA C 399 5.45 1.61 37.72
CA ALA C 399 5.54 0.23 38.17
C ALA C 399 4.59 -0.04 39.35
N ASP C 400 4.40 0.96 40.26
CA ASP C 400 3.45 0.79 41.36
C ASP C 400 2.01 0.75 40.84
N ASP C 401 1.70 1.54 39.83
CA ASP C 401 0.35 1.57 39.24
C ASP C 401 0.05 0.22 38.56
N VAL C 402 1.06 -0.38 37.92
CA VAL C 402 0.94 -1.69 37.27
C VAL C 402 0.72 -2.73 38.35
N ASP C 403 1.55 -2.72 39.43
CA ASP C 403 1.39 -3.68 40.51
C ASP C 403 0.05 -3.58 41.19
N ARG C 404 -0.46 -2.37 41.38
CA ARG C 404 -1.76 -2.19 42.00
C ARG C 404 -2.86 -2.82 41.14
N ARG C 405 -2.75 -2.71 39.82
CA ARG C 405 -3.76 -3.29 38.93
C ARG C 405 -3.70 -4.80 38.84
N VAL C 406 -2.49 -5.35 38.88
CA VAL C 406 -2.32 -6.80 38.89
C VAL C 406 -2.92 -7.38 40.19
N GLN C 407 -2.62 -6.74 41.35
CA GLN C 407 -3.20 -7.16 42.61
C GLN C 407 -4.71 -6.98 42.67
N PHE C 408 -5.24 -5.95 41.99
CA PHE C 408 -6.68 -5.75 41.89
C PHE C 408 -7.33 -6.93 41.12
N GLY C 409 -6.69 -7.38 40.06
CA GLY C 409 -7.14 -8.54 39.29
C GLY C 409 -7.11 -9.80 40.16
N ILE C 410 -6.06 -9.97 40.97
CA ILE C 410 -5.95 -11.11 41.86
C ILE C 410 -7.01 -11.09 42.97
N GLU C 411 -7.20 -9.95 43.64
CA GLU C 411 -8.16 -9.84 44.73
C GLU C 411 -9.58 -9.94 44.23
N SER C 412 -9.87 -9.43 43.01
CA SER C 412 -11.20 -9.61 42.41
C SER C 412 -11.42 -11.10 42.09
N GLY C 413 -10.38 -11.76 41.58
CA GLY C 413 -10.40 -13.18 41.22
C GLY C 413 -10.67 -14.06 42.43
N LYS C 414 -10.02 -13.73 43.56
CA LYS C 414 -10.22 -14.41 44.85
C LYS C 414 -11.69 -14.22 45.31
N LEU C 415 -12.21 -12.98 45.28
CA LEU C 415 -13.56 -12.67 45.73
C LEU C 415 -14.63 -13.35 44.86
N ARG C 416 -14.37 -13.45 43.56
CA ARG C 416 -15.33 -14.05 42.63
C ARG C 416 -15.26 -15.57 42.51
N GLY C 417 -14.24 -16.19 43.06
CA GLY C 417 -14.10 -17.65 42.97
C GLY C 417 -13.18 -18.19 41.88
N PHE C 418 -12.56 -17.31 41.07
CA PHE C 418 -11.59 -17.71 40.01
C PHE C 418 -10.27 -18.23 40.62
N LEU C 419 -9.82 -17.64 41.74
CA LEU C 419 -8.50 -17.90 42.31
C LEU C 419 -8.51 -18.15 43.80
N ARG C 420 -7.54 -18.91 44.27
CA ARG C 420 -7.30 -19.21 45.69
C ARG C 420 -5.79 -19.10 45.94
N VAL C 421 -5.38 -18.92 47.19
CA VAL C 421 -3.98 -18.89 47.58
C VAL C 421 -3.31 -20.22 47.19
N GLY C 422 -2.15 -20.16 46.57
CA GLY C 422 -1.48 -21.35 46.08
C GLY C 422 -1.68 -21.59 44.59
N ASP C 423 -2.70 -20.96 43.99
CA ASP C 423 -2.94 -21.09 42.54
C ASP C 423 -1.82 -20.43 41.73
N LEU C 424 -1.66 -20.86 40.49
CA LEU C 424 -0.74 -20.21 39.57
C LEU C 424 -1.58 -19.40 38.60
N VAL C 425 -1.12 -18.18 38.33
CA VAL C 425 -1.73 -17.29 37.35
C VAL C 425 -0.63 -16.79 36.39
N ILE C 426 -1.04 -16.50 35.18
CA ILE C 426 -0.15 -15.93 34.19
C ILE C 426 -0.50 -14.45 34.12
N VAL C 427 0.47 -13.58 34.20
CA VAL C 427 0.26 -12.15 34.18
C VAL C 427 0.87 -11.55 32.95
N VAL C 428 0.09 -10.79 32.20
CA VAL C 428 0.50 -10.17 30.96
C VAL C 428 0.45 -8.64 31.04
N THR C 429 1.62 -8.02 30.84
CA THR C 429 1.81 -6.57 30.90
C THR C 429 2.74 -6.12 29.74
N GLY C 430 3.02 -4.82 29.65
CA GLY C 430 3.97 -4.23 28.71
C GLY C 430 5.11 -3.57 29.46
N TRP C 431 6.12 -3.12 28.73
CA TRP C 431 7.32 -2.52 29.32
C TRP C 431 7.22 -1.02 29.62
N ARG C 432 6.22 -0.35 29.05
CA ARG C 432 6.01 1.07 29.25
C ARG C 432 4.49 1.40 29.15
N PRO C 433 4.05 2.56 29.67
CA PRO C 433 2.60 2.89 29.62
C PRO C 433 2.13 3.23 28.21
N GLY C 434 0.83 3.16 28.02
CA GLY C 434 0.21 3.41 26.74
C GLY C 434 -0.12 2.10 26.07
N SER C 435 -1.17 2.13 25.28
CA SER C 435 -1.58 0.98 24.50
C SER C 435 -0.51 0.63 23.45
N GLY C 436 -0.45 -0.66 23.09
CA GLY C 436 0.42 -1.18 22.03
C GLY C 436 1.80 -1.68 22.40
N TYR C 437 2.12 -1.74 23.70
CA TYR C 437 3.45 -2.18 24.15
C TYR C 437 3.48 -3.48 24.93
N THR C 438 2.41 -4.28 24.95
CA THR C 438 2.42 -5.56 25.68
C THR C 438 3.58 -6.47 25.19
N ASN C 439 4.44 -6.90 26.10
CA ASN C 439 5.59 -7.72 25.75
C ASN C 439 6.09 -8.60 26.92
N ILE C 440 5.30 -8.72 27.99
CA ILE C 440 5.76 -9.45 29.18
C ILE C 440 4.78 -10.45 29.67
N MET C 441 5.29 -11.62 29.97
CA MET C 441 4.49 -12.67 30.55
C MET C 441 5.21 -13.13 31.82
N ARG C 442 4.48 -13.20 32.94
CA ARG C 442 5.04 -13.68 34.19
C ARG C 442 4.17 -14.79 34.76
N VAL C 443 4.77 -15.70 35.53
CA VAL C 443 4.08 -16.77 36.27
C VAL C 443 4.15 -16.26 37.74
N LEU C 444 3.03 -16.00 38.48
CA LEU C 444 3.17 -15.36 39.81
CA LEU C 444 3.18 -15.34 39.80
C LEU C 444 3.21 -16.20 41.12
N SER C 445 2.22 -17.04 41.32
CA SER C 445 1.82 -17.82 42.50
CA SER C 445 1.84 -17.81 42.51
C SER C 445 1.03 -16.93 43.46
N ILE C 446 -0.26 -17.22 43.61
CA ILE C 446 -1.15 -16.43 44.42
C ILE C 446 -0.85 -16.52 45.92
N SER C 447 -0.64 -15.36 46.55
CA SER C 447 -0.42 -15.29 47.99
C SER C 447 -1.54 -14.50 48.66
N GLY D 23 12.68 -10.63 4.98
CA GLY D 23 13.04 -10.85 3.58
C GLY D 23 12.84 -12.26 3.10
N THR D 24 12.78 -12.43 1.78
CA THR D 24 12.61 -13.76 1.18
C THR D 24 13.87 -14.63 1.36
N ALA D 25 15.05 -14.00 1.38
CA ALA D 25 16.32 -14.71 1.58
C ALA D 25 16.37 -15.41 2.93
N PHE D 26 15.78 -14.79 3.97
CA PHE D 26 15.73 -15.35 5.32
C PHE D 26 15.01 -16.70 5.31
N PHE D 27 13.88 -16.77 4.61
CA PHE D 27 13.09 -17.99 4.54
C PHE D 27 13.65 -19.10 3.62
N GLN D 28 14.78 -18.83 2.95
CA GLN D 28 15.43 -19.86 2.13
C GLN D 28 16.61 -20.53 2.89
N GLN D 29 17.15 -19.86 3.94
CA GLN D 29 18.25 -20.36 4.75
C GLN D 29 17.77 -21.30 5.86
N GLN D 30 18.74 -21.94 6.58
CA GLN D 30 18.56 -22.85 7.71
C GLN D 30 17.42 -23.85 7.55
N GLN D 31 17.28 -24.41 6.34
CA GLN D 31 16.28 -25.40 5.99
C GLN D 31 14.87 -24.98 6.36
N LEU D 32 14.58 -23.66 6.30
CA LEU D 32 13.23 -23.15 6.62
C LEU D 32 12.16 -23.69 5.65
N PRO D 33 12.40 -23.88 4.33
CA PRO D 33 11.37 -24.53 3.50
C PRO D 33 11.03 -25.94 4.01
N ALA D 34 12.03 -26.73 4.43
CA ALA D 34 11.78 -28.07 4.98
C ALA D 34 11.11 -28.00 6.36
N ALA D 35 11.38 -26.93 7.13
CA ALA D 35 10.79 -26.72 8.44
C ALA D 35 9.27 -26.50 8.37
N MET D 36 8.79 -25.91 7.29
CA MET D 36 7.37 -25.62 7.14
C MET D 36 6.54 -26.79 6.61
N ALA D 37 7.18 -27.91 6.25
CA ALA D 37 6.47 -29.05 5.69
C ALA D 37 5.43 -29.64 6.63
N ASP D 38 4.36 -30.18 6.06
CA ASP D 38 3.26 -30.74 6.84
C ASP D 38 3.46 -32.18 7.28
N THR D 39 4.43 -32.90 6.67
CA THR D 39 4.75 -34.27 7.08
C THR D 39 6.28 -34.40 7.18
N PHE D 40 6.74 -35.40 7.93
CA PHE D 40 8.18 -35.69 8.05
C PHE D 40 8.72 -36.11 6.67
N LEU D 41 7.95 -36.87 5.88
CA LEU D 41 8.37 -37.29 4.55
C LEU D 41 8.59 -36.07 3.64
N GLU D 42 7.64 -35.11 3.62
CA GLU D 42 7.80 -33.91 2.80
C GLU D 42 8.94 -33.03 3.31
N HIS D 43 9.20 -33.04 4.63
CA HIS D 43 10.31 -32.32 5.26
C HIS D 43 11.62 -32.86 4.67
N LEU D 44 11.76 -34.19 4.57
CA LEU D 44 12.97 -34.81 4.00
C LEU D 44 13.13 -34.39 2.54
N CYS D 45 12.03 -34.46 1.76
CA CYS D 45 12.01 -34.10 0.35
C CYS D 45 12.43 -32.65 0.11
N LEU D 46 12.24 -31.77 1.09
CA LEU D 46 12.56 -30.35 0.96
C LEU D 46 13.93 -29.96 1.49
N LEU D 47 14.73 -30.91 2.01
CA LEU D 47 16.07 -30.59 2.51
C LEU D 47 16.92 -30.15 1.31
N ASP D 48 17.62 -29.05 1.47
CA ASP D 48 18.34 -28.40 0.39
C ASP D 48 19.80 -28.19 0.73
N ILE D 49 20.71 -28.77 -0.05
CA ILE D 49 22.15 -28.59 0.17
C ILE D 49 22.60 -27.13 -0.04
N ASP D 50 21.81 -26.31 -0.72
CA ASP D 50 22.12 -24.89 -0.90
C ASP D 50 21.52 -24.00 0.19
N SER D 51 20.76 -24.57 1.13
CA SER D 51 20.16 -23.78 2.22
C SER D 51 21.20 -23.76 3.33
N GLU D 52 21.90 -22.63 3.46
CA GLU D 52 22.98 -22.51 4.41
C GLU D 52 22.56 -22.33 5.87
N PRO D 53 23.26 -23.02 6.79
CA PRO D 53 22.93 -22.85 8.21
C PRO D 53 23.27 -21.43 8.67
N VAL D 54 22.42 -20.87 9.52
CA VAL D 54 22.63 -19.50 10.01
C VAL D 54 22.87 -19.50 11.51
N ALA D 55 22.09 -20.30 12.23
CA ALA D 55 22.18 -20.37 13.67
C ALA D 55 23.56 -20.88 14.12
N ALA D 56 23.93 -20.50 15.33
CA ALA D 56 25.16 -20.99 15.91
C ALA D 56 24.99 -22.50 16.21
N ARG D 57 26.08 -23.26 16.09
CA ARG D 57 26.08 -24.69 16.32
C ARG D 57 25.72 -24.99 17.77
N SER D 58 24.68 -25.75 17.97
CA SER D 58 24.11 -25.99 19.29
C SER D 58 24.52 -27.32 19.97
N THR D 59 24.97 -28.34 19.23
CA THR D 59 25.38 -29.60 19.86
C THR D 59 26.81 -29.41 20.34
N SER D 60 27.08 -29.56 21.66
CA SER D 60 28.44 -29.39 22.17
CA SER D 60 28.43 -29.39 22.19
C SER D 60 29.38 -30.49 21.72
N ILE D 61 30.67 -30.15 21.61
CA ILE D 61 31.68 -31.09 21.22
C ILE D 61 32.58 -31.39 22.42
N ILE D 62 32.73 -32.67 22.75
CA ILE D 62 33.61 -33.11 23.81
C ILE D 62 34.87 -33.65 23.10
N ALA D 63 36.04 -33.13 23.47
CA ALA D 63 37.29 -33.62 22.88
C ALA D 63 38.11 -34.24 23.99
N THR D 64 38.60 -35.45 23.78
CA THR D 64 39.45 -36.13 24.75
C THR D 64 40.88 -35.56 24.63
N ILE D 65 41.47 -35.26 25.77
CA ILE D 65 42.78 -34.67 25.86
C ILE D 65 43.81 -35.77 25.89
N GLY D 66 44.87 -35.60 25.12
CA GLY D 66 45.97 -36.56 25.11
C GLY D 66 47.20 -35.92 24.53
N PRO D 67 48.18 -36.77 24.17
CA PRO D 67 49.40 -36.24 23.55
C PRO D 67 49.20 -35.36 22.29
N ALA D 68 48.15 -35.62 21.49
CA ALA D 68 47.87 -34.84 20.29
C ALA D 68 47.21 -33.48 20.59
N SER D 69 46.69 -33.28 21.81
CA SER D 69 45.94 -32.07 22.09
C SER D 69 46.27 -31.43 23.42
N ARG D 70 47.45 -31.69 23.98
CA ARG D 70 47.79 -31.18 25.31
C ARG D 70 48.55 -29.90 25.33
N SER D 71 49.22 -29.57 24.24
CA SER D 71 49.96 -28.31 24.13
C SER D 71 49.01 -27.13 24.35
N VAL D 72 49.41 -26.13 25.15
CA VAL D 72 48.57 -24.94 25.42
C VAL D 72 48.17 -24.26 24.13
N GLU D 73 49.13 -24.14 23.19
CA GLU D 73 48.90 -23.51 21.89
CA GLU D 73 48.91 -23.50 21.90
C GLU D 73 47.96 -24.31 21.02
N ARG D 74 48.05 -25.64 21.10
CA ARG D 74 47.12 -26.48 20.31
C ARG D 74 45.69 -26.39 20.95
N LEU D 75 45.62 -26.35 22.29
CA LEU D 75 44.34 -26.21 22.99
C LEU D 75 43.64 -24.88 22.64
N LYS D 76 44.40 -23.82 22.36
CA LYS D 76 43.83 -22.54 21.92
C LYS D 76 43.15 -22.73 20.56
N GLU D 77 43.77 -23.50 19.66
CA GLU D 77 43.18 -23.77 18.35
C GLU D 77 41.92 -24.65 18.47
N MET D 78 41.92 -25.60 19.41
CA MET D 78 40.76 -26.46 19.59
CA MET D 78 40.79 -26.49 19.65
C MET D 78 39.58 -25.68 20.16
N ILE D 79 39.84 -24.71 21.05
CA ILE D 79 38.79 -23.88 21.61
C ILE D 79 38.17 -23.03 20.49
N LYS D 80 39.04 -22.44 19.65
CA LYS D 80 38.55 -21.66 18.50
C LYS D 80 37.79 -22.50 17.47
N ALA D 81 38.18 -23.80 17.31
CA ALA D 81 37.52 -24.72 16.38
C ALA D 81 36.12 -25.18 16.88
N GLY D 82 35.87 -25.06 18.18
CA GLY D 82 34.58 -25.41 18.74
C GLY D 82 34.52 -26.39 19.90
N MET D 83 35.69 -26.77 20.47
CA MET D 83 35.69 -27.67 21.63
C MET D 83 35.03 -26.99 22.83
N ASN D 84 34.02 -27.66 23.42
CA ASN D 84 33.31 -27.08 24.55
C ASN D 84 33.64 -27.77 25.86
N ILE D 85 33.97 -29.06 25.81
CA ILE D 85 34.25 -29.90 26.96
C ILE D 85 35.51 -30.68 26.69
N ALA D 86 36.46 -30.60 27.61
CA ALA D 86 37.70 -31.35 27.53
C ALA D 86 37.52 -32.59 28.41
N ARG D 87 37.68 -33.78 27.85
CA ARG D 87 37.54 -35.04 28.56
C ARG D 87 38.91 -35.61 28.93
N LEU D 88 39.08 -35.93 30.22
CA LEU D 88 40.30 -36.54 30.74
C LEU D 88 39.99 -37.99 30.96
N ASN D 89 40.62 -38.88 30.19
CA ASN D 89 40.34 -40.29 30.29
C ASN D 89 41.31 -40.90 31.29
N PHE D 90 40.79 -41.14 32.51
CA PHE D 90 41.58 -41.69 33.61
C PHE D 90 41.90 -43.18 33.47
N SER D 91 41.53 -43.81 32.32
CA SER D 91 41.97 -45.15 32.03
C SER D 91 43.47 -45.11 31.59
N HIS D 92 44.03 -43.91 31.22
CA HIS D 92 45.42 -43.68 30.77
C HIS D 92 46.10 -42.54 31.53
N GLY D 93 47.28 -42.76 32.07
CA GLY D 93 48.04 -41.71 32.74
C GLY D 93 47.84 -41.60 34.24
N SER D 94 48.83 -41.05 34.90
CA SER D 94 48.81 -40.87 36.36
C SER D 94 48.02 -39.61 36.76
N HIS D 95 47.92 -39.35 38.08
CA HIS D 95 47.34 -38.13 38.59
C HIS D 95 48.13 -36.91 38.15
N GLU D 96 49.47 -37.03 38.08
CA GLU D 96 50.37 -35.98 37.62
C GLU D 96 50.09 -35.62 36.15
N TYR D 97 49.88 -36.63 35.31
CA TYR D 97 49.52 -36.38 33.89
C TYR D 97 48.23 -35.55 33.81
N HIS D 98 47.19 -35.96 34.53
CA HIS D 98 45.89 -35.30 34.46
C HIS D 98 45.89 -33.93 35.09
N ALA D 99 46.71 -33.70 36.14
CA ALA D 99 46.82 -32.37 36.73
C ALA D 99 47.46 -31.41 35.72
N GLU D 100 48.46 -31.87 34.95
CA GLU D 100 49.07 -31.06 33.90
C GLU D 100 48.08 -30.77 32.80
N SER D 101 47.25 -31.76 32.43
CA SER D 101 46.21 -31.58 31.40
C SER D 101 45.25 -30.47 31.83
N ILE D 102 44.83 -30.51 33.10
CA ILE D 102 43.91 -29.54 33.67
C ILE D 102 44.54 -28.16 33.63
N ALA D 103 45.82 -28.07 34.04
CA ALA D 103 46.51 -26.77 34.01
C ALA D 103 46.62 -26.23 32.60
N ASN D 104 46.92 -27.10 31.63
CA ASN D 104 47.06 -26.66 30.23
C ASN D 104 45.73 -26.18 29.65
N VAL D 105 44.65 -26.89 29.95
CA VAL D 105 43.33 -26.51 29.44
C VAL D 105 42.94 -25.14 30.02
N ARG D 106 43.08 -24.99 31.34
CA ARG D 106 42.75 -23.75 32.02
C ARG D 106 43.57 -22.58 31.51
N GLU D 107 44.89 -22.78 31.27
CA GLU D 107 45.72 -21.71 30.72
C GLU D 107 45.21 -21.29 29.33
N ALA D 108 44.93 -22.25 28.44
CA ALA D 108 44.42 -21.93 27.11
C ALA D 108 43.06 -21.23 27.18
N VAL D 109 42.17 -21.70 28.03
CA VAL D 109 40.83 -21.08 28.17
C VAL D 109 40.94 -19.65 28.70
N GLU D 110 41.74 -19.45 29.75
CA GLU D 110 41.90 -18.14 30.35
C GLU D 110 42.71 -17.17 29.52
N SER D 111 43.41 -17.64 28.46
CA SER D 111 44.13 -16.73 27.56
C SER D 111 43.18 -15.82 26.77
N PHE D 112 41.89 -16.17 26.70
CA PHE D 112 40.87 -15.38 26.02
C PHE D 112 40.02 -14.53 26.99
N ALA D 113 40.26 -14.60 28.31
CA ALA D 113 39.48 -13.87 29.29
C ALA D 113 39.62 -12.34 29.22
N GLY D 114 40.66 -11.84 28.56
CA GLY D 114 40.91 -10.41 28.37
C GLY D 114 39.88 -9.73 27.49
N SER D 115 39.11 -10.51 26.71
CA SER D 115 38.02 -10.03 25.89
C SER D 115 36.74 -10.72 26.39
N PRO D 116 36.08 -10.13 27.41
CA PRO D 116 34.89 -10.78 27.99
C PRO D 116 33.71 -11.00 27.04
N LEU D 117 33.56 -10.20 25.99
CA LEU D 117 32.44 -10.38 25.06
C LEU D 117 32.59 -11.57 24.13
N SER D 118 33.81 -12.14 24.03
CA SER D 118 34.06 -13.28 23.16
CA SER D 118 34.01 -13.29 23.16
C SER D 118 34.55 -14.53 23.91
N TYR D 119 34.83 -14.41 25.23
CA TYR D 119 35.35 -15.50 26.06
C TYR D 119 34.43 -16.74 26.03
N ARG D 120 35.04 -17.90 25.79
CA ARG D 120 34.30 -19.14 25.74
C ARG D 120 34.68 -20.05 26.89
N PRO D 121 33.72 -20.31 27.81
CA PRO D 121 33.99 -21.29 28.86
C PRO D 121 34.19 -22.69 28.27
N VAL D 122 35.01 -23.50 28.94
CA VAL D 122 35.26 -24.87 28.53
C VAL D 122 35.18 -25.74 29.77
N ALA D 123 34.31 -26.75 29.77
CA ALA D 123 34.19 -27.66 30.91
C ALA D 123 35.34 -28.70 30.92
N ILE D 124 35.61 -29.26 32.09
CA ILE D 124 36.58 -30.32 32.23
C ILE D 124 35.82 -31.48 32.83
N ALA D 125 35.87 -32.60 32.14
CA ALA D 125 35.18 -33.80 32.53
C ALA D 125 36.17 -34.91 32.81
N LEU D 126 35.95 -35.63 33.91
CA LEU D 126 36.81 -36.73 34.31
C LEU D 126 36.10 -38.01 33.94
N ASP D 127 36.73 -38.83 33.10
CA ASP D 127 36.12 -40.09 32.67
C ASP D 127 36.83 -41.20 33.45
N THR D 128 36.09 -41.91 34.29
CA THR D 128 36.69 -42.91 35.17
C THR D 128 37.14 -44.19 34.46
N LYS D 129 38.10 -44.87 35.11
CA LYS D 129 38.63 -46.14 34.61
C LYS D 129 37.52 -47.21 34.64
N GLY D 130 36.74 -47.23 35.72
CA GLY D 130 35.64 -48.18 35.83
C GLY D 130 35.86 -49.29 36.83
N PRO D 131 34.85 -50.14 36.99
CA PRO D 131 34.93 -51.19 38.01
C PRO D 131 35.74 -52.42 37.66
N GLY D 132 35.98 -52.65 36.37
CA GLY D 132 36.69 -53.85 35.93
C GLY D 132 35.94 -55.12 36.28
N SER D 133 36.64 -56.09 36.91
CA SER D 133 36.04 -57.36 37.35
C SER D 133 35.21 -57.24 38.64
N GLY D 134 35.36 -56.15 39.38
CA GLY D 134 34.65 -55.97 40.64
C GLY D 134 33.18 -55.61 40.48
N GLY D 136 30.88 -52.82 41.51
CA GLY D 136 31.16 -52.01 42.69
C GLY D 136 32.21 -50.96 42.41
N LEU D 137 32.16 -49.82 43.14
CA LEU D 137 33.14 -48.75 42.94
C LEU D 137 34.55 -49.22 43.31
N SER D 138 35.44 -49.21 42.32
CA SER D 138 36.82 -49.64 42.52
C SER D 138 37.61 -48.67 43.39
N GLU D 139 38.70 -49.14 43.99
CA GLU D 139 39.53 -48.29 44.82
C GLU D 139 40.27 -47.23 44.00
N GLN D 140 40.63 -47.55 42.74
CA GLN D 140 41.26 -46.56 41.87
C GLN D 140 40.26 -45.45 41.55
N ASP D 141 38.98 -45.80 41.29
CA ASP D 141 37.95 -44.79 41.04
C ASP D 141 37.73 -43.91 42.24
N VAL D 142 37.77 -44.45 43.48
CA VAL D 142 37.66 -43.62 44.67
C VAL D 142 38.77 -42.56 44.72
N ARG D 143 40.00 -42.95 44.44
CA ARG D 143 41.13 -42.02 44.43
C ARG D 143 41.04 -41.00 43.31
N ASP D 144 40.58 -41.43 42.11
CA ASP D 144 40.44 -40.53 40.97
C ASP D 144 39.35 -39.52 41.17
N LEU D 145 38.23 -39.96 41.75
CA LEU D 145 37.12 -39.08 42.02
C LEU D 145 37.52 -38.03 43.06
N ARG D 146 38.32 -38.42 44.08
CA ARG D 146 38.76 -37.43 45.05
CA ARG D 146 38.82 -37.47 45.08
C ARG D 146 39.72 -36.44 44.38
N PHE D 147 40.59 -36.90 43.46
CA PHE D 147 41.48 -36.02 42.68
C PHE D 147 40.60 -35.01 41.88
N GLY D 148 39.52 -35.51 41.28
CA GLY D 148 38.61 -34.66 40.52
C GLY D 148 38.04 -33.52 41.34
N VAL D 149 37.55 -33.81 42.55
CA VAL D 149 37.02 -32.81 43.46
C VAL D 149 38.12 -31.82 43.83
N GLU D 150 39.31 -32.31 44.19
CA GLU D 150 40.41 -31.43 44.59
C GLU D 150 40.88 -30.52 43.46
N HIS D 151 40.74 -30.98 42.19
CA HIS D 151 41.14 -30.16 41.05
C HIS D 151 39.97 -29.40 40.38
N GLY D 152 38.79 -29.40 41.02
CA GLY D 152 37.62 -28.66 40.56
C GLY D 152 37.05 -29.08 39.21
N VAL D 153 37.06 -30.38 38.88
CA VAL D 153 36.46 -30.83 37.60
C VAL D 153 34.94 -30.59 37.67
N ASP D 154 34.33 -30.37 36.51
CA ASP D 154 32.91 -30.01 36.45
C ASP D 154 31.96 -31.16 36.28
N ILE D 155 32.45 -32.22 35.63
CA ILE D 155 31.63 -33.35 35.24
C ILE D 155 32.40 -34.62 35.45
N VAL D 156 31.68 -35.69 35.81
CA VAL D 156 32.26 -37.01 35.86
C VAL D 156 31.51 -37.86 34.82
N PHE D 157 32.24 -38.53 33.93
CA PHE D 157 31.66 -39.51 33.01
C PHE D 157 31.97 -40.82 33.72
N ALA D 158 30.99 -41.38 34.44
CA ALA D 158 31.20 -42.60 35.22
C ALA D 158 31.11 -43.85 34.36
N SER D 159 32.23 -44.56 34.21
CA SER D 159 32.28 -45.76 33.38
C SER D 159 31.51 -46.95 33.95
N PHE D 160 30.91 -47.74 33.04
CA PHE D 160 30.18 -48.96 33.33
C PHE D 160 29.14 -48.84 34.45
N VAL D 161 28.25 -47.85 34.34
CA VAL D 161 27.18 -47.72 35.31
C VAL D 161 26.15 -48.79 34.96
N ARG D 162 25.84 -49.67 35.93
CA ARG D 162 24.92 -50.78 35.74
C ARG D 162 23.61 -50.71 36.52
N LYS D 163 23.55 -49.81 37.51
CA LYS D 163 22.38 -49.68 38.37
C LYS D 163 22.46 -48.40 39.18
N ALA D 164 21.35 -47.96 39.79
CA ALA D 164 21.30 -46.74 40.57
C ALA D 164 22.33 -46.67 41.70
N SER D 165 22.63 -47.81 42.36
CA SER D 165 23.62 -47.82 43.46
C SER D 165 25.04 -47.49 42.98
N ASP D 166 25.34 -47.73 41.68
CA ASP D 166 26.63 -47.33 41.12
C ASP D 166 26.75 -45.81 41.12
N VAL D 167 25.65 -45.11 40.78
CA VAL D 167 25.63 -43.65 40.77
C VAL D 167 25.76 -43.12 42.20
N ALA D 168 25.05 -43.72 43.16
CA ALA D 168 25.12 -43.29 44.57
C ALA D 168 26.55 -43.43 45.10
N ALA D 169 27.26 -44.49 44.70
CA ALA D 169 28.64 -44.70 45.14
C ALA D 169 29.56 -43.63 44.57
N VAL D 170 29.35 -43.22 43.29
CA VAL D 170 30.15 -42.16 42.67
C VAL D 170 29.88 -40.85 43.40
N ARG D 171 28.60 -40.58 43.69
CA ARG D 171 28.21 -39.37 44.41
C ARG D 171 28.84 -39.34 45.82
N ALA D 172 28.86 -40.48 46.54
CA ALA D 172 29.46 -40.56 47.87
C ALA D 172 30.97 -40.33 47.81
N ALA D 173 31.65 -40.87 46.77
CA ALA D 173 33.09 -40.69 46.59
C ALA D 173 33.48 -39.23 46.26
N LEU D 174 32.54 -38.45 45.74
CA LEU D 174 32.80 -37.03 45.48
C LEU D 174 32.78 -36.19 46.79
N GLY D 175 32.20 -36.75 47.86
CA GLY D 175 32.17 -36.12 49.18
C GLY D 175 31.29 -34.90 49.30
N PRO D 176 31.41 -34.20 50.43
CA PRO D 176 30.60 -32.99 50.64
C PRO D 176 31.01 -31.83 49.74
N GLU D 177 32.29 -31.77 49.33
CA GLU D 177 32.77 -30.70 48.46
C GLU D 177 32.46 -30.87 46.97
N GLY D 178 32.00 -32.04 46.56
CA GLY D 178 31.71 -32.29 45.15
C GLY D 178 30.25 -32.39 44.79
N HIS D 179 29.34 -31.83 45.63
CA HIS D 179 27.89 -31.86 45.40
CA HIS D 179 27.89 -31.87 45.38
C HIS D 179 27.47 -31.21 44.09
N GLY D 180 28.22 -30.20 43.64
CA GLY D 180 27.91 -29.46 42.43
C GLY D 180 28.42 -30.10 41.13
N ILE D 181 29.21 -31.18 41.23
CA ILE D 181 29.74 -31.85 40.05
C ILE D 181 28.61 -32.67 39.36
N LYS D 182 28.49 -32.55 38.04
CA LYS D 182 27.47 -33.32 37.31
C LYS D 182 27.94 -34.75 37.09
N ILE D 183 27.05 -35.71 37.30
CA ILE D 183 27.38 -37.11 37.05
C ILE D 183 26.65 -37.59 35.79
N ILE D 184 27.42 -37.91 34.77
CA ILE D 184 26.92 -38.45 33.51
C ILE D 184 27.24 -39.92 33.51
N SER D 185 26.21 -40.77 33.61
CA SER D 185 26.43 -42.20 33.64
C SER D 185 26.68 -42.76 32.25
N LYS D 186 27.77 -43.52 32.11
CA LYS D 186 28.08 -44.16 30.84
C LYS D 186 27.40 -45.52 30.79
N ILE D 187 26.58 -45.76 29.75
CA ILE D 187 25.91 -47.02 29.56
C ILE D 187 26.74 -47.78 28.58
N GLU D 188 27.33 -48.89 29.05
CA GLU D 188 28.30 -49.64 28.26
C GLU D 188 28.05 -51.11 28.13
N ASN D 189 26.99 -51.63 28.75
CA ASN D 189 26.70 -53.06 28.69
C ASN D 189 25.19 -53.35 28.75
N HIS D 190 24.81 -54.63 28.62
CA HIS D 190 23.40 -55.03 28.63
C HIS D 190 22.66 -54.61 29.89
N GLU D 191 23.28 -54.79 31.08
CA GLU D 191 22.63 -54.43 32.32
C GLU D 191 22.31 -52.94 32.41
N GLY D 192 23.25 -52.09 31.99
CA GLY D 192 23.04 -50.65 31.96
C GLY D 192 21.86 -50.26 31.08
N VAL D 193 21.70 -50.93 29.93
CA VAL D 193 20.58 -50.67 29.04
C VAL D 193 19.25 -51.11 29.69
N LYS D 194 19.24 -52.32 30.28
CA LYS D 194 18.03 -52.83 30.93
C LYS D 194 17.62 -52.06 32.17
N ARG D 195 18.60 -51.57 32.92
CA ARG D 195 18.31 -50.75 34.11
C ARG D 195 18.41 -49.25 33.82
N PHE D 196 18.31 -48.84 32.53
CA PHE D 196 18.40 -47.46 32.11
C PHE D 196 17.53 -46.50 32.91
N ASP D 197 16.23 -46.79 33.06
CA ASP D 197 15.33 -45.88 33.76
C ASP D 197 15.77 -45.54 35.19
N GLU D 198 16.19 -46.54 35.96
CA GLU D 198 16.62 -46.30 37.33
C GLU D 198 17.96 -45.55 37.37
N ILE D 199 18.83 -45.75 36.35
CA ILE D 199 20.10 -45.04 36.28
C ILE D 199 19.86 -43.57 35.92
N LEU D 200 19.03 -43.31 34.90
CA LEU D 200 18.74 -41.94 34.48
C LEU D 200 18.12 -41.13 35.60
N GLU D 201 17.21 -41.74 36.38
CA GLU D 201 16.51 -41.07 37.47
C GLU D 201 17.45 -40.42 38.46
N VAL D 202 18.55 -41.09 38.80
CA VAL D 202 19.53 -40.55 39.77
C VAL D 202 20.76 -39.88 39.13
N SER D 203 20.86 -39.89 37.81
CA SER D 203 22.01 -39.28 37.13
C SER D 203 21.66 -37.88 36.62
N ASP D 204 22.68 -37.06 36.36
CA ASP D 204 22.44 -35.76 35.71
C ASP D 204 22.27 -35.92 34.19
N GLY D 205 22.77 -37.01 33.64
CA GLY D 205 22.71 -37.30 32.22
C GLY D 205 23.33 -38.64 31.88
N ILE D 206 23.42 -38.93 30.58
CA ILE D 206 23.90 -40.22 30.12
C ILE D 206 24.91 -40.07 28.98
N MET D 207 25.82 -41.05 28.87
CA MET D 207 26.67 -41.15 27.72
C MET D 207 26.39 -42.53 27.08
N VAL D 208 26.12 -42.56 25.78
CA VAL D 208 25.97 -43.80 25.03
C VAL D 208 27.40 -44.17 24.64
N ALA D 209 28.06 -44.99 25.47
CA ALA D 209 29.47 -45.34 25.31
C ALA D 209 29.56 -46.53 24.38
N ARG D 210 29.56 -46.24 23.06
CA ARG D 210 29.41 -47.24 22.02
C ARG D 210 30.57 -48.20 21.87
N GLY D 211 31.77 -47.85 22.34
CA GLY D 211 32.93 -48.75 22.23
C GLY D 211 32.68 -50.05 22.96
N ASP D 212 32.52 -49.97 24.27
CA ASP D 212 32.22 -51.14 25.09
C ASP D 212 30.84 -51.69 24.78
N LEU D 213 29.83 -50.82 24.57
CA LEU D 213 28.48 -51.28 24.25
C LEU D 213 28.46 -52.20 23.02
N GLY D 214 29.26 -51.87 21.99
CA GLY D 214 29.37 -52.63 20.75
C GLY D 214 30.09 -53.97 20.86
N ILE D 215 30.71 -54.25 22.01
CA ILE D 215 31.40 -55.51 22.33
C ILE D 215 30.55 -56.30 23.36
N GLU D 216 29.82 -55.60 24.23
CA GLU D 216 28.97 -56.18 25.27
C GLU D 216 27.66 -56.71 24.72
N ILE D 217 27.13 -56.05 23.69
CA ILE D 217 25.89 -56.48 23.01
C ILE D 217 26.22 -56.63 21.53
N PRO D 218 25.39 -57.32 20.72
CA PRO D 218 25.71 -57.44 19.28
C PRO D 218 25.87 -56.07 18.63
N ALA D 219 26.90 -55.90 17.80
CA ALA D 219 27.23 -54.64 17.13
C ALA D 219 26.03 -54.05 16.38
N GLU D 220 25.24 -54.91 15.72
CA GLU D 220 24.07 -54.52 14.94
C GLU D 220 22.89 -54.02 15.79
N LYS D 221 22.99 -54.09 17.13
CA LYS D 221 21.93 -53.61 18.02
C LYS D 221 22.27 -52.26 18.68
N VAL D 222 23.53 -51.80 18.61
CA VAL D 222 23.92 -50.54 19.25
C VAL D 222 23.05 -49.35 18.84
N PHE D 223 22.69 -49.23 17.54
CA PHE D 223 21.86 -48.10 17.10
C PHE D 223 20.50 -48.07 17.81
N LEU D 224 19.95 -49.24 18.18
CA LEU D 224 18.67 -49.30 18.88
C LEU D 224 18.86 -48.74 20.31
N ALA D 225 19.95 -49.13 20.98
CA ALA D 225 20.23 -48.66 22.34
C ALA D 225 20.52 -47.15 22.31
N GLN D 226 21.27 -46.67 21.29
CA GLN D 226 21.58 -45.25 21.16
C GLN D 226 20.28 -44.44 20.97
N LYS D 227 19.44 -44.83 19.99
CA LYS D 227 18.22 -44.11 19.72
C LYS D 227 17.26 -44.12 20.89
N MET D 228 17.15 -45.26 21.60
CA MET D 228 16.28 -45.38 22.76
C MET D 228 16.75 -44.47 23.90
N MET D 229 18.07 -44.49 24.21
CA MET D 229 18.58 -43.70 25.32
C MET D 229 18.51 -42.22 25.03
N ILE D 230 18.77 -41.81 23.77
CA ILE D 230 18.65 -40.41 23.40
C ILE D 230 17.20 -39.96 23.54
N GLY D 231 16.25 -40.75 23.00
CA GLY D 231 14.82 -40.46 23.11
C GLY D 231 14.37 -40.34 24.56
N ARG D 232 14.79 -41.28 25.44
CA ARG D 232 14.41 -41.22 26.85
C ARG D 232 15.03 -40.04 27.59
N CYS D 233 16.29 -39.67 27.25
CA CYS D 233 16.91 -38.50 27.85
C CYS D 233 16.21 -37.23 27.38
N ASN D 234 15.80 -37.17 26.11
CA ASN D 234 15.08 -36.01 25.58
C ASN D 234 13.74 -35.85 26.32
N LEU D 235 13.06 -36.96 26.55
CA LEU D 235 11.78 -36.96 27.28
C LEU D 235 11.99 -36.51 28.75
N ALA D 236 13.09 -36.96 29.37
CA ALA D 236 13.41 -36.56 30.75
C ALA D 236 14.00 -35.16 30.88
N GLY D 237 14.40 -34.54 29.77
CA GLY D 237 15.03 -33.23 29.80
C GLY D 237 16.44 -33.28 30.40
N LYS D 238 17.14 -34.40 30.22
CA LYS D 238 18.50 -34.55 30.75
C LYS D 238 19.51 -34.75 29.65
N PRO D 239 20.74 -34.21 29.80
CA PRO D 239 21.73 -34.34 28.72
C PRO D 239 22.12 -35.74 28.33
N VAL D 240 22.31 -35.96 27.01
CA VAL D 240 22.75 -37.24 26.51
C VAL D 240 23.89 -37.02 25.52
N VAL D 241 24.94 -37.83 25.68
CA VAL D 241 26.14 -37.73 24.84
C VAL D 241 26.23 -38.93 23.93
N CYS D 242 26.54 -38.71 22.65
CA CYS D 242 26.83 -39.83 21.74
C CYS D 242 28.35 -39.91 21.67
N ALA D 243 28.92 -41.12 21.87
CA ALA D 243 30.36 -41.24 21.89
C ALA D 243 30.90 -42.40 21.11
N THR D 244 32.19 -42.30 20.70
CA THR D 244 33.11 -43.35 20.22
C THR D 244 32.97 -43.73 18.76
N GLN D 245 34.12 -43.58 18.07
CA GLN D 245 34.36 -43.90 16.68
C GLN D 245 33.54 -43.06 15.71
N MET D 246 33.06 -41.87 16.15
CA MET D 246 32.25 -41.02 15.27
C MET D 246 33.00 -40.58 14.02
N LEU D 247 34.29 -40.21 14.17
CA LEU D 247 35.14 -39.82 13.04
C LEU D 247 36.46 -40.63 13.11
N GLU D 248 36.38 -41.90 13.48
CA GLU D 248 37.53 -42.80 13.69
C GLU D 248 38.66 -42.72 12.66
N SER D 249 38.33 -42.75 11.37
CA SER D 249 39.34 -42.70 10.32
C SER D 249 40.17 -41.41 10.35
N MET D 250 39.65 -40.30 10.98
CA MET D 250 40.39 -39.05 11.10
C MET D 250 41.52 -39.10 12.14
N ILE D 251 41.72 -40.25 12.81
CA ILE D 251 42.89 -40.46 13.65
C ILE D 251 44.16 -40.42 12.72
N THR D 252 44.04 -40.94 11.49
CA THR D 252 45.16 -40.99 10.55
C THR D 252 44.91 -40.26 9.22
N LYS D 253 43.64 -40.05 8.83
CA LYS D 253 43.30 -39.40 7.56
C LYS D 253 42.75 -38.00 7.70
N PRO D 254 43.03 -37.10 6.74
CA PRO D 254 42.57 -35.71 6.88
C PRO D 254 41.06 -35.52 6.71
N ARG D 255 40.38 -36.48 6.07
CA ARG D 255 38.94 -36.40 5.80
C ARG D 255 38.26 -37.67 6.30
N PRO D 256 37.02 -37.57 6.79
CA PRO D 256 36.34 -38.75 7.31
C PRO D 256 35.66 -39.59 6.20
N THR D 257 35.16 -40.77 6.56
CA THR D 257 34.41 -41.59 5.61
C THR D 257 32.95 -41.09 5.48
N ARG D 258 32.21 -41.61 4.49
CA ARG D 258 30.81 -41.23 4.31
C ARG D 258 29.96 -41.72 5.48
N ALA D 259 30.32 -42.86 6.08
CA ALA D 259 29.59 -43.41 7.21
C ALA D 259 29.80 -42.55 8.45
N GLU D 260 31.03 -42.00 8.62
CA GLU D 260 31.36 -41.16 9.76
C GLU D 260 30.62 -39.81 9.76
N THR D 261 30.54 -39.12 8.61
CA THR D 261 29.79 -37.86 8.57
C THR D 261 28.30 -38.13 8.81
N SER D 262 27.79 -39.23 8.25
CA SER D 262 26.41 -39.67 8.43
C SER D 262 26.15 -39.98 9.92
N ASP D 263 27.07 -40.67 10.59
CA ASP D 263 26.92 -41.01 12.00
C ASP D 263 26.81 -39.73 12.87
N VAL D 264 27.66 -38.73 12.61
CA VAL D 264 27.59 -37.46 13.35
C VAL D 264 26.25 -36.76 13.11
N ALA D 265 25.84 -36.66 11.84
CA ALA D 265 24.58 -35.99 11.51
C ALA D 265 23.40 -36.70 12.13
N ASN D 266 23.39 -38.03 12.10
CA ASN D 266 22.31 -38.82 12.67
C ASN D 266 22.28 -38.78 14.20
N ALA D 267 23.43 -38.66 14.87
CA ALA D 267 23.44 -38.51 16.34
C ALA D 267 22.72 -37.20 16.73
N VAL D 268 22.96 -36.11 15.95
CA VAL D 268 22.28 -34.83 16.17
C VAL D 268 20.78 -34.94 15.85
N LEU D 269 20.43 -35.58 14.72
CA LEU D 269 19.02 -35.77 14.36
C LEU D 269 18.30 -36.67 15.37
N ASP D 270 19.02 -37.62 15.99
CA ASP D 270 18.46 -38.50 17.03
C ASP D 270 18.02 -37.68 18.25
N GLY D 271 18.75 -36.59 18.55
CA GLY D 271 18.48 -35.70 19.66
C GLY D 271 19.62 -35.56 20.66
N ALA D 272 20.85 -36.00 20.28
CA ALA D 272 21.98 -35.92 21.22
C ALA D 272 22.29 -34.48 21.59
N ASP D 273 22.54 -34.24 22.87
CA ASP D 273 22.96 -32.92 23.33
C ASP D 273 24.41 -32.67 22.99
N CYS D 274 25.25 -33.72 23.11
CA CYS D 274 26.70 -33.62 22.88
C CYS D 274 27.15 -34.75 21.97
N ILE D 275 28.23 -34.50 21.24
CA ILE D 275 28.93 -35.49 20.43
C ILE D 275 30.39 -35.50 20.92
N MET D 276 31.06 -36.63 20.78
CA MET D 276 32.38 -36.80 21.35
C MET D 276 33.45 -37.29 20.37
N LEU D 277 34.69 -36.95 20.68
CA LEU D 277 35.89 -37.37 19.98
C LEU D 277 36.80 -38.00 21.03
N SER D 278 37.38 -39.17 20.72
CA SER D 278 38.26 -39.88 21.63
C SER D 278 39.67 -39.91 21.02
N GLY D 279 40.05 -40.99 20.30
CA GLY D 279 41.35 -41.06 19.63
C GLY D 279 41.56 -39.95 18.63
N GLU D 280 40.46 -39.47 18.00
CA GLU D 280 40.50 -38.36 17.04
C GLU D 280 41.11 -37.11 17.58
N THR D 281 40.95 -36.82 18.90
CA THR D 281 41.61 -35.65 19.47
C THR D 281 42.73 -36.01 20.45
N ALA D 282 42.70 -37.21 21.05
CA ALA D 282 43.68 -37.56 22.07
C ALA D 282 45.00 -38.00 21.49
N LYS D 283 44.96 -38.80 20.42
CA LYS D 283 46.19 -39.38 19.89
C LYS D 283 46.41 -39.19 18.38
N GLY D 284 45.38 -38.78 17.65
CA GLY D 284 45.48 -38.64 16.21
C GLY D 284 46.29 -37.47 15.65
N ASN D 285 46.41 -37.44 14.35
CA ASN D 285 47.15 -36.40 13.66
C ASN D 285 46.29 -35.20 13.22
N PHE D 286 44.96 -35.26 13.42
CA PHE D 286 44.03 -34.21 13.02
C PHE D 286 43.07 -33.78 14.16
N PRO D 287 43.58 -33.49 15.37
CA PRO D 287 42.69 -33.12 16.47
C PRO D 287 41.84 -31.89 16.18
N VAL D 288 42.44 -30.81 15.61
CA VAL D 288 41.71 -29.59 15.32
C VAL D 288 40.71 -29.81 14.18
N GLU D 289 41.13 -30.55 13.13
CA GLU D 289 40.27 -30.82 11.99
C GLU D 289 39.09 -31.70 12.37
N ALA D 290 39.26 -32.61 13.34
CA ALA D 290 38.19 -33.48 13.79
C ALA D 290 37.13 -32.64 14.51
N VAL D 291 37.56 -31.66 15.32
CA VAL D 291 36.66 -30.74 16.01
C VAL D 291 35.93 -29.90 14.96
N LYS D 292 36.67 -29.37 13.98
CA LYS D 292 36.06 -28.55 12.91
C LYS D 292 35.04 -29.36 12.10
N MET D 293 35.31 -30.64 11.85
CA MET D 293 34.40 -31.50 11.08
C MET D 293 33.10 -31.75 11.87
N GLN D 294 33.19 -32.07 13.18
CA GLN D 294 32.00 -32.25 14.01
C GLN D 294 31.19 -30.96 14.06
N HIS D 295 31.86 -29.80 14.16
CA HIS D 295 31.20 -28.49 14.19
C HIS D 295 30.41 -28.28 12.89
N ALA D 296 31.07 -28.52 11.74
CA ALA D 296 30.44 -28.33 10.43
C ALA D 296 29.23 -29.23 10.22
N ILE D 297 29.35 -30.52 10.60
CA ILE D 297 28.25 -31.46 10.43
C ILE D 297 27.08 -31.14 11.36
N ALA D 298 27.37 -30.90 12.64
CA ALA D 298 26.34 -30.60 13.65
C ALA D 298 25.50 -29.42 13.25
N ARG D 299 26.12 -28.38 12.72
CA ARG D 299 25.41 -27.18 12.29
C ARG D 299 24.42 -27.49 11.15
N GLU D 300 24.84 -28.30 10.17
CA GLU D 300 23.96 -28.71 9.08
C GLU D 300 22.79 -29.56 9.59
N ALA D 301 23.11 -30.50 10.50
CA ALA D 301 22.10 -31.41 11.03
C ALA D 301 21.07 -30.72 11.91
N GLU D 302 21.49 -29.71 12.69
CA GLU D 302 20.58 -28.98 13.57
C GLU D 302 19.51 -28.23 12.76
N ALA D 303 19.91 -27.65 11.63
CA ALA D 303 18.96 -26.96 10.75
C ALA D 303 17.95 -27.93 10.14
N ALA D 304 18.38 -29.19 9.89
CA ALA D 304 17.56 -30.25 9.33
C ALA D 304 16.59 -30.92 10.32
N VAL D 305 16.65 -30.57 11.61
CA VAL D 305 15.73 -31.11 12.60
C VAL D 305 14.28 -30.65 12.26
N TYR D 306 13.30 -31.56 12.29
CA TYR D 306 11.92 -31.21 11.98
C TYR D 306 11.27 -30.69 13.27
N HIS D 307 11.55 -29.43 13.65
CA HIS D 307 11.07 -28.84 14.90
C HIS D 307 9.56 -28.88 15.05
N ARG D 308 8.79 -28.84 13.94
CA ARG D 308 7.33 -28.87 14.02
C ARG D 308 6.84 -30.11 14.77
N GLN D 309 7.38 -31.28 14.41
CA GLN D 309 7.01 -32.52 15.08
C GLN D 309 7.69 -32.65 16.44
N LEU D 310 9.00 -32.33 16.49
CA LEU D 310 9.75 -32.44 17.74
C LEU D 310 9.14 -31.61 18.88
N PHE D 311 8.82 -30.34 18.64
CA PHE D 311 8.24 -29.47 19.66
C PHE D 311 6.89 -29.99 20.11
N GLU D 312 6.06 -30.40 19.15
CA GLU D 312 4.73 -30.96 19.40
C GLU D 312 4.83 -32.20 20.29
N GLU D 313 5.76 -33.12 19.97
CA GLU D 313 5.93 -34.34 20.75
C GLU D 313 6.55 -34.12 22.12
N LEU D 314 7.51 -33.19 22.24
CA LEU D 314 8.12 -32.87 23.55
C LEU D 314 7.07 -32.27 24.45
N ARG D 315 6.18 -31.41 23.89
CA ARG D 315 5.11 -30.80 24.68
C ARG D 315 4.12 -31.83 25.14
N ARG D 316 3.62 -32.67 24.20
CA ARG D 316 2.63 -33.71 24.49
C ARG D 316 3.10 -34.70 25.53
N ALA D 317 4.38 -35.09 25.48
CA ALA D 317 4.92 -36.07 26.41
C ALA D 317 5.31 -35.48 27.74
N ALA D 318 5.63 -34.18 27.79
CA ALA D 318 6.01 -33.54 29.05
C ALA D 318 4.78 -33.38 29.91
N PRO D 319 4.87 -33.77 31.19
CA PRO D 319 3.70 -33.65 32.07
C PRO D 319 3.40 -32.19 32.44
N LEU D 320 2.20 -31.95 32.99
CA LEU D 320 1.85 -30.62 33.50
C LEU D 320 2.85 -30.24 34.61
N SER D 321 3.13 -28.95 34.78
CA SER D 321 4.05 -28.53 35.80
C SER D 321 3.57 -27.32 36.56
N ARG D 322 3.79 -27.29 37.86
CA ARG D 322 3.50 -26.12 38.67
C ARG D 322 4.80 -25.35 39.06
N ASP D 323 5.94 -25.71 38.47
CA ASP D 323 7.20 -25.05 38.72
C ASP D 323 7.26 -23.85 37.80
N PRO D 324 7.38 -22.64 38.36
CA PRO D 324 7.37 -21.43 37.50
C PRO D 324 8.50 -21.34 36.49
N THR D 325 9.69 -21.93 36.80
CA THR D 325 10.80 -21.92 35.84
C THR D 325 10.41 -22.74 34.60
N GLU D 326 9.83 -23.91 34.79
CA GLU D 326 9.42 -24.74 33.66
C GLU D 326 8.28 -24.09 32.89
N VAL D 327 7.29 -23.52 33.60
CA VAL D 327 6.16 -22.84 32.96
C VAL D 327 6.66 -21.66 32.10
N THR D 328 7.60 -20.88 32.64
CA THR D 328 8.20 -19.76 31.90
C THR D 328 8.97 -20.28 30.70
N ALA D 329 9.72 -21.38 30.86
CA ALA D 329 10.53 -21.95 29.78
C ALA D 329 9.68 -22.36 28.58
N ILE D 330 8.56 -23.07 28.80
CA ILE D 330 7.73 -23.49 27.66
C ILE D 330 7.08 -22.29 26.98
N GLY D 331 6.68 -21.28 27.77
CA GLY D 331 6.11 -20.05 27.23
C GLY D 331 7.13 -19.31 26.39
N ALA D 332 8.40 -19.23 26.86
CA ALA D 332 9.47 -18.54 26.15
C ALA D 332 9.79 -19.25 24.85
N VAL D 333 9.84 -20.60 24.85
CA VAL D 333 10.16 -21.36 23.64
C VAL D 333 9.03 -21.20 22.61
N GLU D 334 7.77 -21.20 23.07
CA GLU D 334 6.63 -21.00 22.19
CA GLU D 334 6.63 -21.00 22.19
C GLU D 334 6.70 -19.59 21.56
N ALA D 335 7.02 -18.57 22.38
CA ALA D 335 7.15 -17.19 21.92
C ALA D 335 8.30 -17.06 20.91
N ALA D 336 9.45 -17.72 21.16
CA ALA D 336 10.59 -17.68 20.26
C ALA D 336 10.23 -18.26 18.88
N PHE D 337 9.48 -19.35 18.86
CA PHE D 337 9.05 -19.97 17.58
C PHE D 337 8.08 -19.04 16.83
N LYS D 338 7.18 -18.36 17.56
CA LYS D 338 6.19 -17.48 16.95
C LYS D 338 6.80 -16.33 16.16
N CYS D 339 7.92 -15.77 16.65
CA CYS D 339 8.54 -14.62 16.00
C CYS D 339 9.86 -14.94 15.32
N CYS D 340 10.28 -16.21 15.23
CA CYS D 340 11.59 -16.59 14.67
C CYS D 340 12.69 -15.85 15.44
N ALA D 341 12.58 -15.84 16.78
CA ALA D 341 13.53 -15.12 17.60
C ALA D 341 14.97 -15.55 17.32
N ALA D 342 15.90 -14.61 17.24
CA ALA D 342 17.31 -14.92 17.01
C ALA D 342 17.91 -15.62 18.23
N ALA D 343 17.41 -15.30 19.45
CA ALA D 343 17.93 -15.88 20.67
C ALA D 343 16.93 -15.77 21.83
N ILE D 344 17.11 -16.62 22.85
CA ILE D 344 16.44 -16.53 24.13
C ILE D 344 17.59 -16.21 25.10
N ILE D 345 17.62 -15.01 25.70
CA ILE D 345 18.67 -14.65 26.66
C ILE D 345 18.14 -14.96 28.05
N VAL D 346 18.82 -15.84 28.78
CA VAL D 346 18.37 -16.25 30.10
C VAL D 346 19.45 -15.97 31.15
N LEU D 347 19.04 -15.45 32.30
CA LEU D 347 19.96 -15.27 33.43
C LEU D 347 19.83 -16.54 34.27
N THR D 348 20.97 -17.12 34.70
CA THR D 348 20.94 -18.36 35.48
C THR D 348 22.09 -18.45 36.47
N THR D 349 21.85 -18.98 37.66
CA THR D 349 22.89 -19.13 38.67
C THR D 349 23.49 -20.53 38.59
N THR D 350 22.66 -21.56 38.49
CA THR D 350 23.06 -22.96 38.47
C THR D 350 23.06 -23.60 37.07
N GLY D 351 22.46 -22.93 36.08
CA GLY D 351 22.25 -23.46 34.73
C GLY D 351 20.83 -24.01 34.52
N ARG D 352 20.08 -24.25 35.59
CA ARG D 352 18.77 -24.89 35.52
C ARG D 352 17.75 -24.18 34.61
N SER D 353 17.66 -22.83 34.64
CA SER D 353 16.72 -22.12 33.77
C SER D 353 17.06 -22.32 32.30
N ALA D 354 18.35 -22.39 31.98
CA ALA D 354 18.80 -22.63 30.61
C ALA D 354 18.52 -24.06 30.20
N GLN D 355 18.70 -25.03 31.12
CA GLN D 355 18.43 -26.43 30.84
C GLN D 355 16.94 -26.64 30.54
N LEU D 356 16.05 -25.96 31.28
CA LEU D 356 14.60 -26.10 31.06
C LEU D 356 14.16 -25.49 29.73
N LEU D 357 14.90 -24.50 29.23
CA LEU D 357 14.63 -23.94 27.90
C LEU D 357 15.10 -24.95 26.83
N SER D 358 16.32 -25.47 27.01
CA SER D 358 16.95 -26.45 26.13
C SER D 358 16.12 -27.73 25.91
N ARG D 359 15.43 -28.20 26.96
CA ARG D 359 14.64 -29.43 26.87
C ARG D 359 13.50 -29.35 25.83
N TYR D 360 13.03 -28.12 25.51
CA TYR D 360 12.00 -27.92 24.48
C TYR D 360 12.56 -27.74 23.09
N ARG D 361 13.89 -27.85 22.93
CA ARG D 361 14.60 -27.76 21.68
C ARG D 361 14.18 -26.57 20.81
N PRO D 362 14.32 -25.34 21.33
CA PRO D 362 14.05 -24.18 20.48
C PRO D 362 15.08 -24.09 19.34
N ARG D 363 14.67 -23.52 18.21
CA ARG D 363 15.58 -23.22 17.12
C ARG D 363 16.45 -22.02 17.55
N ALA D 364 15.87 -21.05 18.31
CA ALA D 364 16.59 -19.88 18.83
C ALA D 364 17.66 -20.33 19.79
N ALA D 365 18.86 -19.74 19.67
CA ALA D 365 20.00 -20.01 20.54
C ALA D 365 19.62 -19.58 21.97
N VAL D 366 19.99 -20.37 22.97
CA VAL D 366 19.73 -20.00 24.36
C VAL D 366 21.03 -19.41 24.89
N ILE D 367 21.10 -18.08 25.03
CA ILE D 367 22.30 -17.41 25.51
C ILE D 367 22.17 -17.30 27.02
N ALA D 368 22.98 -18.06 27.76
CA ALA D 368 22.86 -18.10 29.21
C ALA D 368 23.90 -17.22 29.87
N VAL D 369 23.46 -16.19 30.58
CA VAL D 369 24.38 -15.28 31.28
C VAL D 369 24.45 -15.69 32.72
N THR D 370 25.67 -15.94 33.21
CA THR D 370 25.85 -16.37 34.58
C THR D 370 27.12 -15.81 35.19
N ARG D 371 27.14 -15.64 36.52
CA ARG D 371 28.35 -15.28 37.24
C ARG D 371 29.11 -16.54 37.70
N SER D 372 28.45 -17.70 37.70
CA SER D 372 29.08 -18.94 38.14
C SER D 372 29.95 -19.51 37.04
N ALA D 373 31.27 -19.52 37.26
CA ALA D 373 32.19 -20.08 36.29
C ALA D 373 31.92 -21.57 36.06
N GLN D 374 31.57 -22.30 37.13
CA GLN D 374 31.25 -23.71 37.01
C GLN D 374 29.95 -23.97 36.26
N ALA D 375 28.91 -23.17 36.51
CA ALA D 375 27.65 -23.33 35.78
C ALA D 375 27.85 -23.01 34.31
N ALA D 376 28.68 -22.01 34.00
CA ALA D 376 28.97 -21.62 32.61
C ALA D 376 29.60 -22.79 31.86
N ARG D 377 30.51 -23.51 32.52
CA ARG D 377 31.12 -24.70 31.93
C ARG D 377 30.13 -25.87 31.82
N GLN D 378 29.37 -26.16 32.89
CA GLN D 378 28.45 -27.29 32.89
C GLN D 378 27.28 -27.19 31.91
N VAL D 379 26.78 -25.96 31.63
CA VAL D 379 25.62 -25.86 30.71
C VAL D 379 25.94 -26.28 29.28
N HIS D 380 27.22 -26.48 28.94
CA HIS D 380 27.58 -27.03 27.62
C HIS D 380 26.96 -28.42 27.43
N LEU D 381 26.58 -29.13 28.52
CA LEU D 381 25.93 -30.43 28.40
C LEU D 381 24.55 -30.34 27.75
N CYS D 382 23.90 -29.15 27.74
CA CYS D 382 22.54 -28.97 27.22
C CYS D 382 22.57 -28.37 25.86
N ARG D 383 21.94 -29.04 24.88
CA ARG D 383 21.95 -28.54 23.50
C ARG D 383 21.40 -27.13 23.37
N GLY D 384 22.10 -26.32 22.59
CA GLY D 384 21.65 -24.98 22.26
C GLY D 384 21.87 -23.95 23.33
N VAL D 385 22.64 -24.27 24.37
CA VAL D 385 22.93 -23.31 25.42
C VAL D 385 24.33 -22.76 25.20
N PHE D 386 24.44 -21.41 25.04
CA PHE D 386 25.68 -20.71 24.79
C PHE D 386 26.01 -19.92 26.06
N PRO D 387 26.94 -20.44 26.88
CA PRO D 387 27.24 -19.77 28.15
C PRO D 387 28.13 -18.54 28.04
N LEU D 388 27.76 -17.50 28.79
CA LEU D 388 28.51 -16.26 28.84
C LEU D 388 28.81 -16.01 30.30
N LEU D 389 30.09 -15.93 30.64
CA LEU D 389 30.51 -15.69 32.01
C LEU D 389 30.58 -14.19 32.26
N TYR D 390 29.73 -13.69 33.13
CA TYR D 390 29.67 -12.28 33.50
C TYR D 390 30.62 -12.04 34.68
N ARG D 391 31.56 -11.12 34.54
CA ARG D 391 32.57 -10.90 35.58
C ARG D 391 32.41 -9.65 36.41
N GLU D 392 31.51 -8.74 36.03
CA GLU D 392 31.33 -7.49 36.76
C GLU D 392 30.71 -7.66 38.12
N PRO D 393 31.16 -6.88 39.13
CA PRO D 393 30.52 -6.97 40.46
C PRO D 393 29.07 -6.44 40.40
N PRO D 394 28.20 -6.91 41.31
CA PRO D 394 26.81 -6.48 41.28
C PRO D 394 26.57 -4.98 41.39
N GLU D 395 25.63 -4.47 40.61
CA GLU D 395 25.18 -3.08 40.71
C GLU D 395 24.42 -2.95 42.04
N ALA D 396 24.36 -1.73 42.60
CA ALA D 396 23.64 -1.52 43.86
C ALA D 396 22.14 -1.77 43.66
N ILE D 397 21.60 -1.40 42.50
CA ILE D 397 20.17 -1.63 42.23
C ILE D 397 20.04 -2.94 41.46
N TRP D 398 19.36 -3.93 42.06
CA TRP D 398 19.23 -5.25 41.46
C TRP D 398 18.64 -5.22 40.05
N ALA D 399 17.62 -4.40 39.79
CA ALA D 399 17.03 -4.30 38.46
C ALA D 399 18.06 -3.82 37.43
N ASP D 400 18.99 -2.93 37.84
CA ASP D 400 20.05 -2.45 36.95
C ASP D 400 21.08 -3.56 36.70
N ASP D 401 21.37 -4.40 37.70
CA ASP D 401 22.33 -5.52 37.56
C ASP D 401 21.79 -6.55 36.56
N VAL D 402 20.49 -6.79 36.61
CA VAL D 402 19.83 -7.74 35.69
C VAL D 402 19.93 -7.17 34.27
N ASP D 403 19.60 -5.89 34.12
CA ASP D 403 19.64 -5.22 32.79
C ASP D 403 21.04 -5.24 32.20
N ARG D 404 22.05 -5.00 33.04
CA ARG D 404 23.45 -4.98 32.56
C ARG D 404 23.83 -6.37 32.05
N ARG D 405 23.35 -7.41 32.73
CA ARG D 405 23.64 -8.80 32.30
C ARG D 405 22.89 -9.10 30.99
N VAL D 406 21.65 -8.61 30.85
CA VAL D 406 20.92 -8.84 29.61
C VAL D 406 21.66 -8.10 28.47
N GLN D 407 22.12 -6.86 28.71
CA GLN D 407 22.88 -6.08 27.72
C GLN D 407 24.20 -6.75 27.39
N PHE D 408 24.85 -7.38 28.36
CA PHE D 408 26.07 -8.14 28.12
C PHE D 408 25.78 -9.35 27.17
N GLY D 409 24.62 -9.99 27.33
CA GLY D 409 24.16 -11.06 26.46
C GLY D 409 23.96 -10.55 25.04
N ILE D 410 23.33 -9.38 24.90
CA ILE D 410 23.10 -8.73 23.61
C ILE D 410 24.42 -8.31 22.93
N GLU D 411 25.32 -7.66 23.65
CA GLU D 411 26.60 -7.24 23.10
C GLU D 411 27.46 -8.42 22.69
N SER D 412 27.44 -9.49 23.51
CA SER D 412 28.18 -10.73 23.20
C SER D 412 27.62 -11.34 21.93
N GLY D 413 26.29 -11.42 21.85
CA GLY D 413 25.58 -11.97 20.69
C GLY D 413 25.81 -11.18 19.41
N LYS D 414 25.87 -9.85 19.49
CA LYS D 414 26.13 -9.03 18.31
C LYS D 414 27.57 -9.27 17.81
N LEU D 415 28.53 -9.29 18.74
CA LEU D 415 29.93 -9.51 18.41
C LEU D 415 30.14 -10.90 17.81
N ARG D 416 29.47 -11.91 18.34
CA ARG D 416 29.62 -13.28 17.87
C ARG D 416 28.78 -13.64 16.64
N GLY D 417 27.88 -12.76 16.22
CA GLY D 417 27.06 -13.03 15.04
C GLY D 417 25.70 -13.64 15.32
N PHE D 418 25.35 -13.85 16.59
CA PHE D 418 24.04 -14.40 16.95
C PHE D 418 22.93 -13.38 16.68
N LEU D 419 23.22 -12.09 16.91
CA LEU D 419 22.23 -11.03 16.86
C LEU D 419 22.64 -9.86 16.01
N ARG D 420 21.63 -9.18 15.47
CA ARG D 420 21.76 -7.96 14.69
C ARG D 420 20.64 -7.00 15.11
N VAL D 421 20.80 -5.71 14.82
CA VAL D 421 19.78 -4.69 15.07
C VAL D 421 18.52 -5.04 14.30
N GLY D 422 17.36 -4.99 14.97
CA GLY D 422 16.10 -5.36 14.34
C GLY D 422 15.65 -6.77 14.68
N ASP D 423 16.55 -7.62 15.19
CA ASP D 423 16.18 -8.96 15.62
C ASP D 423 15.25 -8.90 16.85
N LEU D 424 14.44 -9.94 17.03
CA LEU D 424 13.64 -10.08 18.22
C LEU D 424 14.32 -11.12 19.08
N VAL D 425 14.38 -10.87 20.38
CA VAL D 425 14.91 -11.82 21.33
C VAL D 425 13.84 -12.03 22.43
N ILE D 426 13.86 -13.20 23.09
CA ILE D 426 13.04 -13.50 24.25
C ILE D 426 13.99 -13.41 25.45
N VAL D 427 13.63 -12.65 26.49
CA VAL D 427 14.50 -12.47 27.66
C VAL D 427 13.83 -13.12 28.88
N VAL D 428 14.53 -14.07 29.50
CA VAL D 428 14.02 -14.84 30.61
C VAL D 428 14.78 -14.48 31.89
N THR D 429 14.05 -13.95 32.87
CA THR D 429 14.64 -13.54 34.15
C THR D 429 13.70 -14.00 35.31
N GLY D 430 14.03 -13.64 36.56
CA GLY D 430 13.26 -13.96 37.74
C GLY D 430 12.89 -12.73 38.56
N TRP D 431 12.05 -12.93 39.56
CA TRP D 431 11.49 -11.80 40.34
C TRP D 431 12.33 -11.39 41.55
N ARG D 432 13.35 -12.19 41.89
CA ARG D 432 14.23 -11.88 42.99
C ARG D 432 15.60 -12.51 42.78
N PRO D 433 16.64 -12.02 43.50
CA PRO D 433 17.97 -12.63 43.34
C PRO D 433 18.01 -14.06 43.89
N GLY D 434 19.03 -14.81 43.49
CA GLY D 434 19.19 -16.19 43.92
C GLY D 434 18.54 -17.15 42.95
N SER D 435 19.00 -18.43 42.99
CA SER D 435 18.51 -19.50 42.11
CA SER D 435 18.48 -19.49 42.10
C SER D 435 17.08 -19.92 42.46
N GLY D 436 16.31 -20.36 41.45
CA GLY D 436 14.97 -20.91 41.61
C GLY D 436 13.79 -19.98 41.43
N TYR D 437 14.03 -18.73 41.07
CA TYR D 437 12.97 -17.74 40.97
C TYR D 437 12.70 -17.20 39.57
N THR D 438 13.12 -17.94 38.53
CA THR D 438 12.79 -17.54 37.16
C THR D 438 11.27 -17.62 36.97
N ASN D 439 10.68 -16.56 36.47
CA ASN D 439 9.23 -16.51 36.27
C ASN D 439 8.81 -15.46 35.23
N ILE D 440 9.74 -14.83 34.51
CA ILE D 440 9.41 -13.76 33.59
C ILE D 440 9.99 -14.01 32.22
N MET D 441 9.17 -13.79 31.20
CA MET D 441 9.53 -13.89 29.80
C MET D 441 9.19 -12.51 29.14
N ARG D 442 10.13 -11.92 28.36
CA ARG D 442 9.84 -10.63 27.73
C ARG D 442 10.35 -10.56 26.25
N VAL D 443 9.54 -9.95 25.39
CA VAL D 443 9.86 -9.84 23.96
C VAL D 443 10.58 -8.53 23.71
N LEU D 444 11.83 -8.61 23.27
CA LEU D 444 12.66 -7.45 23.10
C LEU D 444 13.20 -7.27 21.66
N SER D 445 13.15 -6.04 21.13
CA SER D 445 13.73 -5.70 19.84
C SER D 445 15.16 -5.26 20.05
N ILE D 446 16.08 -5.81 19.28
CA ILE D 446 17.47 -5.42 19.39
C ILE D 446 17.71 -4.05 18.75
N SER D 447 18.28 -3.13 19.51
CA SER D 447 18.63 -1.81 19.00
C SER D 447 20.18 -1.67 18.96
N ALA E 25 26.75 23.03 -3.80
CA ALA E 25 26.81 23.74 -2.51
C ALA E 25 26.38 25.19 -2.65
N PHE E 26 26.79 25.85 -3.75
CA PHE E 26 26.44 27.24 -4.05
C PHE E 26 24.90 27.37 -4.13
N PHE E 27 24.25 26.44 -4.83
CA PHE E 27 22.81 26.47 -5.04
C PHE E 27 21.99 26.04 -3.84
N GLN E 28 22.63 25.64 -2.74
CA GLN E 28 21.92 25.30 -1.51
C GLN E 28 21.92 26.46 -0.50
N GLN E 29 22.86 27.42 -0.64
CA GLN E 29 22.97 28.59 0.23
C GLN E 29 22.03 29.72 -0.20
N GLN E 30 21.96 30.78 0.64
CA GLN E 30 21.19 32.02 0.46
C GLN E 30 19.76 31.80 -0.08
N GLN E 31 19.09 30.76 0.42
CA GLN E 31 17.72 30.39 0.02
C GLN E 31 17.55 30.28 -1.50
N LEU E 32 18.60 29.85 -2.21
CA LEU E 32 18.51 29.70 -3.67
C LEU E 32 17.47 28.64 -4.11
N PRO E 33 17.27 27.49 -3.41
CA PRO E 33 16.17 26.60 -3.80
C PRO E 33 14.81 27.31 -3.73
N ALA E 34 14.56 28.13 -2.68
CA ALA E 34 13.29 28.90 -2.58
C ALA E 34 13.22 30.01 -3.64
N ALA E 35 14.37 30.57 -4.03
CA ALA E 35 14.45 31.62 -5.06
C ALA E 35 13.99 31.11 -6.43
N MET E 36 14.24 29.84 -6.74
CA MET E 36 13.88 29.26 -8.03
C MET E 36 12.43 28.80 -8.16
N ALA E 37 11.64 28.87 -7.06
CA ALA E 37 10.25 28.44 -7.08
C ALA E 37 9.38 29.18 -8.07
N ASP E 38 8.38 28.50 -8.62
CA ASP E 38 7.50 29.08 -9.62
C ASP E 38 6.32 29.87 -9.04
N THR E 39 6.03 29.71 -7.75
CA THR E 39 4.97 30.48 -7.09
C THR E 39 5.47 30.98 -5.74
N PHE E 40 4.82 32.02 -5.19
CA PHE E 40 5.16 32.55 -3.89
C PHE E 40 4.90 31.48 -2.81
N LEU E 41 3.79 30.73 -2.94
CA LEU E 41 3.48 29.64 -2.02
C LEU E 41 4.59 28.58 -2.01
N GLU E 42 5.06 28.13 -3.19
CA GLU E 42 6.15 27.15 -3.30
CA GLU E 42 6.13 27.14 -3.25
C GLU E 42 7.45 27.72 -2.71
N HIS E 43 7.68 29.03 -2.91
CA HIS E 43 8.85 29.73 -2.39
C HIS E 43 8.87 29.64 -0.86
N LEU E 44 7.71 29.89 -0.22
CA LEU E 44 7.61 29.78 1.25
C LEU E 44 7.90 28.36 1.70
N CYS E 45 7.29 27.36 1.02
CA CYS E 45 7.48 25.93 1.31
C CYS E 45 8.94 25.51 1.22
N LEU E 46 9.75 26.19 0.41
CA LEU E 46 11.16 25.83 0.21
C LEU E 46 12.13 26.57 1.08
N LEU E 47 11.66 27.49 1.96
CA LEU E 47 12.56 28.22 2.88
C LEU E 47 13.19 27.21 3.81
N ASP E 48 14.51 27.31 3.99
CA ASP E 48 15.28 26.33 4.72
C ASP E 48 16.15 26.98 5.79
N ILE E 49 15.94 26.60 7.05
CA ILE E 49 16.76 27.11 8.16
C ILE E 49 18.23 26.68 8.08
N ASP E 50 18.54 25.68 7.28
CA ASP E 50 19.93 25.24 7.07
C ASP E 50 20.58 25.91 5.87
N SER E 51 19.86 26.75 5.12
CA SER E 51 20.41 27.45 3.97
C SER E 51 21.01 28.77 4.51
N GLU E 52 22.33 28.82 4.63
CA GLU E 52 23.02 29.96 5.23
C GLU E 52 23.15 31.16 4.32
N PRO E 53 22.92 32.37 4.89
CA PRO E 53 23.09 33.58 4.08
C PRO E 53 24.56 33.78 3.71
N VAL E 54 24.83 34.21 2.48
CA VAL E 54 26.20 34.44 2.03
C VAL E 54 26.43 35.91 1.69
N ALA E 55 25.41 36.55 1.10
CA ALA E 55 25.51 37.94 0.72
C ALA E 55 25.69 38.85 1.93
N ALA E 56 26.29 40.02 1.69
CA ALA E 56 26.45 41.01 2.75
C ALA E 56 25.07 41.57 3.11
N ARG E 57 24.88 41.94 4.37
CA ARG E 57 23.60 42.46 4.83
C ARG E 57 23.31 43.81 4.16
N SER E 58 22.18 43.93 3.49
CA SER E 58 21.86 45.07 2.67
C SER E 58 20.91 46.11 3.30
N THR E 59 20.12 45.75 4.32
CA THR E 59 19.20 46.70 4.95
C THR E 59 20.04 47.47 6.00
N SER E 60 20.11 48.79 5.88
CA SER E 60 20.93 49.57 6.83
C SER E 60 20.30 49.65 8.19
N ILE E 61 21.14 49.74 9.21
CA ILE E 61 20.70 49.86 10.58
C ILE E 61 20.94 51.28 11.08
N ILE E 62 19.89 51.90 11.58
CA ILE E 62 19.97 53.22 12.17
C ILE E 62 19.94 53.01 13.69
N ALA E 63 20.95 53.49 14.41
CA ALA E 63 20.98 53.33 15.86
C ALA E 63 20.92 54.71 16.49
N THR E 64 20.02 54.90 17.47
CA THR E 64 19.87 56.17 18.15
C THR E 64 20.97 56.27 19.19
N ILE E 65 21.76 57.35 19.14
CA ILE E 65 22.86 57.53 20.06
C ILE E 65 22.40 58.32 21.27
N GLY E 66 22.62 57.76 22.45
CA GLY E 66 22.25 58.38 23.71
C GLY E 66 23.15 57.95 24.85
N PRO E 67 22.68 58.07 26.10
CA PRO E 67 23.51 57.69 27.26
C PRO E 67 24.18 56.31 27.19
N ALA E 68 23.46 55.30 26.66
CA ALA E 68 23.98 53.94 26.61
C ALA E 68 24.94 53.65 25.47
N SER E 69 25.05 54.55 24.51
CA SER E 69 25.83 54.27 23.31
C SER E 69 26.73 55.42 22.88
N ARG E 70 27.07 56.33 23.79
CA ARG E 70 27.84 57.54 23.54
C ARG E 70 29.34 57.45 23.54
N SER E 71 29.92 56.56 24.33
CA SER E 71 31.39 56.48 24.42
C SER E 71 32.01 56.06 23.10
N VAL E 72 33.22 56.57 22.84
CA VAL E 72 33.95 56.25 21.62
C VAL E 72 34.20 54.74 21.50
N GLU E 73 34.52 54.09 22.62
CA GLU E 73 34.77 52.66 22.68
C GLU E 73 33.51 51.85 22.33
N ARG E 74 32.34 52.27 22.87
CA ARG E 74 31.06 51.61 22.62
C ARG E 74 30.68 51.80 21.14
N LEU E 75 30.88 53.02 20.62
CA LEU E 75 30.59 53.36 19.23
C LEU E 75 31.43 52.56 18.25
N LYS E 76 32.67 52.22 18.60
CA LYS E 76 33.52 51.39 17.74
C LYS E 76 32.92 49.99 17.64
N GLU E 77 32.41 49.45 18.75
CA GLU E 77 31.75 48.13 18.75
C GLU E 77 30.44 48.18 17.97
N MET E 78 29.70 49.30 18.04
CA MET E 78 28.45 49.44 17.30
CA MET E 78 28.44 49.43 17.30
C MET E 78 28.69 49.50 15.80
N ILE E 79 29.81 50.16 15.38
CA ILE E 79 30.16 50.25 13.97
C ILE E 79 30.51 48.85 13.46
N LYS E 80 31.33 48.11 14.24
CA LYS E 80 31.70 46.75 13.87
C LYS E 80 30.49 45.79 13.85
N ALA E 81 29.51 46.02 14.75
CA ALA E 81 28.29 45.21 14.84
C ALA E 81 27.35 45.46 13.65
N GLY E 82 27.48 46.61 12.97
CA GLY E 82 26.68 46.90 11.79
C GLY E 82 25.97 48.23 11.70
N MET E 83 26.17 49.13 12.68
CA MET E 83 25.50 50.44 12.63
C MET E 83 25.97 51.23 11.40
N ASN E 84 25.03 51.70 10.58
CA ASN E 84 25.36 52.45 9.37
C ASN E 84 25.01 53.93 9.48
N ILE E 85 24.00 54.25 10.29
CA ILE E 85 23.49 55.60 10.48
C ILE E 85 23.30 55.84 11.98
N ALA E 86 23.89 56.93 12.50
CA ALA E 86 23.74 57.31 13.90
C ALA E 86 22.65 58.37 13.96
N ARG E 87 21.60 58.13 14.76
CA ARG E 87 20.49 59.08 14.87
C ARG E 87 20.60 59.87 16.16
N LEU E 88 20.40 61.19 16.08
CA LEU E 88 20.41 62.07 17.26
C LEU E 88 19.03 62.69 17.42
N ASN E 89 18.33 62.28 18.48
CA ASN E 89 16.97 62.70 18.70
C ASN E 89 16.91 64.06 19.40
N PHE E 90 16.60 65.12 18.66
CA PHE E 90 16.53 66.47 19.23
C PHE E 90 15.27 66.72 20.04
N SER E 91 14.45 65.68 20.30
CA SER E 91 13.35 65.78 21.25
C SER E 91 13.93 65.72 22.69
N HIS E 92 15.15 65.18 22.86
CA HIS E 92 15.84 65.01 24.13
C HIS E 92 17.24 65.65 24.07
N GLY E 93 17.91 65.75 25.21
CA GLY E 93 19.24 66.31 25.30
C GLY E 93 19.29 67.79 25.00
N SER E 94 20.41 68.22 24.48
CA SER E 94 20.62 69.62 24.15
C SER E 94 21.61 69.71 22.97
N HIS E 95 21.88 70.94 22.47
CA HIS E 95 22.84 71.13 21.38
C HIS E 95 24.22 70.68 21.82
N GLU E 96 24.63 71.02 23.06
CA GLU E 96 25.94 70.64 23.58
C GLU E 96 26.05 69.12 23.71
N TYR E 97 25.01 68.48 24.24
CA TYR E 97 25.00 67.03 24.42
C TYR E 97 25.11 66.31 23.07
N HIS E 98 24.26 66.69 22.10
CA HIS E 98 24.29 66.08 20.78
C HIS E 98 25.56 66.37 20.00
N ALA E 99 26.17 67.56 20.18
CA ALA E 99 27.45 67.85 19.51
C ALA E 99 28.54 66.91 20.02
N GLU E 100 28.53 66.62 21.32
CA GLU E 100 29.50 65.71 21.91
C GLU E 100 29.30 64.29 21.39
N SER E 101 28.04 63.85 21.26
CA SER E 101 27.72 62.53 20.72
C SER E 101 28.21 62.44 19.27
N ILE E 102 27.96 63.49 18.46
CA ILE E 102 28.41 63.56 17.06
C ILE E 102 29.93 63.49 16.96
N ALA E 103 30.65 64.22 17.84
CA ALA E 103 32.11 64.19 17.83
C ALA E 103 32.61 62.80 18.19
N ASN E 104 31.96 62.12 19.16
CA ASN E 104 32.33 60.77 19.54
C ASN E 104 32.08 59.77 18.42
N VAL E 105 30.96 59.93 17.69
CA VAL E 105 30.66 59.07 16.53
C VAL E 105 31.74 59.27 15.48
N ARG E 106 32.04 60.52 15.14
CA ARG E 106 33.08 60.81 14.16
C ARG E 106 34.45 60.30 14.56
N GLU E 107 34.81 60.37 15.86
CA GLU E 107 36.10 59.85 16.31
C GLU E 107 36.14 58.34 16.13
N ALA E 108 35.04 57.65 16.50
CA ALA E 108 34.96 56.20 16.34
C ALA E 108 35.01 55.80 14.86
N VAL E 109 34.30 56.52 14.00
CA VAL E 109 34.28 56.23 12.56
C VAL E 109 35.65 56.45 11.93
N GLU E 110 36.28 57.58 12.25
CA GLU E 110 37.59 57.91 11.68
C GLU E 110 38.71 57.08 12.24
N SER E 111 38.51 56.35 13.35
CA SER E 111 39.53 55.44 13.89
C SER E 111 39.83 54.28 12.92
N PHE E 112 38.95 54.02 11.94
CA PHE E 112 39.13 52.97 10.94
C PHE E 112 39.61 53.53 9.56
N ALA E 113 39.76 54.87 9.41
CA ALA E 113 40.17 55.50 8.14
C ALA E 113 41.59 55.17 7.67
N GLY E 114 42.43 54.66 8.58
CA GLY E 114 43.79 54.28 8.25
C GLY E 114 43.88 53.08 7.33
N SER E 115 42.78 52.34 7.17
CA SER E 115 42.70 51.21 6.25
C SER E 115 41.57 51.54 5.26
N PRO E 116 41.89 52.25 4.17
CA PRO E 116 40.86 52.68 3.22
C PRO E 116 40.04 51.57 2.55
N LEU E 117 40.61 50.36 2.41
CA LEU E 117 39.93 49.22 1.79
C LEU E 117 38.82 48.61 2.69
N SER E 118 38.83 48.92 3.99
CA SER E 118 37.82 48.40 4.91
C SER E 118 37.02 49.49 5.64
N TYR E 119 37.37 50.78 5.45
CA TYR E 119 36.68 51.90 6.09
C TYR E 119 35.20 51.90 5.78
N ARG E 120 34.37 51.99 6.83
CA ARG E 120 32.93 52.00 6.64
C ARG E 120 32.39 53.37 6.98
N PRO E 121 31.86 54.09 5.98
CA PRO E 121 31.21 55.38 6.28
C PRO E 121 30.00 55.19 7.19
N VAL E 122 29.71 56.17 8.05
CA VAL E 122 28.56 56.15 8.94
C VAL E 122 27.89 57.52 8.83
N ALA E 123 26.61 57.55 8.46
CA ALA E 123 25.87 58.79 8.33
C ALA E 123 25.44 59.34 9.69
N ILE E 124 25.20 60.66 9.75
CA ILE E 124 24.73 61.32 10.95
C ILE E 124 23.38 61.93 10.65
N ALA E 125 22.35 61.49 11.36
CA ALA E 125 21.00 61.95 11.11
C ALA E 125 20.44 62.72 12.30
N LEU E 126 19.79 63.85 12.03
CA LEU E 126 19.18 64.68 13.06
C LEU E 126 17.70 64.44 13.02
N ASP E 127 17.12 64.01 14.14
CA ASP E 127 15.68 63.78 14.21
C ASP E 127 15.06 64.96 14.95
N THR E 128 14.19 65.71 14.31
CA THR E 128 13.62 66.93 14.91
C THR E 128 12.58 66.68 15.99
N LYS E 129 12.40 67.68 16.88
CA LYS E 129 11.42 67.63 17.96
C LYS E 129 10.01 67.64 17.37
N GLY E 130 9.78 68.46 16.36
CA GLY E 130 8.49 68.52 15.71
C GLY E 130 7.69 69.77 16.01
N PRO E 131 6.53 69.90 15.35
CA PRO E 131 5.71 71.11 15.53
C PRO E 131 4.92 71.17 16.83
N GLY E 136 2.98 73.94 11.61
CA GLY E 136 3.95 74.98 11.25
C GLY E 136 5.31 74.73 11.87
N LEU E 137 6.39 75.16 11.19
CA LEU E 137 7.76 74.94 11.70
C LEU E 137 8.00 75.66 13.00
N SER E 138 8.26 74.90 14.07
CA SER E 138 8.49 75.46 15.39
C SER E 138 9.83 76.21 15.47
N GLU E 139 9.96 77.10 16.46
CA GLU E 139 11.18 77.87 16.65
C GLU E 139 12.34 76.98 17.10
N GLN E 140 12.06 75.95 17.91
CA GLN E 140 13.11 75.01 18.31
C GLN E 140 13.62 74.24 17.09
N ASP E 141 12.71 73.83 16.17
CA ASP E 141 13.13 73.15 14.96
C ASP E 141 13.99 74.04 14.08
N VAL E 142 13.67 75.35 13.97
CA VAL E 142 14.52 76.26 13.19
C VAL E 142 15.96 76.29 13.75
N ARG E 143 16.10 76.35 15.08
CA ARG E 143 17.41 76.36 15.71
C ARG E 143 18.14 75.02 15.59
N ASP E 144 17.40 73.89 15.73
CA ASP E 144 18.00 72.57 15.64
C ASP E 144 18.43 72.25 14.20
N LEU E 145 17.65 72.71 13.22
CA LEU E 145 18.00 72.50 11.81
C LEU E 145 19.24 73.32 11.45
N ARG E 146 19.38 74.53 12.04
CA ARG E 146 20.58 75.35 11.85
C ARG E 146 21.78 74.65 12.47
N PHE E 147 21.61 74.05 13.67
CA PHE E 147 22.65 73.28 14.34
C PHE E 147 23.11 72.12 13.42
N GLY E 148 22.14 71.45 12.78
CA GLY E 148 22.41 70.35 11.86
C GLY E 148 23.30 70.76 10.71
N VAL E 149 22.99 71.89 10.08
CA VAL E 149 23.79 72.42 8.97
C VAL E 149 25.20 72.76 9.45
N GLU E 150 25.30 73.45 10.60
CA GLU E 150 26.60 73.83 11.16
C GLU E 150 27.45 72.64 11.56
N HIS E 151 26.82 71.54 11.96
CA HIS E 151 27.56 70.33 12.34
C HIS E 151 27.69 69.29 11.21
N GLY E 152 27.32 69.66 9.99
CA GLY E 152 27.48 68.80 8.82
C GLY E 152 26.68 67.52 8.80
N VAL E 153 25.45 67.54 9.34
CA VAL E 153 24.62 66.31 9.35
C VAL E 153 24.26 65.91 7.92
N ASP E 154 24.11 64.61 7.70
CA ASP E 154 23.81 64.10 6.36
C ASP E 154 22.32 64.01 6.09
N ILE E 155 21.53 63.74 7.13
CA ILE E 155 20.11 63.47 6.98
C ILE E 155 19.31 64.15 8.07
N VAL E 156 18.09 64.56 7.74
CA VAL E 156 17.16 65.07 8.70
C VAL E 156 15.95 64.12 8.68
N PHE E 157 15.57 63.61 9.85
CA PHE E 157 14.35 62.84 10.00
C PHE E 157 13.36 63.89 10.54
N ALA E 158 12.53 64.43 9.66
CA ALA E 158 11.59 65.50 10.04
C ALA E 158 10.33 64.97 10.70
N SER E 159 10.16 65.27 11.99
CA SER E 159 9.01 64.79 12.75
C SER E 159 7.68 65.39 12.34
N PHE E 160 6.62 64.58 12.43
CA PHE E 160 5.23 64.94 12.17
C PHE E 160 5.00 65.69 10.86
N VAL E 161 5.51 65.15 9.74
CA VAL E 161 5.27 65.75 8.44
C VAL E 161 3.84 65.40 8.06
N ARG E 162 3.01 66.42 7.82
CA ARG E 162 1.59 66.27 7.52
C ARG E 162 1.18 66.68 6.11
N LYS E 163 2.05 67.39 5.40
CA LYS E 163 1.77 67.88 4.05
C LYS E 163 3.06 68.37 3.39
N ALA E 164 3.03 68.59 2.07
CA ALA E 164 4.19 69.05 1.31
C ALA E 164 4.82 70.35 1.85
N SER E 165 4.00 71.31 2.33
CA SER E 165 4.53 72.57 2.85
C SER E 165 5.37 72.39 4.12
N ASP E 166 5.15 71.30 4.88
CA ASP E 166 5.99 71.00 6.03
C ASP E 166 7.41 70.68 5.56
N VAL E 167 7.54 69.95 4.44
CA VAL E 167 8.85 69.59 3.89
C VAL E 167 9.54 70.85 3.37
N ALA E 168 8.80 71.71 2.65
CA ALA E 168 9.37 72.95 2.12
C ALA E 168 9.89 73.84 3.24
N ALA E 169 9.21 73.88 4.39
CA ALA E 169 9.64 74.68 5.54
C ALA E 169 10.93 74.13 6.13
N VAL E 170 11.07 72.79 6.20
CA VAL E 170 12.30 72.16 6.70
C VAL E 170 13.45 72.49 5.73
N ARG E 171 13.19 72.38 4.43
CA ARG E 171 14.19 72.69 3.40
C ARG E 171 14.64 74.15 3.50
N ALA E 172 13.70 75.09 3.71
CA ALA E 172 14.03 76.51 3.84
C ALA E 172 14.87 76.79 5.09
N ALA E 173 14.56 76.11 6.21
CA ALA E 173 15.32 76.26 7.45
C ALA E 173 16.75 75.71 7.38
N LEU E 174 17.02 74.80 6.42
CA LEU E 174 18.37 74.30 6.23
C LEU E 174 19.28 75.34 5.49
N GLY E 175 18.66 76.35 4.89
CA GLY E 175 19.37 77.44 4.22
C GLY E 175 20.13 77.07 2.96
N PRO E 176 20.94 78.01 2.47
CA PRO E 176 21.70 77.74 1.25
C PRO E 176 22.81 76.70 1.42
N GLU E 177 23.35 76.58 2.65
CA GLU E 177 24.43 75.63 2.92
C GLU E 177 23.97 74.18 3.17
N GLY E 178 22.66 73.97 3.33
CA GLY E 178 22.13 72.63 3.60
C GLY E 178 21.34 71.99 2.47
N HIS E 179 21.58 72.44 1.22
CA HIS E 179 20.91 71.90 0.03
CA HIS E 179 20.90 71.91 0.04
C HIS E 179 21.17 70.40 -0.19
N GLY E 180 22.34 69.93 0.24
CA GLY E 180 22.73 68.53 0.06
C GLY E 180 22.22 67.58 1.13
N ILE E 181 21.62 68.09 2.20
CA ILE E 181 21.11 67.25 3.28
C ILE E 181 19.83 66.52 2.81
N LYS E 182 19.74 65.21 3.09
CA LYS E 182 18.55 64.45 2.70
C LYS E 182 17.45 64.68 3.72
N ILE E 183 16.22 64.89 3.23
CA ILE E 183 15.08 65.05 4.13
C ILE E 183 14.22 63.80 4.06
N ILE E 184 14.15 63.08 5.18
CA ILE E 184 13.33 61.89 5.33
C ILE E 184 12.14 62.30 6.16
N SER E 185 10.96 62.34 5.55
CA SER E 185 9.76 62.76 6.26
C SER E 185 9.21 61.63 7.14
N LYS E 186 8.97 61.92 8.42
CA LYS E 186 8.39 60.97 9.33
C LYS E 186 6.86 61.06 9.25
N ILE E 187 6.21 59.93 8.94
CA ILE E 187 4.75 59.87 8.89
C ILE E 187 4.31 59.33 10.24
N GLU E 188 3.63 60.16 11.01
CA GLU E 188 3.30 59.83 12.41
C GLU E 188 1.85 59.97 12.78
N ASN E 189 0.99 60.37 11.84
CA ASN E 189 -0.43 60.57 12.15
C ASN E 189 -1.32 60.32 10.93
N HIS E 190 -2.64 60.41 11.12
CA HIS E 190 -3.60 60.16 10.04
C HIS E 190 -3.41 61.07 8.84
N GLU E 191 -3.18 62.36 9.08
CA GLU E 191 -3.01 63.31 7.97
C GLU E 191 -1.80 62.99 7.10
N GLY E 192 -0.69 62.62 7.74
CA GLY E 192 0.52 62.22 7.01
C GLY E 192 0.26 61.02 6.12
N VAL E 193 -0.53 60.05 6.59
CA VAL E 193 -0.86 58.87 5.80
C VAL E 193 -1.76 59.26 4.62
N LYS E 194 -2.79 60.07 4.88
CA LYS E 194 -3.70 60.50 3.82
C LYS E 194 -3.05 61.41 2.77
N ARG E 195 -2.11 62.26 3.19
CA ARG E 195 -1.38 63.11 2.26
C ARG E 195 -0.02 62.53 1.88
N PHE E 196 0.16 61.20 2.02
CA PHE E 196 1.43 60.52 1.73
C PHE E 196 2.01 60.84 0.37
N ASP E 197 1.21 60.73 -0.71
CA ASP E 197 1.72 60.96 -2.06
C ASP E 197 2.34 62.33 -2.25
N GLU E 198 1.69 63.39 -1.75
CA GLU E 198 2.25 64.73 -1.89
C GLU E 198 3.51 64.92 -1.03
N ILE E 199 3.60 64.22 0.11
CA ILE E 199 4.77 64.31 0.99
C ILE E 199 5.95 63.59 0.35
N LEU E 200 5.73 62.38 -0.17
CA LEU E 200 6.79 61.59 -0.80
C LEU E 200 7.37 62.32 -2.02
N GLU E 201 6.48 62.95 -2.82
CA GLU E 201 6.87 63.69 -4.02
CA GLU E 201 6.89 63.67 -4.03
C GLU E 201 8.00 64.70 -3.77
N VAL E 202 7.91 65.45 -2.66
CA VAL E 202 8.90 66.47 -2.32
C VAL E 202 9.97 66.03 -1.32
N SER E 203 9.88 64.80 -0.78
CA SER E 203 10.85 64.32 0.20
C SER E 203 11.90 63.42 -0.46
N ASP E 204 13.04 63.23 0.21
CA ASP E 204 14.05 62.28 -0.28
C ASP E 204 13.68 60.83 0.11
N GLY E 205 12.86 60.68 1.13
CA GLY E 205 12.44 59.40 1.63
C GLY E 205 11.46 59.53 2.77
N ILE E 206 11.10 58.40 3.38
CA ILE E 206 10.08 58.37 4.43
C ILE E 206 10.51 57.51 5.60
N MET E 207 10.04 57.86 6.80
CA MET E 207 10.18 57.00 7.96
C MET E 207 8.76 56.65 8.42
N VAL E 208 8.48 55.36 8.62
CA VAL E 208 7.21 54.90 9.17
C VAL E 208 7.45 54.97 10.69
N ALA E 209 7.08 56.09 11.30
CA ALA E 209 7.34 56.37 12.73
C ALA E 209 6.22 55.78 13.54
N ARG E 210 6.33 54.48 13.82
CA ARG E 210 5.25 53.69 14.41
C ARG E 210 4.86 54.01 15.86
N GLY E 211 5.74 54.63 16.64
CA GLY E 211 5.42 55.03 18.01
C GLY E 211 4.23 55.98 18.06
N ASP E 212 4.37 57.16 17.45
CA ASP E 212 3.29 58.12 17.36
C ASP E 212 2.18 57.62 16.48
N LEU E 213 2.51 56.98 15.34
CA LEU E 213 1.47 56.45 14.43
C LEU E 213 0.51 55.49 15.13
N GLY E 214 1.04 54.66 16.04
CA GLY E 214 0.28 53.70 16.82
C GLY E 214 -0.60 54.26 17.92
N ILE E 215 -0.46 55.56 18.21
CA ILE E 215 -1.28 56.30 19.17
C ILE E 215 -2.25 57.23 18.40
N GLU E 216 -1.82 57.74 17.24
CA GLU E 216 -2.62 58.63 16.41
C GLU E 216 -3.71 57.90 15.64
N ILE E 217 -3.42 56.67 15.21
CA ILE E 217 -4.41 55.83 14.53
C ILE E 217 -4.57 54.54 15.35
N PRO E 218 -5.64 53.74 15.14
CA PRO E 218 -5.77 52.48 15.90
C PRO E 218 -4.54 51.59 15.75
N ALA E 219 -4.03 51.03 16.85
CA ALA E 219 -2.83 50.21 16.87
C ALA E 219 -2.91 49.04 15.84
N GLU E 220 -4.11 48.46 15.66
CA GLU E 220 -4.34 47.36 14.73
C GLU E 220 -4.29 47.78 13.26
N LYS E 221 -4.14 49.07 12.96
CA LYS E 221 -4.07 49.55 11.58
C LYS E 221 -2.64 49.94 11.16
N VAL E 222 -1.71 50.08 12.10
CA VAL E 222 -0.32 50.48 11.77
C VAL E 222 0.32 49.62 10.70
N PHE E 223 0.14 48.27 10.76
CA PHE E 223 0.76 47.40 9.74
C PHE E 223 0.28 47.73 8.31
N LEU E 224 -0.99 48.20 8.18
CA LEU E 224 -1.50 48.56 6.85
C LEU E 224 -0.79 49.81 6.34
N ALA E 225 -0.60 50.81 7.23
CA ALA E 225 0.08 52.05 6.88
C ALA E 225 1.55 51.75 6.56
N GLN E 226 2.19 50.89 7.34
CA GLN E 226 3.59 50.49 7.11
C GLN E 226 3.74 49.82 5.75
N LYS E 227 2.91 48.80 5.46
CA LYS E 227 3.03 48.05 4.22
C LYS E 227 2.72 48.90 3.00
N MET E 228 1.72 49.80 3.12
CA MET E 228 1.36 50.73 2.04
C MET E 228 2.52 51.71 1.76
N MET E 229 3.09 52.34 2.79
CA MET E 229 4.14 53.32 2.61
C MET E 229 5.40 52.71 2.07
N ILE E 230 5.74 51.49 2.56
CA ILE E 230 6.92 50.81 2.04
C ILE E 230 6.72 50.46 0.55
N GLY E 231 5.55 49.95 0.21
CA GLY E 231 5.24 49.62 -1.18
C GLY E 231 5.30 50.83 -2.08
N ARG E 232 4.72 51.98 -1.64
CA ARG E 232 4.77 53.20 -2.44
C ARG E 232 6.18 53.78 -2.59
N CYS E 233 7.01 53.68 -1.53
CA CYS E 233 8.40 54.12 -1.61
C CYS E 233 9.18 53.21 -2.55
N ASN E 234 8.93 51.89 -2.51
CA ASN E 234 9.61 50.96 -3.42
C ASN E 234 9.23 51.28 -4.87
N LEU E 235 7.96 51.60 -5.13
CA LEU E 235 7.47 51.97 -6.46
C LEU E 235 8.17 53.30 -6.92
N ALA E 236 8.32 54.27 -6.00
CA ALA E 236 8.97 55.54 -6.31
C ALA E 236 10.51 55.46 -6.40
N GLY E 237 11.10 54.37 -5.89
CA GLY E 237 12.54 54.23 -5.87
C GLY E 237 13.16 55.15 -4.82
N LYS E 238 12.45 55.45 -3.72
CA LYS E 238 12.94 56.34 -2.66
C LYS E 238 13.06 55.59 -1.33
N PRO E 239 14.09 55.91 -0.53
CA PRO E 239 14.29 55.18 0.72
C PRO E 239 13.15 55.22 1.72
N VAL E 240 12.92 54.09 2.40
CA VAL E 240 11.89 54.01 3.43
C VAL E 240 12.49 53.32 4.64
N VAL E 241 12.24 53.92 5.82
CA VAL E 241 12.73 53.39 7.09
C VAL E 241 11.59 52.82 7.90
N CYS E 242 11.78 51.63 8.50
CA CYS E 242 10.80 51.12 9.45
C CYS E 242 11.37 51.43 10.84
N ALA E 243 10.55 52.02 11.72
CA ALA E 243 11.07 52.45 13.02
C ALA E 243 10.16 52.12 14.18
N THR E 244 10.75 52.04 15.38
CA THR E 244 10.16 52.04 16.72
C THR E 244 9.63 50.70 17.21
N GLN E 245 10.17 50.30 18.37
CA GLN E 245 9.82 49.12 19.14
C GLN E 245 10.10 47.81 18.41
N MET E 246 11.01 47.81 17.43
CA MET E 246 11.36 46.62 16.67
C MET E 246 11.95 45.55 17.57
N LEU E 247 12.85 45.93 18.52
CA LEU E 247 13.46 44.98 19.47
C LEU E 247 13.30 45.53 20.89
N GLU E 248 12.14 46.15 21.19
CA GLU E 248 11.85 46.84 22.44
C GLU E 248 12.29 46.13 23.71
N SER E 249 11.97 44.84 23.87
CA SER E 249 12.32 44.10 25.07
C SER E 249 13.84 44.05 25.32
N MET E 250 14.67 44.23 24.27
CA MET E 250 16.12 44.23 24.42
C MET E 250 16.66 45.45 25.19
N ILE E 251 15.80 46.42 25.55
CA ILE E 251 16.19 47.54 26.41
C ILE E 251 16.60 46.96 27.80
N THR E 252 15.91 45.89 28.27
CA THR E 252 16.26 45.25 29.54
C THR E 252 16.72 43.79 29.40
N LYS E 253 16.39 43.12 28.30
CA LYS E 253 16.73 41.70 28.14
C LYS E 253 17.79 41.43 27.09
N PRO E 254 18.65 40.41 27.29
CA PRO E 254 19.72 40.14 26.32
C PRO E 254 19.25 39.53 24.99
N ARG E 255 18.04 38.96 24.97
CA ARG E 255 17.49 38.32 23.77
C ARG E 255 16.09 38.91 23.51
N PRO E 256 15.71 39.03 22.24
CA PRO E 256 14.40 39.60 21.93
C PRO E 256 13.26 38.59 22.00
N THR E 257 12.01 39.07 21.91
CA THR E 257 10.86 38.16 21.88
C THR E 257 10.68 37.57 20.46
N ARG E 258 9.81 36.55 20.32
CA ARG E 258 9.52 35.96 19.02
C ARG E 258 8.82 36.98 18.10
N ALA E 259 8.02 37.90 18.67
CA ALA E 259 7.34 38.92 17.87
C ALA E 259 8.32 39.95 17.34
N GLU E 260 9.34 40.27 18.13
CA GLU E 260 10.34 41.24 17.73
C GLU E 260 11.22 40.77 16.58
N THR E 261 11.72 39.51 16.63
CA THR E 261 12.53 39.01 15.50
C THR E 261 11.67 38.92 14.24
N SER E 262 10.41 38.53 14.40
CA SER E 262 9.44 38.44 13.31
C SER E 262 9.24 39.82 12.70
N ASP E 263 9.07 40.85 13.54
CA ASP E 263 8.86 42.24 13.09
C ASP E 263 10.02 42.73 12.25
N VAL E 264 11.26 42.47 12.69
CA VAL E 264 12.42 42.88 11.91
C VAL E 264 12.46 42.16 10.56
N ALA E 265 12.27 40.85 10.56
CA ALA E 265 12.29 40.07 9.32
C ALA E 265 11.20 40.53 8.36
N ASN E 266 9.98 40.79 8.89
CA ASN E 266 8.88 41.24 8.07
C ASN E 266 9.06 42.65 7.54
N ALA E 267 9.77 43.55 8.28
CA ALA E 267 10.04 44.90 7.74
C ALA E 267 10.93 44.78 6.49
N VAL E 268 11.91 43.88 6.51
CA VAL E 268 12.81 43.63 5.38
C VAL E 268 12.00 42.99 4.23
N LEU E 269 11.19 41.98 4.53
CA LEU E 269 10.35 41.33 3.51
C LEU E 269 9.33 42.28 2.92
N ASP E 270 8.85 43.26 3.69
CA ASP E 270 7.94 44.31 3.22
C ASP E 270 8.58 45.18 2.15
N GLY E 271 9.90 45.39 2.24
CA GLY E 271 10.68 46.20 1.32
C GLY E 271 11.41 47.38 1.94
N ALA E 272 11.51 47.42 3.28
CA ALA E 272 12.19 48.55 3.95
C ALA E 272 13.64 48.65 3.56
N ASP E 273 14.10 49.86 3.27
CA ASP E 273 15.51 50.09 2.97
C ASP E 273 16.33 50.10 4.25
N CYS E 274 15.78 50.66 5.34
CA CYS E 274 16.45 50.76 6.64
C CYS E 274 15.54 50.28 7.75
N ILE E 275 16.16 49.78 8.83
CA ILE E 275 15.49 49.41 10.07
C ILE E 275 16.15 50.24 11.20
N MET E 276 15.40 50.54 12.23
CA MET E 276 15.89 51.44 13.28
C MET E 276 15.78 50.89 14.69
N LEU E 277 16.65 51.40 15.57
CA LEU E 277 16.69 51.14 16.99
C LEU E 277 16.63 52.50 17.68
N SER E 278 15.76 52.64 18.68
CA SER E 278 15.59 53.88 19.42
C SER E 278 16.08 53.66 20.87
N GLY E 279 15.17 53.47 21.84
CA GLY E 279 15.52 53.18 23.23
C GLY E 279 16.47 52.01 23.36
N GLU E 280 16.35 51.01 22.43
CA GLU E 280 17.22 49.84 22.41
C GLU E 280 18.70 50.21 22.39
N THR E 281 19.08 51.32 21.72
CA THR E 281 20.48 51.74 21.69
C THR E 281 20.72 53.01 22.51
N ALA E 282 19.74 53.91 22.55
CA ALA E 282 19.91 55.17 23.25
C ALA E 282 20.02 55.00 24.78
N LYS E 283 19.19 54.14 25.38
CA LYS E 283 19.21 53.98 26.83
C LYS E 283 19.27 52.53 27.34
N GLY E 284 19.23 51.56 26.44
CA GLY E 284 19.19 50.16 26.82
C GLY E 284 20.45 49.55 27.40
N ASN E 285 20.29 48.38 28.02
CA ASN E 285 21.40 47.64 28.61
C ASN E 285 22.17 46.79 27.63
N PHE E 286 21.65 46.58 26.40
CA PHE E 286 22.33 45.76 25.41
C PHE E 286 22.38 46.45 24.02
N PRO E 287 22.90 47.69 23.91
CA PRO E 287 22.92 48.37 22.60
C PRO E 287 23.63 47.63 21.48
N VAL E 288 24.84 47.07 21.76
CA VAL E 288 25.60 46.37 20.72
C VAL E 288 24.88 45.10 20.31
N GLU E 289 24.29 44.38 21.27
CA GLU E 289 23.56 43.15 21.00
C GLU E 289 22.29 43.43 20.17
N ALA E 290 21.65 44.59 20.36
CA ALA E 290 20.47 44.96 19.58
C ALA E 290 20.87 45.20 18.10
N VAL E 291 22.03 45.85 17.88
CA VAL E 291 22.55 46.06 16.52
C VAL E 291 22.89 44.71 15.89
N LYS E 292 23.58 43.83 16.67
CA LYS E 292 23.93 42.49 16.18
C LYS E 292 22.70 41.68 15.81
N MET E 293 21.63 41.80 16.59
CA MET E 293 20.40 41.06 16.34
C MET E 293 19.74 41.55 15.06
N GLN E 294 19.64 42.88 14.86
CA GLN E 294 19.06 43.40 13.60
C GLN E 294 19.88 42.96 12.41
N HIS E 295 21.22 42.95 12.54
CA HIS E 295 22.09 42.51 11.45
C HIS E 295 21.82 41.06 11.09
N ALA E 296 21.77 40.18 12.11
CA ALA E 296 21.55 38.76 11.91
C ALA E 296 20.19 38.46 11.28
N ILE E 297 19.13 39.15 11.74
CA ILE E 297 17.80 38.93 11.17
C ILE E 297 17.72 39.44 9.72
N ALA E 298 18.18 40.68 9.47
CA ALA E 298 18.10 41.29 8.15
C ALA E 298 18.77 40.45 7.09
N ARG E 299 19.93 39.88 7.43
CA ARG E 299 20.65 39.04 6.49
C ARG E 299 19.83 37.79 6.11
N GLU E 300 19.19 37.15 7.10
CA GLU E 300 18.36 35.99 6.86
C GLU E 300 17.15 36.37 5.99
N ALA E 301 16.49 37.50 6.32
CA ALA E 301 15.30 37.95 5.60
C ALA E 301 15.59 38.38 4.18
N GLU E 302 16.75 38.98 3.92
CA GLU E 302 17.11 39.42 2.56
C GLU E 302 17.27 38.22 1.62
N ALA E 303 17.82 37.12 2.11
CA ALA E 303 17.94 35.90 1.32
C ALA E 303 16.56 35.27 1.05
N ALA E 304 15.60 35.44 1.97
CA ALA E 304 14.22 34.92 1.85
C ALA E 304 13.32 35.76 0.95
N VAL E 305 13.79 36.91 0.43
CA VAL E 305 12.98 37.73 -0.48
C VAL E 305 12.74 36.91 -1.76
N TYR E 306 11.52 36.90 -2.28
CA TYR E 306 11.20 36.18 -3.51
C TYR E 306 11.51 37.09 -4.70
N HIS E 307 12.79 37.20 -5.06
CA HIS E 307 13.24 38.11 -6.13
C HIS E 307 12.57 37.90 -7.46
N ARG E 308 12.19 36.67 -7.80
CA ARG E 308 11.54 36.40 -9.09
C ARG E 308 10.28 37.24 -9.27
N GLN E 309 9.43 37.29 -8.24
CA GLN E 309 8.23 38.11 -8.32
C GLN E 309 8.55 39.59 -8.08
N LEU E 310 9.41 39.91 -7.09
CA LEU E 310 9.75 41.28 -6.79
C LEU E 310 10.36 42.01 -7.99
N PHE E 311 11.34 41.41 -8.64
CA PHE E 311 11.97 42.03 -9.81
C PHE E 311 10.98 42.22 -10.92
N GLU E 312 10.14 41.20 -11.21
CA GLU E 312 9.14 41.30 -12.26
CA GLU E 312 9.15 41.34 -12.27
C GLU E 312 8.18 42.45 -11.98
N GLU E 313 7.70 42.57 -10.73
CA GLU E 313 6.76 43.63 -10.38
C GLU E 313 7.39 45.03 -10.35
N LEU E 314 8.64 45.14 -9.90
CA LEU E 314 9.34 46.43 -9.89
C LEU E 314 9.64 46.85 -11.31
N ARG E 315 10.11 45.92 -12.13
CA ARG E 315 10.41 46.09 -13.55
C ARG E 315 9.11 46.57 -14.29
N ARG E 316 7.99 45.89 -14.09
CA ARG E 316 6.73 46.25 -14.76
C ARG E 316 6.15 47.59 -14.33
N ALA E 317 6.31 47.96 -13.06
CA ALA E 317 5.76 49.22 -12.56
C ALA E 317 6.66 50.44 -12.75
N ALA E 318 8.00 50.24 -12.91
CA ALA E 318 8.94 51.35 -13.16
C ALA E 318 8.68 51.83 -14.56
N PRO E 319 8.47 53.14 -14.76
CA PRO E 319 8.05 53.62 -16.07
C PRO E 319 9.13 53.53 -17.11
N LEU E 320 8.73 53.54 -18.39
CA LEU E 320 9.67 53.60 -19.50
C LEU E 320 10.47 54.91 -19.39
N SER E 321 11.72 54.89 -19.82
CA SER E 321 12.58 56.02 -19.62
C SER E 321 13.59 56.16 -20.71
N ARG E 322 13.90 57.40 -21.06
CA ARG E 322 14.96 57.71 -22.02
CA ARG E 322 14.96 57.67 -22.01
C ARG E 322 16.23 58.25 -21.31
N ASP E 323 16.27 58.20 -19.97
CA ASP E 323 17.41 58.63 -19.16
C ASP E 323 18.40 57.46 -19.20
N PRO E 324 19.61 57.68 -19.72
CA PRO E 324 20.58 56.58 -19.84
C PRO E 324 20.98 55.94 -18.52
N THR E 325 20.98 56.68 -17.39
CA THR E 325 21.33 56.07 -16.10
C THR E 325 20.25 55.04 -15.73
N GLU E 326 18.96 55.40 -15.95
CA GLU E 326 17.80 54.53 -15.68
C GLU E 326 17.85 53.29 -16.59
N VAL E 327 18.18 53.48 -17.86
CA VAL E 327 18.26 52.39 -18.82
C VAL E 327 19.41 51.44 -18.49
N THR E 328 20.59 51.99 -18.15
CA THR E 328 21.75 51.19 -17.78
C THR E 328 21.47 50.41 -16.50
N ALA E 329 20.83 51.04 -15.50
CA ALA E 329 20.53 50.39 -14.22
C ALA E 329 19.69 49.11 -14.37
N ILE E 330 18.60 49.18 -15.17
CA ILE E 330 17.76 48.00 -15.32
C ILE E 330 18.50 46.90 -16.10
N GLY E 331 19.29 47.29 -17.10
CA GLY E 331 20.09 46.35 -17.87
C GLY E 331 21.13 45.66 -17.00
N ALA E 332 21.78 46.42 -16.09
CA ALA E 332 22.77 45.88 -15.17
C ALA E 332 22.15 44.93 -14.16
N VAL E 333 20.96 45.26 -13.63
CA VAL E 333 20.30 44.39 -12.65
C VAL E 333 19.83 43.09 -13.34
N GLU E 334 19.35 43.19 -14.58
CA GLU E 334 18.96 42.02 -15.36
C GLU E 334 20.18 41.11 -15.58
N ALA E 335 21.32 41.71 -15.98
CA ALA E 335 22.57 41.00 -16.20
C ALA E 335 23.06 40.33 -14.92
N ALA E 336 22.98 41.02 -13.77
CA ALA E 336 23.41 40.47 -12.49
C ALA E 336 22.60 39.21 -12.13
N PHE E 337 21.28 39.25 -12.32
CA PHE E 337 20.43 38.09 -12.06
C PHE E 337 20.76 36.90 -12.99
N LYS E 338 21.07 37.18 -14.25
CA LYS E 338 21.37 36.16 -15.25
C LYS E 338 22.60 35.32 -14.91
N CYS E 339 23.61 35.93 -14.29
CA CYS E 339 24.84 35.23 -13.97
C CYS E 339 25.08 35.04 -12.48
N CYS E 340 24.10 35.36 -11.61
CA CYS E 340 24.27 35.27 -10.15
C CYS E 340 25.48 36.14 -9.74
N ALA E 341 25.60 37.35 -10.31
CA ALA E 341 26.75 38.21 -10.06
C ALA E 341 26.99 38.44 -8.57
N ALA E 342 28.26 38.37 -8.13
CA ALA E 342 28.58 38.60 -6.72
C ALA E 342 28.31 40.07 -6.35
N ALA E 343 28.51 41.00 -7.31
CA ALA E 343 28.32 42.43 -7.05
C ALA E 343 28.08 43.22 -8.35
N ILE E 344 27.52 44.42 -8.20
CA ILE E 344 27.42 45.42 -9.25
C ILE E 344 28.29 46.57 -8.72
N ILE E 345 29.42 46.86 -9.36
CA ILE E 345 30.29 47.95 -8.93
C ILE E 345 29.91 49.19 -9.74
N VAL E 346 29.54 50.27 -9.06
CA VAL E 346 29.10 51.48 -9.74
C VAL E 346 29.91 52.68 -9.27
N LEU E 347 30.28 53.55 -10.20
CA LEU E 347 30.94 54.81 -9.86
C LEU E 347 29.84 55.85 -9.75
N THR E 348 29.85 56.66 -8.69
CA THR E 348 28.80 57.66 -8.48
C THR E 348 29.31 58.91 -7.77
N THR E 349 28.81 60.08 -8.17
CA THR E 349 29.20 61.34 -7.55
C THR E 349 28.21 61.71 -6.44
N THR E 350 26.92 61.62 -6.74
CA THR E 350 25.85 61.99 -5.81
C THR E 350 25.18 60.82 -5.10
N GLY E 351 25.41 59.60 -5.58
CA GLY E 351 24.75 58.39 -5.13
C GLY E 351 23.63 57.94 -6.07
N ARG E 352 23.17 58.82 -6.98
CA ARG E 352 22.02 58.55 -7.87
C ARG E 352 22.15 57.27 -8.71
N SER E 353 23.32 56.99 -9.32
CA SER E 353 23.47 55.77 -10.12
C SER E 353 23.31 54.52 -9.23
N ALA E 354 23.77 54.60 -7.99
CA ALA E 354 23.65 53.50 -7.04
C ALA E 354 22.19 53.33 -6.61
N GLN E 355 21.47 54.45 -6.40
CA GLN E 355 20.06 54.45 -6.01
C GLN E 355 19.20 53.84 -7.12
N LEU E 356 19.50 54.13 -8.39
CA LEU E 356 18.74 53.57 -9.50
C LEU E 356 18.93 52.06 -9.67
N LEU E 357 20.08 51.51 -9.24
CA LEU E 357 20.29 50.06 -9.28
C LEU E 357 19.50 49.44 -8.12
N SER E 358 19.64 50.06 -6.92
CA SER E 358 18.98 49.62 -5.68
CA SER E 358 18.98 49.59 -5.69
C SER E 358 17.46 49.50 -5.81
N ARG E 359 16.84 50.41 -6.57
CA ARG E 359 15.38 50.40 -6.73
C ARG E 359 14.87 49.11 -7.38
N TYR E 360 15.73 48.39 -8.14
CA TYR E 360 15.36 47.12 -8.77
C TYR E 360 15.61 45.91 -7.87
N ARG E 361 16.07 46.13 -6.64
CA ARG E 361 16.36 45.14 -5.63
C ARG E 361 17.18 43.95 -6.13
N PRO E 362 18.38 44.20 -6.70
CA PRO E 362 19.21 43.08 -7.11
C PRO E 362 19.64 42.24 -5.89
N ARG E 363 19.88 40.95 -6.11
CA ARG E 363 20.44 40.11 -5.07
C ARG E 363 21.94 40.47 -4.92
N ALA E 364 22.61 40.83 -6.04
CA ALA E 364 24.00 41.26 -6.04
C ALA E 364 24.15 42.55 -5.26
N ALA E 365 25.19 42.62 -4.44
CA ALA E 365 25.53 43.81 -3.66
C ALA E 365 25.86 44.96 -4.63
N VAL E 366 25.41 46.18 -4.35
CA VAL E 366 25.76 47.33 -5.20
C VAL E 366 26.93 48.03 -4.47
N ILE E 367 28.14 47.86 -4.98
CA ILE E 367 29.33 48.48 -4.37
C ILE E 367 29.52 49.84 -5.03
N ALA E 368 29.22 50.91 -4.29
CA ALA E 368 29.26 52.26 -4.83
C ALA E 368 30.56 52.97 -4.48
N VAL E 369 31.36 53.30 -5.50
CA VAL E 369 32.64 53.98 -5.31
C VAL E 369 32.45 55.45 -5.56
N THR E 370 32.74 56.26 -4.54
CA THR E 370 32.57 57.70 -4.66
C THR E 370 33.69 58.47 -3.96
N ARG E 371 33.97 59.68 -4.45
CA ARG E 371 34.92 60.62 -3.79
C ARG E 371 34.17 61.50 -2.77
N SER E 372 32.83 61.62 -2.90
CA SER E 372 32.04 62.43 -2.01
C SER E 372 31.82 61.71 -0.68
N ALA E 373 32.43 62.24 0.39
CA ALA E 373 32.26 61.67 1.71
C ALA E 373 30.80 61.72 2.16
N GLN E 374 30.10 62.79 1.81
CA GLN E 374 28.71 62.94 2.18
C GLN E 374 27.83 61.95 1.40
N ALA E 375 28.08 61.77 0.09
CA ALA E 375 27.29 60.82 -0.70
C ALA E 375 27.54 59.38 -0.18
N ALA E 376 28.78 59.08 0.25
CA ALA E 376 29.10 57.76 0.79
C ALA E 376 28.28 57.48 2.07
N ARG E 377 28.11 58.49 2.93
CA ARG E 377 27.31 58.34 4.13
C ARG E 377 25.82 58.23 3.78
N GLN E 378 25.32 59.11 2.89
CA GLN E 378 23.90 59.15 2.55
C GLN E 378 23.37 57.94 1.79
N VAL E 379 24.22 57.24 0.98
CA VAL E 379 23.72 56.09 0.21
C VAL E 379 23.34 54.89 1.10
N HIS E 380 23.66 54.95 2.40
CA HIS E 380 23.21 53.94 3.36
C HIS E 380 21.67 53.90 3.41
N LEU E 381 20.98 54.98 3.00
CA LEU E 381 19.55 55.03 2.97
C LEU E 381 18.96 54.05 1.93
N CYS E 382 19.72 53.64 0.90
CA CYS E 382 19.27 52.78 -0.19
C CYS E 382 19.67 51.35 0.05
N ARG E 383 18.70 50.42 0.10
CA ARG E 383 19.02 49.02 0.35
C ARG E 383 20.02 48.43 -0.62
N GLY E 384 20.97 47.70 -0.09
CA GLY E 384 21.95 46.98 -0.90
C GLY E 384 23.06 47.81 -1.48
N VAL E 385 23.22 49.06 -1.02
CA VAL E 385 24.32 49.90 -1.51
C VAL E 385 25.39 49.91 -0.43
N PHE E 386 26.60 49.49 -0.79
CA PHE E 386 27.76 49.42 0.08
C PHE E 386 28.74 50.49 -0.36
N PRO E 387 28.76 51.62 0.39
CA PRO E 387 29.60 52.75 -0.02
C PRO E 387 31.08 52.58 0.28
N LEU E 388 31.91 52.95 -0.70
CA LEU E 388 33.35 52.93 -0.54
C LEU E 388 33.84 54.34 -0.83
N LEU E 389 34.48 54.98 0.15
CA LEU E 389 35.01 56.32 -0.02
C LEU E 389 36.40 56.25 -0.63
N TYR E 390 36.56 56.77 -1.86
CA TYR E 390 37.82 56.79 -2.58
C TYR E 390 38.54 58.10 -2.23
N ARG E 391 39.76 58.01 -1.72
CA ARG E 391 40.48 59.19 -1.25
C ARG E 391 41.60 59.69 -2.15
N GLU E 392 41.99 58.94 -3.18
CA GLU E 392 43.09 59.35 -4.05
CA GLU E 392 43.09 59.34 -4.05
C GLU E 392 42.74 60.51 -4.97
N PRO E 393 43.70 61.44 -5.20
CA PRO E 393 43.43 62.54 -6.14
C PRO E 393 43.32 62.02 -7.58
N PRO E 394 42.60 62.75 -8.45
CA PRO E 394 42.42 62.27 -9.83
C PRO E 394 43.69 62.01 -10.61
N GLU E 395 43.72 60.90 -11.38
CA GLU E 395 44.78 60.54 -12.31
C GLU E 395 44.73 61.57 -13.46
N ALA E 396 45.85 61.77 -14.15
CA ALA E 396 45.90 62.73 -15.27
C ALA E 396 44.94 62.32 -16.38
N ILE E 397 44.88 61.02 -16.70
CA ILE E 397 43.99 60.51 -17.72
C ILE E 397 42.72 59.99 -17.05
N TRP E 398 41.58 60.59 -17.40
CA TRP E 398 40.28 60.25 -16.81
C TRP E 398 39.93 58.76 -16.92
N ALA E 399 40.18 58.12 -18.08
CA ALA E 399 39.91 56.68 -18.22
C ALA E 399 40.71 55.85 -17.21
N ASP E 400 41.93 56.29 -16.87
CA ASP E 400 42.75 55.59 -15.87
C ASP E 400 42.18 55.80 -14.47
N ASP E 401 41.66 57.01 -14.18
CA ASP E 401 41.05 57.32 -12.90
C ASP E 401 39.80 56.42 -12.69
N VAL E 402 39.00 56.25 -13.75
CA VAL E 402 37.82 55.39 -13.73
C VAL E 402 38.25 53.95 -13.42
N ASP E 403 39.26 53.44 -14.15
CA ASP E 403 39.77 52.10 -13.93
CA ASP E 403 39.78 52.10 -13.94
C ASP E 403 40.29 51.89 -12.50
N ARG E 404 41.01 52.88 -11.95
CA ARG E 404 41.52 52.76 -10.58
C ARG E 404 40.40 52.68 -9.57
N ARG E 405 39.32 53.43 -9.79
CA ARG E 405 38.19 53.40 -8.88
C ARG E 405 37.44 52.07 -8.95
N VAL E 406 37.37 51.45 -10.15
CA VAL E 406 36.76 50.12 -10.31
C VAL E 406 37.62 49.08 -9.57
N GLN E 407 38.96 49.18 -9.72
CA GLN E 407 39.89 48.28 -9.04
C GLN E 407 39.83 48.44 -7.52
N PHE E 408 39.62 49.67 -7.05
CA PHE E 408 39.47 49.92 -5.62
C PHE E 408 38.19 49.20 -5.10
N GLY E 409 37.14 49.19 -5.91
CA GLY E 409 35.90 48.49 -5.61
C GLY E 409 36.13 46.99 -5.52
N ILE E 410 36.90 46.44 -6.47
CA ILE E 410 37.24 45.02 -6.50
C ILE E 410 38.10 44.62 -5.30
N GLU E 411 39.17 45.39 -5.02
CA GLU E 411 40.06 45.10 -3.91
CA GLU E 411 40.07 45.10 -3.92
C GLU E 411 39.36 45.22 -2.58
N SER E 412 38.48 46.25 -2.42
CA SER E 412 37.74 46.39 -1.16
C SER E 412 36.77 45.21 -0.99
N GLY E 413 36.14 44.80 -2.09
CA GLY E 413 35.22 43.68 -2.09
C GLY E 413 35.89 42.38 -1.72
N LYS E 414 37.10 42.14 -2.26
CA LYS E 414 37.85 40.92 -1.94
C LYS E 414 38.23 40.91 -0.46
N LEU E 415 38.70 42.06 0.06
CA LEU E 415 39.11 42.18 1.45
C LEU E 415 37.94 41.97 2.38
N ARG E 416 36.77 42.50 2.03
CA ARG E 416 35.58 42.38 2.88
C ARG E 416 34.80 41.07 2.72
N GLY E 417 35.14 40.25 1.73
CA GLY E 417 34.46 38.98 1.53
C GLY E 417 33.32 39.00 0.53
N PHE E 418 33.06 40.13 -0.12
CA PHE E 418 32.01 40.23 -1.14
C PHE E 418 32.41 39.47 -2.41
N LEU E 419 33.71 39.48 -2.74
CA LEU E 419 34.22 38.93 -4.00
C LEU E 419 35.37 38.00 -3.79
N ARG E 420 35.49 37.06 -4.71
CA ARG E 420 36.59 36.14 -4.77
C ARG E 420 36.96 35.93 -6.25
N VAL E 421 38.15 35.40 -6.52
CA VAL E 421 38.63 35.13 -7.86
C VAL E 421 37.69 34.15 -8.56
N GLY E 422 37.31 34.44 -9.79
CA GLY E 422 36.38 33.60 -10.53
C GLY E 422 34.96 34.12 -10.52
N ASP E 423 34.63 35.03 -9.58
CA ASP E 423 33.28 35.63 -9.53
C ASP E 423 33.03 36.51 -10.75
N LEU E 424 31.77 36.69 -11.10
CA LEU E 424 31.40 37.63 -12.16
C LEU E 424 30.84 38.87 -11.46
N VAL E 425 31.18 40.03 -11.98
CA VAL E 425 30.67 41.30 -11.48
C VAL E 425 30.15 42.12 -12.66
N ILE E 426 29.19 42.97 -12.38
CA ILE E 426 28.67 43.91 -13.38
C ILE E 426 29.27 45.25 -13.00
N VAL E 427 29.89 45.97 -13.96
CA VAL E 427 30.51 47.26 -13.66
C VAL E 427 29.76 48.35 -14.39
N VAL E 428 29.30 49.35 -13.65
CA VAL E 428 28.51 50.44 -14.19
C VAL E 428 29.28 51.75 -14.12
N THR E 429 29.57 52.35 -15.28
CA THR E 429 30.32 53.61 -15.38
C THR E 429 29.62 54.57 -16.40
N GLY E 430 30.21 55.74 -16.64
CA GLY E 430 29.70 56.73 -17.58
C GLY E 430 30.68 57.08 -18.67
N TRP E 431 30.25 57.89 -19.64
CA TRP E 431 31.07 58.22 -20.80
C TRP E 431 31.92 59.50 -20.64
N ARG E 432 31.63 60.32 -19.63
CA ARG E 432 32.35 61.56 -19.36
C ARG E 432 32.28 61.89 -17.86
N PRO E 433 33.21 62.72 -17.35
CA PRO E 433 33.19 63.08 -15.92
C PRO E 433 31.96 63.88 -15.51
N GLY E 434 31.70 63.94 -14.22
CA GLY E 434 30.54 64.67 -13.70
C GLY E 434 29.34 63.77 -13.57
N SER E 435 28.41 64.16 -12.69
CA SER E 435 27.19 63.45 -12.41
CA SER E 435 27.18 63.42 -12.43
C SER E 435 26.22 63.48 -13.60
N GLY E 436 25.44 62.41 -13.79
CA GLY E 436 24.42 62.35 -14.83
C GLY E 436 24.75 61.69 -16.14
N TYR E 437 25.94 61.11 -16.27
CA TYR E 437 26.37 60.52 -17.54
C TYR E 437 26.63 59.02 -17.50
N THR E 438 26.10 58.30 -16.48
CA THR E 438 26.22 56.83 -16.44
C THR E 438 25.50 56.25 -17.67
N ASN E 439 26.15 55.37 -18.42
CA ASN E 439 25.55 54.81 -19.63
C ASN E 439 26.19 53.47 -20.05
N ILE E 440 27.11 52.91 -19.23
CA ILE E 440 27.85 51.73 -19.61
C ILE E 440 27.74 50.63 -18.58
N MET E 441 27.54 49.40 -19.05
CA MET E 441 27.52 48.23 -18.19
CA MET E 441 27.46 48.21 -18.24
C MET E 441 28.47 47.18 -18.81
N ARG E 442 29.37 46.66 -17.99
CA ARG E 442 30.34 45.67 -18.44
C ARG E 442 30.26 44.41 -17.57
N VAL E 443 30.48 43.23 -18.18
CA VAL E 443 30.49 41.98 -17.40
C VAL E 443 31.96 41.56 -17.25
N LEU E 444 32.42 41.53 -16.01
CA LEU E 444 33.83 41.31 -15.69
C LEU E 444 34.07 40.12 -14.78
N SER E 445 35.07 39.30 -15.10
CA SER E 445 35.42 38.16 -14.27
CA SER E 445 35.44 38.15 -14.30
C SER E 445 36.54 38.61 -13.33
N ILE E 446 36.39 38.33 -12.04
CA ILE E 446 37.36 38.72 -11.03
C ILE E 446 38.63 37.89 -11.12
N SER E 447 39.78 38.54 -11.26
CA SER E 447 41.06 37.83 -11.31
C SER E 447 41.89 38.14 -10.06
N ALA F 13 0.63 55.49 -16.04
CA ALA F 13 1.73 55.94 -15.19
C ALA F 13 3.08 55.36 -15.62
N ASP F 14 3.08 54.12 -16.12
CA ASP F 14 4.31 53.47 -16.59
C ASP F 14 4.78 54.01 -17.97
N VAL F 15 3.90 54.70 -18.71
CA VAL F 15 4.23 55.27 -20.01
C VAL F 15 3.92 56.78 -20.06
N ALA F 16 3.45 57.42 -18.96
CA ALA F 16 3.06 58.84 -19.02
C ALA F 16 4.17 59.81 -19.43
N GLN F 17 5.36 59.67 -18.86
CA GLN F 17 6.48 60.53 -19.19
C GLN F 17 6.96 60.31 -20.61
N LEU F 18 7.14 59.05 -21.05
CA LEU F 18 7.53 58.79 -22.44
C LEU F 18 6.47 59.21 -23.43
N THR F 19 5.18 59.14 -23.04
CA THR F 19 4.11 59.59 -23.92
C THR F 19 4.19 61.09 -24.09
N GLN F 20 4.51 61.84 -23.03
CA GLN F 20 4.68 63.28 -23.14
C GLN F 20 5.85 63.61 -24.08
N GLU F 21 6.99 62.89 -23.93
CA GLU F 21 8.21 63.11 -24.69
C GLU F 21 8.13 62.69 -26.16
N LEU F 22 7.67 61.45 -26.42
CA LEU F 22 7.56 60.89 -27.78
C LEU F 22 6.26 61.22 -28.48
N GLY F 23 5.23 61.53 -27.70
CA GLY F 23 3.94 61.93 -28.23
C GLY F 23 2.93 60.82 -28.30
N THR F 24 1.65 61.18 -28.38
CA THR F 24 0.58 60.18 -28.46
C THR F 24 0.62 59.45 -29.76
N ALA F 25 1.03 60.08 -30.88
CA ALA F 25 1.07 59.38 -32.17
C ALA F 25 2.04 58.21 -32.14
N PHE F 26 3.20 58.36 -31.45
CA PHE F 26 4.19 57.30 -31.34
C PHE F 26 3.58 56.07 -30.67
N PHE F 27 2.84 56.28 -29.56
CA PHE F 27 2.24 55.21 -28.79
C PHE F 27 0.95 54.65 -29.42
N GLN F 28 0.50 55.18 -30.54
CA GLN F 28 -0.63 54.59 -31.26
C GLN F 28 -0.16 53.67 -32.39
N GLN F 29 1.11 53.79 -32.86
CA GLN F 29 1.68 52.99 -33.93
C GLN F 29 2.22 51.65 -33.39
N GLN F 30 2.63 50.75 -34.33
CA GLN F 30 3.24 49.44 -34.12
C GLN F 30 2.58 48.63 -33.02
N GLN F 31 1.23 48.68 -32.95
CA GLN F 31 0.45 47.96 -31.96
C GLN F 31 0.93 48.19 -30.53
N LEU F 32 1.46 49.39 -30.23
CA LEU F 32 1.90 49.71 -28.88
C LEU F 32 0.75 49.70 -27.86
N PRO F 33 -0.51 50.09 -28.18
CA PRO F 33 -1.57 49.96 -27.17
C PRO F 33 -1.75 48.49 -26.79
N ALA F 34 -1.70 47.56 -27.77
CA ALA F 34 -1.82 46.12 -27.51
C ALA F 34 -0.59 45.59 -26.76
N ALA F 35 0.60 46.17 -27.02
CA ALA F 35 1.83 45.79 -26.32
C ALA F 35 1.78 46.06 -24.83
N MET F 36 1.10 47.13 -24.41
CA MET F 36 1.03 47.50 -23.00
C MET F 36 -0.02 46.74 -22.20
N ALA F 37 -0.82 45.87 -22.84
CA ALA F 37 -1.89 45.16 -22.17
C ALA F 37 -1.37 44.24 -21.08
N ASP F 38 -2.18 44.06 -20.03
CA ASP F 38 -1.81 43.24 -18.89
C ASP F 38 -2.08 41.75 -19.06
N THR F 39 -2.91 41.37 -20.05
CA THR F 39 -3.19 39.96 -20.32
C THR F 39 -3.13 39.74 -21.83
N PHE F 40 -2.93 38.49 -22.25
CA PHE F 40 -2.93 38.14 -23.68
C PHE F 40 -4.30 38.42 -24.29
N LEU F 41 -5.38 38.14 -23.54
CA LEU F 41 -6.74 38.41 -24.02
C LEU F 41 -6.92 39.93 -24.31
N GLU F 42 -6.50 40.79 -23.37
CA GLU F 42 -6.60 42.25 -23.54
CA GLU F 42 -6.63 42.23 -23.57
C GLU F 42 -5.73 42.70 -24.71
N HIS F 43 -4.56 42.06 -24.90
CA HIS F 43 -3.63 42.36 -26.00
C HIS F 43 -4.36 42.10 -27.33
N LEU F 44 -5.07 40.99 -27.45
CA LEU F 44 -5.84 40.69 -28.68
C LEU F 44 -6.92 41.73 -28.92
N CYS F 45 -7.68 42.08 -27.85
CA CYS F 45 -8.75 43.08 -27.92
C CYS F 45 -8.24 44.44 -28.38
N LEU F 46 -6.96 44.75 -28.12
CA LEU F 46 -6.39 46.05 -28.47
C LEU F 46 -5.71 46.11 -29.81
N LEU F 47 -5.63 44.99 -30.57
CA LEU F 47 -5.01 45.00 -31.90
C LEU F 47 -5.82 45.92 -32.80
N ASP F 48 -5.14 46.80 -33.52
CA ASP F 48 -5.78 47.84 -34.28
C ASP F 48 -5.33 47.87 -35.73
N ILE F 49 -6.27 47.72 -36.68
CA ILE F 49 -5.93 47.79 -38.10
C ILE F 49 -5.41 49.17 -38.54
N ASP F 50 -5.67 50.23 -37.74
CA ASP F 50 -5.17 51.58 -38.03
C ASP F 50 -3.82 51.86 -37.36
N SER F 51 -3.27 50.91 -36.59
CA SER F 51 -1.99 51.08 -35.95
C SER F 51 -0.94 50.58 -36.92
N GLU F 52 -0.25 51.50 -37.61
CA GLU F 52 0.69 51.17 -38.64
C GLU F 52 2.03 50.65 -38.15
N PRO F 53 2.57 49.61 -38.81
CA PRO F 53 3.90 49.11 -38.41
C PRO F 53 4.98 50.14 -38.74
N VAL F 54 5.99 50.26 -37.87
CA VAL F 54 7.06 51.24 -38.08
C VAL F 54 8.40 50.53 -38.22
N ALA F 55 8.63 49.48 -37.42
CA ALA F 55 9.89 48.78 -37.45
C ALA F 55 10.19 48.12 -38.79
N ALA F 56 11.48 47.91 -39.10
CA ALA F 56 11.90 47.20 -40.30
C ALA F 56 11.45 45.72 -40.10
N ARG F 57 11.07 45.05 -41.19
CA ARG F 57 10.60 43.68 -41.15
C ARG F 57 11.72 42.77 -40.69
N SER F 58 11.47 42.03 -39.62
CA SER F 58 12.47 41.21 -38.99
C SER F 58 12.46 39.70 -39.36
N THR F 59 11.35 39.13 -39.86
CA THR F 59 11.32 37.73 -40.26
C THR F 59 11.87 37.63 -41.69
N SER F 60 12.96 36.87 -41.90
CA SER F 60 13.54 36.75 -43.24
C SER F 60 12.69 35.97 -44.18
N ILE F 61 12.77 36.32 -45.45
CA ILE F 61 12.03 35.66 -46.51
C ILE F 61 13.00 34.81 -47.33
N ILE F 62 12.69 33.51 -47.43
CA ILE F 62 13.44 32.58 -48.26
C ILE F 62 12.64 32.42 -49.54
N ALA F 63 13.25 32.71 -50.70
CA ALA F 63 12.54 32.56 -51.97
C ALA F 63 13.23 31.48 -52.78
N THR F 64 12.47 30.54 -53.32
CA THR F 64 13.04 29.46 -54.13
C THR F 64 13.28 30.01 -55.51
N ILE F 65 14.51 29.86 -56.01
CA ILE F 65 14.86 30.41 -57.31
C ILE F 65 14.71 29.32 -58.39
N GLY F 66 13.91 29.61 -59.39
CA GLY F 66 13.61 28.68 -60.49
C GLY F 66 13.34 29.41 -61.79
N PRO F 67 12.63 28.74 -62.73
CA PRO F 67 12.34 29.39 -64.03
C PRO F 67 11.75 30.78 -63.98
N ALA F 68 10.83 31.04 -63.02
CA ALA F 68 10.15 32.33 -62.95
C ALA F 68 10.94 33.43 -62.28
N SER F 69 12.05 33.09 -61.62
CA SER F 69 12.78 34.06 -60.82
C SER F 69 14.29 34.02 -61.04
N ARG F 70 14.74 33.54 -62.19
CA ARG F 70 16.15 33.33 -62.51
C ARG F 70 16.92 34.48 -63.14
N SER F 71 16.25 35.33 -63.92
CA SER F 71 16.94 36.42 -64.59
C SER F 71 17.52 37.41 -63.58
N VAL F 72 18.67 38.02 -63.92
CA VAL F 72 19.33 38.99 -63.07
C VAL F 72 18.40 40.18 -62.79
N GLU F 73 17.63 40.61 -63.80
CA GLU F 73 16.69 41.70 -63.64
C GLU F 73 15.55 41.37 -62.68
N ARG F 74 15.03 40.13 -62.74
CA ARG F 74 13.95 39.67 -61.87
C ARG F 74 14.50 39.53 -60.44
N LEU F 75 15.70 39.01 -60.29
CA LEU F 75 16.37 38.86 -59.01
C LEU F 75 16.63 40.20 -58.32
N LYS F 76 16.91 41.27 -59.10
CA LYS F 76 17.10 42.60 -58.53
C LYS F 76 15.77 43.07 -57.93
N GLU F 77 14.63 42.82 -58.60
CA GLU F 77 13.31 43.17 -58.12
CA GLU F 77 13.35 43.20 -58.09
C GLU F 77 12.98 42.37 -56.85
N MET F 78 13.38 41.08 -56.80
CA MET F 78 13.11 40.23 -55.63
CA MET F 78 13.11 40.24 -55.64
C MET F 78 13.92 40.68 -54.43
N ILE F 79 15.17 41.15 -54.65
CA ILE F 79 16.00 41.65 -53.56
C ILE F 79 15.37 42.94 -53.01
N LYS F 80 14.94 43.84 -53.89
CA LYS F 80 14.29 45.08 -53.47
C LYS F 80 12.93 44.82 -52.78
N ALA F 81 12.22 43.76 -53.19
CA ALA F 81 10.95 43.38 -52.56
C ALA F 81 11.14 42.77 -51.15
N GLY F 82 12.34 42.28 -50.84
CA GLY F 82 12.61 41.75 -49.51
C GLY F 82 13.24 40.36 -49.40
N MET F 83 13.56 39.71 -50.53
CA MET F 83 14.21 38.38 -50.45
C MET F 83 15.56 38.44 -49.73
N ASN F 84 15.74 37.62 -48.67
CA ASN F 84 16.97 37.62 -47.89
C ASN F 84 17.82 36.39 -48.14
N ILE F 85 17.16 35.25 -48.48
CA ILE F 85 17.78 33.96 -48.69
C ILE F 85 17.25 33.36 -50.00
N ALA F 86 18.14 32.99 -50.90
CA ALA F 86 17.76 32.38 -52.17
C ALA F 86 17.91 30.86 -51.98
N ARG F 87 16.86 30.10 -52.26
CA ARG F 87 16.89 28.65 -52.07
C ARG F 87 16.98 27.95 -53.43
N LEU F 88 17.86 26.98 -53.54
CA LEU F 88 18.03 26.20 -54.78
C LEU F 88 17.63 24.77 -54.44
N ASN F 89 16.54 24.30 -55.03
CA ASN F 89 16.01 22.98 -54.73
C ASN F 89 16.68 21.90 -55.61
N PHE F 90 17.60 21.13 -55.04
CA PHE F 90 18.30 20.09 -55.77
C PHE F 90 17.43 18.84 -56.04
N SER F 91 16.10 18.90 -55.75
CA SER F 91 15.16 17.87 -56.18
C SER F 91 14.82 18.06 -57.67
N HIS F 92 15.07 19.27 -58.22
CA HIS F 92 14.83 19.65 -59.60
C HIS F 92 16.12 20.20 -60.25
N GLY F 93 16.05 20.45 -61.56
CA GLY F 93 17.16 21.01 -62.32
C GLY F 93 18.37 20.14 -62.36
N SER F 94 19.53 20.76 -62.43
CA SER F 94 20.82 20.08 -62.50
C SER F 94 21.90 20.97 -61.87
N HIS F 95 23.15 20.47 -61.78
CA HIS F 95 24.26 21.25 -61.25
C HIS F 95 24.50 22.49 -62.12
N GLU F 96 24.43 22.32 -63.43
CA GLU F 96 24.63 23.41 -64.36
C GLU F 96 23.53 24.46 -64.24
N TYR F 97 22.29 24.03 -64.12
CA TYR F 97 21.16 24.94 -64.00
C TYR F 97 21.26 25.75 -62.68
N HIS F 98 21.49 25.07 -61.56
CA HIS F 98 21.61 25.73 -60.26
C HIS F 98 22.84 26.62 -60.16
N ALA F 99 23.96 26.25 -60.82
CA ALA F 99 25.15 27.12 -60.81
C ALA F 99 24.85 28.43 -61.52
N GLU F 100 24.08 28.37 -62.62
CA GLU F 100 23.70 29.56 -63.35
C GLU F 100 22.77 30.44 -62.50
N SER F 101 21.82 29.82 -61.76
CA SER F 101 20.91 30.57 -60.89
C SER F 101 21.72 31.25 -59.78
N ILE F 102 22.69 30.55 -59.19
CA ILE F 102 23.57 31.09 -58.14
C ILE F 102 24.38 32.27 -58.66
N ALA F 103 24.95 32.15 -59.89
CA ALA F 103 25.72 33.25 -60.47
C ALA F 103 24.81 34.46 -60.72
N ASN F 104 23.57 34.22 -61.18
CA ASN F 104 22.61 35.32 -61.41
C ASN F 104 22.20 36.00 -60.11
N VAL F 105 22.05 35.23 -59.02
CA VAL F 105 21.74 35.80 -57.70
C VAL F 105 22.91 36.67 -57.27
N ARG F 106 24.13 36.14 -57.33
CA ARG F 106 25.33 36.91 -56.97
C ARG F 106 25.52 38.18 -57.82
N GLU F 107 25.21 38.13 -59.12
CA GLU F 107 25.32 39.31 -59.96
C GLU F 107 24.29 40.36 -59.52
N ALA F 108 23.04 39.93 -59.28
CA ALA F 108 22.00 40.84 -58.81
C ALA F 108 22.34 41.44 -57.45
N VAL F 109 22.89 40.65 -56.53
CA VAL F 109 23.27 41.12 -55.19
C VAL F 109 24.40 42.13 -55.28
N GLU F 110 25.43 41.83 -56.07
CA GLU F 110 26.58 42.71 -56.21
C GLU F 110 26.28 43.97 -57.01
N SER F 111 25.16 44.04 -57.74
CA SER F 111 24.77 45.26 -58.45
C SER F 111 24.43 46.43 -57.48
N PHE F 112 24.20 46.13 -56.20
CA PHE F 112 23.91 47.13 -55.17
C PHE F 112 25.12 47.40 -54.25
N ALA F 113 26.27 46.72 -54.48
CA ALA F 113 27.49 46.85 -53.68
C ALA F 113 28.16 48.22 -53.71
N GLY F 114 27.68 49.13 -54.54
CA GLY F 114 28.24 50.47 -54.59
C GLY F 114 28.11 51.26 -53.29
N SER F 115 27.19 50.87 -52.37
CA SER F 115 26.97 51.64 -51.15
C SER F 115 26.40 50.78 -50.01
N PRO F 116 26.64 51.11 -48.72
CA PRO F 116 25.95 50.37 -47.64
C PRO F 116 24.47 50.77 -47.48
N LEU F 117 23.97 51.74 -48.26
CA LEU F 117 22.57 52.16 -48.23
C LEU F 117 21.74 51.27 -49.16
N SER F 118 22.35 50.78 -50.23
CA SER F 118 21.69 49.93 -51.22
C SER F 118 22.07 48.45 -51.02
N TYR F 119 23.24 48.13 -50.41
CA TYR F 119 23.70 46.75 -50.30
C TYR F 119 22.88 45.84 -49.40
N ARG F 120 22.38 44.75 -49.95
CA ARG F 120 21.63 43.76 -49.18
C ARG F 120 22.33 42.38 -49.30
N PRO F 121 23.00 41.90 -48.25
CA PRO F 121 23.57 40.54 -48.31
C PRO F 121 22.44 39.52 -48.45
N VAL F 122 22.61 38.60 -49.38
CA VAL F 122 21.58 37.59 -49.63
C VAL F 122 22.26 36.24 -49.49
N ALA F 123 21.74 35.39 -48.59
CA ALA F 123 22.32 34.06 -48.40
C ALA F 123 21.92 33.11 -49.53
N ILE F 124 22.74 32.08 -49.76
CA ILE F 124 22.45 31.07 -50.78
C ILE F 124 22.30 29.74 -50.09
N ALA F 125 21.12 29.13 -50.20
CA ALA F 125 20.83 27.90 -49.50
C ALA F 125 20.59 26.75 -50.50
N LEU F 126 21.18 25.59 -50.23
CA LEU F 126 21.02 24.41 -51.07
C LEU F 126 20.06 23.46 -50.36
N ASP F 127 18.96 23.10 -51.02
CA ASP F 127 17.98 22.20 -50.44
C ASP F 127 18.18 20.83 -51.08
N THR F 128 18.56 19.82 -50.28
CA THR F 128 18.86 18.49 -50.84
C THR F 128 17.64 17.69 -51.31
N LYS F 129 17.89 16.74 -52.23
CA LYS F 129 16.86 15.86 -52.75
C LYS F 129 16.34 14.93 -51.63
N GLY F 130 17.26 14.42 -50.83
CA GLY F 130 16.91 13.56 -49.71
C GLY F 130 17.27 12.10 -49.89
N PRO F 131 17.00 11.29 -48.86
CA PRO F 131 17.38 9.87 -48.91
C PRO F 131 16.45 8.98 -49.73
N PRO F 135 17.29 5.51 -46.47
CA PRO F 135 18.21 4.49 -45.95
C PRO F 135 19.61 5.01 -45.62
N GLY F 136 19.73 6.32 -45.35
CA GLY F 136 21.01 6.96 -45.11
C GLY F 136 21.35 7.99 -46.19
N LEU F 137 22.54 8.61 -46.13
CA LEU F 137 22.91 9.63 -47.11
C LEU F 137 23.00 9.09 -48.53
N SER F 138 22.14 9.58 -49.43
CA SER F 138 22.11 9.11 -50.80
C SER F 138 23.34 9.57 -51.60
N GLU F 139 23.63 8.89 -52.72
CA GLU F 139 24.76 9.22 -53.56
C GLU F 139 24.55 10.57 -54.24
N GLN F 140 23.30 10.90 -54.61
CA GLN F 140 23.01 12.20 -55.23
C GLN F 140 23.27 13.32 -54.20
N ASP F 141 22.87 13.10 -52.95
CA ASP F 141 23.12 14.09 -51.89
C ASP F 141 24.61 14.29 -51.66
N VAL F 142 25.42 13.23 -51.71
CA VAL F 142 26.88 13.38 -51.55
C VAL F 142 27.45 14.30 -52.65
N ARG F 143 27.01 14.11 -53.90
CA ARG F 143 27.48 14.92 -55.01
C ARG F 143 26.96 16.38 -54.93
N ASP F 144 25.67 16.55 -54.54
CA ASP F 144 25.08 17.88 -54.43
C ASP F 144 25.68 18.66 -53.28
N LEU F 145 26.00 17.98 -52.17
CA LEU F 145 26.63 18.65 -51.03
C LEU F 145 28.05 19.10 -51.39
N ARG F 146 28.76 18.29 -52.19
CA ARG F 146 30.10 18.67 -52.68
C ARG F 146 29.98 19.88 -53.61
N PHE F 147 28.95 19.91 -54.47
CA PHE F 147 28.67 21.05 -55.35
C PHE F 147 28.45 22.32 -54.48
N GLY F 148 27.71 22.18 -53.38
CA GLY F 148 27.42 23.27 -52.46
C GLY F 148 28.67 23.89 -51.88
N VAL F 149 29.59 23.05 -51.40
CA VAL F 149 30.87 23.49 -50.86
C VAL F 149 31.68 24.21 -51.94
N GLU F 150 31.76 23.62 -53.13
CA GLU F 150 32.52 24.20 -54.24
C GLU F 150 31.95 25.53 -54.72
N HIS F 151 30.63 25.70 -54.59
CA HIS F 151 30.00 26.95 -55.00
C HIS F 151 29.78 27.95 -53.84
N GLY F 152 30.36 27.68 -52.68
CA GLY F 152 30.31 28.58 -51.52
C GLY F 152 28.95 28.86 -50.94
N VAL F 153 28.07 27.84 -50.91
CA VAL F 153 26.72 28.03 -50.34
C VAL F 153 26.83 28.33 -48.84
N ASP F 154 25.89 29.12 -48.31
CA ASP F 154 25.91 29.48 -46.90
C ASP F 154 25.17 28.51 -46.02
N ILE F 155 24.11 27.89 -46.57
CA ILE F 155 23.21 27.05 -45.79
C ILE F 155 22.83 25.80 -46.58
N VAL F 156 22.61 24.72 -45.86
CA VAL F 156 22.07 23.51 -46.43
C VAL F 156 20.72 23.26 -45.71
N PHE F 157 19.65 23.07 -46.49
CA PHE F 157 18.36 22.65 -45.96
C PHE F 157 18.39 21.15 -46.22
N ALA F 158 18.70 20.35 -45.21
CA ALA F 158 18.83 18.89 -45.37
C ALA F 158 17.47 18.20 -45.32
N SER F 159 17.03 17.63 -46.45
CA SER F 159 15.75 16.95 -46.54
C SER F 159 15.67 15.65 -45.73
N PHE F 160 14.47 15.39 -45.19
CA PHE F 160 14.12 14.19 -44.45
C PHE F 160 15.11 13.80 -43.36
N VAL F 161 15.43 14.75 -42.46
CA VAL F 161 16.29 14.43 -41.33
C VAL F 161 15.43 13.68 -40.32
N ARG F 162 15.86 12.47 -39.95
CA ARG F 162 15.09 11.58 -39.06
C ARG F 162 15.76 11.30 -37.72
N LYS F 163 17.05 11.61 -37.60
CA LYS F 163 17.81 11.34 -36.39
C LYS F 163 19.15 12.09 -36.45
N ALA F 164 19.86 12.20 -35.30
CA ALA F 164 21.12 12.90 -35.21
C ALA F 164 22.19 12.40 -36.19
N SER F 165 22.23 11.09 -36.48
CA SER F 165 23.24 10.55 -37.42
C SER F 165 23.02 11.04 -38.86
N ASP F 166 21.79 11.44 -39.21
CA ASP F 166 21.54 12.01 -40.53
C ASP F 166 22.26 13.36 -40.65
N VAL F 167 22.26 14.15 -39.58
CA VAL F 167 22.94 15.44 -39.56
C VAL F 167 24.45 15.22 -39.64
N ALA F 168 24.98 14.27 -38.87
CA ALA F 168 26.42 13.96 -38.89
C ALA F 168 26.88 13.55 -40.29
N ALA F 169 26.05 12.80 -41.03
CA ALA F 169 26.38 12.37 -42.38
C ALA F 169 26.42 13.56 -43.34
N VAL F 170 25.48 14.52 -43.19
CA VAL F 170 25.48 15.73 -44.02
C VAL F 170 26.74 16.55 -43.71
N ARG F 171 27.07 16.69 -42.41
CA ARG F 171 28.25 17.41 -41.95
CA ARG F 171 28.25 17.42 -41.97
C ARG F 171 29.53 16.78 -42.54
N ALA F 172 29.62 15.44 -42.54
CA ALA F 172 30.78 14.73 -43.10
C ALA F 172 30.89 14.93 -44.61
N ALA F 173 29.76 14.92 -45.33
CA ALA F 173 29.78 15.14 -46.78
C ALA F 173 30.16 16.57 -47.18
N LEU F 174 30.05 17.54 -46.26
CA LEU F 174 30.49 18.91 -46.54
C LEU F 174 32.04 19.05 -46.44
N GLY F 175 32.70 18.06 -45.84
CA GLY F 175 34.16 17.99 -45.73
C GLY F 175 34.80 19.05 -44.87
N PRO F 176 36.15 19.14 -44.95
CA PRO F 176 36.87 20.12 -44.13
C PRO F 176 36.64 21.57 -44.57
N GLU F 177 36.33 21.79 -45.86
CA GLU F 177 36.11 23.15 -46.36
C GLU F 177 34.69 23.70 -46.13
N GLY F 178 33.77 22.86 -45.66
CA GLY F 178 32.39 23.29 -45.44
C GLY F 178 31.97 23.36 -43.99
N HIS F 179 32.93 23.48 -43.06
CA HIS F 179 32.65 23.55 -41.63
C HIS F 179 31.82 24.77 -41.24
N GLY F 180 31.93 25.86 -42.00
CA GLY F 180 31.20 27.09 -41.74
C GLY F 180 29.78 27.14 -42.29
N ILE F 181 29.39 26.14 -43.10
CA ILE F 181 28.05 26.10 -43.67
C ILE F 181 27.02 25.73 -42.59
N LYS F 182 25.90 26.46 -42.53
CA LYS F 182 24.86 26.16 -41.54
C LYS F 182 24.00 24.99 -42.03
N ILE F 183 23.72 24.04 -41.15
CA ILE F 183 22.86 22.92 -41.49
C ILE F 183 21.48 23.13 -40.82
N ILE F 184 20.46 23.30 -41.63
CA ILE F 184 19.08 23.47 -41.19
C ILE F 184 18.39 22.16 -41.50
N SER F 185 18.07 21.38 -40.47
CA SER F 185 17.42 20.09 -40.69
C SER F 185 15.94 20.24 -41.01
N LYS F 186 15.49 19.62 -42.10
CA LYS F 186 14.08 19.64 -42.48
C LYS F 186 13.36 18.48 -41.79
N ILE F 187 12.32 18.79 -41.01
CA ILE F 187 11.51 17.77 -40.33
C ILE F 187 10.33 17.52 -41.20
N GLU F 188 10.24 16.30 -41.78
CA GLU F 188 9.25 15.99 -42.81
C GLU F 188 8.42 14.75 -42.55
N ASN F 189 8.66 14.04 -41.44
CA ASN F 189 7.90 12.82 -41.17
C ASN F 189 7.73 12.57 -39.66
N HIS F 190 7.01 11.50 -39.29
CA HIS F 190 6.77 11.17 -37.88
C HIS F 190 8.04 10.96 -37.09
N GLU F 191 9.02 10.23 -37.66
CA GLU F 191 10.27 9.99 -36.94
C GLU F 191 11.04 11.27 -36.61
N GLY F 192 11.10 12.20 -37.55
CA GLY F 192 11.75 13.49 -37.35
C GLY F 192 11.12 14.28 -36.21
N VAL F 193 9.77 14.22 -36.11
CA VAL F 193 9.05 14.91 -35.04
C VAL F 193 9.36 14.26 -33.70
N LYS F 194 9.30 12.91 -33.65
CA LYS F 194 9.55 12.19 -32.41
C LYS F 194 10.98 12.30 -31.93
N ARG F 195 11.93 12.35 -32.87
CA ARG F 195 13.35 12.48 -32.51
C ARG F 195 13.84 13.93 -32.58
N PHE F 196 12.90 14.91 -32.58
CA PHE F 196 13.20 16.33 -32.70
C PHE F 196 14.34 16.83 -31.81
N ASP F 197 14.29 16.53 -30.51
CA ASP F 197 15.29 17.04 -29.58
C ASP F 197 16.72 16.65 -29.94
N GLU F 198 16.93 15.38 -30.33
CA GLU F 198 18.25 14.93 -30.71
C GLU F 198 18.72 15.57 -32.04
N ILE F 199 17.79 15.83 -32.95
CA ILE F 199 18.10 16.46 -34.23
C ILE F 199 18.48 17.93 -34.01
N LEU F 200 17.67 18.66 -33.22
CA LEU F 200 17.94 20.08 -32.95
C LEU F 200 19.27 20.27 -32.26
N GLU F 201 19.61 19.39 -31.34
CA GLU F 201 20.87 19.46 -30.59
C GLU F 201 22.10 19.55 -31.49
N VAL F 202 22.13 18.78 -32.58
CA VAL F 202 23.28 18.77 -33.48
C VAL F 202 23.10 19.64 -34.74
N SER F 203 21.92 20.25 -34.93
CA SER F 203 21.68 21.08 -36.11
C SER F 203 21.89 22.57 -35.77
N ASP F 204 22.09 23.39 -36.80
CA ASP F 204 22.14 24.84 -36.58
C ASP F 204 20.70 25.45 -36.49
N GLY F 205 19.73 24.75 -37.02
CA GLY F 205 18.34 25.17 -37.01
C GLY F 205 17.44 24.13 -37.65
N ILE F 206 16.16 24.47 -37.81
CA ILE F 206 15.16 23.53 -38.30
C ILE F 206 14.26 24.17 -39.35
N MET F 207 13.76 23.37 -40.28
CA MET F 207 12.73 23.81 -41.20
C MET F 207 11.50 22.89 -40.95
N VAL F 208 10.32 23.49 -40.73
CA VAL F 208 9.08 22.74 -40.62
C VAL F 208 8.62 22.57 -42.07
N ALA F 209 8.97 21.45 -42.68
CA ALA F 209 8.73 21.17 -44.09
C ALA F 209 7.36 20.55 -44.22
N ARG F 210 6.35 21.42 -44.29
CA ARG F 210 4.95 21.03 -44.19
C ARG F 210 4.39 20.24 -45.35
N GLY F 211 4.96 20.32 -46.53
CA GLY F 211 4.51 19.56 -47.70
C GLY F 211 4.54 18.06 -47.43
N ASP F 212 5.73 17.52 -47.18
CA ASP F 212 5.89 16.11 -46.85
C ASP F 212 5.30 15.80 -45.49
N LEU F 213 5.49 16.68 -44.49
CA LEU F 213 4.94 16.43 -43.15
C LEU F 213 3.41 16.21 -43.19
N GLY F 214 2.72 16.97 -44.03
CA GLY F 214 1.28 16.88 -44.20
C GLY F 214 0.77 15.64 -44.94
N ILE F 215 1.67 14.85 -45.52
CA ILE F 215 1.37 13.58 -46.18
C ILE F 215 1.84 12.41 -45.27
N GLU F 216 2.94 12.62 -44.52
CA GLU F 216 3.53 11.63 -43.63
C GLU F 216 2.73 11.45 -42.34
N ILE F 217 2.14 12.54 -41.85
CA ILE F 217 1.30 12.51 -40.65
C ILE F 217 -0.07 13.06 -41.05
N PRO F 218 -1.13 12.85 -40.26
CA PRO F 218 -2.45 13.42 -40.62
C PRO F 218 -2.37 14.94 -40.84
N ALA F 219 -2.99 15.42 -41.91
CA ALA F 219 -2.95 16.84 -42.27
C ALA F 219 -3.41 17.76 -41.12
N GLU F 220 -4.40 17.31 -40.34
CA GLU F 220 -4.96 18.08 -39.23
C GLU F 220 -4.01 18.15 -38.02
N LYS F 221 -2.87 17.47 -38.04
CA LYS F 221 -1.91 17.47 -36.95
C LYS F 221 -0.67 18.34 -37.25
N VAL F 222 -0.46 18.76 -38.51
CA VAL F 222 0.71 19.56 -38.87
C VAL F 222 0.87 20.82 -38.02
N PHE F 223 -0.23 21.54 -37.70
CA PHE F 223 -0.12 22.74 -36.86
C PHE F 223 0.48 22.46 -35.49
N LEU F 224 0.21 21.26 -34.94
CA LEU F 224 0.76 20.91 -33.62
C LEU F 224 2.27 20.73 -33.73
N ALA F 225 2.73 20.04 -34.80
CA ALA F 225 4.15 19.83 -35.03
C ALA F 225 4.84 21.16 -35.30
N GLN F 226 4.21 22.04 -36.10
CA GLN F 226 4.77 23.37 -36.39
C GLN F 226 4.93 24.20 -35.11
N LYS F 227 3.87 24.31 -34.31
CA LYS F 227 3.91 25.12 -33.10
C LYS F 227 4.89 24.58 -32.07
N MET F 228 4.97 23.24 -31.93
CA MET F 228 5.89 22.59 -31.00
C MET F 228 7.34 22.86 -31.43
N MET F 229 7.65 22.65 -32.70
CA MET F 229 9.03 22.82 -33.19
C MET F 229 9.49 24.27 -33.13
N ILE F 230 8.59 25.20 -33.46
CA ILE F 230 8.92 26.61 -33.36
C ILE F 230 9.19 26.99 -31.89
N GLY F 231 8.32 26.55 -30.99
CA GLY F 231 8.49 26.81 -29.56
C GLY F 231 9.81 26.24 -29.03
N ARG F 232 10.14 24.99 -29.41
CA ARG F 232 11.40 24.37 -28.95
C ARG F 232 12.63 25.07 -29.54
N CYS F 233 12.57 25.52 -30.80
CA CYS F 233 13.67 26.28 -31.41
C CYS F 233 13.83 27.62 -30.73
N ASN F 234 12.70 28.30 -30.39
CA ASN F 234 12.75 29.58 -29.69
C ASN F 234 13.41 29.39 -28.31
N LEU F 235 13.05 28.30 -27.62
CA LEU F 235 13.62 28.02 -26.32
C LEU F 235 15.14 27.72 -26.44
N ALA F 236 15.55 27.00 -27.49
CA ALA F 236 16.96 26.69 -27.76
C ALA F 236 17.78 27.88 -28.31
N GLY F 237 17.10 28.92 -28.79
CA GLY F 237 17.76 30.06 -29.40
C GLY F 237 18.35 29.70 -30.76
N LYS F 238 17.69 28.78 -31.51
CA LYS F 238 18.16 28.37 -32.83
C LYS F 238 17.13 28.70 -33.90
N PRO F 239 17.58 29.10 -35.10
CA PRO F 239 16.61 29.47 -36.15
C PRO F 239 15.63 28.39 -36.58
N VAL F 240 14.41 28.80 -36.85
CA VAL F 240 13.36 27.89 -37.32
C VAL F 240 12.67 28.53 -38.52
N VAL F 241 12.45 27.74 -39.56
CA VAL F 241 11.80 28.19 -40.78
C VAL F 241 10.43 27.56 -40.91
N CYS F 242 9.42 28.35 -41.28
CA CYS F 242 8.13 27.78 -41.62
C CYS F 242 8.08 27.72 -43.14
N ALA F 243 7.70 26.56 -43.70
CA ALA F 243 7.73 26.41 -45.14
C ALA F 243 6.52 25.71 -45.73
N THR F 244 6.26 25.96 -47.02
CA THR F 244 5.38 25.26 -47.98
C THR F 244 3.91 25.63 -47.95
N GLN F 245 3.45 26.06 -49.13
CA GLN F 245 2.09 26.47 -49.45
C GLN F 245 1.59 27.67 -48.66
N MET F 246 2.51 28.51 -48.16
CA MET F 246 2.11 29.68 -47.39
C MET F 246 1.27 30.66 -48.20
N LEU F 247 1.63 30.89 -49.49
CA LEU F 247 0.86 31.77 -50.38
C LEU F 247 0.61 31.04 -51.70
N GLU F 248 0.32 29.74 -51.64
CA GLU F 248 0.15 28.85 -52.78
C GLU F 248 -0.68 29.41 -53.93
N SER F 249 -1.87 29.95 -53.68
CA SER F 249 -2.73 30.47 -54.75
C SER F 249 -2.06 31.61 -55.56
N MET F 250 -1.06 32.29 -54.99
CA MET F 250 -0.34 33.33 -55.71
C MET F 250 0.55 32.81 -56.85
N ILE F 251 0.63 31.49 -57.04
CA ILE F 251 1.31 30.89 -58.19
C ILE F 251 0.57 31.34 -59.48
N THR F 252 -0.77 31.50 -59.42
CA THR F 252 -1.53 31.96 -60.58
C THR F 252 -2.32 33.24 -60.32
N LYS F 253 -2.57 33.61 -59.07
CA LYS F 253 -3.37 34.79 -58.75
C LYS F 253 -2.56 35.95 -58.18
N PRO F 254 -2.91 37.21 -58.49
CA PRO F 254 -2.13 38.34 -57.97
C PRO F 254 -2.31 38.61 -56.46
N ARG F 255 -3.38 38.09 -55.86
CA ARG F 255 -3.68 38.27 -54.44
C ARG F 255 -3.89 36.90 -53.78
N PRO F 256 -3.49 36.74 -52.52
CA PRO F 256 -3.62 35.43 -51.85
C PRO F 256 -5.03 35.21 -51.26
N THR F 257 -5.28 34.01 -50.73
CA THR F 257 -6.57 33.74 -50.08
C THR F 257 -6.50 34.26 -48.61
N ARG F 258 -7.63 34.31 -47.93
CA ARG F 258 -7.68 34.75 -46.53
C ARG F 258 -6.96 33.75 -45.61
N ALA F 259 -6.96 32.46 -45.97
CA ALA F 259 -6.23 31.45 -45.20
C ALA F 259 -4.73 31.62 -45.33
N GLU F 260 -4.24 31.99 -46.52
CA GLU F 260 -2.84 32.19 -46.78
C GLU F 260 -2.25 33.37 -46.03
N THR F 261 -2.94 34.54 -46.02
CA THR F 261 -2.42 35.69 -45.24
C THR F 261 -2.39 35.35 -43.76
N SER F 262 -3.44 34.66 -43.28
CA SER F 262 -3.54 34.20 -41.90
C SER F 262 -2.38 33.25 -41.58
N ASP F 263 -2.09 32.29 -42.46
CA ASP F 263 -1.00 31.33 -42.25
C ASP F 263 0.36 32.03 -42.08
N VAL F 264 0.66 33.04 -42.93
CA VAL F 264 1.92 33.78 -42.84
C VAL F 264 1.98 34.53 -41.52
N ALA F 265 0.89 35.23 -41.18
CA ALA F 265 0.85 35.99 -39.91
C ALA F 265 1.03 35.09 -38.72
N ASN F 266 0.34 33.93 -38.72
CA ASN F 266 0.42 33.00 -37.60
C ASN F 266 1.77 32.31 -37.50
N ALA F 267 2.50 32.11 -38.63
CA ALA F 267 3.86 31.53 -38.55
C ALA F 267 4.79 32.50 -37.78
N VAL F 268 4.64 33.81 -38.04
CA VAL F 268 5.41 34.85 -37.37
C VAL F 268 5.00 34.92 -35.89
N LEU F 269 3.69 34.92 -35.61
CA LEU F 269 3.21 34.94 -34.22
C LEU F 269 3.62 33.67 -33.46
N ASP F 270 3.76 32.56 -34.15
CA ASP F 270 4.23 31.30 -33.53
C ASP F 270 5.68 31.44 -33.04
N GLY F 271 6.49 32.26 -33.72
CA GLY F 271 7.88 32.53 -33.38
C GLY F 271 8.87 32.16 -34.48
N ALA F 272 8.40 31.95 -35.73
CA ALA F 272 9.31 31.57 -36.81
C ALA F 272 10.33 32.66 -37.10
N ASP F 273 11.59 32.26 -37.29
CA ASP F 273 12.63 33.21 -37.66
C ASP F 273 12.54 33.55 -39.13
N CYS F 274 12.20 32.57 -39.98
CA CYS F 274 12.08 32.73 -41.42
C CYS F 274 10.78 32.15 -41.93
N ILE F 275 10.30 32.70 -43.03
CA ILE F 275 9.15 32.20 -43.78
C ILE F 275 9.65 31.92 -45.20
N MET F 276 8.97 30.99 -45.90
CA MET F 276 9.47 30.55 -47.20
C MET F 276 8.43 30.55 -48.30
N LEU F 277 8.91 30.71 -49.52
CA LEU F 277 8.13 30.64 -50.76
C LEU F 277 8.80 29.58 -51.62
N SER F 278 7.99 28.71 -52.23
CA SER F 278 8.50 27.62 -53.06
C SER F 278 8.00 27.86 -54.50
N GLY F 279 6.93 27.21 -54.96
CA GLY F 279 6.39 27.42 -56.29
C GLY F 279 5.99 28.85 -56.56
N GLU F 280 5.59 29.59 -55.48
CA GLU F 280 5.19 31.00 -55.54
C GLU F 280 6.28 31.86 -56.24
N THR F 281 7.56 31.54 -56.00
CA THR F 281 8.66 32.27 -56.64
C THR F 281 9.43 31.44 -57.70
N ALA F 282 9.49 30.11 -57.52
CA ALA F 282 10.19 29.25 -58.46
C ALA F 282 9.53 29.16 -59.82
N LYS F 283 8.18 29.10 -59.89
CA LYS F 283 7.49 28.87 -61.15
C LYS F 283 6.26 29.72 -61.41
N GLY F 284 5.80 30.45 -60.41
CA GLY F 284 4.54 31.18 -60.53
C GLY F 284 4.60 32.44 -61.36
N ASN F 285 3.44 33.03 -61.61
CA ASN F 285 3.30 34.23 -62.40
C ASN F 285 3.54 35.52 -61.62
N PHE F 286 3.61 35.44 -60.27
CA PHE F 286 3.79 36.65 -59.47
C PHE F 286 4.92 36.49 -58.42
N PRO F 287 6.16 36.10 -58.82
CA PRO F 287 7.21 35.91 -57.82
C PRO F 287 7.51 37.14 -56.96
N VAL F 288 7.59 38.33 -57.58
CA VAL F 288 7.90 39.56 -56.84
C VAL F 288 6.74 39.94 -55.91
N GLU F 289 5.51 39.78 -56.38
CA GLU F 289 4.32 40.11 -55.58
C GLU F 289 4.19 39.18 -54.38
N ALA F 290 4.61 37.91 -54.50
CA ALA F 290 4.58 36.94 -53.41
C ALA F 290 5.56 37.36 -52.32
N VAL F 291 6.77 37.83 -52.73
CA VAL F 291 7.76 38.30 -51.76
C VAL F 291 7.22 39.58 -51.09
N LYS F 292 6.63 40.49 -51.87
CA LYS F 292 6.05 41.72 -51.31
C LYS F 292 4.93 41.42 -50.30
N MET F 293 4.11 40.41 -50.58
CA MET F 293 3.02 40.02 -49.70
C MET F 293 3.54 39.43 -48.41
N GLN F 294 4.57 38.55 -48.45
CA GLN F 294 5.14 38.01 -47.21
C GLN F 294 5.77 39.13 -46.38
N HIS F 295 6.44 40.09 -47.05
CA HIS F 295 7.06 41.24 -46.36
C HIS F 295 5.97 42.05 -45.62
N ALA F 296 4.86 42.36 -46.34
CA ALA F 296 3.78 43.16 -45.78
C ALA F 296 3.11 42.47 -44.60
N ILE F 297 2.86 41.16 -44.69
CA ILE F 297 2.21 40.44 -43.61
C ILE F 297 3.14 40.29 -42.40
N ALA F 298 4.40 39.89 -42.64
CA ALA F 298 5.35 39.71 -41.54
C ALA F 298 5.52 40.96 -40.72
N ARG F 299 5.56 42.12 -41.36
CA ARG F 299 5.73 43.39 -40.66
C ARG F 299 4.50 43.67 -39.74
N GLU F 300 3.28 43.42 -40.23
CA GLU F 300 2.08 43.56 -39.42
C GLU F 300 2.09 42.59 -38.24
N ALA F 301 2.48 41.32 -38.50
CA ALA F 301 2.47 40.29 -37.46
C ALA F 301 3.54 40.49 -36.40
N GLU F 302 4.71 41.00 -36.79
CA GLU F 302 5.78 41.25 -35.83
C GLU F 302 5.37 42.31 -34.80
N ALA F 303 4.66 43.35 -35.24
CA ALA F 303 4.17 44.39 -34.32
C ALA F 303 3.11 43.82 -33.37
N ALA F 304 2.33 42.81 -33.84
CA ALA F 304 1.25 42.16 -33.06
C ALA F 304 1.77 41.11 -32.05
N VAL F 305 3.06 40.82 -32.04
CA VAL F 305 3.63 39.87 -31.06
C VAL F 305 3.44 40.46 -29.64
N TYR F 306 3.03 39.66 -28.66
CA TYR F 306 2.84 40.12 -27.30
C TYR F 306 4.18 39.99 -26.57
N HIS F 307 5.09 40.92 -26.82
CA HIS F 307 6.46 40.89 -26.23
C HIS F 307 6.49 40.82 -24.72
N ARG F 308 5.50 41.41 -24.03
CA ARG F 308 5.49 41.39 -22.56
C ARG F 308 5.50 39.96 -22.02
N GLN F 309 4.66 39.07 -22.59
CA GLN F 309 4.64 37.69 -22.15
C GLN F 309 5.80 36.92 -22.75
N LEU F 310 6.11 37.12 -24.03
CA LEU F 310 7.18 36.42 -24.71
C LEU F 310 8.54 36.65 -24.01
N PHE F 311 8.88 37.90 -23.72
CA PHE F 311 10.16 38.20 -23.07
C PHE F 311 10.23 37.60 -21.68
N GLU F 312 9.13 37.70 -20.91
CA GLU F 312 9.02 37.13 -19.57
C GLU F 312 9.22 35.60 -19.62
N GLU F 313 8.55 34.91 -20.57
CA GLU F 313 8.67 33.47 -20.69
C GLU F 313 10.04 33.02 -21.18
N LEU F 314 10.64 33.74 -22.15
CA LEU F 314 11.97 33.40 -22.65
C LEU F 314 12.99 33.56 -21.51
N ARG F 315 12.83 34.59 -20.68
CA ARG F 315 13.72 34.81 -19.53
C ARG F 315 13.54 33.72 -18.45
N ARG F 316 12.30 33.39 -18.09
CA ARG F 316 12.00 32.35 -17.09
C ARG F 316 12.51 30.97 -17.51
N ALA F 317 12.37 30.63 -18.80
CA ALA F 317 12.78 29.32 -19.28
C ALA F 317 14.28 29.22 -19.57
N ALA F 318 14.94 30.35 -19.86
CA ALA F 318 16.37 30.33 -20.15
C ALA F 318 17.12 30.15 -18.84
N PRO F 319 18.11 29.24 -18.85
CA PRO F 319 18.84 28.99 -17.60
C PRO F 319 19.82 30.13 -17.27
N LEU F 320 20.30 30.16 -16.02
CA LEU F 320 21.34 31.09 -15.61
C LEU F 320 22.59 30.84 -16.47
N SER F 321 23.37 31.88 -16.73
CA SER F 321 24.53 31.72 -17.58
C SER F 321 25.70 32.49 -17.07
N ARG F 322 26.88 31.91 -17.18
CA ARG F 322 28.11 32.62 -16.84
C ARG F 322 28.88 33.04 -18.10
N ASP F 323 28.25 32.94 -19.29
CA ASP F 323 28.84 33.35 -20.55
C ASP F 323 28.58 34.83 -20.66
N PRO F 324 29.63 35.65 -20.74
CA PRO F 324 29.41 37.11 -20.80
C PRO F 324 28.63 37.60 -22.01
N THR F 325 28.70 36.90 -23.15
CA THR F 325 27.94 37.31 -24.33
C THR F 325 26.44 37.17 -24.05
N GLU F 326 26.07 36.07 -23.40
CA GLU F 326 24.67 35.78 -23.05
C GLU F 326 24.17 36.77 -21.98
N VAL F 327 25.01 37.07 -20.99
CA VAL F 327 24.67 38.01 -19.93
C VAL F 327 24.49 39.42 -20.51
N THR F 328 25.41 39.84 -21.40
CA THR F 328 25.31 41.13 -22.06
C THR F 328 24.05 41.20 -22.94
N ALA F 329 23.76 40.13 -23.68
CA ALA F 329 22.60 40.12 -24.57
C ALA F 329 21.26 40.35 -23.83
N ILE F 330 21.05 39.68 -22.70
CA ILE F 330 19.79 39.87 -21.96
C ILE F 330 19.72 41.28 -21.35
N GLY F 331 20.85 41.80 -20.88
CA GLY F 331 20.92 43.16 -20.36
C GLY F 331 20.61 44.19 -21.44
N ALA F 332 21.15 43.98 -22.66
CA ALA F 332 20.93 44.88 -23.79
C ALA F 332 19.46 44.86 -24.24
N VAL F 333 18.85 43.67 -24.28
CA VAL F 333 17.44 43.56 -24.70
C VAL F 333 16.53 44.21 -23.65
N GLU F 334 16.85 44.04 -22.37
CA GLU F 334 16.08 44.65 -21.29
CA GLU F 334 16.08 44.65 -21.29
C GLU F 334 16.19 46.18 -21.39
N ALA F 335 17.41 46.71 -21.62
CA ALA F 335 17.66 48.13 -21.76
C ALA F 335 16.91 48.69 -22.99
N ALA F 336 16.91 47.96 -24.11
CA ALA F 336 16.19 48.39 -25.32
C ALA F 336 14.68 48.55 -25.03
N PHE F 337 14.08 47.58 -24.33
CA PHE F 337 12.65 47.64 -24.00
C PHE F 337 12.36 48.84 -23.04
N LYS F 338 13.27 49.13 -22.11
CA LYS F 338 13.09 50.21 -21.13
C LYS F 338 12.93 51.59 -21.79
N CYS F 339 13.66 51.82 -22.89
CA CYS F 339 13.64 53.13 -23.56
C CYS F 339 13.02 53.12 -24.93
N CYS F 340 12.35 52.03 -25.36
CA CYS F 340 11.81 51.91 -26.72
C CYS F 340 12.93 52.15 -27.75
N ALA F 341 14.14 51.57 -27.52
CA ALA F 341 15.30 51.80 -28.40
C ALA F 341 14.97 51.48 -29.85
N ALA F 342 15.41 52.32 -30.79
CA ALA F 342 15.17 52.06 -32.20
C ALA F 342 16.02 50.83 -32.64
N ALA F 343 17.23 50.68 -32.08
CA ALA F 343 18.10 49.59 -32.50
C ALA F 343 19.09 49.16 -31.44
N ILE F 344 19.61 47.94 -31.58
CA ILE F 344 20.69 47.42 -30.80
C ILE F 344 21.81 47.19 -31.86
N ILE F 345 22.91 47.92 -31.77
CA ILE F 345 24.02 47.77 -32.72
C ILE F 345 25.02 46.83 -32.09
N VAL F 346 25.35 45.73 -32.76
CA VAL F 346 26.27 44.75 -32.21
C VAL F 346 27.41 44.47 -33.18
N LEU F 347 28.63 44.36 -32.66
CA LEU F 347 29.78 43.97 -33.48
C LEU F 347 29.89 42.47 -33.35
N THR F 348 30.06 41.75 -34.48
CA THR F 348 30.13 40.30 -34.44
C THR F 348 31.01 39.74 -35.53
N THR F 349 31.78 38.69 -35.21
CA THR F 349 32.64 38.05 -36.20
C THR F 349 31.88 36.89 -36.88
N THR F 350 31.28 36.02 -36.06
CA THR F 350 30.58 34.82 -36.51
C THR F 350 29.06 34.96 -36.61
N GLY F 351 28.50 36.01 -36.02
CA GLY F 351 27.06 36.23 -35.94
C GLY F 351 26.51 35.87 -34.57
N ARG F 352 27.29 35.12 -33.73
CA ARG F 352 26.84 34.63 -32.45
C ARG F 352 26.31 35.71 -31.48
N SER F 353 26.99 36.84 -31.32
CA SER F 353 26.51 37.91 -30.43
C SER F 353 25.13 38.44 -30.91
N ALA F 354 24.91 38.51 -32.22
CA ALA F 354 23.64 38.96 -32.78
C ALA F 354 22.55 37.88 -32.55
N GLN F 355 22.93 36.59 -32.69
CA GLN F 355 22.01 35.47 -32.46
C GLN F 355 21.53 35.44 -31.01
N LEU F 356 22.43 35.70 -30.05
CA LEU F 356 22.04 35.74 -28.63
C LEU F 356 21.13 36.92 -28.29
N LEU F 357 21.22 38.02 -29.05
CA LEU F 357 20.30 39.15 -28.85
C LEU F 357 18.93 38.75 -29.45
N SER F 358 18.94 38.17 -30.66
CA SER F 358 17.75 37.73 -31.38
C SER F 358 16.89 36.74 -30.56
N ARG F 359 17.52 35.84 -29.80
CA ARG F 359 16.80 34.81 -29.03
C ARG F 359 15.86 35.42 -27.98
N TYR F 360 16.13 36.66 -27.52
CA TYR F 360 15.24 37.33 -26.57
C TYR F 360 14.14 38.12 -27.21
N ARG F 361 14.04 38.09 -28.55
CA ARG F 361 13.04 38.72 -29.36
C ARG F 361 12.81 40.20 -29.03
N PRO F 362 13.85 41.05 -29.11
CA PRO F 362 13.63 42.48 -28.90
C PRO F 362 12.75 43.07 -30.00
N ARG F 363 12.00 44.11 -29.66
CA ARG F 363 11.25 44.85 -30.66
C ARG F 363 12.28 45.74 -31.46
N ALA F 364 13.39 46.19 -30.80
CA ALA F 364 14.45 46.95 -31.44
C ALA F 364 15.17 46.09 -32.48
N ALA F 365 15.45 46.68 -33.66
CA ALA F 365 16.22 46.01 -34.72
C ALA F 365 17.63 45.68 -34.21
N VAL F 366 18.17 44.52 -34.54
CA VAL F 366 19.55 44.18 -34.16
C VAL F 366 20.40 44.45 -35.41
N ILE F 367 21.16 45.54 -35.40
CA ILE F 367 22.01 45.90 -36.53
C ILE F 367 23.39 45.26 -36.29
N ALA F 368 23.72 44.22 -37.06
CA ALA F 368 24.95 43.48 -36.85
C ALA F 368 26.05 43.92 -37.81
N VAL F 369 27.13 44.50 -37.25
CA VAL F 369 28.26 44.97 -38.06
C VAL F 369 29.32 43.90 -38.08
N THR F 370 29.64 43.42 -39.27
CA THR F 370 30.61 42.34 -39.42
C THR F 370 31.49 42.52 -40.64
N ARG F 371 32.73 42.02 -40.57
CA ARG F 371 33.64 41.97 -41.72
C ARG F 371 33.44 40.66 -42.51
N SER F 372 32.81 39.62 -41.89
CA SER F 372 32.60 38.35 -42.54
C SER F 372 31.43 38.40 -43.49
N ALA F 373 31.69 38.30 -44.80
CA ALA F 373 30.64 38.31 -45.81
C ALA F 373 29.70 37.11 -45.61
N GLN F 374 30.25 35.95 -45.24
CA GLN F 374 29.44 34.76 -45.01
C GLN F 374 28.57 34.92 -43.74
N ALA F 375 29.12 35.47 -42.63
CA ALA F 375 28.31 35.68 -41.42
C ALA F 375 27.20 36.69 -41.70
N ALA F 376 27.47 37.71 -42.55
CA ALA F 376 26.46 38.70 -42.91
C ALA F 376 25.28 38.02 -43.65
N ARG F 377 25.57 37.05 -44.51
CA ARG F 377 24.52 36.32 -45.22
C ARG F 377 23.80 35.34 -44.28
N GLN F 378 24.54 34.59 -43.45
CA GLN F 378 23.95 33.60 -42.57
C GLN F 378 23.10 34.15 -41.42
N VAL F 379 23.38 35.38 -40.94
CA VAL F 379 22.58 35.93 -39.82
C VAL F 379 21.14 36.24 -40.23
N HIS F 380 20.81 36.20 -41.53
CA HIS F 380 19.43 36.32 -41.98
C HIS F 380 18.55 35.20 -41.39
N LEU F 381 19.18 34.07 -40.93
CA LEU F 381 18.43 33.00 -40.33
C LEU F 381 17.80 33.40 -38.98
N CYS F 382 18.35 34.42 -38.29
CA CYS F 382 17.93 34.87 -36.96
C CYS F 382 17.02 36.05 -37.06
N ARG F 383 15.81 35.94 -36.50
CA ARG F 383 14.85 37.04 -36.58
C ARG F 383 15.37 38.36 -36.04
N GLY F 384 15.14 39.41 -36.80
CA GLY F 384 15.46 40.75 -36.37
C GLY F 384 16.91 41.17 -36.47
N VAL F 385 17.73 40.38 -37.17
CA VAL F 385 19.14 40.73 -37.36
C VAL F 385 19.32 41.32 -38.77
N PHE F 386 19.81 42.56 -38.85
CA PHE F 386 20.03 43.31 -40.09
C PHE F 386 21.54 43.40 -40.30
N PRO F 387 22.06 42.58 -41.23
CA PRO F 387 23.52 42.56 -41.42
C PRO F 387 24.10 43.74 -42.20
N LEU F 388 25.22 44.29 -41.70
CA LEU F 388 25.92 45.37 -42.38
C LEU F 388 27.33 44.89 -42.61
N LEU F 389 27.72 44.76 -43.87
CA LEU F 389 29.06 44.30 -44.20
C LEU F 389 30.04 45.47 -44.20
N TYR F 390 30.99 45.45 -43.26
CA TYR F 390 32.00 46.48 -43.10
C TYR F 390 33.21 46.07 -43.94
N ARG F 391 33.64 46.93 -44.86
CA ARG F 391 34.75 46.57 -45.75
C ARG F 391 36.08 47.28 -45.49
N GLU F 392 36.12 48.25 -44.57
CA GLU F 392 37.35 49.00 -44.28
C GLU F 392 38.42 48.20 -43.58
N PRO F 393 39.70 48.42 -43.95
CA PRO F 393 40.80 47.70 -43.27
C PRO F 393 40.94 48.14 -41.81
N PRO F 394 41.44 47.25 -40.94
CA PRO F 394 41.57 47.60 -39.51
C PRO F 394 42.42 48.83 -39.22
N GLU F 395 41.95 49.67 -38.29
CA GLU F 395 42.68 50.84 -37.81
C GLU F 395 43.89 50.35 -37.02
N ALA F 396 44.92 51.21 -36.88
CA ALA F 396 46.12 50.87 -36.11
C ALA F 396 45.76 50.59 -34.65
N ILE F 397 44.89 51.42 -34.08
CA ILE F 397 44.46 51.26 -32.70
C ILE F 397 43.12 50.50 -32.70
N TRP F 398 43.09 49.32 -32.07
CA TRP F 398 41.89 48.47 -32.03
C TRP F 398 40.65 49.21 -31.50
N ALA F 399 40.79 50.00 -30.42
CA ALA F 399 39.66 50.75 -29.87
C ALA F 399 39.07 51.70 -30.90
N ASP F 400 39.90 52.30 -31.78
CA ASP F 400 39.44 53.19 -32.83
C ASP F 400 38.71 52.40 -33.92
N ASP F 401 39.18 51.18 -34.22
CA ASP F 401 38.55 50.33 -35.23
C ASP F 401 37.14 49.96 -34.76
N VAL F 402 36.99 49.61 -33.47
CA VAL F 402 35.70 49.28 -32.83
C VAL F 402 34.79 50.48 -32.94
N ASP F 403 35.28 51.68 -32.57
CA ASP F 403 34.52 52.92 -32.66
C ASP F 403 34.06 53.22 -34.08
N ARG F 404 34.92 53.01 -35.08
CA ARG F 404 34.54 53.25 -36.47
C ARG F 404 33.43 52.33 -36.92
N ARG F 405 33.47 51.06 -36.47
CA ARG F 405 32.43 50.11 -36.84
C ARG F 405 31.10 50.46 -36.19
N VAL F 406 31.12 50.97 -34.94
CA VAL F 406 29.89 51.39 -34.27
C VAL F 406 29.29 52.59 -35.00
N GLN F 407 30.15 53.56 -35.38
CA GLN F 407 29.73 54.75 -36.11
C GLN F 407 29.19 54.40 -37.48
N PHE F 408 29.77 53.38 -38.15
CA PHE F 408 29.29 52.88 -39.45
C PHE F 408 27.85 52.36 -39.28
N GLY F 409 27.59 51.65 -38.17
CA GLY F 409 26.27 51.14 -37.86
C GLY F 409 25.27 52.27 -37.66
N ILE F 410 25.68 53.34 -36.93
CA ILE F 410 24.85 54.52 -36.66
C ILE F 410 24.53 55.28 -37.93
N GLU F 411 25.57 55.54 -38.75
CA GLU F 411 25.41 56.28 -40.00
C GLU F 411 24.59 55.51 -41.00
N SER F 412 24.85 54.22 -41.16
CA SER F 412 24.06 53.39 -42.07
C SER F 412 22.60 53.30 -41.58
N GLY F 413 22.39 53.21 -40.27
CA GLY F 413 21.06 53.17 -39.69
C GLY F 413 20.27 54.43 -39.93
N LYS F 414 20.94 55.60 -39.82
CA LYS F 414 20.29 56.89 -40.10
C LYS F 414 19.90 56.98 -41.58
N LEU F 415 20.82 56.55 -42.44
CA LEU F 415 20.60 56.58 -43.88
C LEU F 415 19.47 55.67 -44.30
N ARG F 416 19.35 54.48 -43.67
CA ARG F 416 18.30 53.54 -44.04
C ARG F 416 16.93 53.80 -43.37
N GLY F 417 16.87 54.71 -42.41
CA GLY F 417 15.62 55.01 -41.72
C GLY F 417 15.39 54.23 -40.43
N PHE F 418 16.37 53.41 -40.00
CA PHE F 418 16.28 52.68 -38.73
C PHE F 418 16.43 53.64 -37.56
N LEU F 419 17.29 54.66 -37.71
CA LEU F 419 17.61 55.59 -36.64
C LEU F 419 17.34 57.02 -37.04
N ARG F 420 16.83 57.75 -36.09
CA ARG F 420 16.48 59.15 -36.22
C ARG F 420 17.24 59.90 -35.12
N VAL F 421 17.58 61.19 -35.36
CA VAL F 421 18.24 62.01 -34.33
C VAL F 421 17.31 62.11 -33.11
N GLY F 422 17.85 61.87 -31.93
CA GLY F 422 17.06 61.85 -30.72
C GLY F 422 16.76 60.45 -30.22
N ASP F 423 16.90 59.43 -31.10
CA ASP F 423 16.67 58.05 -30.72
C ASP F 423 17.74 57.57 -29.74
N LEU F 424 17.37 56.57 -28.94
CA LEU F 424 18.34 55.90 -28.10
C LEU F 424 18.67 54.58 -28.79
N VAL F 425 19.93 54.20 -28.75
CA VAL F 425 20.41 52.93 -29.30
C VAL F 425 21.22 52.25 -28.22
N ILE F 426 21.18 50.91 -28.25
CA ILE F 426 21.97 50.11 -27.34
C ILE F 426 23.13 49.59 -28.16
N VAL F 427 24.38 49.73 -27.69
CA VAL F 427 25.55 49.28 -28.45
C VAL F 427 26.24 48.16 -27.72
N VAL F 428 26.42 47.04 -28.39
CA VAL F 428 27.03 45.84 -27.79
C VAL F 428 28.39 45.53 -28.44
N THR F 429 29.45 45.57 -27.62
CA THR F 429 30.82 45.32 -28.07
C THR F 429 31.55 44.36 -27.06
N GLY F 430 32.83 44.07 -27.29
CA GLY F 430 33.64 43.23 -26.42
C GLY F 430 34.93 43.90 -25.97
N TRP F 431 35.66 43.28 -25.06
CA TRP F 431 36.85 43.88 -24.44
C TRP F 431 38.18 43.59 -25.15
N ARG F 432 38.19 42.64 -26.08
CA ARG F 432 39.38 42.25 -26.83
C ARG F 432 38.99 41.71 -28.22
N PRO F 433 39.90 41.78 -29.23
CA PRO F 433 39.56 41.27 -30.57
C PRO F 433 39.32 39.77 -30.60
N GLY F 434 38.68 39.29 -31.66
CA GLY F 434 38.35 37.89 -31.79
C GLY F 434 36.96 37.57 -31.28
N SER F 435 36.37 36.48 -31.78
CA SER F 435 35.05 35.99 -31.35
C SER F 435 35.05 35.54 -29.90
N GLY F 436 33.92 35.72 -29.22
CA GLY F 436 33.74 35.20 -27.88
C GLY F 436 33.97 36.12 -26.71
N TYR F 437 34.26 37.39 -26.97
CA TYR F 437 34.59 38.33 -25.89
C TYR F 437 33.61 39.48 -25.72
N THR F 438 32.39 39.36 -26.29
CA THR F 438 31.37 40.42 -26.10
C THR F 438 31.04 40.51 -24.60
N ASN F 439 31.09 41.70 -24.01
CA ASN F 439 30.83 41.87 -22.59
C ASN F 439 30.39 43.27 -22.21
N ILE F 440 30.14 44.15 -23.19
CA ILE F 440 29.82 45.54 -22.93
C ILE F 440 28.54 45.99 -23.60
N MET F 441 27.73 46.73 -22.86
CA MET F 441 26.51 47.31 -23.38
CA MET F 441 26.47 47.30 -23.33
C MET F 441 26.53 48.80 -23.03
N ARG F 442 26.30 49.66 -24.02
CA ARG F 442 26.30 51.11 -23.83
C ARG F 442 24.98 51.71 -24.33
N VAL F 443 24.49 52.75 -23.67
CA VAL F 443 23.28 53.44 -24.08
C VAL F 443 23.74 54.75 -24.73
N LEU F 444 23.40 54.95 -25.99
CA LEU F 444 23.81 56.14 -26.73
CA LEU F 444 23.82 56.12 -26.74
C LEU F 444 22.64 56.89 -27.32
N SER F 445 22.69 58.24 -27.28
CA SER F 445 21.68 59.11 -27.89
C SER F 445 22.18 59.44 -29.30
N ILE F 446 21.33 59.29 -30.30
CA ILE F 446 21.72 59.57 -31.68
CA ILE F 446 21.71 59.56 -31.68
C ILE F 446 21.69 61.07 -31.94
N SER F 447 22.83 61.63 -32.37
CA SER F 447 22.91 63.08 -32.63
C SER F 447 22.93 63.40 -34.10
N ALA G 16 -22.27 50.33 -15.04
CA ALA G 16 -22.52 50.68 -13.65
C ALA G 16 -23.66 49.86 -13.04
N GLN G 17 -23.88 48.63 -13.52
CA GLN G 17 -24.94 47.76 -13.00
C GLN G 17 -24.56 47.25 -11.62
N LEU G 18 -23.30 46.81 -11.47
CA LEU G 18 -22.76 46.33 -10.19
C LEU G 18 -22.67 47.50 -9.18
N THR G 19 -22.36 48.71 -9.66
CA THR G 19 -22.29 49.92 -8.84
C THR G 19 -23.71 50.38 -8.40
N GLN G 20 -24.75 50.06 -9.20
CA GLN G 20 -26.13 50.40 -8.85
C GLN G 20 -26.65 49.47 -7.73
N GLU G 21 -26.47 48.14 -7.92
CA GLU G 21 -26.90 47.09 -6.99
C GLU G 21 -26.20 47.24 -5.63
N LEU G 22 -24.88 47.40 -5.66
CA LEU G 22 -24.03 47.59 -4.48
C LEU G 22 -23.50 49.00 -4.64
N GLY G 23 -23.67 49.84 -3.63
CA GLY G 23 -23.17 51.21 -3.72
C GLY G 23 -21.67 51.30 -3.85
N THR G 24 -21.14 52.49 -4.17
CA THR G 24 -19.71 52.81 -4.28
C THR G 24 -18.99 52.50 -2.95
N ALA G 25 -19.70 52.71 -1.82
CA ALA G 25 -19.21 52.47 -0.47
C ALA G 25 -18.80 51.03 -0.29
N PHE G 26 -19.52 50.07 -0.91
CA PHE G 26 -19.21 48.64 -0.82
C PHE G 26 -17.79 48.36 -1.31
N PHE G 27 -17.44 48.94 -2.46
CA PHE G 27 -16.14 48.73 -3.07
C PHE G 27 -14.99 49.48 -2.41
N GLN G 28 -15.27 50.30 -1.40
CA GLN G 28 -14.20 50.98 -0.67
C GLN G 28 -13.85 50.23 0.65
N GLN G 29 -14.76 49.36 1.15
CA GLN G 29 -14.56 48.61 2.38
C GLN G 29 -13.72 47.32 2.15
N GLN G 30 -13.35 46.64 3.26
CA GLN G 30 -12.63 45.37 3.34
C GLN G 30 -11.46 45.26 2.37
N GLN G 31 -10.71 46.37 2.18
CA GLN G 31 -9.56 46.45 1.29
C GLN G 31 -9.86 45.97 -0.12
N LEU G 32 -11.11 46.17 -0.60
CA LEU G 32 -11.48 45.78 -1.97
C LEU G 32 -10.68 46.54 -3.05
N PRO G 33 -10.31 47.83 -2.91
CA PRO G 33 -9.44 48.44 -3.94
C PRO G 33 -8.09 47.71 -4.04
N ALA G 34 -7.49 47.30 -2.90
CA ALA G 34 -6.23 46.54 -2.90
C ALA G 34 -6.43 45.10 -3.43
N ALA G 35 -7.63 44.53 -3.22
CA ALA G 35 -7.97 43.20 -3.71
C ALA G 35 -7.98 43.13 -5.24
N MET G 36 -8.36 44.22 -5.91
CA MET G 36 -8.45 44.24 -7.37
C MET G 36 -7.12 44.49 -8.07
N ALA G 37 -6.03 44.77 -7.34
CA ALA G 37 -4.74 45.06 -7.94
C ALA G 37 -4.18 43.94 -8.78
N ASP G 38 -3.44 44.27 -9.82
CA ASP G 38 -2.87 43.29 -10.74
C ASP G 38 -1.56 42.72 -10.29
N THR G 39 -0.89 43.33 -9.30
CA THR G 39 0.36 42.79 -8.78
C THR G 39 0.34 42.87 -7.24
N PHE G 40 1.18 42.08 -6.58
CA PHE G 40 1.28 42.11 -5.13
C PHE G 40 1.80 43.49 -4.68
N LEU G 41 2.75 44.07 -5.41
CA LEU G 41 3.28 45.40 -5.10
C LEU G 41 2.18 46.45 -5.15
N GLU G 42 1.36 46.45 -6.22
CA GLU G 42 0.23 47.39 -6.35
CA GLU G 42 0.26 47.41 -6.32
C GLU G 42 -0.79 47.17 -5.23
N HIS G 43 -1.00 45.91 -4.83
CA HIS G 43 -1.92 45.53 -3.76
C HIS G 43 -1.47 46.20 -2.45
N LEU G 44 -0.17 46.15 -2.16
CA LEU G 44 0.36 46.79 -0.96
C LEU G 44 0.15 48.31 -1.01
N CYS G 45 0.46 48.92 -2.18
CA CYS G 45 0.31 50.36 -2.41
C CYS G 45 -1.13 50.83 -2.20
N LEU G 46 -2.12 49.94 -2.42
CA LEU G 46 -3.54 50.30 -2.30
C LEU G 46 -4.15 50.01 -0.94
N LEU G 47 -3.38 49.45 0.02
CA LEU G 47 -3.93 49.20 1.37
C LEU G 47 -4.28 50.53 2.01
N ASP G 48 -5.45 50.61 2.62
CA ASP G 48 -6.01 51.85 3.12
C ASP G 48 -6.47 51.71 4.55
N ILE G 49 -5.89 52.50 5.46
CA ILE G 49 -6.28 52.50 6.88
C ILE G 49 -7.74 52.94 7.09
N ASP G 50 -8.35 53.63 6.12
CA ASP G 50 -9.76 54.03 6.23
C ASP G 50 -10.72 52.99 5.63
N SER G 51 -10.21 51.90 5.04
CA SER G 51 -11.04 50.86 4.47
C SER G 51 -11.38 49.91 5.59
N GLU G 52 -12.61 50.00 6.12
CA GLU G 52 -13.00 49.23 7.29
C GLU G 52 -13.33 47.78 7.00
N PRO G 53 -12.86 46.87 7.88
CA PRO G 53 -13.19 45.45 7.67
C PRO G 53 -14.69 45.23 7.90
N VAL G 54 -15.30 44.38 7.07
CA VAL G 54 -16.73 44.11 7.20
C VAL G 54 -16.94 42.65 7.57
N ALA G 55 -16.17 41.75 6.96
CA ALA G 55 -16.25 40.33 7.22
C ALA G 55 -15.97 39.99 8.68
N ALA G 56 -16.57 38.91 9.16
CA ALA G 56 -16.30 38.44 10.51
C ALA G 56 -14.84 37.95 10.58
N ARG G 57 -14.22 38.05 11.75
CA ARG G 57 -12.84 37.66 11.95
C ARG G 57 -12.70 36.15 11.79
N SER G 58 -11.87 35.71 10.87
CA SER G 58 -11.77 34.32 10.47
C SER G 58 -10.62 33.50 11.10
N THR G 59 -9.57 34.14 11.65
CA THR G 59 -8.47 33.40 12.26
C THR G 59 -8.88 33.13 13.70
N SER G 60 -8.96 31.85 14.11
CA SER G 60 -9.36 31.54 15.47
C SER G 60 -8.33 31.96 16.50
N ILE G 61 -8.80 32.30 17.68
CA ILE G 61 -7.93 32.69 18.77
C ILE G 61 -7.92 31.58 19.81
N ILE G 62 -6.74 31.11 20.16
CA ILE G 62 -6.58 30.12 21.20
C ILE G 62 -6.08 30.90 22.43
N ALA G 63 -6.79 30.77 23.57
CA ALA G 63 -6.35 31.44 24.78
C ALA G 63 -6.01 30.39 25.82
N THR G 64 -4.86 30.52 26.47
CA THR G 64 -4.43 29.57 27.48
C THR G 64 -5.12 29.93 28.78
N ILE G 65 -5.80 28.94 29.40
CA ILE G 65 -6.56 29.17 30.62
C ILE G 65 -5.70 28.87 31.82
N GLY G 66 -5.60 29.84 32.70
CA GLY G 66 -4.81 29.69 33.93
C GLY G 66 -5.34 30.56 35.03
N PRO G 67 -4.49 30.88 36.02
CA PRO G 67 -4.96 31.72 37.16
C PRO G 67 -5.65 33.01 36.78
N ALA G 68 -5.16 33.71 35.74
CA ALA G 68 -5.73 35.00 35.33
C ALA G 68 -7.04 34.91 34.55
N SER G 69 -7.41 33.72 34.08
CA SER G 69 -8.55 33.58 33.18
C SER G 69 -9.47 32.41 33.49
N ARG G 70 -9.47 31.93 34.71
CA ARG G 70 -10.21 30.75 35.14
C ARG G 70 -11.64 30.91 35.60
N SER G 71 -11.99 32.06 36.18
CA SER G 71 -13.33 32.25 36.71
C SER G 71 -14.38 32.22 35.61
N VAL G 72 -15.58 31.77 35.95
CA VAL G 72 -16.69 31.67 34.99
C VAL G 72 -17.03 33.05 34.43
N GLU G 73 -16.98 34.08 35.29
CA GLU G 73 -17.25 35.45 34.86
C GLU G 73 -16.21 35.98 33.88
N ARG G 74 -14.92 35.71 34.14
CA ARG G 74 -13.84 36.13 33.27
C ARG G 74 -13.93 35.37 31.92
N LEU G 75 -14.23 34.08 31.98
CA LEU G 75 -14.38 33.25 30.79
C LEU G 75 -15.53 33.72 29.89
N LYS G 76 -16.62 34.24 30.48
CA LYS G 76 -17.73 34.81 29.70
C LYS G 76 -17.24 36.01 28.91
N GLU G 77 -16.42 36.86 29.53
CA GLU G 77 -15.87 38.03 28.86
C GLU G 77 -14.86 37.61 27.77
N MET G 78 -14.10 36.55 27.99
CA MET G 78 -13.14 36.06 27.00
CA MET G 78 -13.15 36.07 27.00
C MET G 78 -13.86 35.48 25.78
N ILE G 79 -15.02 34.82 26.00
CA ILE G 79 -15.81 34.26 24.89
C ILE G 79 -16.36 35.41 24.07
N LYS G 80 -16.91 36.46 24.74
CA LYS G 80 -17.43 37.63 24.05
C LYS G 80 -16.34 38.41 23.32
N ALA G 81 -15.13 38.42 23.86
CA ALA G 81 -13.99 39.10 23.24
C ALA G 81 -13.47 38.37 21.98
N GLY G 82 -13.74 37.07 21.86
CA GLY G 82 -13.36 36.32 20.67
C GLY G 82 -12.62 35.01 20.87
N MET G 83 -12.45 34.55 22.12
CA MET G 83 -11.78 33.25 22.36
C MET G 83 -12.57 32.11 21.72
N ASN G 84 -11.91 31.33 20.86
CA ASN G 84 -12.59 30.20 20.19
C ASN G 84 -12.16 28.86 20.74
N ILE G 85 -10.89 28.77 21.22
CA ILE G 85 -10.30 27.54 21.73
C ILE G 85 -9.62 27.83 23.06
N ALA G 86 -9.95 27.08 24.10
CA ALA G 86 -9.35 27.22 25.43
C ALA G 86 -8.22 26.19 25.51
N ARG G 87 -7.00 26.63 25.77
CA ARG G 87 -5.85 25.74 25.87
C ARG G 87 -5.49 25.46 27.32
N LEU G 88 -5.29 24.18 27.65
CA LEU G 88 -4.89 23.80 29.00
C LEU G 88 -3.49 23.25 28.92
N ASN G 89 -2.55 23.92 29.57
CA ASN G 89 -1.15 23.54 29.49
C ASN G 89 -0.82 22.56 30.59
N PHE G 90 -0.68 21.28 30.22
CA PHE G 90 -0.39 20.24 31.21
C PHE G 90 1.09 20.25 31.65
N SER G 91 1.88 21.27 31.24
CA SER G 91 3.22 21.46 31.80
C SER G 91 3.09 22.07 33.23
N HIS G 92 1.92 22.67 33.56
CA HIS G 92 1.62 23.30 34.84
C HIS G 92 0.32 22.73 35.43
N GLY G 93 0.06 23.05 36.68
CA GLY G 93 -1.14 22.63 37.36
C GLY G 93 -1.20 21.16 37.64
N SER G 94 -2.40 20.65 37.77
CA SER G 94 -2.65 19.25 38.05
C SER G 94 -3.97 18.81 37.33
N HIS G 95 -4.32 17.52 37.40
CA HIS G 95 -5.54 17.01 36.79
C HIS G 95 -6.76 17.67 37.45
N GLU G 96 -6.73 17.84 38.78
CA GLU G 96 -7.82 18.49 39.50
C GLU G 96 -7.96 19.96 39.10
N TYR G 97 -6.85 20.66 38.99
CA TYR G 97 -6.85 22.08 38.62
C TYR G 97 -7.41 22.25 37.18
N HIS G 98 -6.88 21.48 36.23
CA HIS G 98 -7.34 21.57 34.85
C HIS G 98 -8.78 21.11 34.66
N ALA G 99 -9.26 20.10 35.44
CA ALA G 99 -10.66 19.68 35.35
C ALA G 99 -11.57 20.82 35.78
N GLU G 100 -11.16 21.60 36.82
CA GLU G 100 -11.92 22.74 37.31
CA GLU G 100 -11.97 22.71 37.26
C GLU G 100 -11.98 23.81 36.23
N SER G 101 -10.84 24.07 35.57
CA SER G 101 -10.78 25.08 34.51
C SER G 101 -11.70 24.67 33.35
N ILE G 102 -11.70 23.37 32.98
CA ILE G 102 -12.56 22.82 31.92
C ILE G 102 -14.03 22.96 32.27
N ALA G 103 -14.41 22.65 33.54
CA ALA G 103 -15.79 22.79 33.99
C ALA G 103 -16.23 24.27 33.93
N ASN G 104 -15.33 25.20 34.32
CA ASN G 104 -15.62 26.62 34.27
C ASN G 104 -15.77 27.12 32.84
N VAL G 105 -14.95 26.61 31.90
CA VAL G 105 -15.08 26.99 30.47
C VAL G 105 -16.43 26.51 29.97
N ARG G 106 -16.78 25.24 30.24
CA ARG G 106 -18.06 24.70 29.81
C ARG G 106 -19.26 25.44 30.41
N GLU G 107 -19.17 25.86 31.69
CA GLU G 107 -20.26 26.60 32.32
C GLU G 107 -20.42 27.96 31.62
N ALA G 108 -19.29 28.64 31.36
CA ALA G 108 -19.34 29.94 30.69
C ALA G 108 -19.87 29.81 29.26
N VAL G 109 -19.43 28.78 28.51
CA VAL G 109 -19.91 28.56 27.14
C VAL G 109 -21.41 28.26 27.11
N GLU G 110 -21.86 27.37 27.99
CA GLU G 110 -23.27 26.98 28.03
C GLU G 110 -24.19 28.06 28.58
N SER G 111 -23.66 29.09 29.23
CA SER G 111 -24.48 30.21 29.71
C SER G 111 -25.12 31.01 28.55
N PHE G 112 -24.60 30.85 27.32
CA PHE G 112 -25.14 31.51 26.12
C PHE G 112 -26.03 30.57 25.26
N ALA G 113 -26.20 29.28 25.65
CA ALA G 113 -26.98 28.31 24.88
C ALA G 113 -28.48 28.61 24.77
N GLY G 114 -28.98 29.50 25.65
CA GLY G 114 -30.38 29.92 25.66
C GLY G 114 -30.78 30.71 24.42
N SER G 115 -29.78 31.25 23.68
CA SER G 115 -30.02 31.95 22.42
C SER G 115 -29.28 31.16 21.34
N PRO G 116 -29.95 30.18 20.74
CA PRO G 116 -29.28 29.33 19.75
C PRO G 116 -28.79 30.02 18.47
N LEU G 117 -29.38 31.18 18.10
CA LEU G 117 -28.94 31.91 16.91
C LEU G 117 -27.61 32.65 17.10
N SER G 118 -27.16 32.84 18.36
CA SER G 118 -25.92 33.53 18.64
C SER G 118 -24.93 32.66 19.46
N TYR G 119 -25.30 31.44 19.88
CA TYR G 119 -24.41 30.57 20.64
C TYR G 119 -23.10 30.29 19.91
N ARG G 120 -21.98 30.52 20.61
CA ARG G 120 -20.70 30.20 19.99
C ARG G 120 -20.00 29.03 20.67
N PRO G 121 -19.81 27.94 19.92
CA PRO G 121 -19.08 26.79 20.46
C PRO G 121 -17.62 27.21 20.80
N VAL G 122 -17.00 26.57 21.81
CA VAL G 122 -15.60 26.85 22.19
C VAL G 122 -14.90 25.50 22.36
N ALA G 123 -13.78 25.27 21.67
CA ALA G 123 -13.07 24.01 21.75
C ALA G 123 -12.22 23.95 23.01
N ILE G 124 -11.92 22.72 23.44
CA ILE G 124 -11.03 22.53 24.59
C ILE G 124 -9.81 21.76 24.10
N ALA G 125 -8.63 22.34 24.25
CA ALA G 125 -7.39 21.76 23.76
C ALA G 125 -6.44 21.45 24.91
N LEU G 126 -5.87 20.25 24.91
CA LEU G 126 -4.93 19.85 25.94
C LEU G 126 -3.52 19.95 25.34
N ASP G 127 -2.63 20.70 25.99
CA ASP G 127 -1.28 20.86 25.52
C ASP G 127 -0.38 20.00 26.44
N THR G 128 0.29 19.00 25.85
CA THR G 128 1.08 18.08 26.65
C THR G 128 2.40 18.65 27.21
N LYS G 129 2.88 18.05 28.32
CA LYS G 129 4.14 18.46 28.93
C LYS G 129 5.29 18.15 27.98
N GLY G 130 5.24 16.98 27.34
CA GLY G 130 6.28 16.61 26.38
C GLY G 130 7.20 15.53 26.87
N PRO G 131 8.14 15.11 26.01
CA PRO G 131 9.03 14.01 26.39
C PRO G 131 10.11 14.37 27.39
N PRO G 135 12.64 11.38 24.97
CA PRO G 135 12.96 9.94 24.82
C PRO G 135 11.75 9.07 24.44
N GLY G 136 10.80 9.62 23.66
CA GLY G 136 9.57 8.92 23.31
C GLY G 136 8.40 9.40 24.16
N LEU G 137 7.19 8.82 24.03
CA LEU G 137 6.04 9.25 24.83
C LEU G 137 6.27 9.04 26.34
N SER G 138 6.28 10.13 27.09
CA SER G 138 6.52 10.07 28.53
C SER G 138 5.34 9.47 29.28
N GLU G 139 5.58 9.00 30.50
CA GLU G 139 4.55 8.40 31.35
C GLU G 139 3.53 9.46 31.75
N GLN G 140 3.98 10.70 32.03
CA GLN G 140 3.05 11.78 32.38
C GLN G 140 2.13 12.09 31.19
N ASP G 141 2.68 12.10 29.96
CA ASP G 141 1.86 12.33 28.76
C ASP G 141 0.83 11.25 28.58
N VAL G 142 1.16 9.97 28.85
CA VAL G 142 0.17 8.89 28.74
C VAL G 142 -1.01 9.15 29.69
N ARG G 143 -0.70 9.55 30.94
CA ARG G 143 -1.75 9.85 31.91
C ARG G 143 -2.56 11.11 31.57
N ASP G 144 -1.90 12.14 31.06
CA ASP G 144 -2.57 13.39 30.71
C ASP G 144 -3.45 13.20 29.45
N LEU G 145 -3.00 12.39 28.50
CA LEU G 145 -3.78 12.09 27.30
C LEU G 145 -5.02 11.30 27.69
N ARG G 146 -4.90 10.35 28.67
CA ARG G 146 -6.04 9.60 29.20
C ARG G 146 -7.03 10.55 29.88
N PHE G 147 -6.52 11.52 30.65
CA PHE G 147 -7.35 12.54 31.29
C PHE G 147 -8.15 13.32 30.19
N GLY G 148 -7.47 13.67 29.10
CA GLY G 148 -8.08 14.37 27.98
C GLY G 148 -9.25 13.62 27.37
N VAL G 149 -9.06 12.32 27.13
CA VAL G 149 -10.13 11.47 26.59
C VAL G 149 -11.31 11.39 27.58
N GLU G 150 -11.00 11.20 28.88
CA GLU G 150 -12.05 11.10 29.89
C GLU G 150 -12.82 12.40 30.06
N HIS G 151 -12.16 13.53 29.83
CA HIS G 151 -12.81 14.84 29.94
C HIS G 151 -13.34 15.39 28.61
N GLY G 152 -13.34 14.58 27.56
CA GLY G 152 -13.90 14.97 26.26
C GLY G 152 -13.24 16.12 25.54
N VAL G 153 -11.90 16.23 25.63
CA VAL G 153 -11.20 17.31 24.96
C VAL G 153 -11.31 17.15 23.44
N ASP G 154 -11.30 18.27 22.73
CA ASP G 154 -11.44 18.25 21.29
C ASP G 154 -10.12 18.10 20.56
N ILE G 155 -9.04 18.66 21.13
CA ILE G 155 -7.76 18.77 20.43
C ILE G 155 -6.61 18.51 21.38
N VAL G 156 -5.53 17.95 20.84
CA VAL G 156 -4.30 17.78 21.60
C VAL G 156 -3.22 18.55 20.88
N PHE G 157 -2.50 19.42 21.60
CA PHE G 157 -1.33 20.09 21.06
C PHE G 157 -0.18 19.25 21.62
N ALA G 158 0.40 18.37 20.79
CA ALA G 158 1.44 17.45 21.24
C ALA G 158 2.83 18.09 21.24
N SER G 159 3.41 18.27 22.42
CA SER G 159 4.70 18.94 22.55
C SER G 159 5.88 18.14 22.00
N PHE G 160 6.85 18.85 21.44
CA PHE G 160 8.11 18.33 20.92
C PHE G 160 7.97 17.13 20.00
N VAL G 161 7.09 17.24 18.99
CA VAL G 161 6.98 16.19 18.00
C VAL G 161 8.21 16.29 17.09
N ARG G 162 8.99 15.22 17.00
CA ARG G 162 10.23 15.23 16.18
C ARG G 162 10.19 14.33 14.97
N LYS G 163 9.22 13.40 14.89
CA LYS G 163 9.12 12.41 13.81
C LYS G 163 7.73 11.78 13.81
N ALA G 164 7.36 11.09 12.72
CA ALA G 164 6.05 10.44 12.57
C ALA G 164 5.71 9.49 13.69
N SER G 165 6.71 8.72 14.21
CA SER G 165 6.43 7.77 15.31
C SER G 165 5.98 8.46 16.60
N ASP G 166 6.36 9.73 16.80
CA ASP G 166 5.89 10.48 17.97
C ASP G 166 4.37 10.71 17.85
N VAL G 167 3.88 10.98 16.62
CA VAL G 167 2.44 11.17 16.41
C VAL G 167 1.70 9.86 16.59
N ALA G 168 2.25 8.74 16.06
CA ALA G 168 1.63 7.42 16.20
C ALA G 168 1.49 7.04 17.68
N ALA G 169 2.47 7.41 18.51
CA ALA G 169 2.41 7.12 19.94
C ALA G 169 1.30 7.94 20.62
N VAL G 170 1.14 9.21 20.23
CA VAL G 170 0.06 10.05 20.78
C VAL G 170 -1.29 9.47 20.36
N ARG G 171 -1.43 9.10 19.06
CA ARG G 171 -2.64 8.46 18.50
C ARG G 171 -3.00 7.21 19.29
N ALA G 172 -2.00 6.31 19.51
CA ALA G 172 -2.21 5.06 20.24
C ALA G 172 -2.71 5.34 21.66
N ALA G 173 -2.18 6.39 22.29
CA ALA G 173 -2.59 6.79 23.66
C ALA G 173 -3.96 7.48 23.74
N LEU G 174 -4.59 7.80 22.59
CA LEU G 174 -5.94 8.36 22.62
C LEU G 174 -7.03 7.24 22.73
N GLY G 175 -6.57 6.00 22.88
CA GLY G 175 -7.30 4.83 23.32
C GLY G 175 -8.46 4.47 22.46
N PRO G 176 -9.38 3.69 23.02
CA PRO G 176 -10.55 3.31 22.21
C PRO G 176 -11.57 4.45 22.08
N GLU G 177 -11.61 5.39 23.02
CA GLU G 177 -12.63 6.45 22.98
C GLU G 177 -12.19 7.74 22.30
N GLY G 178 -10.90 7.94 22.05
CA GLY G 178 -10.42 9.23 21.57
C GLY G 178 -9.89 9.34 20.16
N HIS G 179 -10.32 8.44 19.27
CA HIS G 179 -9.85 8.49 17.88
C HIS G 179 -10.31 9.74 17.09
N GLY G 180 -11.38 10.39 17.56
CA GLY G 180 -11.89 11.59 16.94
C GLY G 180 -11.23 12.88 17.40
N ILE G 181 -10.34 12.82 18.39
CA ILE G 181 -9.61 14.00 18.89
C ILE G 181 -8.57 14.42 17.85
N LYS G 182 -8.50 15.74 17.53
CA LYS G 182 -7.53 16.22 16.56
C LYS G 182 -6.14 16.32 17.17
N ILE G 183 -5.12 15.85 16.46
CA ILE G 183 -3.75 15.94 16.96
C ILE G 183 -3.03 17.01 16.18
N ILE G 184 -2.64 18.08 16.86
CA ILE G 184 -1.89 19.17 16.29
C ILE G 184 -0.47 19.01 16.82
N SER G 185 0.47 18.64 15.94
CA SER G 185 1.84 18.45 16.36
C SER G 185 2.58 19.76 16.53
N LYS G 186 3.24 19.94 17.69
CA LYS G 186 4.02 21.13 17.95
C LYS G 186 5.44 20.94 17.46
N ILE G 187 5.90 21.83 16.56
CA ILE G 187 7.27 21.76 16.03
C ILE G 187 8.10 22.73 16.85
N GLU G 188 9.03 22.18 17.63
CA GLU G 188 9.76 22.99 18.61
C GLU G 188 11.27 22.90 18.53
N ASN G 189 11.82 22.12 17.59
CA ASN G 189 13.27 21.97 17.52
C ASN G 189 13.73 21.69 16.08
N HIS G 190 15.04 21.61 15.86
CA HIS G 190 15.60 21.40 14.53
C HIS G 190 15.11 20.12 13.89
N GLU G 191 15.04 19.01 14.64
CA GLU G 191 14.59 17.75 14.07
C GLU G 191 13.15 17.80 13.57
N GLY G 192 12.27 18.44 14.34
CA GLY G 192 10.87 18.60 13.93
C GLY G 192 10.75 19.36 12.63
N VAL G 193 11.58 20.40 12.44
CA VAL G 193 11.58 21.20 11.21
C VAL G 193 12.09 20.34 10.04
N LYS G 194 13.21 19.64 10.25
CA LYS G 194 13.78 18.79 9.19
C LYS G 194 12.89 17.60 8.81
N ARG G 195 12.19 17.02 9.77
CA ARG G 195 11.26 15.92 9.50
C ARG G 195 9.81 16.40 9.38
N PHE G 196 9.61 17.69 9.08
CA PHE G 196 8.26 18.29 8.97
C PHE G 196 7.30 17.52 8.07
N ASP G 197 7.74 17.18 6.85
CA ASP G 197 6.84 16.50 5.91
C ASP G 197 6.25 15.21 6.43
N GLU G 198 7.09 14.37 7.06
CA GLU G 198 6.61 13.11 7.60
C GLU G 198 5.68 13.32 8.81
N ILE G 199 5.91 14.39 9.59
CA ILE G 199 5.09 14.70 10.74
C ILE G 199 3.71 15.20 10.27
N LEU G 200 3.69 16.12 9.29
CA LEU G 200 2.43 16.68 8.80
C LEU G 200 1.55 15.62 8.18
N GLU G 201 2.17 14.68 7.44
CA GLU G 201 1.45 13.59 6.78
C GLU G 201 0.56 12.80 7.74
N VAL G 202 1.02 12.53 8.96
CA VAL G 202 0.25 11.77 9.93
C VAL G 202 -0.48 12.63 10.97
N SER G 203 -0.29 13.94 10.97
CA SER G 203 -0.95 14.82 11.96
C SER G 203 -2.19 15.46 11.38
N ASP G 204 -3.07 15.95 12.24
CA ASP G 204 -4.25 16.72 11.79
C ASP G 204 -3.89 18.18 11.47
N GLY G 205 -2.79 18.66 12.05
CA GLY G 205 -2.32 20.01 11.85
C GLY G 205 -1.02 20.24 12.62
N ILE G 206 -0.56 21.47 12.60
CA ILE G 206 0.73 21.83 13.20
C ILE G 206 0.64 23.09 14.04
N MET G 207 1.50 23.18 15.06
CA MET G 207 1.64 24.41 15.82
C MET G 207 3.11 24.81 15.67
N VAL G 208 3.38 26.07 15.25
CA VAL G 208 4.73 26.62 15.19
C VAL G 208 4.97 27.11 16.63
N ALA G 209 5.59 26.26 17.45
CA ALA G 209 5.80 26.56 18.88
C ALA G 209 7.10 27.35 19.02
N ARG G 210 7.00 28.66 18.83
CA ARG G 210 8.15 29.54 18.70
C ARG G 210 9.00 29.74 19.95
N GLY G 211 8.47 29.50 21.12
CA GLY G 211 9.24 29.65 22.36
C GLY G 211 10.43 28.71 22.40
N ASP G 212 10.16 27.39 22.34
CA ASP G 212 11.24 26.40 22.30
C ASP G 212 11.98 26.47 20.98
N LEU G 213 11.26 26.67 19.86
CA LEU G 213 11.93 26.76 18.55
C LEU G 213 13.03 27.86 18.52
N GLY G 214 12.74 29.00 19.14
CA GLY G 214 13.65 30.13 19.24
C GLY G 214 14.86 29.95 20.16
N ILE G 215 14.88 28.86 20.95
CA ILE G 215 16.01 28.48 21.81
C ILE G 215 16.76 27.29 21.18
N GLU G 216 16.03 26.40 20.47
CA GLU G 216 16.57 25.22 19.81
C GLU G 216 17.31 25.54 18.53
N ILE G 217 16.86 26.56 17.81
CA ILE G 217 17.52 27.02 16.59
C ILE G 217 17.83 28.50 16.77
N PRO G 218 18.75 29.10 15.97
CA PRO G 218 19.01 30.54 16.12
C PRO G 218 17.74 31.38 16.04
N ALA G 219 17.56 32.35 16.97
CA ALA G 219 16.38 33.19 17.04
C ALA G 219 16.05 33.88 15.71
N GLU G 220 17.10 34.30 14.97
CA GLU G 220 16.93 34.98 13.67
C GLU G 220 16.44 34.05 12.56
N LYS G 221 16.32 32.74 12.80
CA LYS G 221 15.86 31.79 11.79
C LYS G 221 14.39 31.35 12.02
N VAL G 222 13.81 31.65 13.20
CA VAL G 222 12.43 31.23 13.49
C VAL G 222 11.41 31.67 12.43
N PHE G 223 11.53 32.90 11.91
CA PHE G 223 10.58 33.38 10.88
C PHE G 223 10.60 32.50 9.62
N LEU G 224 11.78 31.92 9.28
CA LEU G 224 11.88 31.06 8.11
C LEU G 224 11.13 29.77 8.36
N ALA G 225 11.30 29.18 9.56
CA ALA G 225 10.60 27.95 9.92
C ALA G 225 9.08 28.20 9.99
N GLN G 226 8.68 29.35 10.57
CA GLN G 226 7.25 29.70 10.64
C GLN G 226 6.63 29.82 9.25
N LYS G 227 7.27 30.61 8.37
CA LYS G 227 6.74 30.84 7.04
C LYS G 227 6.69 29.58 6.20
N MET G 228 7.73 28.74 6.32
CA MET G 228 7.78 27.46 5.61
C MET G 228 6.66 26.52 6.07
N MET G 229 6.50 26.34 7.40
CA MET G 229 5.49 25.43 7.94
C MET G 229 4.08 25.89 7.64
N ILE G 230 3.84 27.20 7.72
CA ILE G 230 2.52 27.72 7.37
C ILE G 230 2.22 27.47 5.88
N GLY G 231 3.19 27.77 5.01
CA GLY G 231 3.03 27.53 3.58
C GLY G 231 2.77 26.08 3.27
N ARG G 232 3.52 25.15 3.90
CA ARG G 232 3.31 23.72 3.66
C ARG G 232 1.96 23.23 4.17
N CYS G 233 1.50 23.76 5.32
CA CYS G 233 0.18 23.40 5.85
C CYS G 233 -0.91 23.93 4.95
N ASN G 234 -0.75 25.14 4.42
CA ASN G 234 -1.74 25.73 3.51
C ASN G 234 -1.84 24.85 2.24
N LEU G 235 -0.69 24.40 1.74
CA LEU G 235 -0.66 23.55 0.56
C LEU G 235 -1.34 22.19 0.84
N ALA G 236 -1.13 21.64 2.05
CA ALA G 236 -1.75 20.39 2.46
C ALA G 236 -3.21 20.49 2.85
N GLY G 237 -3.71 21.71 3.09
CA GLY G 237 -5.08 21.90 3.53
C GLY G 237 -5.29 21.44 4.96
N LYS G 238 -4.25 21.63 5.81
CA LYS G 238 -4.34 21.24 7.20
C LYS G 238 -4.09 22.44 8.11
N PRO G 239 -4.80 22.53 9.25
CA PRO G 239 -4.63 23.71 10.11
C PRO G 239 -3.23 23.95 10.67
N VAL G 240 -2.84 25.23 10.74
CA VAL G 240 -1.55 25.60 11.30
C VAL G 240 -1.77 26.73 12.30
N VAL G 241 -1.15 26.62 13.47
CA VAL G 241 -1.27 27.61 14.53
C VAL G 241 0.04 28.36 14.68
N CYS G 242 -0.02 29.70 14.82
CA CYS G 242 1.17 30.46 15.16
C CYS G 242 1.08 30.70 16.66
N ALA G 243 2.18 30.41 17.40
CA ALA G 243 2.11 30.54 18.84
C ALA G 243 3.33 31.21 19.45
N THR G 244 3.15 31.77 20.66
CA THR G 244 4.15 32.22 21.66
C THR G 244 4.72 33.60 21.43
N GLN G 245 4.58 34.41 22.49
CA GLN G 245 5.07 35.78 22.60
C GLN G 245 4.49 36.72 21.57
N MET G 246 3.30 36.41 21.00
CA MET G 246 2.69 37.28 20.01
C MET G 246 2.35 38.66 20.58
N LEU G 247 1.83 38.70 21.82
CA LEU G 247 1.50 39.96 22.51
C LEU G 247 2.15 39.95 23.91
N GLU G 248 3.37 39.42 24.02
CA GLU G 248 4.11 39.21 25.26
C GLU G 248 4.05 40.36 26.27
N SER G 249 4.30 41.59 25.83
CA SER G 249 4.30 42.74 26.72
C SER G 249 2.97 42.95 27.42
N MET G 250 1.85 42.46 26.82
CA MET G 250 0.53 42.59 27.43
C MET G 250 0.33 41.74 28.70
N ILE G 251 1.33 40.93 29.09
CA ILE G 251 1.26 40.20 30.35
C ILE G 251 1.25 41.25 31.52
N THR G 252 1.98 42.37 31.34
CA THR G 252 2.01 43.43 32.36
C THR G 252 1.46 44.76 31.85
N LYS G 253 1.41 44.98 30.53
CA LYS G 253 0.94 46.27 30.00
C LYS G 253 -0.42 46.21 29.31
N PRO G 254 -1.26 47.25 29.42
CA PRO G 254 -2.59 47.19 28.77
C PRO G 254 -2.58 47.32 27.23
N ARG G 255 -1.46 47.80 26.64
CA ARG G 255 -1.35 47.94 25.17
C ARG G 255 -0.09 47.20 24.71
N PRO G 256 -0.12 46.62 23.50
CA PRO G 256 1.06 45.90 23.01
C PRO G 256 2.09 46.80 22.33
N THR G 257 3.25 46.24 21.99
CA THR G 257 4.27 47.00 21.27
C THR G 257 3.96 47.02 19.76
N ARG G 258 4.68 47.85 18.99
CA ARG G 258 4.50 47.89 17.54
C ARG G 258 4.95 46.59 16.88
N ALA G 259 5.96 45.91 17.46
CA ALA G 259 6.42 44.63 16.91
C ALA G 259 5.37 43.54 17.14
N GLU G 260 4.67 43.59 18.28
CA GLU G 260 3.67 42.61 18.61
C GLU G 260 2.43 42.69 17.69
N THR G 261 1.92 43.91 17.42
CA THR G 261 0.77 44.02 16.50
C THR G 261 1.16 43.58 15.09
N SER G 262 2.39 43.91 14.68
CA SER G 262 2.95 43.52 13.40
C SER G 262 3.04 42.00 13.32
N ASP G 263 3.53 41.35 14.40
CA ASP G 263 3.66 39.90 14.44
C ASP G 263 2.31 39.22 14.25
N VAL G 264 1.26 39.70 14.94
CA VAL G 264 -0.07 39.10 14.79
C VAL G 264 -0.56 39.25 13.35
N ALA G 265 -0.43 40.47 12.79
CA ALA G 265 -0.88 40.70 11.41
C ALA G 265 -0.14 39.84 10.42
N ASN G 266 1.20 39.72 10.59
CA ASN G 266 2.01 38.93 9.69
C ASN G 266 1.75 37.43 9.81
N ALA G 267 1.37 36.92 10.99
CA ALA G 267 1.03 35.50 11.11
C ALA G 267 -0.23 35.21 10.24
N VAL G 268 -1.20 36.11 10.26
CA VAL G 268 -2.43 35.99 9.45
C VAL G 268 -2.07 36.11 7.96
N LEU G 269 -1.25 37.10 7.60
CA LEU G 269 -0.83 37.28 6.20
C LEU G 269 0.01 36.09 5.69
N ASP G 270 0.75 35.43 6.59
CA ASP G 270 1.54 34.23 6.26
C ASP G 270 0.62 33.08 5.87
N GLY G 271 -0.57 33.01 6.46
CA GLY G 271 -1.56 31.97 6.19
C GLY G 271 -1.97 31.15 7.40
N ALA G 272 -1.65 31.63 8.63
CA ALA G 272 -2.01 30.87 9.84
C ALA G 272 -3.52 30.73 10.00
N ASP G 273 -3.96 29.53 10.35
CA ASP G 273 -5.38 29.29 10.61
C ASP G 273 -5.76 29.82 11.99
N CYS G 274 -4.83 29.69 12.97
CA CYS G 274 -5.08 30.12 14.35
C CYS G 274 -3.91 30.91 14.86
N ILE G 275 -4.18 31.80 15.80
CA ILE G 275 -3.18 32.56 16.55
C ILE G 275 -3.41 32.25 18.03
N MET G 276 -2.34 32.35 18.85
CA MET G 276 -2.42 31.90 20.22
C MET G 276 -1.91 32.92 21.22
N LEU G 277 -2.45 32.82 22.45
CA LEU G 277 -2.06 33.61 23.61
C LEU G 277 -1.70 32.58 24.68
N SER G 278 -0.55 32.79 25.33
CA SER G 278 -0.10 31.88 26.36
CA SER G 278 -0.09 31.88 26.35
C SER G 278 -0.10 32.63 27.71
N GLY G 279 1.05 33.14 28.17
CA GLY G 279 1.12 33.88 29.43
C GLY G 279 0.20 35.10 29.43
N GLU G 280 -0.02 35.70 28.24
CA GLU G 280 -0.91 36.85 28.08
C GLU G 280 -2.31 36.58 28.65
N THR G 281 -2.81 35.34 28.54
CA THR G 281 -4.12 35.03 29.12
C THR G 281 -4.03 34.12 30.34
N ALA G 282 -3.02 33.27 30.44
CA ALA G 282 -2.93 32.33 31.55
C ALA G 282 -2.55 33.03 32.89
N LYS G 283 -1.61 33.97 32.83
CA LYS G 283 -1.14 34.63 34.06
C LYS G 283 -1.07 36.15 33.97
N GLY G 284 -1.45 36.73 32.84
CA GLY G 284 -1.34 38.17 32.63
C GLY G 284 -2.35 39.05 33.33
N ASN G 285 -2.06 40.36 33.35
CA ASN G 285 -2.91 41.38 33.98
C ASN G 285 -4.05 41.83 33.10
N PHE G 286 -3.99 41.56 31.77
CA PHE G 286 -5.02 42.02 30.86
C PHE G 286 -5.48 40.88 29.89
N PRO G 287 -5.96 39.73 30.40
CA PRO G 287 -6.33 38.62 29.50
C PRO G 287 -7.39 38.94 28.47
N VAL G 288 -8.47 39.66 28.88
CA VAL G 288 -9.55 40.01 27.96
C VAL G 288 -9.07 40.97 26.88
N GLU G 289 -8.26 41.94 27.28
CA GLU G 289 -7.70 42.94 26.36
C GLU G 289 -6.78 42.29 25.31
N ALA G 290 -6.03 41.23 25.70
CA ALA G 290 -5.14 40.52 24.78
C ALA G 290 -5.97 39.80 23.71
N VAL G 291 -7.10 39.19 24.11
CA VAL G 291 -8.01 38.52 23.17
C VAL G 291 -8.60 39.58 22.24
N LYS G 292 -9.04 40.71 22.80
CA LYS G 292 -9.62 41.80 21.99
C LYS G 292 -8.62 42.34 20.97
N MET G 293 -7.36 42.47 21.37
CA MET G 293 -6.31 42.96 20.48
C MET G 293 -6.05 41.99 19.33
N GLN G 294 -5.94 40.67 19.60
CA GLN G 294 -5.76 39.70 18.53
C GLN G 294 -6.96 39.70 17.56
N HIS G 295 -8.17 39.84 18.11
CA HIS G 295 -9.39 39.92 17.27
C HIS G 295 -9.31 41.12 16.32
N ALA G 296 -9.00 42.30 16.88
CA ALA G 296 -8.92 43.54 16.11
C ALA G 296 -7.86 43.49 15.01
N ILE G 297 -6.66 42.97 15.33
CA ILE G 297 -5.60 42.88 14.33
C ILE G 297 -5.93 41.84 13.24
N ALA G 298 -6.39 40.63 13.64
CA ALA G 298 -6.69 39.57 12.68
C ALA G 298 -7.72 40.01 11.65
N ARG G 299 -8.74 40.72 12.10
CA ARG G 299 -9.79 41.22 11.20
C ARG G 299 -9.23 42.16 10.12
N GLU G 300 -8.34 43.07 10.53
CA GLU G 300 -7.69 43.99 9.60
C GLU G 300 -6.78 43.24 8.62
N ALA G 301 -5.99 42.26 9.15
CA ALA G 301 -5.05 41.49 8.33
C ALA G 301 -5.74 40.58 7.33
N GLU G 302 -6.87 40.00 7.71
CA GLU G 302 -7.60 39.10 6.80
C GLU G 302 -8.10 39.84 5.57
N ALA G 303 -8.57 41.09 5.74
CA ALA G 303 -9.02 41.90 4.60
C ALA G 303 -7.83 42.27 3.70
N ALA G 304 -6.61 42.42 4.27
CA ALA G 304 -5.40 42.74 3.54
C ALA G 304 -4.75 41.56 2.80
N VAL G 305 -5.28 40.34 2.96
CA VAL G 305 -4.75 39.17 2.23
C VAL G 305 -4.96 39.40 0.71
N TYR G 306 -3.97 39.09 -0.13
CA TYR G 306 -4.10 39.27 -1.57
C TYR G 306 -4.69 37.99 -2.17
N HIS G 307 -6.01 37.84 -2.02
CA HIS G 307 -6.71 36.64 -2.46
C HIS G 307 -6.50 36.29 -3.94
N ARG G 308 -6.32 37.27 -4.81
CA ARG G 308 -6.14 37.01 -6.24
C ARG G 308 -4.97 36.08 -6.50
N GLN G 309 -3.84 36.34 -5.83
CA GLN G 309 -2.68 35.48 -5.99
C GLN G 309 -2.81 34.20 -5.15
N LEU G 310 -3.28 34.34 -3.90
CA LEU G 310 -3.43 33.19 -3.02
C LEU G 310 -4.33 32.10 -3.61
N PHE G 311 -5.52 32.48 -4.12
CA PHE G 311 -6.43 31.51 -4.71
C PHE G 311 -5.83 30.86 -5.94
N GLU G 312 -5.18 31.65 -6.80
CA GLU G 312 -4.52 31.17 -8.02
C GLU G 312 -3.44 30.14 -7.66
N GLU G 313 -2.61 30.43 -6.65
CA GLU G 313 -1.55 29.52 -6.24
C GLU G 313 -2.05 28.27 -5.53
N LEU G 314 -3.10 28.40 -4.69
CA LEU G 314 -3.66 27.24 -4.01
C LEU G 314 -4.30 26.31 -5.06
N ARG G 315 -4.97 26.88 -6.07
CA ARG G 315 -5.57 26.10 -7.15
C ARG G 315 -4.51 25.40 -8.01
N ARG G 316 -3.47 26.13 -8.42
CA ARG G 316 -2.40 25.57 -9.25
C ARG G 316 -1.67 24.43 -8.56
N ALA G 317 -1.43 24.55 -7.25
CA ALA G 317 -0.70 23.55 -6.51
C ALA G 317 -1.55 22.35 -6.06
N ALA G 318 -2.87 22.55 -5.92
CA ALA G 318 -3.75 21.46 -5.53
C ALA G 318 -3.93 20.52 -6.72
N PRO G 319 -3.82 19.22 -6.48
CA PRO G 319 -3.94 18.27 -7.59
C PRO G 319 -5.39 18.07 -8.04
N LEU G 320 -5.56 17.46 -9.22
CA LEU G 320 -6.91 17.09 -9.69
C LEU G 320 -7.54 16.13 -8.68
N SER G 321 -8.86 16.15 -8.55
CA SER G 321 -9.51 15.29 -7.59
C SER G 321 -10.79 14.74 -8.13
N ARG G 322 -11.09 13.48 -7.81
CA ARG G 322 -12.36 12.88 -8.16
C ARG G 322 -13.31 12.80 -6.93
N ASP G 323 -12.92 13.41 -5.80
CA ASP G 323 -13.72 13.41 -4.58
C ASP G 323 -14.76 14.52 -4.76
N PRO G 324 -16.06 14.17 -4.78
CA PRO G 324 -17.09 15.21 -4.97
C PRO G 324 -17.09 16.33 -3.95
N THR G 325 -16.70 16.07 -2.70
CA THR G 325 -16.62 17.11 -1.69
C THR G 325 -15.56 18.16 -2.07
N GLU G 326 -14.38 17.69 -2.52
CA GLU G 326 -13.28 18.56 -2.93
CA GLU G 326 -13.28 18.56 -2.93
C GLU G 326 -13.67 19.35 -4.20
N VAL G 327 -14.34 18.67 -5.17
CA VAL G 327 -14.75 19.29 -6.43
C VAL G 327 -15.78 20.38 -6.15
N THR G 328 -16.75 20.09 -5.27
CA THR G 328 -17.79 21.04 -4.89
C THR G 328 -17.18 22.22 -4.16
N ALA G 329 -16.20 21.96 -3.26
CA ALA G 329 -15.56 23.03 -2.51
C ALA G 329 -14.88 24.07 -3.39
N ILE G 330 -14.11 23.64 -4.40
CA ILE G 330 -13.42 24.60 -5.25
C ILE G 330 -14.42 25.37 -6.12
N GLY G 331 -15.46 24.71 -6.58
CA GLY G 331 -16.53 25.35 -7.34
C GLY G 331 -17.24 26.40 -6.52
N ALA G 332 -17.54 26.08 -5.26
CA ALA G 332 -18.21 27.01 -4.34
C ALA G 332 -17.34 28.22 -4.02
N VAL G 333 -16.04 28.01 -3.80
CA VAL G 333 -15.14 29.12 -3.49
C VAL G 333 -14.99 30.04 -4.74
N GLU G 334 -14.93 29.44 -5.94
CA GLU G 334 -14.85 30.22 -7.18
CA GLU G 334 -14.85 30.21 -7.18
C GLU G 334 -16.11 31.07 -7.34
N ALA G 335 -17.29 30.46 -7.09
CA ALA G 335 -18.57 31.14 -7.18
C ALA G 335 -18.65 32.28 -6.17
N ALA G 336 -18.18 32.05 -4.93
CA ALA G 336 -18.20 33.08 -3.90
C ALA G 336 -17.36 34.31 -4.32
N PHE G 337 -16.17 34.08 -4.91
CA PHE G 337 -15.32 35.18 -5.38
C PHE G 337 -15.99 35.96 -6.55
N LYS G 338 -16.69 35.25 -7.43
CA LYS G 338 -17.37 35.87 -8.57
C LYS G 338 -18.44 36.89 -8.16
N CYS G 339 -19.16 36.63 -7.06
CA CYS G 339 -20.23 37.53 -6.64
C CYS G 339 -19.95 38.29 -5.34
N CYS G 340 -18.72 38.19 -4.80
CA CYS G 340 -18.34 38.74 -3.48
C CYS G 340 -19.35 38.29 -2.43
N ALA G 341 -19.65 36.97 -2.44
CA ALA G 341 -20.65 36.36 -1.57
C ALA G 341 -20.40 36.72 -0.11
N ALA G 342 -21.47 37.01 0.60
CA ALA G 342 -21.34 37.34 2.02
C ALA G 342 -20.89 36.11 2.84
N ALA G 343 -21.31 34.92 2.40
CA ALA G 343 -20.98 33.68 3.10
C ALA G 343 -21.14 32.44 2.21
N ILE G 344 -20.50 31.34 2.60
CA ILE G 344 -20.70 30.01 2.06
C ILE G 344 -21.30 29.23 3.21
N ILE G 345 -22.58 28.80 3.13
CA ILE G 345 -23.20 28.03 4.18
C ILE G 345 -23.04 26.56 3.84
N VAL G 346 -22.45 25.79 4.74
CA VAL G 346 -22.20 24.37 4.48
C VAL G 346 -22.78 23.51 5.61
N LEU G 347 -23.42 22.40 5.24
CA LEU G 347 -23.91 21.42 6.23
C LEU G 347 -22.78 20.39 6.35
N THR G 348 -22.44 20.00 7.60
CA THR G 348 -21.35 19.06 7.81
C THR G 348 -21.58 18.28 9.10
N THR G 349 -21.25 16.99 9.13
CA THR G 349 -21.36 16.20 10.35
C THR G 349 -19.99 16.08 11.00
N THR G 350 -18.94 15.90 10.19
CA THR G 350 -17.58 15.73 10.73
C THR G 350 -16.71 16.99 10.70
N GLY G 351 -17.13 17.98 9.92
CA GLY G 351 -16.35 19.20 9.69
C GLY G 351 -15.59 19.20 8.37
N ARG G 352 -15.43 18.03 7.76
CA ARG G 352 -14.63 17.87 6.56
C ARG G 352 -15.05 18.76 5.38
N SER G 353 -16.37 18.88 5.10
CA SER G 353 -16.82 19.72 3.98
C SER G 353 -16.42 21.19 4.23
N ALA G 354 -16.46 21.65 5.49
CA ALA G 354 -16.07 23.01 5.84
C ALA G 354 -14.54 23.18 5.71
N GLN G 355 -13.79 22.15 6.11
CA GLN G 355 -12.33 22.19 6.00
C GLN G 355 -11.89 22.28 4.54
N LEU G 356 -12.56 21.54 3.62
CA LEU G 356 -12.20 21.60 2.21
C LEU G 356 -12.53 22.96 1.58
N LEU G 357 -13.52 23.68 2.11
CA LEU G 357 -13.83 25.03 1.65
C LEU G 357 -12.72 25.97 2.15
N SER G 358 -12.38 25.86 3.44
CA SER G 358 -11.37 26.66 4.11
C SER G 358 -9.99 26.60 3.43
N ARG G 359 -9.58 25.43 2.93
CA ARG G 359 -8.28 25.25 2.29
C ARG G 359 -8.08 26.15 1.04
N TYR G 360 -9.18 26.56 0.37
CA TYR G 360 -9.09 27.48 -0.76
C TYR G 360 -9.14 28.94 -0.39
N ARG G 361 -9.18 29.26 0.90
CA ARG G 361 -9.14 30.57 1.45
C ARG G 361 -10.10 31.57 0.84
N PRO G 362 -11.42 31.25 0.88
CA PRO G 362 -12.39 32.23 0.39
C PRO G 362 -12.41 33.46 1.28
N ARG G 363 -12.78 34.61 0.68
CA ARG G 363 -13.00 35.82 1.46
C ARG G 363 -14.32 35.66 2.21
N ALA G 364 -15.32 34.99 1.59
CA ALA G 364 -16.62 34.75 2.19
C ALA G 364 -16.47 33.87 3.40
N ALA G 365 -17.19 34.20 4.47
CA ALA G 365 -17.20 33.43 5.71
C ALA G 365 -17.77 32.04 5.42
N VAL G 366 -17.20 30.98 5.97
CA VAL G 366 -17.77 29.65 5.80
C VAL G 366 -18.61 29.35 7.05
N ILE G 367 -19.94 29.39 6.92
CA ILE G 367 -20.83 29.16 8.04
C ILE G 367 -21.16 27.69 8.06
N ALA G 368 -20.62 26.96 9.04
CA ALA G 368 -20.79 25.49 9.08
C ALA G 368 -21.90 25.11 10.05
N VAL G 369 -23.00 24.56 9.54
CA VAL G 369 -24.09 24.12 10.37
C VAL G 369 -23.95 22.61 10.64
N THR G 370 -23.92 22.25 11.92
CA THR G 370 -23.73 20.86 12.32
C THR G 370 -24.54 20.51 13.55
N ARG G 371 -24.89 19.23 13.69
CA ARG G 371 -25.54 18.68 14.89
C ARG G 371 -24.46 18.10 15.85
N SER G 372 -23.21 17.93 15.38
CA SER G 372 -22.14 17.39 16.18
C SER G 372 -21.50 18.52 16.98
N ALA G 373 -21.71 18.51 18.30
CA ALA G 373 -21.09 19.48 19.18
C ALA G 373 -19.57 19.42 19.10
N GLN G 374 -19.02 18.21 18.90
CA GLN G 374 -17.58 18.03 18.80
C GLN G 374 -17.07 18.63 17.48
N ALA G 375 -17.74 18.39 16.36
CA ALA G 375 -17.30 18.96 15.08
C ALA G 375 -17.40 20.48 15.10
N ALA G 376 -18.44 21.02 15.79
CA ALA G 376 -18.60 22.46 15.89
C ALA G 376 -17.41 23.08 16.65
N ARG G 377 -16.87 22.36 17.66
CA ARG G 377 -15.71 22.89 18.38
C ARG G 377 -14.43 22.73 17.57
N GLN G 378 -14.25 21.59 16.92
CA GLN G 378 -13.01 21.30 16.22
C GLN G 378 -12.79 22.10 14.96
N VAL G 379 -13.87 22.47 14.28
CA VAL G 379 -13.76 23.22 13.03
C VAL G 379 -13.20 24.67 13.26
N HIS G 380 -13.10 25.14 14.53
CA HIS G 380 -12.41 26.40 14.82
C HIS G 380 -10.93 26.34 14.37
N LEU G 381 -10.37 25.13 14.19
CA LEU G 381 -8.98 25.01 13.73
C LEU G 381 -8.79 25.51 12.30
N CYS G 382 -9.86 25.54 11.48
CA CYS G 382 -9.76 25.91 10.06
C CYS G 382 -10.15 27.34 9.87
N ARG G 383 -9.28 28.14 9.24
CA ARG G 383 -9.57 29.56 9.04
C ARG G 383 -10.88 29.81 8.29
N GLY G 384 -11.62 30.77 8.80
CA GLY G 384 -12.84 31.22 8.17
C GLY G 384 -14.04 30.33 8.35
N VAL G 385 -13.97 29.35 9.25
CA VAL G 385 -15.13 28.48 9.51
C VAL G 385 -15.80 28.95 10.79
N PHE G 386 -17.09 29.30 10.70
CA PHE G 386 -17.91 29.80 11.80
C PHE G 386 -18.92 28.73 12.12
N PRO G 387 -18.64 27.98 13.20
CA PRO G 387 -19.53 26.86 13.53
C PRO G 387 -20.83 27.26 14.22
N LEU G 388 -21.93 26.64 13.77
CA LEU G 388 -23.24 26.85 14.36
C LEU G 388 -23.76 25.50 14.76
N LEU G 389 -24.01 25.31 16.06
CA LEU G 389 -24.52 24.05 16.58
C LEU G 389 -26.05 24.02 16.49
N TYR G 390 -26.59 23.12 15.67
CA TYR G 390 -28.02 22.98 15.46
C TYR G 390 -28.59 21.97 16.47
N ARG G 391 -29.53 22.42 17.30
CA ARG G 391 -30.15 21.60 18.35
C ARG G 391 -31.65 21.39 18.20
N GLU G 392 -32.23 21.80 17.08
CA GLU G 392 -33.67 21.64 16.89
C GLU G 392 -34.06 20.18 16.65
N PRO G 393 -35.31 19.81 16.98
CA PRO G 393 -35.78 18.44 16.69
C PRO G 393 -35.87 18.18 15.17
N PRO G 394 -35.72 16.91 14.77
CA PRO G 394 -35.64 16.62 13.34
C PRO G 394 -36.96 16.74 12.60
N GLU G 395 -36.88 17.02 11.30
CA GLU G 395 -38.04 17.02 10.45
C GLU G 395 -38.17 15.61 9.88
N ALA G 396 -39.40 15.16 9.60
CA ALA G 396 -39.62 13.83 9.07
C ALA G 396 -39.04 13.70 7.67
N ILE G 397 -39.17 14.74 6.85
CA ILE G 397 -38.69 14.70 5.48
C ILE G 397 -37.27 15.28 5.42
N TRP G 398 -36.32 14.51 4.90
CA TRP G 398 -34.92 14.89 4.82
C TRP G 398 -34.69 16.27 4.14
N ALA G 399 -35.24 16.51 2.94
CA ALA G 399 -35.06 17.80 2.26
C ALA G 399 -35.57 18.96 3.12
N ASP G 400 -36.66 18.77 3.88
CA ASP G 400 -37.16 19.82 4.78
C ASP G 400 -36.17 20.09 5.91
N ASP G 401 -35.56 19.03 6.42
CA ASP G 401 -34.59 19.11 7.50
C ASP G 401 -33.32 19.83 7.07
N VAL G 402 -32.91 19.62 5.82
CA VAL G 402 -31.77 20.27 5.22
C VAL G 402 -32.08 21.77 5.10
N ASP G 403 -33.28 22.10 4.57
CA ASP G 403 -33.70 23.48 4.43
C ASP G 403 -33.75 24.21 5.75
N ARG G 404 -34.22 23.56 6.83
N ARG G 404 -34.21 23.56 6.83
CA ARG G 404 -34.29 24.15 8.17
CA ARG G 404 -34.26 24.21 8.14
C ARG G 404 -32.88 24.53 8.62
C ARG G 404 -32.86 24.54 8.61
N ARG G 405 -31.89 23.66 8.36
CA ARG G 405 -30.52 23.88 8.76
C ARG G 405 -29.88 25.02 7.99
N VAL G 406 -30.14 25.10 6.69
CA VAL G 406 -29.63 26.18 5.85
C VAL G 406 -30.23 27.51 6.33
N GLN G 407 -31.51 27.52 6.61
CA GLN G 407 -32.19 28.72 7.12
C GLN G 407 -31.71 29.11 8.51
N PHE G 408 -31.34 28.15 9.34
CA PHE G 408 -30.73 28.42 10.64
C PHE G 408 -29.37 29.13 10.43
N GLY G 409 -28.64 28.76 9.39
CA GLY G 409 -27.38 29.40 9.02
C GLY G 409 -27.63 30.84 8.58
N ILE G 410 -28.67 31.05 7.79
CA ILE G 410 -29.04 32.38 7.31
C ILE G 410 -29.49 33.28 8.48
N GLU G 411 -30.39 32.78 9.33
CA GLU G 411 -30.92 33.53 10.46
C GLU G 411 -29.83 33.87 11.46
N SER G 412 -28.94 32.92 11.73
CA SER G 412 -27.83 33.18 12.64
C SER G 412 -26.90 34.27 12.05
N GLY G 413 -26.62 34.17 10.76
CA GLY G 413 -25.76 35.13 10.04
C GLY G 413 -26.35 36.52 10.01
N LYS G 414 -27.69 36.63 9.85
CA LYS G 414 -28.33 37.93 9.86
C LYS G 414 -28.21 38.54 11.25
N LEU G 415 -28.46 37.74 12.30
CA LEU G 415 -28.40 38.23 13.67
C LEU G 415 -26.97 38.68 14.01
N ARG G 416 -25.97 37.92 13.55
CA ARG G 416 -24.58 38.23 13.89
C ARG G 416 -23.91 39.28 12.99
N GLY G 417 -24.59 39.71 11.93
CA GLY G 417 -24.05 40.70 11.01
C GLY G 417 -23.30 40.18 9.81
N PHE G 418 -23.23 38.85 9.64
CA PHE G 418 -22.58 38.26 8.47
C PHE G 418 -23.40 38.53 7.20
N LEU G 419 -24.74 38.53 7.32
CA LEU G 419 -25.66 38.61 6.18
C LEU G 419 -26.71 39.64 6.33
N ARG G 420 -27.20 40.10 5.18
CA ARG G 420 -28.30 41.05 5.07
C ARG G 420 -29.18 40.59 3.90
N VAL G 421 -30.44 41.04 3.88
CA VAL G 421 -31.36 40.81 2.77
C VAL G 421 -30.77 41.42 1.50
N GLY G 422 -30.78 40.68 0.41
CA GLY G 422 -30.17 41.15 -0.84
C GLY G 422 -28.79 40.57 -1.07
N ASP G 423 -28.13 40.06 -0.02
CA ASP G 423 -26.81 39.43 -0.19
C ASP G 423 -26.92 38.12 -0.98
N LEU G 424 -25.84 37.72 -1.61
CA LEU G 424 -25.76 36.43 -2.27
C LEU G 424 -24.94 35.53 -1.35
N VAL G 425 -25.37 34.29 -1.20
CA VAL G 425 -24.67 33.27 -0.44
C VAL G 425 -24.53 32.02 -1.30
N ILE G 426 -23.48 31.27 -1.06
CA ILE G 426 -23.28 29.99 -1.70
C ILE G 426 -23.68 28.93 -0.66
N VAL G 427 -24.52 27.97 -1.01
CA VAL G 427 -24.93 26.95 -0.08
C VAL G 427 -24.35 25.63 -0.56
N VAL G 428 -23.73 24.87 0.35
CA VAL G 428 -23.10 23.59 0.04
C VAL G 428 -23.73 22.45 0.87
N THR G 429 -24.26 21.45 0.20
CA THR G 429 -24.92 20.30 0.80
C THR G 429 -24.56 19.02 0.00
N GLY G 430 -25.06 17.86 0.45
CA GLY G 430 -24.90 16.59 -0.22
C GLY G 430 -26.20 16.06 -0.79
N TRP G 431 -26.15 14.95 -1.53
CA TRP G 431 -27.37 14.43 -2.19
C TRP G 431 -28.23 13.47 -1.34
N ARG G 432 -27.66 12.97 -0.25
CA ARG G 432 -28.33 12.04 0.64
C ARG G 432 -27.81 12.27 2.08
N PRO G 433 -28.55 11.78 3.10
CA PRO G 433 -28.10 11.92 4.50
C PRO G 433 -26.79 11.20 4.78
N GLY G 434 -26.07 11.66 5.78
CA GLY G 434 -24.80 11.08 6.15
C GLY G 434 -23.57 11.81 5.64
N SER G 435 -22.55 11.78 6.45
CA SER G 435 -21.26 12.32 6.13
C SER G 435 -20.66 11.66 4.85
N GLY G 436 -19.92 12.44 4.06
CA GLY G 436 -19.17 11.93 2.89
C GLY G 436 -19.82 12.08 1.53
N TYR G 437 -20.99 12.71 1.46
CA TYR G 437 -21.72 12.82 0.20
C TYR G 437 -21.92 14.23 -0.33
N THR G 438 -21.18 15.23 0.19
CA THR G 438 -21.29 16.62 -0.28
C THR G 438 -20.96 16.68 -1.80
N ASN G 439 -21.88 17.22 -2.58
CA ASN G 439 -21.74 17.28 -4.04
C ASN G 439 -22.60 18.40 -4.66
N ILE G 440 -23.19 19.28 -3.85
CA ILE G 440 -24.08 20.31 -4.36
C ILE G 440 -23.70 21.71 -3.91
N MET G 441 -23.67 22.62 -4.89
CA MET G 441 -23.40 24.02 -4.65
C MET G 441 -24.59 24.80 -5.23
N ARG G 442 -25.20 25.67 -4.45
CA ARG G 442 -26.32 26.50 -4.89
C ARG G 442 -26.04 27.98 -4.64
N VAL G 443 -26.52 28.86 -5.51
CA VAL G 443 -26.39 30.30 -5.36
C VAL G 443 -27.73 30.79 -4.88
N LEU G 444 -27.76 31.41 -3.69
CA LEU G 444 -29.00 31.85 -3.09
C LEU G 444 -28.98 33.35 -2.77
N SER G 445 -30.05 34.05 -3.11
CA SER G 445 -30.20 35.46 -2.77
CA SER G 445 -30.21 35.46 -2.79
C SER G 445 -30.95 35.52 -1.44
N ILE G 446 -30.40 36.21 -0.45
CA ILE G 446 -30.99 36.29 0.88
C ILE G 446 -32.29 37.10 0.87
N SER G 447 -33.37 36.51 1.34
CA SER G 447 -34.65 37.20 1.43
C SER G 447 -35.03 37.38 2.91
N GLY H 23 -5.86 6.13 -15.07
CA GLY H 23 -4.67 5.54 -15.66
C GLY H 23 -3.70 6.53 -16.27
N THR H 24 -2.50 6.06 -16.59
CA THR H 24 -1.47 6.89 -17.21
C THR H 24 -1.84 7.26 -18.65
N ALA H 25 -2.57 6.38 -19.35
CA ALA H 25 -2.98 6.62 -20.73
C ALA H 25 -3.90 7.83 -20.81
N PHE H 26 -4.76 8.03 -19.80
CA PHE H 26 -5.69 9.16 -19.74
C PHE H 26 -4.92 10.48 -19.78
N PHE H 27 -3.86 10.58 -19.00
CA PHE H 27 -3.05 11.79 -18.90
C PHE H 27 -2.10 12.04 -20.08
N GLN H 28 -2.07 11.12 -21.05
CA GLN H 28 -1.29 11.32 -22.25
C GLN H 28 -2.16 11.81 -23.43
N GLN H 29 -3.50 11.62 -23.36
CA GLN H 29 -4.44 12.04 -24.37
C GLN H 29 -4.82 13.53 -24.24
N GLN H 30 -5.57 14.05 -25.24
CA GLN H 30 -6.11 15.41 -25.35
C GLN H 30 -5.15 16.52 -24.90
N GLN H 31 -3.86 16.37 -25.28
CA GLN H 31 -2.81 17.33 -24.97
C GLN H 31 -2.73 17.68 -23.48
N LEU H 32 -3.07 16.72 -22.59
CA LEU H 32 -3.00 16.95 -21.13
C LEU H 32 -1.56 17.26 -20.66
N PRO H 33 -0.48 16.64 -21.19
CA PRO H 33 0.88 17.10 -20.79
C PRO H 33 1.11 18.60 -21.09
N ALA H 34 0.68 19.09 -22.27
CA ALA H 34 0.81 20.51 -22.63
C ALA H 34 -0.13 21.40 -21.78
N ALA H 35 -1.28 20.85 -21.35
CA ALA H 35 -2.25 21.56 -20.53
C ALA H 35 -1.68 21.91 -19.16
N MET H 36 -0.80 21.06 -18.62
CA MET H 36 -0.23 21.27 -17.29
C MET H 36 0.95 22.23 -17.25
N ALA H 37 1.44 22.70 -18.41
CA ALA H 37 2.61 23.58 -18.47
C ALA H 37 2.42 24.89 -17.73
N ASP H 38 3.51 25.42 -17.17
CA ASP H 38 3.46 26.66 -16.39
C ASP H 38 3.56 27.93 -17.22
N THR H 39 3.98 27.83 -18.49
CA THR H 39 4.04 28.99 -19.37
C THR H 39 3.44 28.62 -20.73
N PHE H 40 3.02 29.63 -21.51
CA PHE H 40 2.49 29.38 -22.86
C PHE H 40 3.60 28.80 -23.76
N LEU H 41 4.85 29.25 -23.59
CA LEU H 41 5.98 28.73 -24.36
C LEU H 41 6.19 27.24 -24.08
N GLU H 42 6.19 26.82 -22.78
CA GLU H 42 6.33 25.41 -22.42
C GLU H 42 5.15 24.58 -22.91
N HIS H 43 3.95 25.18 -22.92
CA HIS H 43 2.74 24.55 -23.43
C HIS H 43 2.93 24.18 -24.91
N LEU H 44 3.46 25.13 -25.71
CA LEU H 44 3.71 24.87 -27.14
C LEU H 44 4.73 23.74 -27.30
N CYS H 45 5.83 23.79 -26.50
CA CYS H 45 6.90 22.79 -26.53
C CYS H 45 6.41 21.39 -26.22
N LEU H 46 5.30 21.26 -25.47
CA LEU H 46 4.75 19.98 -25.06
C LEU H 46 3.63 19.45 -25.94
N LEU H 47 3.23 20.19 -27.01
CA LEU H 47 2.17 19.71 -27.91
C LEU H 47 2.71 18.45 -28.61
N ASP H 48 1.86 17.42 -28.65
CA ASP H 48 2.25 16.11 -29.12
C ASP H 48 1.31 15.59 -30.20
N ILE H 49 1.85 15.31 -31.40
CA ILE H 49 1.03 14.75 -32.49
C ILE H 49 0.49 13.35 -32.18
N ASP H 50 1.07 12.65 -31.20
CA ASP H 50 0.58 11.33 -30.80
C ASP H 50 -0.46 11.41 -29.68
N SER H 51 -0.76 12.60 -29.15
CA SER H 51 -1.74 12.77 -28.10
C SER H 51 -3.10 12.95 -28.80
N GLU H 52 -3.90 11.90 -28.80
CA GLU H 52 -5.18 11.89 -29.51
C GLU H 52 -6.29 12.65 -28.82
N PRO H 53 -7.09 13.40 -29.60
CA PRO H 53 -8.21 14.11 -28.99
C PRO H 53 -9.27 13.13 -28.49
N VAL H 54 -9.89 13.41 -27.35
CA VAL H 54 -10.91 12.51 -26.77
C VAL H 54 -12.25 13.23 -26.71
N ALA H 55 -12.24 14.49 -26.33
CA ALA H 55 -13.42 15.32 -26.20
C ALA H 55 -14.17 15.43 -27.53
N ALA H 56 -15.49 15.63 -27.46
CA ALA H 56 -16.27 15.83 -28.68
C ALA H 56 -15.88 17.25 -29.24
N ARG H 57 -15.94 17.39 -30.57
CA ARG H 57 -15.56 18.60 -31.25
C ARG H 57 -16.52 19.71 -30.88
N SER H 58 -16.02 20.80 -30.34
CA SER H 58 -16.83 21.84 -29.78
C SER H 58 -17.06 23.09 -30.67
N THR H 59 -16.21 23.36 -31.67
CA THR H 59 -16.41 24.53 -32.53
C THR H 59 -17.44 24.14 -33.56
N SER H 60 -18.56 24.86 -33.66
CA SER H 60 -19.59 24.51 -34.63
CA SER H 60 -19.61 24.52 -34.64
C SER H 60 -19.18 24.79 -36.08
N ILE H 61 -19.68 23.99 -37.01
CA ILE H 61 -19.41 24.16 -38.41
C ILE H 61 -20.66 24.69 -39.11
N ILE H 62 -20.50 25.82 -39.81
CA ILE H 62 -21.56 26.40 -40.61
C ILE H 62 -21.27 26.02 -42.07
N ALA H 63 -22.22 25.37 -42.74
CA ALA H 63 -22.02 24.97 -44.14
C ALA H 63 -23.01 25.72 -44.98
N THR H 64 -22.52 26.38 -46.05
CA THR H 64 -23.42 27.09 -46.95
C THR H 64 -24.04 26.07 -47.88
N ILE H 65 -25.37 26.17 -48.02
CA ILE H 65 -26.17 25.28 -48.83
C ILE H 65 -26.25 25.85 -50.21
N GLY H 66 -26.02 24.99 -51.18
CA GLY H 66 -26.13 25.36 -52.58
C GLY H 66 -26.35 24.13 -53.45
N PRO H 67 -26.08 24.26 -54.75
CA PRO H 67 -26.22 23.11 -55.67
C PRO H 67 -25.47 21.83 -55.28
N ALA H 68 -24.31 21.97 -54.63
CA ALA H 68 -23.53 20.80 -54.22
C ALA H 68 -24.04 20.14 -52.93
N SER H 69 -24.94 20.80 -52.19
CA SER H 69 -25.36 20.33 -50.88
C SER H 69 -26.85 20.46 -50.62
N ARG H 70 -27.68 20.48 -51.65
CA ARG H 70 -29.14 20.60 -51.46
C ARG H 70 -29.84 19.28 -51.39
N SER H 71 -29.22 18.21 -51.91
CA SER H 71 -29.84 16.91 -51.94
C SER H 71 -30.16 16.45 -50.51
N VAL H 72 -31.42 15.99 -50.22
CA VAL H 72 -31.79 15.48 -48.90
C VAL H 72 -30.81 14.37 -48.44
N GLU H 73 -30.45 13.48 -49.37
CA GLU H 73 -29.51 12.40 -49.06
CA GLU H 73 -29.52 12.39 -49.07
C GLU H 73 -28.10 12.89 -48.78
N ARG H 74 -27.64 13.93 -49.50
CA ARG H 74 -26.30 14.49 -49.20
C ARG H 74 -26.35 15.27 -47.86
N LEU H 75 -27.45 16.01 -47.61
CA LEU H 75 -27.63 16.74 -46.36
C LEU H 75 -27.59 15.78 -45.16
N LYS H 76 -28.06 14.54 -45.33
CA LYS H 76 -27.96 13.53 -44.26
C LYS H 76 -26.48 13.21 -43.98
N GLU H 77 -25.67 13.08 -45.05
CA GLU H 77 -24.24 12.83 -44.88
C GLU H 77 -23.50 14.03 -44.26
N MET H 78 -23.92 15.26 -44.61
CA MET H 78 -23.32 16.46 -44.04
CA MET H 78 -23.31 16.46 -44.05
C MET H 78 -23.62 16.59 -42.54
N ILE H 79 -24.83 16.19 -42.13
CA ILE H 79 -25.23 16.23 -40.71
C ILE H 79 -24.38 15.23 -39.95
N LYS H 80 -24.24 14.00 -40.50
CA LYS H 80 -23.39 12.98 -39.87
C LYS H 80 -21.90 13.38 -39.83
N ALA H 81 -21.43 14.12 -40.85
CA ALA H 81 -20.02 14.60 -40.92
C ALA H 81 -19.72 15.73 -39.89
N GLY H 82 -20.77 16.41 -39.43
CA GLY H 82 -20.57 17.45 -38.43
C GLY H 82 -21.21 18.82 -38.65
N MET H 83 -21.99 18.99 -39.74
CA MET H 83 -22.61 20.29 -40.01
C MET H 83 -23.62 20.62 -38.90
N ASN H 84 -23.49 21.80 -38.30
CA ASN H 84 -24.39 22.20 -37.22
C ASN H 84 -25.35 23.29 -37.63
N ILE H 85 -24.93 24.16 -38.56
CA ILE H 85 -25.71 25.31 -39.01
C ILE H 85 -25.67 25.33 -40.54
N ALA H 86 -26.83 25.38 -41.18
CA ALA H 86 -26.97 25.47 -42.62
C ALA H 86 -27.14 26.97 -42.94
N ARG H 87 -26.27 27.52 -43.77
CA ARG H 87 -26.34 28.93 -44.15
C ARG H 87 -26.94 29.08 -45.55
N LEU H 88 -27.97 29.93 -45.67
CA LEU H 88 -28.61 30.27 -46.94
C LEU H 88 -28.09 31.65 -47.34
N ASN H 89 -27.31 31.71 -48.43
CA ASN H 89 -26.77 32.98 -48.88
C ASN H 89 -27.77 33.67 -49.80
N PHE H 90 -28.48 34.71 -49.30
CA PHE H 90 -29.47 35.41 -50.13
C PHE H 90 -28.87 36.34 -51.21
N SER H 91 -27.53 36.37 -51.35
CA SER H 91 -26.91 37.04 -52.50
C SER H 91 -27.17 36.20 -53.77
N HIS H 92 -27.49 34.89 -53.64
CA HIS H 92 -27.77 34.00 -54.75
C HIS H 92 -29.21 33.46 -54.63
N GLY H 93 -29.76 32.97 -55.74
CA GLY H 93 -31.08 32.34 -55.78
C GLY H 93 -32.28 33.19 -55.46
N SER H 94 -33.47 32.66 -55.68
CA SER H 94 -34.73 33.33 -55.39
C SER H 94 -35.31 32.88 -54.03
N HIS H 95 -36.45 33.47 -53.60
CA HIS H 95 -37.18 33.01 -52.40
C HIS H 95 -37.61 31.54 -52.58
N GLU H 96 -38.01 31.17 -53.81
CA GLU H 96 -38.41 29.80 -54.10
C GLU H 96 -37.23 28.86 -53.92
N TYR H 97 -36.04 29.25 -54.40
CA TYR H 97 -34.85 28.42 -54.25
C TYR H 97 -34.54 28.21 -52.73
N HIS H 98 -34.56 29.29 -51.94
CA HIS H 98 -34.22 29.18 -50.50
C HIS H 98 -35.28 28.42 -49.71
N ALA H 99 -36.55 28.51 -50.11
CA ALA H 99 -37.61 27.74 -49.45
C ALA H 99 -37.37 26.24 -49.66
N GLU H 100 -36.92 25.87 -50.87
CA GLU H 100 -36.59 24.49 -51.21
C GLU H 100 -35.40 24.03 -50.38
N SER H 101 -34.38 24.88 -50.23
CA SER H 101 -33.20 24.52 -49.42
C SER H 101 -33.61 24.27 -47.98
N ILE H 102 -34.45 25.13 -47.44
CA ILE H 102 -34.92 24.99 -46.07
C ILE H 102 -35.69 23.70 -45.86
N ALA H 103 -36.61 23.38 -46.81
CA ALA H 103 -37.41 22.16 -46.71
C ALA H 103 -36.51 20.93 -46.78
N ASN H 104 -35.47 20.94 -47.64
CA ASN H 104 -34.57 19.80 -47.76
C ASN H 104 -33.74 19.62 -46.51
N VAL H 105 -33.27 20.73 -45.91
CA VAL H 105 -32.49 20.66 -44.68
C VAL H 105 -33.39 20.08 -43.56
N ARG H 106 -34.59 20.61 -43.42
CA ARG H 106 -35.52 20.09 -42.41
C ARG H 106 -35.86 18.64 -42.60
N GLU H 107 -36.08 18.19 -43.86
CA GLU H 107 -36.38 16.78 -44.11
C GLU H 107 -35.19 15.90 -43.68
N ALA H 108 -33.96 16.32 -44.02
CA ALA H 108 -32.79 15.54 -43.65
C ALA H 108 -32.60 15.51 -42.14
N VAL H 109 -32.78 16.65 -41.47
CA VAL H 109 -32.63 16.72 -40.02
C VAL H 109 -33.66 15.85 -39.32
N GLU H 110 -34.94 15.96 -39.75
CA GLU H 110 -36.02 15.19 -39.14
C GLU H 110 -35.99 13.72 -39.47
N SER H 111 -35.19 13.29 -40.46
CA SER H 111 -35.06 11.85 -40.75
C SER H 111 -34.40 11.08 -39.61
N PHE H 112 -33.73 11.77 -38.69
CA PHE H 112 -33.09 11.15 -37.54
C PHE H 112 -33.92 11.31 -36.24
N ALA H 113 -35.07 11.99 -36.28
CA ALA H 113 -35.89 12.22 -35.08
C ALA H 113 -36.49 10.96 -34.45
N GLY H 114 -36.60 9.83 -35.22
CA GLY H 114 -37.15 8.63 -34.59
C GLY H 114 -36.19 7.96 -33.61
N SER H 115 -34.92 8.43 -33.52
CA SER H 115 -33.95 7.99 -32.51
C SER H 115 -33.58 9.23 -31.69
N PRO H 116 -34.38 9.54 -30.67
CA PRO H 116 -34.15 10.76 -29.88
C PRO H 116 -32.81 10.87 -29.17
N LEU H 117 -32.18 9.75 -28.82
CA LEU H 117 -30.90 9.76 -28.13
C LEU H 117 -29.74 10.17 -29.01
N SER H 118 -29.89 10.12 -30.34
CA SER H 118 -28.80 10.50 -31.25
C SER H 118 -29.18 11.66 -32.21
N TYR H 119 -30.43 12.16 -32.15
CA TYR H 119 -30.92 13.25 -33.01
C TYR H 119 -30.06 14.50 -32.86
N ARG H 120 -29.64 15.07 -34.00
CA ARG H 120 -28.85 16.30 -33.94
C ARG H 120 -29.61 17.46 -34.51
N PRO H 121 -29.92 18.47 -33.68
CA PRO H 121 -30.51 19.70 -34.22
C PRO H 121 -29.53 20.39 -35.17
N VAL H 122 -30.07 21.08 -36.16
CA VAL H 122 -29.30 21.85 -37.15
C VAL H 122 -29.99 23.20 -37.31
N ALA H 123 -29.28 24.29 -37.07
CA ALA H 123 -29.84 25.62 -37.22
C ALA H 123 -29.93 26.04 -38.69
N ILE H 124 -30.80 27.01 -38.98
CA ILE H 124 -30.96 27.54 -40.31
C ILE H 124 -30.67 29.03 -40.22
N ALA H 125 -29.65 29.48 -40.94
CA ALA H 125 -29.23 30.87 -40.91
C ALA H 125 -29.42 31.56 -42.25
N LEU H 126 -29.99 32.76 -42.24
CA LEU H 126 -30.24 33.53 -43.45
C LEU H 126 -29.18 34.58 -43.52
N ASP H 127 -28.36 34.56 -44.57
CA ASP H 127 -27.28 35.51 -44.72
C ASP H 127 -27.76 36.53 -45.78
N THR H 128 -27.93 37.79 -45.39
CA THR H 128 -28.52 38.80 -46.26
C THR H 128 -27.61 39.28 -47.40
N LYS H 129 -28.27 39.79 -48.46
CA LYS H 129 -27.57 40.32 -49.62
C LYS H 129 -26.75 41.57 -49.22
N GLY H 130 -27.35 42.42 -48.40
CA GLY H 130 -26.64 43.61 -47.93
C GLY H 130 -27.16 44.90 -48.52
N PRO H 131 -26.61 46.02 -48.04
CA PRO H 131 -27.09 47.34 -48.47
C PRO H 131 -26.63 47.81 -49.84
N GLY H 132 -25.57 47.22 -50.37
CA GLY H 132 -25.02 47.64 -51.65
C GLY H 132 -24.49 49.06 -51.57
N SER H 133 -24.86 49.88 -52.56
CA SER H 133 -24.44 51.28 -52.59
C SER H 133 -25.30 52.20 -51.69
N GLY H 134 -26.43 51.72 -51.18
CA GLY H 134 -27.29 52.52 -50.34
C GLY H 134 -26.83 52.63 -48.89
N PRO H 135 -27.56 53.41 -48.09
CA PRO H 135 -27.22 53.54 -46.67
C PRO H 135 -27.98 52.50 -45.82
N LEU H 137 -30.96 50.02 -44.73
CA LEU H 137 -31.54 48.70 -45.02
C LEU H 137 -32.19 48.69 -46.38
N SER H 138 -31.68 47.84 -47.29
CA SER H 138 -32.21 47.78 -48.65
C SER H 138 -33.62 47.18 -48.69
N GLU H 139 -34.35 47.45 -49.79
CA GLU H 139 -35.69 46.91 -49.95
C GLU H 139 -35.67 45.40 -50.13
N GLN H 140 -34.63 44.85 -50.79
CA GLN H 140 -34.52 43.41 -50.96
C GLN H 140 -34.27 42.77 -49.59
N ASP H 141 -33.44 43.39 -48.72
CA ASP H 141 -33.21 42.86 -47.37
C ASP H 141 -34.48 42.88 -46.54
N VAL H 142 -35.34 43.91 -46.67
CA VAL H 142 -36.63 43.93 -45.97
C VAL H 142 -37.49 42.73 -46.37
N ARG H 143 -37.56 42.43 -47.66
CA ARG H 143 -38.35 41.30 -48.15
C ARG H 143 -37.72 39.95 -47.74
N ASP H 144 -36.39 39.83 -47.79
CA ASP H 144 -35.71 38.59 -47.42
C ASP H 144 -35.82 38.31 -45.93
N LEU H 145 -35.75 39.36 -45.10
CA LEU H 145 -35.89 39.22 -43.65
C LEU H 145 -37.31 38.79 -43.31
N ARG H 146 -38.33 39.31 -44.03
CA ARG H 146 -39.70 38.89 -43.78
CA ARG H 146 -39.73 38.91 -43.84
C ARG H 146 -39.87 37.42 -44.21
N PHE H 147 -39.22 37.00 -45.33
CA PHE H 147 -39.23 35.60 -45.76
C PHE H 147 -38.62 34.71 -44.62
N GLY H 148 -37.52 35.18 -44.01
CA GLY H 148 -36.85 34.47 -42.93
C GLY H 148 -37.77 34.20 -41.76
N VAL H 149 -38.50 35.22 -41.32
CA VAL H 149 -39.45 35.09 -40.22
C VAL H 149 -40.57 34.11 -40.61
N GLU H 150 -41.12 34.26 -41.81
CA GLU H 150 -42.20 33.38 -42.27
C GLU H 150 -41.77 31.94 -42.39
N HIS H 151 -40.49 31.69 -42.70
CA HIS H 151 -39.98 30.33 -42.81
C HIS H 151 -39.29 29.81 -41.54
N GLY H 152 -39.36 30.55 -40.46
CA GLY H 152 -38.83 30.13 -39.16
C GLY H 152 -37.32 29.98 -39.07
N VAL H 153 -36.54 30.85 -39.74
CA VAL H 153 -35.09 30.79 -39.62
C VAL H 153 -34.66 31.10 -38.17
N ASP H 154 -33.54 30.52 -37.76
CA ASP H 154 -33.06 30.71 -36.38
C ASP H 154 -32.14 31.89 -36.21
N ILE H 155 -31.36 32.18 -37.27
CA ILE H 155 -30.31 33.18 -37.19
C ILE H 155 -30.30 34.01 -38.45
N VAL H 156 -29.92 35.28 -38.32
CA VAL H 156 -29.67 36.14 -39.44
C VAL H 156 -28.18 36.52 -39.38
N PHE H 157 -27.45 36.32 -40.48
CA PHE H 157 -26.10 36.82 -40.62
C PHE H 157 -26.31 38.10 -41.44
N ALA H 158 -26.32 39.26 -40.77
CA ALA H 158 -26.60 40.54 -41.44
C ALA H 158 -25.34 41.10 -42.13
N SER H 159 -25.37 41.17 -43.46
CA SER H 159 -24.26 41.66 -44.25
C SER H 159 -23.99 43.16 -44.08
N PHE H 160 -22.69 43.51 -44.12
CA PHE H 160 -22.19 44.86 -44.07
C PHE H 160 -22.76 45.73 -42.95
N VAL H 161 -22.71 45.22 -41.71
CA VAL H 161 -23.16 46.01 -40.57
C VAL H 161 -22.07 47.02 -40.27
N ARG H 162 -22.43 48.31 -40.29
CA ARG H 162 -21.47 49.41 -40.11
C ARG H 162 -21.65 50.23 -38.83
N LYS H 163 -22.78 50.07 -38.15
CA LYS H 163 -23.13 50.83 -36.95
C LYS H 163 -24.34 50.20 -36.25
N ALA H 164 -24.60 50.61 -34.99
CA ALA H 164 -25.71 50.07 -34.20
C ALA H 164 -27.08 50.24 -34.87
N SER H 165 -27.30 51.35 -35.60
CA SER H 165 -28.60 51.57 -36.26
C SER H 165 -28.86 50.55 -37.37
N ASP H 166 -27.79 49.96 -37.95
CA ASP H 166 -27.98 48.91 -38.96
C ASP H 166 -28.60 47.69 -38.30
N VAL H 167 -28.18 47.35 -37.06
CA VAL H 167 -28.71 46.22 -36.33
C VAL H 167 -30.17 46.49 -35.95
N ALA H 168 -30.48 47.72 -35.47
CA ALA H 168 -31.86 48.08 -35.13
C ALA H 168 -32.79 47.95 -36.32
N ALA H 169 -32.33 48.35 -37.51
CA ALA H 169 -33.13 48.24 -38.73
C ALA H 169 -33.42 46.78 -39.09
N VAL H 170 -32.41 45.88 -38.92
CA VAL H 170 -32.59 44.44 -39.18
C VAL H 170 -33.61 43.90 -38.18
N ARG H 171 -33.46 44.28 -36.89
N ARG H 171 -33.46 44.28 -36.89
CA ARG H 171 -34.35 43.87 -35.82
CA ARG H 171 -34.38 43.83 -35.85
C ARG H 171 -35.80 44.29 -36.12
C ARG H 171 -35.81 44.28 -36.14
N ALA H 172 -35.99 45.54 -36.57
CA ALA H 172 -37.32 46.08 -36.90
C ALA H 172 -37.93 45.35 -38.11
N ALA H 173 -37.12 45.01 -39.12
CA ALA H 173 -37.60 44.26 -40.28
C ALA H 173 -38.01 42.82 -39.96
N LEU H 174 -37.51 42.25 -38.84
CA LEU H 174 -37.91 40.92 -38.41
C LEU H 174 -39.34 40.94 -37.78
N GLY H 175 -39.83 42.12 -37.39
CA GLY H 175 -41.16 42.33 -36.85
C GLY H 175 -41.41 41.75 -35.48
N PRO H 176 -42.68 41.76 -35.06
CA PRO H 176 -43.02 41.21 -33.75
C PRO H 176 -42.86 39.69 -33.65
N GLU H 177 -43.00 38.97 -34.76
CA GLU H 177 -42.87 37.51 -34.75
C GLU H 177 -41.41 37.00 -34.81
N GLY H 178 -40.45 37.87 -35.07
CA GLY H 178 -39.04 37.47 -35.16
C GLY H 178 -38.15 37.92 -34.01
N HIS H 179 -38.74 38.22 -32.84
CA HIS H 179 -37.99 38.66 -31.66
CA HIS H 179 -37.98 38.67 -31.67
C HIS H 179 -36.97 37.62 -31.19
N GLY H 180 -37.29 36.34 -31.38
CA GLY H 180 -36.43 35.22 -30.96
C GLY H 180 -35.28 34.88 -31.88
N ILE H 181 -35.25 35.46 -33.10
CA ILE H 181 -34.19 35.20 -34.07
C ILE H 181 -32.88 35.87 -33.62
N LYS H 182 -31.76 35.15 -33.67
CA LYS H 182 -30.47 35.72 -33.30
C LYS H 182 -29.91 36.55 -34.44
N ILE H 183 -29.38 37.73 -34.13
CA ILE H 183 -28.76 38.58 -35.15
C ILE H 183 -27.24 38.55 -34.98
N ILE H 184 -26.55 38.00 -35.96
CA ILE H 184 -25.09 37.95 -35.99
C ILE H 184 -24.66 38.99 -37.01
N SER H 185 -24.01 40.05 -36.54
CA SER H 185 -23.59 41.12 -37.43
C SER H 185 -22.30 40.76 -38.15
N LYS H 186 -22.32 40.85 -39.49
CA LYS H 186 -21.12 40.59 -40.28
C LYS H 186 -20.30 41.88 -40.39
N ILE H 187 -19.03 41.82 -39.97
CA ILE H 187 -18.12 42.95 -40.05
C ILE H 187 -17.31 42.74 -41.31
N GLU H 188 -17.52 43.62 -42.29
CA GLU H 188 -16.96 43.44 -43.63
C GLU H 188 -16.18 44.61 -44.18
N ASN H 189 -16.05 45.70 -43.43
CA ASN H 189 -15.36 46.88 -43.92
C ASN H 189 -14.73 47.67 -42.77
N HIS H 190 -13.99 48.74 -43.10
CA HIS H 190 -13.29 49.55 -42.11
C HIS H 190 -14.24 50.13 -41.07
N GLU H 191 -15.40 50.65 -41.48
CA GLU H 191 -16.34 51.27 -40.56
C GLU H 191 -16.86 50.29 -39.52
N GLY H 192 -17.18 49.06 -39.96
CA GLY H 192 -17.63 48.01 -39.06
C GLY H 192 -16.60 47.69 -38.00
N VAL H 193 -15.31 47.65 -38.38
CA VAL H 193 -14.21 47.38 -37.45
C VAL H 193 -14.09 48.54 -36.46
N LYS H 194 -14.12 49.78 -36.96
CA LYS H 194 -14.00 50.95 -36.08
C LYS H 194 -15.18 51.16 -35.15
N ARG H 195 -16.38 50.82 -35.61
CA ARG H 195 -17.57 50.91 -34.76
C ARG H 195 -17.95 49.57 -34.13
N PHE H 196 -16.99 48.63 -34.03
CA PHE H 196 -17.20 47.29 -33.49
C PHE H 196 -17.92 47.25 -32.15
N ASP H 197 -17.44 48.02 -31.16
CA ASP H 197 -18.03 47.99 -29.82
C ASP H 197 -19.51 48.31 -29.80
N GLU H 198 -19.94 49.35 -30.51
CA GLU H 198 -21.34 49.72 -30.56
C GLU H 198 -22.18 48.66 -31.30
N ILE H 199 -21.59 47.99 -32.29
CA ILE H 199 -22.29 46.95 -33.04
C ILE H 199 -22.44 45.70 -32.15
N LEU H 200 -21.38 45.28 -31.46
CA LEU H 200 -21.42 44.09 -30.61
C LEU H 200 -22.44 44.25 -29.48
N GLU H 201 -22.50 45.45 -28.90
CA GLU H 201 -23.42 45.76 -27.81
C GLU H 201 -24.87 45.43 -28.13
N VAL H 202 -25.33 45.73 -29.34
CA VAL H 202 -26.72 45.48 -29.74
C VAL H 202 -26.92 44.18 -30.54
N SER H 203 -25.85 43.46 -30.88
CA SER H 203 -25.96 42.23 -31.66
C SER H 203 -25.91 41.00 -30.75
N ASP H 204 -26.39 39.87 -31.25
CA ASP H 204 -26.25 38.61 -30.51
C ASP H 204 -24.85 38.01 -30.69
N GLY H 205 -24.15 38.40 -31.74
CA GLY H 205 -22.83 37.89 -32.05
C GLY H 205 -22.27 38.56 -33.29
N ILE H 206 -21.11 38.06 -33.76
CA ILE H 206 -20.40 38.67 -34.87
C ILE H 206 -19.88 37.61 -35.83
N MET H 207 -19.77 37.99 -37.11
CA MET H 207 -19.10 37.16 -38.09
C MET H 207 -17.93 38.02 -38.64
N VAL H 208 -16.72 37.46 -38.63
CA VAL H 208 -15.56 38.08 -39.24
C VAL H 208 -15.65 37.66 -40.72
N ALA H 209 -16.25 38.51 -41.54
CA ALA H 209 -16.54 38.21 -42.94
C ALA H 209 -15.33 38.59 -43.78
N ARG H 210 -14.35 37.69 -43.84
CA ARG H 210 -13.04 37.97 -44.38
C ARG H 210 -12.95 38.21 -45.88
N GLY H 211 -13.94 37.74 -46.65
CA GLY H 211 -13.93 37.98 -48.09
C GLY H 211 -13.97 39.46 -48.43
N ASP H 212 -15.05 40.14 -48.03
CA ASP H 212 -15.19 41.57 -48.23
C ASP H 212 -14.19 42.34 -47.38
N LEU H 213 -13.96 41.90 -46.13
CA LEU H 213 -12.99 42.59 -45.27
C LEU H 213 -11.60 42.69 -45.92
N GLY H 214 -11.17 41.61 -46.60
CA GLY H 214 -9.90 41.52 -47.30
C GLY H 214 -9.78 42.35 -48.57
N ILE H 215 -10.89 42.91 -49.06
CA ILE H 215 -10.91 43.82 -50.18
C ILE H 215 -11.18 45.28 -49.72
N GLU H 216 -11.87 45.46 -48.60
CA GLU H 216 -12.18 46.76 -48.01
C GLU H 216 -10.99 47.34 -47.24
N ILE H 217 -10.18 46.49 -46.63
CA ILE H 217 -8.98 46.91 -45.92
C ILE H 217 -7.80 46.12 -46.52
N PRO H 218 -6.54 46.51 -46.30
CA PRO H 218 -5.42 45.73 -46.83
C PRO H 218 -5.48 44.26 -46.37
N ALA H 219 -5.24 43.33 -47.29
CA ALA H 219 -5.30 41.89 -47.03
C ALA H 219 -4.41 41.47 -45.86
N GLU H 220 -3.24 42.08 -45.73
CA GLU H 220 -2.27 41.80 -44.68
C GLU H 220 -2.72 42.29 -43.29
N LYS H 221 -3.86 43.00 -43.18
CA LYS H 221 -4.38 43.48 -41.89
C LYS H 221 -5.59 42.67 -41.39
N VAL H 222 -6.19 41.81 -42.24
CA VAL H 222 -7.36 41.04 -41.83
C VAL H 222 -7.14 40.21 -40.56
N PHE H 223 -5.95 39.58 -40.41
CA PHE H 223 -5.69 38.78 -39.20
C PHE H 223 -5.78 39.61 -37.91
N LEU H 224 -5.45 40.91 -37.99
CA LEU H 224 -5.52 41.79 -36.81
C LEU H 224 -6.99 42.02 -36.46
N ALA H 225 -7.84 42.27 -37.48
CA ALA H 225 -9.26 42.50 -37.25
C ALA H 225 -9.91 41.20 -36.73
N GLN H 226 -9.52 40.04 -37.29
CA GLN H 226 -10.05 38.75 -36.85
C GLN H 226 -9.71 38.49 -35.37
N LYS H 227 -8.43 38.61 -35.02
CA LYS H 227 -7.99 38.34 -33.66
C LYS H 227 -8.59 39.31 -32.65
N MET H 228 -8.72 40.61 -33.03
CA MET H 228 -9.34 41.62 -32.16
C MET H 228 -10.83 41.29 -31.93
N MET H 229 -11.58 41.03 -33.01
CA MET H 229 -13.02 40.78 -32.87
C MET H 229 -13.30 39.51 -32.11
N ILE H 230 -12.49 38.44 -32.34
CA ILE H 230 -12.68 37.20 -31.59
C ILE H 230 -12.40 37.45 -30.11
N GLY H 231 -11.28 38.12 -29.79
CA GLY H 231 -10.94 38.47 -28.41
C GLY H 231 -12.03 39.28 -27.72
N ARG H 232 -12.58 40.30 -28.41
CA ARG H 232 -13.63 41.13 -27.82
C ARG H 232 -14.96 40.37 -27.61
N CYS H 233 -15.30 39.46 -28.56
CA CYS H 233 -16.48 38.63 -28.42
C CYS H 233 -16.30 37.65 -27.26
N ASN H 234 -15.09 37.08 -27.12
CA ASN H 234 -14.82 36.14 -26.03
C ASN H 234 -14.97 36.89 -24.67
N LEU H 235 -14.48 38.12 -24.61
CA LEU H 235 -14.59 38.94 -23.39
C LEU H 235 -16.07 39.25 -23.09
N ALA H 236 -16.85 39.55 -24.13
CA ALA H 236 -18.29 39.84 -23.98
C ALA H 236 -19.16 38.60 -23.75
N GLY H 237 -18.62 37.40 -23.99
CA GLY H 237 -19.40 36.18 -23.86
C GLY H 237 -20.42 36.04 -24.98
N LYS H 238 -20.10 36.58 -26.19
CA LYS H 238 -21.05 36.49 -27.32
C LYS H 238 -20.42 35.71 -28.48
N PRO H 239 -21.21 34.93 -29.22
CA PRO H 239 -20.64 34.11 -30.29
C PRO H 239 -19.94 34.85 -31.42
N VAL H 240 -18.82 34.29 -31.88
CA VAL H 240 -18.08 34.89 -32.99
C VAL H 240 -17.77 33.80 -34.03
N VAL H 241 -17.98 34.13 -35.29
CA VAL H 241 -17.78 33.19 -36.40
C VAL H 241 -16.60 33.61 -37.24
N CYS H 242 -15.73 32.69 -37.60
CA CYS H 242 -14.64 32.99 -38.54
C CYS H 242 -15.13 32.46 -39.89
N ALA H 243 -15.07 33.30 -40.94
CA ALA H 243 -15.63 32.90 -42.23
C ALA H 243 -14.72 33.23 -43.40
N THR H 244 -14.92 32.47 -44.53
CA THR H 244 -14.46 32.70 -45.89
C THR H 244 -13.04 32.25 -46.22
N GLN H 245 -12.97 31.38 -47.24
CA GLN H 245 -11.77 30.81 -47.83
C GLN H 245 -10.92 29.97 -46.87
N MET H 246 -11.55 29.44 -45.81
CA MET H 246 -10.84 28.61 -44.83
C MET H 246 -10.28 27.34 -45.45
N LEU H 247 -11.05 26.68 -46.35
CA LEU H 247 -10.59 25.47 -47.03
C LEU H 247 -10.83 25.63 -48.54
N GLU H 248 -10.59 26.86 -49.07
CA GLU H 248 -10.86 27.24 -50.46
C GLU H 248 -10.47 26.22 -51.53
N SER H 249 -9.27 25.67 -51.46
CA SER H 249 -8.80 24.71 -52.46
C SER H 249 -9.65 23.44 -52.51
N MET H 250 -10.38 23.11 -51.42
CA MET H 250 -11.22 21.92 -51.40
C MET H 250 -12.49 22.05 -52.27
N ILE H 251 -12.72 23.22 -52.88
CA ILE H 251 -13.79 23.36 -53.87
C ILE H 251 -13.49 22.41 -55.08
N THR H 252 -12.21 22.26 -55.42
CA THR H 252 -11.78 21.47 -56.57
C THR H 252 -10.89 20.29 -56.21
N LYS H 253 -10.24 20.33 -55.03
CA LYS H 253 -9.30 19.30 -54.60
C LYS H 253 -9.76 18.50 -53.37
N PRO H 254 -9.39 17.20 -53.30
CA PRO H 254 -9.85 16.36 -52.17
C PRO H 254 -9.18 16.69 -50.83
N ARG H 255 -7.99 17.31 -50.87
CA ARG H 255 -7.25 17.64 -49.65
C ARG H 255 -6.93 19.13 -49.64
N PRO H 256 -6.92 19.76 -48.46
CA PRO H 256 -6.62 21.21 -48.40
C PRO H 256 -5.12 21.52 -48.42
N THR H 257 -4.77 22.79 -48.51
CA THR H 257 -3.36 23.20 -48.47
C THR H 257 -2.87 23.29 -47.02
N ARG H 258 -1.55 23.42 -46.80
CA ARG H 258 -1.01 23.54 -45.45
C ARG H 258 -1.47 24.86 -44.79
N ALA H 259 -1.66 25.92 -45.59
CA ALA H 259 -2.12 27.21 -45.07
C ALA H 259 -3.57 27.11 -44.61
N GLU H 260 -4.40 26.35 -45.33
CA GLU H 260 -5.80 26.16 -45.01
C GLU H 260 -6.03 25.39 -43.70
N THR H 261 -5.30 24.28 -43.47
CA THR H 261 -5.44 23.56 -42.20
C THR H 261 -4.98 24.43 -41.04
N SER H 262 -3.90 25.17 -41.27
CA SER H 262 -3.35 26.10 -40.29
C SER H 262 -4.38 27.20 -39.96
N ASP H 263 -5.04 27.76 -40.98
CA ASP H 263 -6.04 28.81 -40.80
C ASP H 263 -7.20 28.30 -39.94
N VAL H 264 -7.70 27.07 -40.19
CA VAL H 264 -8.78 26.50 -39.39
C VAL H 264 -8.31 26.31 -37.92
N ALA H 265 -7.13 25.72 -37.72
CA ALA H 265 -6.61 25.49 -36.38
C ALA H 265 -6.42 26.79 -35.62
N ASN H 266 -5.88 27.82 -36.29
CA ASN H 266 -5.63 29.11 -35.67
C ASN H 266 -6.93 29.89 -35.41
N ALA H 267 -7.98 29.70 -36.20
CA ALA H 267 -9.29 30.36 -35.90
C ALA H 267 -9.83 29.78 -34.56
N VAL H 268 -9.68 28.46 -34.33
CA VAL H 268 -10.11 27.83 -33.08
C VAL H 268 -9.23 28.30 -31.93
N LEU H 269 -7.90 28.32 -32.13
CA LEU H 269 -6.99 28.78 -31.09
C LEU H 269 -7.20 30.27 -30.78
N ASP H 270 -7.63 31.08 -31.75
CA ASP H 270 -7.95 32.48 -31.53
C ASP H 270 -9.15 32.64 -30.56
N GLY H 271 -10.10 31.70 -30.62
CA GLY H 271 -11.27 31.68 -29.75
C GLY H 271 -12.60 31.68 -30.50
N ALA H 272 -12.58 31.37 -31.82
CA ALA H 272 -13.83 31.37 -32.58
C ALA H 272 -14.82 30.34 -32.06
N ASP H 273 -16.06 30.75 -31.93
CA ASP H 273 -17.11 29.81 -31.55
C ASP H 273 -17.49 28.92 -32.72
N CYS H 274 -17.52 29.50 -33.94
CA CYS H 274 -17.92 28.78 -35.15
C CYS H 274 -16.91 29.03 -36.25
N ILE H 275 -16.80 28.08 -37.16
CA ILE H 275 -16.00 28.19 -38.37
C ILE H 275 -16.98 27.92 -39.53
N MET H 276 -16.68 28.48 -40.71
CA MET H 276 -17.61 28.42 -41.83
C MET H 276 -17.01 27.91 -43.13
N LEU H 277 -17.89 27.37 -43.96
CA LEU H 277 -17.61 26.88 -45.30
C LEU H 277 -18.60 27.58 -46.24
N SER H 278 -18.10 28.14 -47.34
CA SER H 278 -18.93 28.84 -48.31
C SER H 278 -18.92 28.04 -49.61
N GLY H 279 -18.07 28.35 -50.60
CA GLY H 279 -18.05 27.58 -51.84
C GLY H 279 -17.69 26.12 -51.64
N GLU H 280 -16.93 25.83 -50.57
CA GLU H 280 -16.52 24.47 -50.20
C GLU H 280 -17.70 23.56 -50.02
N THR H 281 -18.86 24.09 -49.54
CA THR H 281 -20.04 23.25 -49.44
C THR H 281 -21.13 23.64 -50.40
N ALA H 282 -21.20 24.90 -50.80
CA ALA H 282 -22.28 25.35 -51.64
C ALA H 282 -22.15 24.89 -53.06
N LYS H 283 -20.93 24.82 -53.59
CA LYS H 283 -20.77 24.53 -55.03
C LYS H 283 -19.65 23.59 -55.40
N GLY H 284 -18.78 23.27 -54.48
CA GLY H 284 -17.61 22.46 -54.78
C GLY H 284 -17.88 20.98 -54.97
N ASN H 285 -16.83 20.28 -55.25
CA ASN H 285 -16.89 18.84 -55.48
C ASN H 285 -16.69 18.01 -54.22
N PHE H 286 -16.30 18.61 -53.09
CA PHE H 286 -16.04 17.87 -51.85
C PHE H 286 -16.80 18.45 -50.63
N PRO H 287 -18.13 18.69 -50.71
CA PRO H 287 -18.81 19.30 -49.55
C PRO H 287 -18.73 18.49 -48.27
N VAL H 288 -18.91 17.16 -48.34
CA VAL H 288 -18.86 16.32 -47.14
C VAL H 288 -17.44 16.26 -46.59
N GLU H 289 -16.45 16.13 -47.47
CA GLU H 289 -15.05 16.07 -47.05
C GLU H 289 -14.59 17.38 -46.42
N ALA H 290 -15.12 18.55 -46.89
CA ALA H 290 -14.77 19.84 -46.32
C ALA H 290 -15.29 19.93 -44.88
N VAL H 291 -16.52 19.42 -44.64
CA VAL H 291 -17.09 19.38 -43.28
C VAL H 291 -16.25 18.45 -42.41
N LYS H 292 -15.91 17.27 -42.94
CA LYS H 292 -15.08 16.32 -42.20
C LYS H 292 -13.70 16.90 -41.85
N MET H 293 -13.10 17.67 -42.76
CA MET H 293 -11.78 18.27 -42.53
C MET H 293 -11.85 19.34 -41.45
N GLN H 294 -12.88 20.21 -41.48
CA GLN H 294 -13.04 21.23 -40.41
C GLN H 294 -13.25 20.56 -39.07
N HIS H 295 -14.04 19.46 -39.03
CA HIS H 295 -14.29 18.69 -37.81
C HIS H 295 -12.97 18.15 -37.26
N ALA H 296 -12.16 17.50 -38.13
CA ALA H 296 -10.89 16.89 -37.73
C ALA H 296 -9.90 17.91 -37.18
N ILE H 297 -9.77 19.06 -37.86
CA ILE H 297 -8.84 20.10 -37.40
C ILE H 297 -9.32 20.75 -36.09
N ALA H 298 -10.60 21.12 -36.03
CA ALA H 298 -11.15 21.77 -34.83
C ALA H 298 -10.96 20.94 -33.58
N ARG H 299 -11.17 19.63 -33.69
CA ARG H 299 -10.99 18.73 -32.56
C ARG H 299 -9.54 18.73 -32.04
N GLU H 300 -8.57 18.72 -32.95
CA GLU H 300 -7.15 18.75 -32.59
C GLU H 300 -6.80 20.09 -31.94
N ALA H 301 -7.30 21.20 -32.54
CA ALA H 301 -7.03 22.57 -32.05
C ALA H 301 -7.65 22.84 -30.69
N GLU H 302 -8.85 22.32 -30.43
CA GLU H 302 -9.52 22.51 -29.14
C GLU H 302 -8.72 21.90 -27.99
N ALA H 303 -8.14 20.71 -28.21
CA ALA H 303 -7.30 20.06 -27.21
C ALA H 303 -6.00 20.86 -26.97
N ALA H 304 -5.50 21.56 -28.01
CA ALA H 304 -4.28 22.38 -27.92
C ALA H 304 -4.48 23.76 -27.27
N VAL H 305 -5.74 24.16 -26.95
CA VAL H 305 -6.00 25.43 -26.28
C VAL H 305 -5.31 25.42 -24.88
N TYR H 306 -4.63 26.49 -24.50
CA TYR H 306 -3.96 26.57 -23.21
C TYR H 306 -4.97 27.05 -22.17
N HIS H 307 -5.87 26.15 -21.72
CA HIS H 307 -6.96 26.50 -20.80
C HIS H 307 -6.49 27.17 -19.51
N ARG H 308 -5.30 26.83 -19.02
CA ARG H 308 -4.77 27.42 -17.77
C ARG H 308 -4.73 28.95 -17.85
N GLN H 309 -4.19 29.49 -18.96
CA GLN H 309 -4.13 30.93 -19.14
C GLN H 309 -5.47 31.49 -19.57
N LEU H 310 -6.16 30.81 -20.51
CA LEU H 310 -7.45 31.28 -20.99
C LEU H 310 -8.48 31.46 -19.84
N PHE H 311 -8.64 30.45 -18.98
CA PHE H 311 -9.58 30.52 -17.88
C PHE H 311 -9.22 31.62 -16.89
N GLU H 312 -7.93 31.73 -16.57
CA GLU H 312 -7.39 32.77 -15.69
C GLU H 312 -7.68 34.17 -16.25
N GLU H 313 -7.45 34.38 -17.55
CA GLU H 313 -7.70 35.69 -18.18
C GLU H 313 -9.17 36.01 -18.35
N LEU H 314 -10.01 35.01 -18.69
CA LEU H 314 -11.46 35.22 -18.80
C LEU H 314 -12.02 35.62 -17.43
N ARG H 315 -11.48 35.05 -16.33
CA ARG H 315 -11.96 35.40 -15.01
C ARG H 315 -11.49 36.79 -14.59
N ARG H 316 -10.21 37.11 -14.82
CA ARG H 316 -9.63 38.41 -14.48
C ARG H 316 -10.27 39.57 -15.23
N ALA H 317 -10.64 39.35 -16.50
CA ALA H 317 -11.24 40.40 -17.31
C ALA H 317 -12.72 40.58 -17.05
N ALA H 318 -13.42 39.52 -16.67
CA ALA H 318 -14.84 39.59 -16.41
C ALA H 318 -15.04 40.25 -15.07
N PRO H 319 -15.98 41.21 -15.03
CA PRO H 319 -16.27 41.85 -13.74
C PRO H 319 -17.04 40.92 -12.79
N LEU H 320 -17.15 41.30 -11.51
CA LEU H 320 -17.97 40.56 -10.56
C LEU H 320 -19.42 40.51 -11.06
N SER H 321 -20.16 39.47 -10.71
CA SER H 321 -21.54 39.35 -11.14
C SER H 321 -22.43 38.93 -10.01
N ARG H 322 -23.61 39.49 -9.94
CA ARG H 322 -24.61 39.11 -8.96
C ARG H 322 -25.74 38.28 -9.65
N ASP H 323 -25.55 37.87 -10.91
CA ASP H 323 -26.52 37.05 -11.61
C ASP H 323 -26.24 35.60 -11.22
N PRO H 324 -27.21 34.91 -10.60
CA PRO H 324 -26.95 33.54 -10.16
C PRO H 324 -26.63 32.55 -11.27
N THR H 325 -27.14 32.76 -12.51
CA THR H 325 -26.82 31.87 -13.61
C THR H 325 -25.33 31.97 -13.93
N GLU H 326 -24.81 33.18 -14.00
CA GLU H 326 -23.39 33.41 -14.27
C GLU H 326 -22.49 32.90 -13.13
N VAL H 327 -22.93 33.12 -11.87
CA VAL H 327 -22.19 32.66 -10.69
C VAL H 327 -22.14 31.13 -10.68
N THR H 328 -23.27 30.47 -10.99
CA THR H 328 -23.32 29.00 -11.04
C THR H 328 -22.42 28.51 -12.17
N ALA H 329 -22.45 29.18 -13.33
CA ALA H 329 -21.67 28.78 -14.50
C ALA H 329 -20.17 28.78 -14.21
N ILE H 330 -19.64 29.83 -13.56
CA ILE H 330 -18.20 29.85 -13.27
C ILE H 330 -17.85 28.75 -12.24
N GLY H 331 -18.71 28.51 -11.27
CA GLY H 331 -18.48 27.46 -10.28
C GLY H 331 -18.50 26.10 -10.93
N ALA H 332 -19.42 25.86 -11.89
CA ALA H 332 -19.50 24.60 -12.60
C ALA H 332 -18.29 24.37 -13.47
N VAL H 333 -17.80 25.42 -14.16
CA VAL H 333 -16.62 25.29 -15.03
C VAL H 333 -15.38 25.02 -14.18
N GLU H 334 -15.26 25.69 -13.02
CA GLU H 334 -14.14 25.44 -12.10
CA GLU H 334 -14.14 25.45 -12.10
C GLU H 334 -14.18 23.98 -11.60
N ALA H 335 -15.37 23.49 -11.22
CA ALA H 335 -15.56 22.14 -10.74
C ALA H 335 -15.21 21.12 -11.83
N ALA H 336 -15.62 21.39 -13.09
CA ALA H 336 -15.34 20.49 -14.21
C ALA H 336 -13.82 20.37 -14.44
N PHE H 337 -13.08 21.47 -14.36
CA PHE H 337 -11.62 21.46 -14.51
C PHE H 337 -10.94 20.67 -13.36
N LYS H 338 -11.46 20.80 -12.14
CA LYS H 338 -10.91 20.11 -10.97
C LYS H 338 -10.92 18.59 -11.09
N CYS H 339 -11.99 18.03 -11.66
CA CYS H 339 -12.13 16.58 -11.76
C CYS H 339 -11.98 16.03 -13.17
N CYS H 340 -11.59 16.86 -14.16
CA CYS H 340 -11.50 16.44 -15.58
C CYS H 340 -12.85 15.89 -16.01
N ALA H 341 -13.95 16.58 -15.64
CA ALA H 341 -15.31 16.10 -15.92
C ALA H 341 -15.50 15.77 -17.40
N ALA H 342 -16.19 14.65 -17.68
CA ALA H 342 -16.47 14.25 -19.06
C ALA H 342 -17.44 15.26 -19.72
N ALA H 343 -18.35 15.85 -18.92
CA ALA H 343 -19.35 16.77 -19.42
C ALA H 343 -19.95 17.65 -18.30
N ILE H 344 -20.55 18.77 -18.69
CA ILE H 344 -21.39 19.61 -17.84
C ILE H 344 -22.80 19.46 -18.50
N ILE H 345 -23.77 18.87 -17.81
CA ILE H 345 -25.12 18.71 -18.33
C ILE H 345 -25.95 19.86 -17.79
N VAL H 346 -26.51 20.68 -18.66
CA VAL H 346 -27.27 21.86 -18.23
C VAL H 346 -28.68 21.82 -18.83
N LEU H 347 -29.66 22.18 -18.02
CA LEU H 347 -31.04 22.27 -18.50
C LEU H 347 -31.21 23.75 -18.88
N THR H 348 -31.81 24.02 -20.05
CA THR H 348 -31.98 25.40 -20.50
C THR H 348 -33.24 25.56 -21.36
N THR H 349 -33.94 26.69 -21.18
CA THR H 349 -35.13 26.98 -21.96
C THR H 349 -34.76 27.81 -23.18
N THR H 350 -33.95 28.88 -22.97
CA THR H 350 -33.57 29.83 -24.01
C THR H 350 -32.17 29.59 -24.60
N GLY H 351 -31.35 28.78 -23.93
CA GLY H 351 -29.95 28.57 -24.29
C GLY H 351 -28.99 29.34 -23.39
N ARG H 352 -29.49 30.36 -22.69
CA ARG H 352 -28.68 31.26 -21.88
C ARG H 352 -27.78 30.59 -20.85
N SER H 353 -28.30 29.60 -20.09
CA SER H 353 -27.45 28.91 -19.09
C SER H 353 -26.27 28.19 -19.76
N ALA H 354 -26.49 27.62 -20.93
CA ALA H 354 -25.44 26.94 -21.70
C ALA H 354 -24.45 27.97 -22.25
N GLN H 355 -24.94 29.14 -22.70
CA GLN H 355 -24.07 30.21 -23.20
C GLN H 355 -23.14 30.74 -22.11
N LEU H 356 -23.65 30.88 -20.87
CA LEU H 356 -22.82 31.36 -19.77
C LEU H 356 -21.76 30.33 -19.35
N LEU H 357 -22.02 29.04 -19.56
CA LEU H 357 -21.02 28.01 -19.30
C LEU H 357 -19.94 28.09 -20.42
N SER H 358 -20.39 28.19 -21.65
CA SER H 358 -19.53 28.28 -22.84
C SER H 358 -18.52 29.46 -22.77
N ARG H 359 -18.92 30.61 -22.25
CA ARG H 359 -18.07 31.79 -22.18
C ARG H 359 -16.79 31.59 -21.33
N TYR H 360 -16.81 30.61 -20.41
CA TYR H 360 -15.62 30.28 -19.61
C TYR H 360 -14.73 29.23 -20.23
N ARG H 361 -15.10 28.75 -21.44
CA ARG H 361 -14.36 27.79 -22.22
C ARG H 361 -13.93 26.54 -21.46
N PRO H 362 -14.88 25.78 -20.89
CA PRO H 362 -14.51 24.53 -20.24
C PRO H 362 -13.99 23.52 -21.27
N ARG H 363 -13.11 22.63 -20.81
CA ARG H 363 -12.67 21.54 -21.64
C ARG H 363 -13.82 20.51 -21.76
N ALA H 364 -14.61 20.33 -20.68
CA ALA H 364 -15.75 19.41 -20.63
C ALA H 364 -16.81 19.89 -21.58
N ALA H 365 -17.42 18.97 -22.31
CA ALA H 365 -18.53 19.24 -23.24
C ALA H 365 -19.72 19.78 -22.44
N VAL H 366 -20.42 20.79 -22.97
CA VAL H 366 -21.62 21.31 -22.30
C VAL H 366 -22.82 20.67 -23.01
N ILE H 367 -23.44 19.68 -22.39
CA ILE H 367 -24.60 18.98 -22.97
C ILE H 367 -25.83 19.73 -22.53
N ALA H 368 -26.49 20.41 -23.48
CA ALA H 368 -27.64 21.25 -23.14
C ALA H 368 -28.95 20.55 -23.47
N VAL H 369 -29.74 20.26 -22.45
CA VAL H 369 -31.03 19.60 -22.64
C VAL H 369 -32.12 20.65 -22.64
N THR H 370 -32.91 20.69 -23.72
CA THR H 370 -33.96 21.67 -23.85
C THR H 370 -35.19 21.11 -24.57
N ARG H 371 -36.34 21.67 -24.27
CA ARG H 371 -37.57 21.34 -24.97
C ARG H 371 -37.78 22.30 -26.16
N SER H 372 -37.08 23.44 -26.19
CA SER H 372 -37.23 24.40 -27.25
C SER H 372 -36.42 23.96 -28.47
N ALA H 373 -37.10 23.58 -29.55
CA ALA H 373 -36.45 23.18 -30.79
C ALA H 373 -35.61 24.34 -31.34
N GLN H 374 -36.11 25.58 -31.22
CA GLN H 374 -35.36 26.74 -31.69
C GLN H 374 -34.11 27.01 -30.86
N ALA H 375 -34.22 26.94 -29.52
CA ALA H 375 -33.04 27.12 -28.67
C ALA H 375 -32.01 26.02 -28.93
N ALA H 376 -32.44 24.79 -29.20
CA ALA H 376 -31.54 23.68 -29.47
C ALA H 376 -30.72 23.97 -30.75
N ARG H 377 -31.38 24.54 -31.77
CA ARG H 377 -30.67 24.94 -32.98
C ARG H 377 -29.73 26.15 -32.74
N GLN H 378 -30.22 27.19 -32.03
CA GLN H 378 -29.44 28.41 -31.82
C GLN H 378 -28.20 28.26 -30.94
N VAL H 379 -28.22 27.32 -29.96
CA VAL H 379 -27.03 27.19 -29.08
C VAL H 379 -25.79 26.68 -29.80
N HIS H 380 -25.93 26.21 -31.05
CA HIS H 380 -24.76 25.83 -31.84
C HIS H 380 -23.81 27.02 -32.06
N LEU H 381 -24.31 28.27 -31.91
CA LEU H 381 -23.49 29.44 -32.04
C LEU H 381 -22.43 29.51 -30.91
N CYS H 382 -22.63 28.81 -29.77
CA CYS H 382 -21.72 28.86 -28.60
C CYS H 382 -20.82 27.68 -28.56
N ARG H 383 -19.51 27.90 -28.53
CA ARG H 383 -18.56 26.80 -28.51
C ARG H 383 -18.78 25.81 -27.38
N GLY H 384 -18.70 24.54 -27.73
CA GLY H 384 -18.76 23.46 -26.76
C GLY H 384 -20.14 23.13 -26.25
N VAL H 385 -21.19 23.66 -26.87
CA VAL H 385 -22.55 23.34 -26.45
C VAL H 385 -23.12 22.31 -27.40
N PHE H 386 -23.53 21.13 -26.87
CA PHE H 386 -24.09 20.03 -27.63
C PHE H 386 -25.56 19.94 -27.28
N PRO H 387 -26.42 20.44 -28.18
CA PRO H 387 -27.86 20.48 -27.86
C PRO H 387 -28.59 19.15 -28.04
N LEU H 388 -29.46 18.84 -27.06
CA LEU H 388 -30.27 17.65 -27.08
C LEU H 388 -31.72 18.11 -26.96
N LEU H 389 -32.54 17.78 -27.94
CA LEU H 389 -33.94 18.16 -27.91
C LEU H 389 -34.78 17.10 -27.16
N TYR H 390 -35.34 17.47 -26.03
CA TYR H 390 -36.16 16.59 -25.20
C TYR H 390 -37.61 16.69 -25.65
N ARG H 391 -38.24 15.56 -25.97
CA ARG H 391 -39.58 15.56 -26.54
C ARG H 391 -40.70 15.11 -25.62
N GLU H 392 -40.38 14.56 -24.46
CA GLU H 392 -41.43 14.07 -23.54
C GLU H 392 -42.22 15.18 -22.86
N PRO H 393 -43.53 15.00 -22.65
CA PRO H 393 -44.31 16.02 -21.92
C PRO H 393 -43.90 16.07 -20.44
N PRO H 394 -44.09 17.22 -19.77
CA PRO H 394 -43.64 17.35 -18.38
C PRO H 394 -44.20 16.33 -17.42
N GLU H 395 -43.37 15.83 -16.51
CA GLU H 395 -43.79 14.94 -15.43
C GLU H 395 -44.63 15.77 -14.45
N ALA H 396 -45.50 15.12 -13.68
CA ALA H 396 -46.35 15.80 -12.71
C ALA H 396 -45.49 16.44 -11.62
N ILE H 397 -44.45 15.74 -11.17
CA ILE H 397 -43.56 16.28 -10.13
C ILE H 397 -42.38 16.90 -10.84
N TRP H 398 -42.19 18.23 -10.65
CA TRP H 398 -41.16 18.99 -11.35
C TRP H 398 -39.74 18.41 -11.12
N ALA H 399 -39.40 18.00 -9.89
CA ALA H 399 -38.07 17.42 -9.63
C ALA H 399 -37.87 16.13 -10.45
N ASP H 400 -38.94 15.33 -10.70
CA ASP H 400 -38.86 14.13 -11.54
C ASP H 400 -38.65 14.54 -13.00
N ASP H 401 -39.28 15.65 -13.48
CA ASP H 401 -39.13 16.15 -14.86
C ASP H 401 -37.68 16.62 -15.11
N VAL H 402 -37.11 17.29 -14.09
CA VAL H 402 -35.72 17.72 -14.09
C VAL H 402 -34.84 16.47 -14.19
N ASP H 403 -35.05 15.47 -13.28
CA ASP H 403 -34.27 14.23 -13.26
C ASP H 403 -34.33 13.48 -14.58
N ARG H 404 -35.53 13.39 -15.20
CA ARG H 404 -35.66 12.67 -16.46
C ARG H 404 -34.85 13.33 -17.56
N ARG H 405 -34.80 14.67 -17.59
CA ARG H 405 -34.01 15.39 -18.59
C ARG H 405 -32.52 15.21 -18.36
N VAL H 406 -32.09 15.16 -17.09
CA VAL H 406 -30.68 14.92 -16.79
C VAL H 406 -30.32 13.49 -17.24
N GLN H 407 -31.20 12.48 -16.98
CA GLN H 407 -30.99 11.11 -17.41
C GLN H 407 -30.97 11.00 -18.94
N PHE H 408 -31.80 11.78 -19.61
CA PHE H 408 -31.81 11.82 -21.07
C PHE H 408 -30.46 12.36 -21.59
N GLY H 409 -29.87 13.34 -20.90
CA GLY H 409 -28.55 13.86 -21.24
C GLY H 409 -27.50 12.77 -21.09
N ILE H 410 -27.55 12.04 -19.95
CA ILE H 410 -26.64 10.92 -19.66
C ILE H 410 -26.76 9.79 -20.70
N GLU H 411 -27.97 9.36 -21.02
CA GLU H 411 -28.20 8.29 -21.97
C GLU H 411 -27.76 8.69 -23.38
N SER H 412 -28.03 9.93 -23.77
CA SER H 412 -27.60 10.43 -25.08
C SER H 412 -26.05 10.48 -25.11
N GLY H 413 -25.44 10.95 -24.02
CA GLY H 413 -24.01 11.03 -23.89
C GLY H 413 -23.34 9.67 -23.98
N LYS H 414 -23.93 8.65 -23.35
CA LYS H 414 -23.36 7.31 -23.38
C LYS H 414 -23.44 6.75 -24.80
N LEU H 415 -24.58 6.94 -25.47
CA LEU H 415 -24.79 6.46 -26.82
C LEU H 415 -23.83 7.11 -27.79
N ARG H 416 -23.60 8.41 -27.64
CA ARG H 416 -22.74 9.16 -28.55
C ARG H 416 -21.25 9.08 -28.24
N GLY H 417 -20.88 8.50 -27.10
CA GLY H 417 -19.47 8.37 -26.73
C GLY H 417 -18.93 9.46 -25.83
N PHE H 418 -19.76 10.43 -25.43
CA PHE H 418 -19.31 11.49 -24.54
C PHE H 418 -19.03 10.93 -23.11
N LEU H 419 -19.84 9.96 -22.67
CA LEU H 419 -19.83 9.47 -21.31
C LEU H 419 -19.74 7.96 -21.23
N ARG H 420 -19.18 7.49 -20.12
CA ARG H 420 -19.06 6.08 -19.79
C ARG H 420 -19.27 5.93 -18.28
N VAL H 421 -19.64 4.72 -17.83
CA VAL H 421 -19.80 4.39 -16.41
C VAL H 421 -18.52 4.71 -15.66
N GLY H 422 -18.64 5.43 -14.55
CA GLY H 422 -17.47 5.81 -13.76
C GLY H 422 -17.03 7.24 -14.00
N ASP H 423 -17.48 7.88 -15.11
CA ASP H 423 -17.14 9.27 -15.37
C ASP H 423 -17.79 10.19 -14.33
N LEU H 424 -17.20 11.36 -14.14
CA LEU H 424 -17.81 12.40 -13.31
C LEU H 424 -18.39 13.44 -14.27
N VAL H 425 -19.59 13.93 -13.95
CA VAL H 425 -20.23 15.00 -14.70
C VAL H 425 -20.65 16.10 -13.71
N ILE H 426 -20.76 17.32 -14.21
CA ILE H 426 -21.27 18.44 -13.44
C ILE H 426 -22.69 18.68 -14.00
N VAL H 427 -23.70 18.76 -13.14
CA VAL H 427 -25.09 18.95 -13.59
C VAL H 427 -25.56 20.34 -13.11
N VAL H 428 -26.03 21.16 -14.05
CA VAL H 428 -26.45 22.53 -13.79
C VAL H 428 -27.97 22.66 -14.00
N THR H 429 -28.68 23.01 -12.93
CA THR H 429 -30.14 23.14 -12.98
C THR H 429 -30.54 24.45 -12.21
N GLY H 430 -31.84 24.68 -12.07
CA GLY H 430 -32.40 25.81 -11.35
C GLY H 430 -33.34 25.40 -10.24
N TRP H 431 -33.80 26.39 -9.46
CA TRP H 431 -34.64 26.11 -8.28
C TRP H 431 -36.15 26.10 -8.56
N ARG H 432 -36.54 26.55 -9.74
CA ARG H 432 -37.97 26.56 -10.10
C ARG H 432 -38.13 26.46 -11.65
N PRO H 433 -39.33 26.08 -12.10
CA PRO H 433 -39.59 26.04 -13.57
C PRO H 433 -39.49 27.43 -14.20
N GLY H 434 -39.28 27.45 -15.50
CA GLY H 434 -39.15 28.69 -16.27
C GLY H 434 -37.71 29.15 -16.39
N SER H 435 -37.45 29.98 -17.43
CA SER H 435 -36.14 30.56 -17.73
CA SER H 435 -36.11 30.55 -17.71
C SER H 435 -35.66 31.57 -16.68
N GLY H 436 -34.34 31.64 -16.45
CA GLY H 436 -33.75 32.65 -15.55
C GLY H 436 -33.48 32.29 -14.12
N TYR H 437 -33.71 31.04 -13.75
CA TYR H 437 -33.56 30.61 -12.36
C TYR H 437 -32.49 29.57 -12.13
N THR H 438 -31.51 29.43 -13.05
CA THR H 438 -30.39 28.50 -12.85
C THR H 438 -29.58 28.97 -11.63
N ASN H 439 -29.33 28.08 -10.69
CA ASN H 439 -28.57 28.43 -9.49
C ASN H 439 -27.95 27.22 -8.81
N ILE H 440 -27.97 26.03 -9.42
CA ILE H 440 -27.45 24.83 -8.77
C ILE H 440 -26.48 24.08 -9.63
N MET H 441 -25.37 23.65 -9.03
CA MET H 441 -24.44 22.77 -9.67
C MET H 441 -24.20 21.53 -8.75
N ARG H 442 -24.21 20.35 -9.36
CA ARG H 442 -24.04 19.09 -8.65
CA ARG H 442 -23.96 19.12 -8.60
C ARG H 442 -22.96 18.22 -9.29
N VAL H 443 -22.18 17.50 -8.51
CA VAL H 443 -21.15 16.58 -9.01
C VAL H 443 -21.73 15.18 -8.99
N LEU H 444 -21.84 14.54 -10.15
CA LEU H 444 -22.48 13.25 -10.26
C LEU H 444 -21.59 12.18 -10.92
N SER H 445 -21.60 10.96 -10.36
CA SER H 445 -20.89 9.81 -10.91
C SER H 445 -21.82 9.09 -11.87
N ILE H 446 -21.35 8.81 -13.08
CA ILE H 446 -22.16 8.08 -14.05
C ILE H 446 -22.25 6.60 -13.70
N SER H 447 -23.47 6.07 -13.59
CA SER H 447 -23.68 4.65 -13.32
C SER H 447 -24.34 3.97 -14.52
P1 FBP I . -24.30 -66.82 -0.72
O1P FBP I . -24.64 -67.90 0.22
O2P FBP I . -25.37 -65.71 -0.77
O3P FBP I . -23.98 -67.24 -2.16
O1 FBP I . -22.91 -66.14 -0.20
C1 FBP I . -22.33 -65.02 -0.88
C2 FBP I . -21.36 -64.37 0.13
O2 FBP I . -20.67 -63.37 -0.58
C3 FBP I . -20.44 -65.39 0.84
O3 FBP I . -19.32 -65.75 0.05
C4 FBP I . -20.09 -64.65 2.12
O4 FBP I . -19.65 -65.50 3.15
C5 FBP I . -21.46 -64.06 2.48
O5 FBP I . -22.08 -63.77 1.22
C6 FBP I . -21.37 -62.81 3.33
O6 FBP I . -22.52 -62.75 4.19
P2 FBP I . -22.37 -62.09 5.65
O4P FBP I . -21.21 -62.75 6.36
O5P FBP I . -23.62 -62.41 6.42
O6P FBP I . -22.19 -60.62 5.40
C1 OXL J . -37.62 -40.52 24.34
C2 OXL J . -38.12 -41.74 23.56
O1 OXL J . -37.82 -40.48 25.55
O2 OXL J . -38.68 -42.68 24.26
O3 OXL J . -36.97 -39.60 23.68
O4 OXL J . -38.03 -41.77 22.33
C1 E6K K . -47.45 -39.34 18.78
C2 E6K K . -48.86 -39.39 18.70
C3 E6K K . -47.38 -41.75 18.52
C4 E6K K . -48.77 -41.81 18.41
C5 E6K K . -49.53 -40.63 18.51
C6 E6K K . -51.01 -40.69 18.46
C8 E6K K . -53.05 -42.10 18.27
O1 E6K K . -46.83 -38.13 18.84
C10 E6K K . -52.92 -44.47 18.04
C11 E6K K . -51.53 -44.41 18.05
C12 E6K K . -50.89 -43.19 18.18
C13 E6K K . -49.41 -43.13 18.23
C14 E6K K . -45.46 -39.49 21.30
C16 E6K K . -44.67 -37.99 23.19
C17 E6K K . -43.76 -37.87 24.41
C18 E6K K . -44.34 -38.42 25.69
O3 E6K K . -48.74 -44.15 18.11
O4 E6K K . -51.69 -39.67 18.56
O7 E6K K . -44.42 -39.94 17.70
S E6K K . -44.94 -40.56 18.89
O E6K K . -44.53 -41.89 19.22
N E6K K . -44.56 -39.62 20.14
C15 E6K K . -44.70 -39.40 22.60
O6 E6K K . -44.68 -37.71 26.62
O5 E6K K . -44.41 -39.74 25.71
C E6K K . -46.72 -40.55 18.72
C9 E6K K . -53.67 -43.33 18.15
C7 E6K K . -51.66 -42.02 18.29
O2 E6K K . -49.55 -38.22 18.83
H2 E6K K . -46.79 -42.66 18.45
H3 E6K K . -53.67 -41.21 18.35
H E6K K . -45.84 -38.23 18.82
H5 E6K K . -53.41 -45.44 17.96
H6 E6K K . -50.96 -45.34 17.97
H8 E6K K . -46.15 -40.34 21.36
H9 E6K K . -46.08 -38.61 21.18
H12 E6K K . -45.68 -37.68 23.45
H13 E6K K . -44.36 -37.28 22.42
H15 E6K K . -43.45 -36.84 24.56
H14 E6K K . -42.83 -38.38 24.19
H7 E6K K . -43.71 -39.07 20.23
H10 E6K K . -43.69 -39.78 22.48
H11 E6K K . -45.14 -40.05 23.34
H4 E6K K . -54.76 -43.38 18.12
H1 E6K K . -50.53 -38.33 18.79
MG MG L . -38.70 -42.21 26.25
K K M . -42.40 -46.46 23.57
P1 FBP N . -0.40 -64.26 -16.26
O1P FBP N . 0.95 -64.59 -15.63
O2P FBP N . -0.15 -63.66 -17.66
O3P FBP N . -1.38 -65.38 -16.18
O1 FBP N . -1.04 -63.06 -15.39
C1 FBP N . -1.33 -63.26 -14.00
C2 FBP N . -1.48 -61.84 -13.38
O2 FBP N . -1.85 -62.00 -12.04
C3 FBP N . -2.44 -60.96 -14.21
O3 FBP N . -3.81 -61.20 -13.92
C4 FBP N . -1.95 -59.58 -13.84
O4 FBP N . -2.33 -58.58 -14.79
C5 FBP N . -0.44 -59.78 -13.91
O5 FBP N . -0.24 -61.14 -13.47
C6 FBP N . 0.36 -58.80 -13.08
O6 FBP N . 1.63 -58.57 -13.71
P2 FBP N . 2.30 -57.10 -13.59
O4P FBP N . 2.70 -56.97 -12.11
O5P FBP N . 3.49 -56.94 -14.46
O6P FBP N . 1.23 -56.07 -13.93
C1 OXL O . 30.50 -43.45 -5.63
C2 OXL O . 30.22 -44.60 -6.65
O1 OXL O . 30.23 -43.61 -4.46
O2 OXL O . 29.80 -45.76 -6.21
O3 OXL O . 31.05 -42.35 -6.06
O4 OXL O . 30.37 -44.34 -7.83
MG MG P . 31.20 -42.62 -8.35
K K Q . 31.97 -47.22 -12.05
P1 FBP R . -0.96 1.75 31.09
O1P FBP R . -0.20 1.95 32.37
O2P FBP R . -2.40 1.31 31.38
O3P FBP R . -0.89 2.93 30.23
O1 FBP R . -0.29 0.49 30.34
C1 FBP R . -0.21 -0.82 30.93
C2 FBP R . -0.06 -1.82 29.78
O2 FBP R . 0.21 -3.06 30.35
C3 FBP R . 1.02 -1.40 28.77
O3 FBP R . 2.35 -1.70 29.18
C4 FBP R . 0.56 -2.13 27.54
O4 FBP R . 1.10 -1.55 26.36
C5 FBP R . -0.92 -1.80 27.60
O5 FBP R . -1.27 -1.88 29.00
C6 FBP R . -1.77 -2.74 26.78
O6 FBP R . -2.95 -2.06 26.32
P2 FBP R . -3.60 -2.64 24.93
O4P FBP R . -4.11 -4.02 25.14
O5P FBP R . -4.75 -1.68 24.64
O6P FBP R . -2.53 -2.62 23.90
C1 OXL S . -31.53 -12.47 11.84
C2 OXL S . -31.18 -11.19 12.63
O1 OXL S . -31.23 -13.60 12.38
O2 OXL S . -30.85 -11.27 13.82
O3 OXL S . -31.99 -12.39 10.70
O4 OXL S . -31.34 -10.08 11.97
C1 E6K T . -39.03 -8.80 19.35
C2 E6K T . -40.14 -8.04 19.74
C3 E6K T . -37.64 -6.84 19.46
C4 E6K T . -38.73 -6.06 19.87
C5 E6K T . -40.00 -6.65 19.98
C6 E6K T . -41.20 -5.82 20.28
C8 E6K T . -42.14 -3.56 20.69
O1 E6K T . -39.13 -10.16 19.20
C10 E6K T . -40.73 -1.64 20.89
C11 E6K T . -39.61 -2.41 20.62
C12 E6K T . -39.75 -3.78 20.39
C13 E6K T . -38.54 -4.60 20.10
C14 E6K T . -37.52 -9.52 16.23
C16 E6K T . -38.49 -10.84 14.27
C17 E6K T . -39.01 -9.80 13.28
C18 E6K T . -38.63 -10.03 11.84
O3 E6K T . -37.42 -4.08 20.09
O4 E6K T . -42.32 -6.33 20.39
O7 E6K T . -35.39 -8.25 18.09
S E6K T . -36.38 -9.14 18.63
O E6K T . -36.03 -10.01 19.71
N E6K T . -36.86 -10.09 17.41
C15 E6K T . -38.64 -10.44 15.72
O6 E6K T . -37.94 -9.26 11.20
O5 E6K T . -39.13 -11.16 11.33
C E6K T . -37.77 -8.19 19.18
C9 E6K T . -41.98 -2.21 20.92
C7 E6K T . -41.02 -4.36 20.45
O2 E6K T . -41.32 -8.69 19.93
H2 E6K T . -36.65 -6.38 19.36
H3 E6K T . -43.14 -3.98 20.70
H E6K T . -38.25 -10.56 18.99
H5 E6K T . -40.61 -0.57 21.09
H6 E6K T . -38.63 -1.92 20.59
H8 E6K T . -36.79 -9.36 15.44
H9 E6K T . -37.94 -8.53 16.42
H12 E6K T . -39.03 -11.78 14.10
H13 E6K T . -37.45 -11.10 14.05
H15 E6K T . -40.09 -9.68 13.37
H14 E6K T . -38.63 -8.82 13.59
H7 E6K T . -36.71 -11.09 17.35
H10 E6K T . -39.60 -9.94 15.87
H11 E6K T . -38.72 -11.33 16.33
H16 E6K T . -38.86 -11.29 10.38
H4 E6K T . -42.86 -1.59 21.14
H1 E6K T . -42.06 -8.11 20.25
MG MG U . -32.12 -10.42 10.08
K K V . -32.43 -5.08 13.25
P1 FBP W . 20.92 -13.20 40.61
O1P FBP W . 21.12 -13.74 41.98
O2P FBP W . 22.07 -13.60 39.64
O3P FBP W . 20.81 -11.66 40.53
O1 FBP W . 19.57 -13.82 40.00
C1 FBP W . 19.15 -13.52 38.67
C2 FBP W . 18.12 -14.61 38.30
O2 FBP W . 17.56 -14.23 37.07
C3 FBP W . 17.06 -14.84 39.40
O3 FBP W . 16.00 -13.89 39.40
C4 FBP W . 16.63 -16.25 39.11
O4 FBP W . 16.01 -16.88 40.22
C5 FBP W . 17.97 -16.92 38.83
O5 FBP W . 18.72 -15.90 38.17
C6 FBP W . 17.87 -18.13 37.93
O6 FBP W . 18.91 -19.06 38.29
P2 FBP W . 18.61 -20.66 38.17
O4P FBP W . 19.82 -21.30 38.79
O5P FBP W . 17.36 -21.11 38.87
O6P FBP W . 18.51 -20.92 36.64
C1 OXL X . 33.71 -45.26 26.29
C2 OXL X . 33.28 -46.35 25.30
O1 OXL X . 34.08 -45.59 27.40
O2 OXL X . 33.40 -47.60 25.70
O3 OXL X . 33.68 -44.01 25.87
O4 OXL X . 32.80 -46.02 24.23
MG MG Y . 34.19 -47.74 27.66
K K Z . 37.62 -44.41 30.84
P1 FBP AA . 33.83 61.40 -12.18
O1P FBP AA . 33.83 60.91 -10.74
O2P FBP AA . 33.46 62.84 -12.20
O3P FBP AA . 35.04 61.03 -12.92
O1 FBP AA . 32.63 60.60 -12.91
C1 FBP AA . 32.63 59.17 -12.98
C2 FBP AA . 31.18 58.74 -13.33
O2 FBP AA . 31.20 57.36 -13.56
C3 FBP AA . 30.60 59.54 -14.53
O3 FBP AA . 31.03 59.05 -15.79
C4 FBP AA . 29.12 59.44 -14.25
O4 FBP AA . 28.36 60.46 -14.90
C5 FBP AA . 29.08 59.68 -12.75
O5 FBP AA . 30.28 59.07 -12.26
C6 FBP AA . 27.88 59.09 -12.06
O6 FBP AA . 27.53 59.90 -10.90
P2 FBP AA . 25.96 60.02 -10.47
O4P FBP AA . 25.59 58.71 -9.91
O5P FBP AA . 25.88 61.12 -9.43
O6P FBP AA . 25.20 60.42 -11.71
C1 OXL BA . 9.26 58.38 16.14
C2 OXL BA . 8.00 57.54 16.41
O1 OXL BA . 10.38 57.71 15.89
O2 OXL BA . 8.03 56.33 16.26
O3 OXL BA . 9.19 59.60 16.20
O4 OXL BA . 6.91 58.17 16.75
C1 E6K CA . 15.89 57.52 24.52
C2 E6K CA . 16.49 58.06 25.67
C3 E6K CA . 16.87 59.31 23.21
C4 E6K CA . 17.50 59.84 24.33
C5 E6K CA . 17.30 59.21 25.59
C6 E6K CA . 17.93 59.79 26.81
C8 E6K CA . 19.37 61.55 27.80
O1 E6K CA . 15.26 56.31 24.62
C10 E6K CA . 20.34 63.27 26.46
C11 E6K CA . 19.76 62.75 25.32
C12 E6K CA . 18.96 61.61 25.42
C13 E6K CA . 18.33 61.05 24.20
C14 E6K CA . 12.82 58.34 22.61
C16 E6K CA . 10.81 57.03 23.45
C17 E6K CA . 9.79 56.91 24.57
C18 E6K CA . 8.98 58.17 24.77
O3 E6K CA . 18.46 61.61 23.11
O4 E6K CA . 17.78 59.26 27.91
O7 E6K CA . 15.89 56.34 21.47
S E6K CA . 15.27 57.59 21.81
O E6K CA . 15.21 58.65 20.85
N E6K CA . 13.74 57.26 22.22
C15 E6K CA . 11.98 57.95 23.80
O6 E6K CA . 8.00 58.44 24.10
O5 E6K CA . 9.47 58.97 25.70
C E6K CA . 16.06 58.18 23.28
C9 E6K CA . 20.15 62.68 27.69
C7 E6K CA . 18.76 61.00 26.67
O2 E6K CA . 16.25 57.43 26.88
H2 E6K CA . 17.03 59.77 22.23
H3 E6K CA . 19.23 61.10 28.79
H E6K CA . 14.99 55.96 23.73
H5 E6K CA . 20.95 64.17 26.38
H6 E6K CA . 19.94 63.23 24.37
H8 E6K CA . 12.19 58.59 21.77
H9 E6K CA . 13.37 59.25 22.85
H12 E6K CA . 11.19 56.04 23.20
H13 E6K CA . 10.33 57.38 22.54
H15 E6K CA . 9.12 56.07 24.40
H14 E6K CA . 10.30 56.64 25.49
H7 E6K CA . 13.30 56.33 22.23
H10 E6K CA . 11.63 58.85 24.30
H11 E6K CA . 12.59 57.44 24.55
H16 E6K CA . 8.92 59.79 25.81
H4 E6K CA . 20.62 63.10 28.57
H1 E6K CA . 16.68 57.86 27.65
MG MG DA . 7.37 60.19 16.85
K K EA . 12.35 63.57 17.54
P1 FBP FA . 37.17 42.16 -33.85
O1P FBP FA . 38.11 40.99 -33.90
O2P FBP FA . 36.24 42.26 -35.07
O3P FBP FA . 37.79 43.55 -33.69
O1 FBP FA . 36.22 41.93 -32.56
C1 FBP FA . 35.23 42.90 -32.18
C2 FBP FA . 34.24 42.19 -31.23
O2 FBP FA . 33.32 43.15 -30.78
C3 FBP FA . 34.99 41.48 -30.09
O3 FBP FA . 35.36 42.34 -29.02
C4 FBP FA . 33.98 40.40 -29.73
O4 FBP FA . 34.58 39.33 -29.01
C5 FBP FA . 33.52 39.94 -31.11
O5 FBP FA . 33.55 41.14 -31.91
C6 FBP FA . 32.14 39.33 -31.15
O6 FBP FA . 32.08 38.34 -32.21
P2 FBP FA . 31.17 37.04 -32.01
O4P FBP FA . 31.51 36.43 -30.66
O5P FBP FA . 31.51 36.11 -33.14
O6P FBP FA . 29.71 37.51 -32.06
C1 OXL GA . 8.37 20.17 -47.89
C2 OXL GA . 9.80 20.66 -48.32
O1 OXL GA . 8.12 18.89 -47.89
O2 OXL GA . 10.65 19.73 -48.61
O3 OXL GA . 7.55 20.99 -47.58
O4 OXL GA . 10.07 21.87 -48.37
C1 E6K HA . 9.24 24.24 -58.29
C2 E6K HA . 9.42 24.09 -59.67
C3 E6K HA . 11.64 24.32 -58.00
C4 E6K HA . 11.84 24.20 -59.37
C5 E6K HA . 10.73 24.08 -60.23
C6 E6K HA . 10.93 23.98 -61.68
C8 E6K HA . 12.52 23.74 -63.57
O1 E6K HA . 8.00 24.34 -57.74
C10 E6K HA . 14.88 23.60 -63.21
C11 E6K HA . 14.70 23.85 -61.85
C12 E6K HA . 13.41 24.01 -61.34
C13 E6K HA . 13.23 24.16 -59.89
C14 E6K HA . 9.26 22.06 -55.12
C16 E6K HA . 6.97 21.16 -54.55
C17 E6K HA . 6.57 19.74 -54.18
C18 E6K HA . 5.95 18.95 -55.31
O3 E6K HA . 14.19 24.16 -59.12
O4 E6K HA . 9.98 23.92 -62.45
O7 E6K HA . 9.71 25.83 -55.43
S E6K HA . 10.16 24.50 -55.70
O E6K HA . 11.37 24.02 -55.07
N E6K HA . 8.98 23.49 -55.29
C15 E6K HA . 8.11 21.20 -55.56
O6 E6K HA . 5.57 19.46 -56.35
O5 E6K HA . 5.87 17.66 -55.06
C E6K HA . 10.37 24.34 -57.45
C9 E6K HA . 13.80 23.57 -64.06
C7 E6K HA . 12.31 23.95 -62.21
O2 E6K HA . 8.29 23.90 -60.42
H2 E6K HA . 12.50 24.42 -57.33
H3 E6K HA . 11.69 23.73 -64.27
H E6K HA . 7.29 24.24 -58.44
H5 E6K HA . 15.89 23.42 -63.59
H6 E6K HA . 15.58 23.91 -61.21
H8 E6K HA . 9.52 21.86 -54.08
H9 E6K HA . 10.15 21.76 -55.68
H12 E6K HA . 6.11 21.68 -54.94
H13 E6K HA . 7.25 21.71 -53.66
H15 E6K HA . 7.42 19.19 -53.78
H14 E6K HA . 5.88 19.77 -53.34
H7 E6K HA . 8.01 23.74 -55.13
H10 E6K HA . 8.47 20.19 -55.77
H11 E6K HA . 7.71 21.55 -56.51
H16 E6K HA . 5.46 17.17 -55.80
H4 E6K HA . 13.96 23.40 -65.12
H1 E6K HA . 8.48 23.76 -61.38
MG MG IA . 9.83 17.77 -48.54
K K JA . 14.44 19.21 -51.96
P1 FBP KA . -27.27 14.95 7.14
O1P FBP KA . -26.98 13.51 7.56
O2P FBP KA . -26.75 15.89 8.25
O3P FBP KA . -28.72 15.23 6.79
O1 FBP KA . -26.34 15.26 5.92
C1 FBP KA . -26.40 16.55 5.27
C2 FBP KA . -25.15 16.66 4.43
O2 FBP KA . -25.26 17.85 3.67
C3 FBP KA . -24.95 15.41 3.53
O3 FBP KA . -25.72 15.40 2.33
C4 FBP KA . -23.45 15.48 3.32
O4 FBP KA . -22.88 14.25 2.93
C5 FBP KA . -22.99 15.79 4.75
O5 FBP KA . -23.97 16.70 5.25
C6 FBP KA . -21.60 16.37 4.83
O6 FBP KA . -20.96 16.00 6.07
P2 FBP KA . -19.35 15.91 6.09
O4P FBP KA . -19.06 15.41 7.49
O5P FBP KA . -18.77 17.29 5.94
O6P FBP KA . -18.91 14.98 4.99
C1 OXL LA . 6.38 26.85 22.70
C2 OXL LA . 5.15 26.14 23.28
O1 OXL LA . 7.48 26.30 23.07
O2 OXL LA . 5.37 25.05 23.80
O3 OXL LA . 6.33 27.88 22.03
O4 OXL LA . 3.95 26.67 23.17
MG MG MA . 7.34 24.48 23.99
K K NA . 3.03 22.21 27.36
P1 FBP OA . -38.12 24.03 -16.90
O1P FBP OA . -38.63 22.86 -16.01
O2P FBP OA . -37.74 23.50 -18.27
O3P FBP OA . -39.12 25.14 -16.98
O1 FBP OA . -36.89 24.66 -16.17
C1 FBP OA . -35.71 23.89 -15.89
C2 FBP OA . -34.58 24.92 -15.66
O2 FBP OA . -33.48 24.17 -15.24
C3 FBP OA . -34.98 26.05 -14.69
O3 FBP OA . -34.91 25.70 -13.32
C4 FBP OA . -34.07 27.15 -15.08
O4 FBP OA . -34.54 28.43 -14.67
C5 FBP OA . -34.11 27.05 -16.61
O5 FBP OA . -34.22 25.63 -16.85
C6 FBP OA . -32.87 27.58 -17.30
O6 FBP OA . -33.26 28.09 -18.58
P2 FBP OA . -32.47 29.39 -19.16
O4P FBP OA . -31.08 28.88 -19.60
O5P FBP OA . -32.37 30.51 -18.17
O6P FBP OA . -33.27 29.77 -20.35
C1 OXL PA . -19.01 37.14 -46.47
C2 OXL PA . -17.60 37.68 -46.74
O1 OXL PA . -19.16 36.05 -45.91
O2 OXL PA . -16.60 37.00 -46.27
O3 OXL PA . -19.97 37.96 -46.74
O4 OXL PA . -17.47 38.72 -47.34
MG MG QA . -19.38 39.72 -47.70
K K RA . -24.72 37.35 -48.46
#